data_6L8A
#
_entry.id   6L8A
#
_cell.length_a   91.026
_cell.length_b   91.026
_cell.length_c   231.845
_cell.angle_alpha   90.000
_cell.angle_beta   90.000
_cell.angle_gamma   120.000
#
_symmetry.space_group_name_H-M   'P 32'
#
loop_
_entity.id
_entity.type
_entity.pdbx_description
1 polymer 'Tetrathionate hydrolase'
2 non-polymer 'SULFATE ION'
3 non-polymer BETA-ALANINE
4 non-polymer GLYCINE
5 water water
#
_entity_poly.entity_id   1
_entity_poly.type   'polypeptide(L)'
_entity_poly.pdbx_seq_one_letter_code
;MASAVAVPMDSTGPYRTVSHPENAPSGVDAGVGPSEWTHAYANPAHNAAFPVPDDAPEWIRNGVSWLFPEARAWPLANPP
FGSKTYGAAEASVTQTQFYGNALGPSVVDGVVYAESDDMFAYAVNAKTGKLIWRASPVGNNLMGNPLVIGNTVYLSAGSV
AFNFANVLRYAHNPSASARGLNVSFNGIYALNRSNGKLLWYFATPGETMATPAYDNNTLFIADGAGNAFGINATTGKQVW
KTHVGGMDNMSSVTAYRHNIYFAMAIKPYLYCLNESNGHIVWKGTIPGASNTGIGDVSPAAADGVVVLDATTKPQANKKA
MFSNVIRAFDAKTGAVLWTRNMGSGGKIPAFKGGVPMIHNNIVYVGNPVASTYQAYELKTGKLLWTWHVPTKVAAGAGRS
APTYYKGLLYITTGQYIFVVNPATGKELHQHHIGGQFGIESPVIVGGTVYLTNSWDWIMAIPLKTISHGS
;
_entity_poly.pdbx_strand_id   A,B,C,D,E,F
#
# COMPACT_ATOMS: atom_id res chain seq x y z
N SER A 3 0.80 -52.06 -5.40
CA SER A 3 0.64 -51.65 -6.79
C SER A 3 -0.35 -50.50 -6.94
N ALA A 4 0.17 -49.28 -6.92
CA ALA A 4 -0.67 -48.10 -7.16
C ALA A 4 -1.26 -48.14 -8.56
N VAL A 5 -2.49 -47.63 -8.70
CA VAL A 5 -3.09 -47.45 -10.01
C VAL A 5 -2.35 -46.34 -10.75
N ALA A 6 -2.21 -46.49 -12.06
CA ALA A 6 -1.41 -45.56 -12.85
C ALA A 6 -2.20 -44.32 -13.25
N VAL A 7 -1.63 -43.15 -12.99
CA VAL A 7 -2.19 -41.89 -13.48
C VAL A 7 -1.05 -41.11 -14.09
N PRO A 8 -1.36 -40.08 -14.89
CA PRO A 8 -0.28 -39.22 -15.41
C PRO A 8 0.51 -38.64 -14.25
N MET A 9 1.80 -38.99 -14.20
CA MET A 9 2.62 -38.63 -13.05
C MET A 9 4.08 -38.84 -13.39
N ASP A 10 4.92 -37.92 -12.91
CA ASP A 10 6.36 -38.15 -12.76
C ASP A 10 6.59 -38.57 -11.32
N SER A 11 6.94 -39.83 -11.10
CA SER A 11 7.13 -40.32 -9.73
C SER A 11 8.24 -39.59 -9.00
N THR A 12 9.16 -38.95 -9.72
CA THR A 12 10.21 -38.15 -9.15
C THR A 12 9.89 -36.66 -9.13
N GLY A 13 8.76 -36.25 -9.71
CA GLY A 13 8.47 -34.86 -9.95
C GLY A 13 7.68 -34.16 -8.85
N PRO A 14 7.28 -32.92 -9.11
CA PRO A 14 6.68 -32.10 -8.05
C PRO A 14 5.29 -32.55 -7.65
N TYR A 15 4.57 -33.33 -8.45
CA TYR A 15 3.28 -33.84 -8.04
C TYR A 15 3.38 -35.20 -7.34
N ARG A 16 4.59 -35.71 -7.07
CA ARG A 16 4.72 -37.06 -6.55
C ARG A 16 4.07 -37.15 -5.16
N THR A 17 3.68 -38.36 -4.79
CA THR A 17 3.18 -38.58 -3.43
C THR A 17 4.37 -38.63 -2.48
N VAL A 18 4.40 -37.72 -1.52
CA VAL A 18 5.47 -37.67 -0.53
C VAL A 18 4.91 -38.31 0.72
N SER A 19 5.65 -39.28 1.28
CA SER A 19 5.23 -40.01 2.47
C SER A 19 6.29 -39.90 3.55
N HIS A 20 5.89 -39.43 4.74
CA HIS A 20 6.77 -39.30 5.90
C HIS A 20 6.13 -40.05 7.05
N PRO A 21 6.22 -41.38 7.04
CA PRO A 21 5.52 -42.16 8.08
C PRO A 21 6.00 -41.85 9.46
N GLU A 22 7.25 -41.40 9.60
CA GLU A 22 7.77 -41.03 10.90
C GLU A 22 6.88 -40.00 11.59
N ASN A 23 6.12 -39.24 10.83
CA ASN A 23 5.34 -38.17 11.43
C ASN A 23 3.95 -38.63 11.87
N ALA A 24 3.58 -39.86 11.57
CA ALA A 24 2.25 -40.35 11.92
C ALA A 24 2.10 -40.46 13.44
N PRO A 25 0.91 -40.16 13.96
CA PRO A 25 0.64 -40.45 15.38
C PRO A 25 0.49 -41.95 15.59
N SER A 26 0.73 -42.39 16.83
CA SER A 26 0.53 -43.80 17.18
C SER A 26 -0.03 -43.95 18.58
N GLY A 27 -0.64 -45.11 18.84
CA GLY A 27 -1.13 -45.38 20.17
C GLY A 27 -2.25 -44.43 20.56
N VAL A 28 -2.18 -43.93 21.79
CA VAL A 28 -3.22 -43.02 22.30
C VAL A 28 -3.36 -41.81 21.39
N ASP A 29 -2.24 -41.34 20.79
CA ASP A 29 -2.28 -40.16 19.93
C ASP A 29 -3.09 -40.41 18.66
N ALA A 30 -3.18 -41.66 18.24
CA ALA A 30 -3.96 -42.02 17.06
C ALA A 30 -5.37 -42.45 17.44
N GLY A 31 -5.77 -42.27 18.70
CA GLY A 31 -7.13 -42.55 19.15
C GLY A 31 -7.88 -41.26 19.44
N VAL A 32 -7.38 -40.17 18.90
CA VAL A 32 -7.90 -38.83 19.16
C VAL A 32 -8.80 -38.43 17.99
N GLY A 33 -10.02 -37.97 18.30
CA GLY A 33 -10.98 -37.64 17.29
C GLY A 33 -11.82 -38.86 16.93
N PRO A 34 -12.75 -38.70 16.00
CA PRO A 34 -13.51 -39.84 15.51
C PRO A 34 -12.63 -40.82 14.75
N SER A 35 -13.17 -42.02 14.52
CA SER A 35 -12.44 -43.02 13.75
C SER A 35 -12.90 -43.07 12.29
N GLU A 36 -13.82 -42.20 11.89
CA GLU A 36 -14.28 -42.14 10.51
C GLU A 36 -14.75 -40.72 10.24
N TRP A 37 -14.78 -40.35 8.96
CA TRP A 37 -15.35 -39.09 8.52
C TRP A 37 -16.06 -39.36 7.21
N THR A 38 -17.40 -39.38 7.24
CA THR A 38 -18.19 -39.88 6.13
C THR A 38 -18.85 -38.80 5.28
N HIS A 39 -18.79 -37.53 5.70
CA HIS A 39 -19.51 -36.45 5.06
C HIS A 39 -18.66 -35.19 5.05
N ALA A 40 -19.02 -34.26 4.17
CA ALA A 40 -18.65 -32.87 4.38
C ALA A 40 -19.08 -32.43 5.77
N TYR A 41 -18.16 -31.79 6.49
CA TYR A 41 -18.46 -31.38 7.87
C TYR A 41 -18.79 -32.59 8.74
N ALA A 42 -18.18 -33.71 8.38
CA ALA A 42 -18.04 -34.96 9.15
C ALA A 42 -19.25 -35.88 9.20
N ASN A 43 -20.47 -35.35 9.19
CA ASN A 43 -21.64 -36.20 9.42
C ASN A 43 -22.85 -35.52 8.80
N PRO A 44 -23.98 -36.23 8.71
CA PRO A 44 -25.18 -35.63 8.10
C PRO A 44 -25.66 -34.38 8.81
N ALA A 45 -25.39 -34.26 10.10
CA ALA A 45 -25.79 -33.07 10.84
C ALA A 45 -24.86 -31.89 10.56
N HIS A 46 -23.73 -32.11 9.91
CA HIS A 46 -22.71 -31.09 9.68
C HIS A 46 -22.19 -30.48 10.97
N ASN A 47 -22.13 -31.25 12.06
CA ASN A 47 -21.61 -30.73 13.30
C ASN A 47 -20.29 -31.45 13.56
N ALA A 48 -19.16 -30.76 13.32
CA ALA A 48 -17.89 -31.46 13.44
C ALA A 48 -17.33 -31.08 14.80
N ALA A 49 -17.85 -31.76 15.81
CA ALA A 49 -17.54 -31.46 17.20
C ALA A 49 -17.35 -32.77 17.92
N PHE A 50 -16.20 -32.94 18.56
CA PHE A 50 -15.76 -34.25 19.04
C PHE A 50 -15.19 -34.19 20.45
N PRO A 51 -15.99 -34.51 21.47
CA PRO A 51 -15.42 -34.62 22.83
C PRO A 51 -14.39 -35.74 22.91
N VAL A 52 -13.47 -35.60 23.86
CA VAL A 52 -12.53 -36.68 24.16
C VAL A 52 -12.72 -37.06 25.62
N PRO A 53 -12.40 -38.31 26.01
CA PRO A 53 -12.55 -38.71 27.42
C PRO A 53 -11.66 -37.87 28.33
N ASP A 54 -12.06 -37.78 29.61
CA ASP A 54 -11.24 -37.03 30.56
C ASP A 54 -9.83 -37.60 30.69
N ASP A 55 -9.62 -38.87 30.34
CA ASP A 55 -8.30 -39.47 30.40
C ASP A 55 -7.58 -39.47 29.05
N ALA A 56 -8.13 -38.79 28.04
CA ALA A 56 -7.45 -38.65 26.76
C ALA A 56 -6.10 -37.96 26.95
N PRO A 57 -5.22 -38.02 25.95
CA PRO A 57 -3.90 -37.39 26.10
C PRO A 57 -4.01 -35.92 26.44
N GLU A 58 -3.04 -35.44 27.23
CA GLU A 58 -3.11 -34.08 27.73
C GLU A 58 -3.07 -33.06 26.59
N TRP A 59 -2.27 -33.32 25.55
CA TRP A 59 -2.07 -32.32 24.49
C TRP A 59 -3.40 -31.95 23.84
N ILE A 60 -4.25 -32.93 23.60
CA ILE A 60 -5.52 -32.63 22.91
C ILE A 60 -6.48 -31.91 23.84
N ARG A 61 -6.44 -32.22 25.14
CA ARG A 61 -7.34 -31.55 26.09
C ARG A 61 -6.92 -30.11 26.33
N ASN A 62 -5.63 -29.86 26.52
CA ASN A 62 -5.14 -28.50 26.75
C ASN A 62 -5.06 -27.67 25.48
N GLY A 63 -5.01 -28.31 24.32
CA GLY A 63 -4.90 -27.67 23.02
C GLY A 63 -3.47 -27.58 22.54
N VAL A 64 -3.29 -27.64 21.22
CA VAL A 64 -2.00 -27.42 20.58
C VAL A 64 -2.14 -26.27 19.60
N SER A 65 -0.97 -25.71 19.23
CA SER A 65 -0.93 -24.54 18.37
C SER A 65 0.09 -24.78 17.26
N TRP A 66 -0.38 -24.86 16.02
CA TRP A 66 0.60 -24.99 14.93
C TRP A 66 -0.03 -24.49 13.63
N LEU A 67 0.85 -24.24 12.66
CA LEU A 67 0.48 -23.65 11.38
C LEU A 67 1.24 -24.38 10.30
N PHE A 68 0.51 -24.90 9.33
CA PHE A 68 1.08 -25.68 8.23
C PHE A 68 0.79 -24.99 6.92
N PRO A 69 1.80 -24.49 6.22
CA PRO A 69 1.55 -23.92 4.89
C PRO A 69 1.27 -25.02 3.87
N GLU A 70 0.18 -24.87 3.12
CA GLU A 70 -0.02 -25.71 1.95
C GLU A 70 0.73 -25.11 0.77
N ALA A 71 0.60 -25.74 -0.40
CA ALA A 71 1.55 -25.50 -1.50
C ALA A 71 1.52 -24.07 -2.03
N ARG A 72 0.35 -23.42 -2.03
CA ARG A 72 0.16 -22.05 -2.48
C ARG A 72 0.03 -21.05 -1.33
N ALA A 73 0.53 -21.37 -0.14
CA ALA A 73 0.27 -20.54 1.03
C ALA A 73 0.56 -19.06 0.79
N TRP A 74 -0.36 -18.22 1.26
CA TRP A 74 -0.26 -16.78 1.16
C TRP A 74 -0.35 -16.20 2.57
N PRO A 75 0.52 -15.27 2.95
CA PRO A 75 0.55 -14.82 4.36
C PRO A 75 -0.80 -14.29 4.80
N LEU A 76 -1.22 -14.68 6.00
CA LEU A 76 -2.59 -14.40 6.45
C LEU A 76 -2.90 -12.90 6.51
N ALA A 77 -1.87 -12.04 6.58
CA ALA A 77 -2.09 -10.59 6.60
C ALA A 77 -2.30 -9.98 5.22
N ASN A 78 -2.00 -10.70 4.14
CA ASN A 78 -2.06 -10.13 2.81
C ASN A 78 -3.51 -10.03 2.32
N PRO A 79 -3.80 -8.99 1.54
CA PRO A 79 -5.07 -8.95 0.81
C PRO A 79 -5.04 -9.95 -0.34
N PRO A 80 -6.19 -10.27 -0.93
CA PRO A 80 -6.22 -11.37 -1.92
C PRO A 80 -5.29 -11.11 -3.10
N PHE A 81 -4.72 -12.19 -3.61
CA PHE A 81 -3.83 -12.10 -4.76
C PHE A 81 -4.63 -11.78 -6.02
N GLY A 82 -4.09 -10.86 -6.82
CA GLY A 82 -4.82 -10.38 -7.98
C GLY A 82 -5.85 -9.33 -7.67
N SER A 83 -5.71 -8.63 -6.54
CA SER A 83 -6.73 -7.67 -6.12
C SER A 83 -6.85 -6.50 -7.08
N LYS A 84 -5.74 -6.07 -7.67
CA LYS A 84 -5.76 -4.86 -8.49
C LYS A 84 -6.40 -5.12 -9.86
N THR A 85 -6.15 -6.29 -10.45
CA THR A 85 -6.71 -6.58 -11.76
C THR A 85 -8.16 -7.08 -11.65
N TYR A 86 -8.44 -7.97 -10.70
CA TYR A 86 -9.76 -8.60 -10.58
C TYR A 86 -10.74 -7.85 -9.69
N GLY A 87 -10.28 -6.93 -8.86
CA GLY A 87 -11.08 -6.46 -7.74
C GLY A 87 -10.89 -7.34 -6.51
N ALA A 88 -11.13 -6.74 -5.34
CA ALA A 88 -10.80 -7.43 -4.08
C ALA A 88 -11.67 -8.66 -3.86
N ALA A 89 -12.99 -8.50 -3.95
CA ALA A 89 -13.90 -9.61 -3.68
C ALA A 89 -13.74 -10.72 -4.72
N GLU A 90 -13.78 -10.36 -6.00
CA GLU A 90 -13.60 -11.35 -7.07
C GLU A 90 -12.28 -12.10 -6.91
N ALA A 91 -11.20 -11.39 -6.55
CA ALA A 91 -9.91 -12.04 -6.35
C ALA A 91 -9.93 -12.96 -5.14
N SER A 92 -10.69 -12.60 -4.10
CA SER A 92 -10.80 -13.48 -2.94
C SER A 92 -11.47 -14.80 -3.33
N VAL A 93 -12.57 -14.73 -4.08
CA VAL A 93 -13.25 -15.95 -4.51
C VAL A 93 -12.37 -16.76 -5.47
N THR A 94 -11.72 -16.08 -6.42
CA THR A 94 -10.83 -16.80 -7.34
C THR A 94 -9.71 -17.50 -6.59
N GLN A 95 -9.12 -16.83 -5.60
CA GLN A 95 -8.04 -17.46 -4.87
C GLN A 95 -8.55 -18.63 -4.04
N THR A 96 -9.73 -18.48 -3.41
CA THR A 96 -10.31 -19.64 -2.73
C THR A 96 -10.46 -20.80 -3.70
N GLN A 97 -10.98 -20.52 -4.90
CA GLN A 97 -11.43 -21.58 -5.79
C GLN A 97 -10.29 -22.23 -6.56
N PHE A 98 -9.19 -21.51 -6.82
CA PHE A 98 -8.06 -22.16 -7.47
C PHE A 98 -6.82 -22.38 -6.60
N TYR A 99 -6.58 -21.61 -5.53
CA TYR A 99 -5.39 -21.82 -4.70
C TYR A 99 -5.60 -22.38 -3.30
N GLY A 100 -6.77 -22.19 -2.69
CA GLY A 100 -6.94 -22.47 -1.27
C GLY A 100 -7.90 -23.60 -0.90
N ASN A 101 -8.20 -23.74 0.40
CA ASN A 101 -9.15 -24.72 0.90
C ASN A 101 -10.54 -24.10 0.92
N ALA A 102 -11.49 -24.68 0.19
CA ALA A 102 -12.88 -24.22 0.30
C ALA A 102 -13.58 -24.77 1.54
N LEU A 103 -13.27 -26.00 1.95
CA LEU A 103 -13.87 -26.54 3.16
C LEU A 103 -12.82 -26.71 4.24
N GLY A 104 -13.29 -27.06 5.43
CA GLY A 104 -12.41 -27.30 6.53
C GLY A 104 -11.69 -28.62 6.39
N PRO A 105 -10.95 -29.00 7.43
CA PRO A 105 -10.23 -30.26 7.44
C PRO A 105 -11.12 -31.38 7.97
N SER A 106 -10.59 -32.59 7.91
CA SER A 106 -11.20 -33.78 8.47
C SER A 106 -10.23 -34.32 9.50
N VAL A 107 -10.67 -34.55 10.73
CA VAL A 107 -9.74 -35.01 11.76
C VAL A 107 -10.15 -36.40 12.20
N VAL A 108 -9.27 -37.38 11.96
CA VAL A 108 -9.58 -38.79 12.22
C VAL A 108 -8.33 -39.45 12.79
N ASP A 109 -8.48 -40.13 13.94
CA ASP A 109 -7.42 -40.95 14.52
C ASP A 109 -6.11 -40.20 14.62
N GLY A 110 -6.18 -39.02 15.23
CA GLY A 110 -5.01 -38.18 15.42
C GLY A 110 -4.40 -37.58 14.16
N VAL A 111 -5.11 -37.59 13.03
CA VAL A 111 -4.59 -37.03 11.78
C VAL A 111 -5.57 -36.00 11.24
N VAL A 112 -5.02 -34.89 10.77
CA VAL A 112 -5.77 -33.85 10.07
C VAL A 112 -5.56 -34.03 8.58
N TYR A 113 -6.63 -34.33 7.85
CA TYR A 113 -6.62 -34.43 6.40
C TYR A 113 -7.24 -33.19 5.79
N ALA A 114 -6.67 -32.72 4.69
CA ALA A 114 -7.25 -31.57 3.99
C ALA A 114 -7.04 -31.72 2.50
N GLU A 115 -7.87 -31.07 1.71
CA GLU A 115 -7.66 -31.06 0.28
C GLU A 115 -7.84 -29.63 -0.20
N SER A 116 -7.12 -29.28 -1.26
CA SER A 116 -7.00 -27.88 -1.60
C SER A 116 -7.28 -27.67 -3.07
N ASP A 117 -7.73 -26.46 -3.39
CA ASP A 117 -7.81 -26.14 -4.81
C ASP A 117 -6.44 -26.03 -5.44
N ASP A 118 -5.37 -26.03 -4.64
CA ASP A 118 -4.03 -26.12 -5.15
C ASP A 118 -3.72 -27.49 -5.75
N MET A 119 -4.68 -28.42 -5.73
CA MET A 119 -4.64 -29.75 -6.37
C MET A 119 -3.97 -30.80 -5.51
N PHE A 120 -3.56 -30.46 -4.29
CA PHE A 120 -2.98 -31.43 -3.37
C PHE A 120 -3.94 -31.80 -2.25
N ALA A 121 -3.84 -33.05 -1.82
CA ALA A 121 -4.41 -33.48 -0.55
C ALA A 121 -3.27 -33.73 0.41
N TYR A 122 -3.54 -33.51 1.69
CA TYR A 122 -2.53 -33.48 2.74
C TYR A 122 -3.00 -34.27 3.96
N ALA A 123 -2.09 -35.01 4.57
CA ALA A 123 -2.25 -35.65 5.87
C ALA A 123 -1.18 -35.10 6.79
N VAL A 124 -1.61 -34.54 7.92
CA VAL A 124 -0.77 -33.79 8.86
C VAL A 124 -1.05 -34.29 10.28
N ASN A 125 0.01 -34.44 11.08
CA ASN A 125 -0.14 -34.91 12.46
C ASN A 125 -0.93 -33.90 13.29
N ALA A 126 -1.98 -34.38 13.99
CA ALA A 126 -2.89 -33.46 14.69
C ALA A 126 -2.22 -32.77 15.87
N LYS A 127 -1.23 -33.43 16.48
CA LYS A 127 -0.51 -32.83 17.61
C LYS A 127 0.57 -31.85 17.15
N THR A 128 1.38 -32.26 16.17
CA THR A 128 2.58 -31.50 15.80
C THR A 128 2.44 -30.66 14.54
N GLY A 129 1.42 -30.89 13.72
CA GLY A 129 1.35 -30.20 12.45
C GLY A 129 2.35 -30.62 11.40
N LYS A 130 3.08 -31.71 11.63
CA LYS A 130 4.09 -32.18 10.68
C LYS A 130 3.46 -33.04 9.58
N LEU A 131 4.03 -32.94 8.38
CA LEU A 131 3.49 -33.61 7.21
C LEU A 131 3.64 -35.12 7.29
N ILE A 132 2.54 -35.83 7.09
CA ILE A 132 2.50 -37.29 7.00
C ILE A 132 2.51 -37.75 5.55
N TRP A 133 1.58 -37.24 4.75
CA TRP A 133 1.76 -37.41 3.31
C TRP A 133 1.11 -36.25 2.58
N ARG A 134 1.56 -36.01 1.34
CA ARG A 134 0.80 -35.19 0.41
C ARG A 134 0.76 -35.92 -0.93
N ALA A 135 -0.33 -35.68 -1.69
CA ALA A 135 -0.47 -36.35 -2.97
C ALA A 135 -1.34 -35.52 -3.90
N SER A 136 -1.15 -35.72 -5.20
CA SER A 136 -1.90 -35.02 -6.25
C SER A 136 -2.20 -36.01 -7.35
N PRO A 137 -3.10 -36.97 -7.09
CA PRO A 137 -3.38 -37.98 -8.12
C PRO A 137 -4.12 -37.42 -9.33
N VAL A 138 -4.69 -36.22 -9.23
CA VAL A 138 -5.40 -35.63 -10.37
C VAL A 138 -5.09 -34.15 -10.45
N GLY A 139 -4.91 -33.66 -11.66
CA GLY A 139 -4.57 -32.30 -12.00
C GLY A 139 -5.78 -31.38 -12.00
N ASN A 140 -6.64 -31.49 -10.98
CA ASN A 140 -7.83 -30.67 -10.90
C ASN A 140 -8.03 -30.20 -9.46
N ASN A 141 -8.92 -29.24 -9.26
CA ASN A 141 -9.13 -28.68 -7.93
C ASN A 141 -9.86 -29.66 -7.03
N LEU A 142 -9.50 -29.64 -5.74
CA LEU A 142 -10.15 -30.46 -4.72
C LEU A 142 -10.87 -29.51 -3.76
N MET A 143 -12.20 -29.46 -3.88
CA MET A 143 -13.00 -28.44 -3.22
C MET A 143 -13.79 -28.91 -2.00
N GLY A 144 -13.63 -30.15 -1.55
CA GLY A 144 -14.38 -30.69 -0.43
C GLY A 144 -13.53 -30.93 0.79
N ASN A 145 -14.01 -31.85 1.65
CA ASN A 145 -13.09 -32.30 2.68
C ASN A 145 -12.86 -33.80 2.53
N PRO A 146 -11.66 -34.30 2.84
CA PRO A 146 -11.41 -35.71 2.58
C PRO A 146 -12.32 -36.58 3.42
N LEU A 147 -12.84 -37.65 2.83
CA LEU A 147 -13.56 -38.68 3.60
C LEU A 147 -12.54 -39.71 4.08
N VAL A 148 -12.73 -40.24 5.28
CA VAL A 148 -11.80 -41.22 5.85
C VAL A 148 -12.62 -42.36 6.44
N ILE A 149 -12.47 -43.55 5.88
CA ILE A 149 -13.15 -44.74 6.40
C ILE A 149 -12.15 -45.88 6.37
N GLY A 150 -11.97 -46.53 7.53
CA GLY A 150 -10.97 -47.57 7.62
C GLY A 150 -9.63 -46.99 7.26
N ASN A 151 -8.96 -47.67 6.34
CA ASN A 151 -7.65 -47.34 5.84
C ASN A 151 -7.66 -46.59 4.51
N THR A 152 -8.83 -46.06 4.11
CA THR A 152 -8.93 -45.32 2.85
C THR A 152 -9.35 -43.88 3.07
N VAL A 153 -8.76 -42.98 2.27
CA VAL A 153 -9.12 -41.57 2.19
C VAL A 153 -9.71 -41.32 0.80
N TYR A 154 -10.84 -40.64 0.75
CA TYR A 154 -11.54 -40.41 -0.52
C TYR A 154 -11.60 -38.93 -0.85
N LEU A 155 -11.21 -38.59 -2.07
CA LEU A 155 -11.20 -37.25 -2.63
C LEU A 155 -12.19 -37.15 -3.77
N SER A 156 -12.74 -35.94 -3.99
CA SER A 156 -13.49 -35.64 -5.21
C SER A 156 -12.83 -34.47 -5.91
N ALA A 157 -12.81 -34.51 -7.25
CA ALA A 157 -12.12 -33.50 -8.04
C ALA A 157 -13.08 -32.87 -9.05
N GLY A 158 -13.01 -31.55 -9.15
CA GLY A 158 -13.80 -30.78 -10.10
C GLY A 158 -13.40 -29.33 -10.18
N SER A 159 -13.63 -28.72 -11.34
CA SER A 159 -13.35 -27.31 -11.55
C SER A 159 -14.65 -26.52 -11.59
N VAL A 160 -14.59 -25.27 -11.11
CA VAL A 160 -15.76 -24.39 -11.19
C VAL A 160 -16.12 -24.05 -12.64
N ALA A 161 -15.20 -24.27 -13.57
CA ALA A 161 -15.30 -23.64 -14.87
C ALA A 161 -16.12 -24.47 -15.87
N PHE A 162 -16.30 -23.91 -17.07
CA PHE A 162 -17.14 -24.45 -18.12
C PHE A 162 -16.33 -24.70 -19.38
N ASN A 163 -16.56 -25.85 -20.01
CA ASN A 163 -16.11 -26.09 -21.39
C ASN A 163 -16.78 -25.10 -22.33
N PHE A 164 -16.07 -24.70 -23.39
CA PHE A 164 -16.71 -23.83 -24.38
C PHE A 164 -17.77 -24.58 -25.17
N ALA A 165 -17.53 -25.87 -25.45
CA ALA A 165 -18.56 -26.70 -26.05
C ALA A 165 -19.82 -26.74 -25.20
N ASN A 166 -19.67 -26.56 -23.87
CA ASN A 166 -20.81 -26.42 -22.98
C ASN A 166 -21.21 -24.97 -22.73
N VAL A 167 -20.44 -24.01 -23.22
CA VAL A 167 -20.82 -22.60 -23.13
C VAL A 167 -21.85 -22.28 -24.21
N SER A 175 -30.31 -26.32 -19.34
CA SER A 175 -30.55 -27.69 -18.91
C SER A 175 -29.59 -28.68 -19.56
N ALA A 176 -29.08 -28.30 -20.73
CA ALA A 176 -28.16 -29.14 -21.49
C ALA A 176 -26.70 -28.89 -21.16
N SER A 177 -26.39 -27.85 -20.38
CA SER A 177 -25.02 -27.49 -20.06
C SER A 177 -24.47 -28.37 -18.93
N ALA A 178 -23.17 -28.65 -19.00
CA ALA A 178 -22.50 -29.48 -18.00
C ALA A 178 -21.27 -28.77 -17.47
N ARG A 179 -21.21 -28.56 -16.15
CA ARG A 179 -20.09 -27.86 -15.53
C ARG A 179 -18.91 -28.80 -15.32
N GLY A 180 -17.71 -28.33 -15.64
CA GLY A 180 -16.53 -29.13 -15.53
C GLY A 180 -16.38 -30.20 -16.58
N LEU A 181 -17.38 -30.40 -17.44
CA LEU A 181 -17.28 -31.43 -18.48
C LEU A 181 -16.14 -31.09 -19.43
N ASN A 182 -15.21 -32.02 -19.57
CA ASN A 182 -13.97 -31.84 -20.34
C ASN A 182 -13.15 -30.65 -19.84
N VAL A 183 -13.36 -30.20 -18.60
CA VAL A 183 -12.46 -29.26 -17.96
C VAL A 183 -11.62 -30.08 -16.99
N SER A 184 -10.39 -30.38 -17.39
CA SER A 184 -9.53 -31.36 -16.74
C SER A 184 -10.30 -32.66 -16.49
N PHE A 185 -10.04 -33.32 -15.36
CA PHE A 185 -10.54 -34.66 -15.08
C PHE A 185 -11.17 -34.65 -13.70
N ASN A 186 -12.26 -35.40 -13.56
CA ASN A 186 -13.18 -35.25 -12.45
C ASN A 186 -13.35 -36.59 -11.76
N GLY A 187 -14.01 -36.56 -10.59
CA GLY A 187 -14.45 -37.80 -9.97
C GLY A 187 -13.73 -38.12 -8.67
N ILE A 188 -13.86 -39.38 -8.27
CA ILE A 188 -13.47 -39.83 -6.94
C ILE A 188 -12.12 -40.53 -7.01
N TYR A 189 -11.21 -40.17 -6.12
CA TYR A 189 -9.89 -40.76 -6.03
C TYR A 189 -9.69 -41.32 -4.63
N ALA A 190 -9.33 -42.61 -4.55
CA ALA A 190 -9.22 -43.33 -3.30
C ALA A 190 -7.76 -43.62 -3.04
N LEU A 191 -7.27 -43.14 -1.89
CA LEU A 191 -5.89 -43.16 -1.46
C LEU A 191 -5.73 -43.99 -0.21
N ASN A 192 -4.61 -44.69 -0.13
CA ASN A 192 -4.29 -45.41 1.10
C ASN A 192 -4.06 -44.43 2.25
N ARG A 193 -4.69 -44.69 3.39
CA ARG A 193 -4.67 -43.72 4.48
C ARG A 193 -3.28 -43.51 5.06
N SER A 194 -2.45 -44.55 5.07
CA SER A 194 -1.20 -44.35 5.79
C SER A 194 -0.17 -43.59 4.95
N ASN A 195 -0.03 -43.92 3.65
CA ASN A 195 1.00 -43.30 2.80
C ASN A 195 0.51 -42.49 1.60
N GLY A 196 -0.81 -42.36 1.37
CA GLY A 196 -1.32 -41.63 0.22
C GLY A 196 -1.32 -42.36 -1.13
N LYS A 197 -0.92 -43.63 -1.19
CA LYS A 197 -0.82 -44.29 -2.50
C LYS A 197 -2.21 -44.51 -3.10
N LEU A 198 -2.29 -44.40 -4.42
CA LEU A 198 -3.58 -44.37 -5.10
C LEU A 198 -4.12 -45.79 -5.21
N LEU A 199 -5.26 -46.03 -4.55
CA LEU A 199 -5.91 -47.35 -4.61
C LEU A 199 -6.78 -47.50 -5.84
N TRP A 200 -7.63 -46.50 -6.09
CA TRP A 200 -8.44 -46.56 -7.31
C TRP A 200 -8.97 -45.17 -7.59
N TYR A 201 -9.51 -44.97 -8.80
CA TYR A 201 -10.28 -43.78 -9.07
C TYR A 201 -11.49 -44.12 -9.93
N PHE A 202 -12.50 -43.27 -9.82
CA PHE A 202 -13.72 -43.39 -10.60
C PHE A 202 -13.97 -42.04 -11.24
N ALA A 203 -13.81 -41.96 -12.55
CA ALA A 203 -13.97 -40.69 -13.25
C ALA A 203 -15.43 -40.42 -13.53
N THR A 204 -15.79 -39.14 -13.50
CA THR A 204 -17.14 -38.72 -13.75
C THR A 204 -17.15 -37.74 -14.92
N PRO A 205 -18.26 -37.68 -15.66
CA PRO A 205 -18.34 -36.73 -16.79
C PRO A 205 -18.25 -35.28 -16.37
N GLY A 206 -18.96 -34.89 -15.31
CA GLY A 206 -18.95 -33.52 -14.84
C GLY A 206 -18.05 -33.34 -13.62
N GLU A 207 -17.77 -32.08 -13.31
CA GLU A 207 -17.00 -31.77 -12.12
C GLU A 207 -17.70 -32.37 -10.91
N THR A 208 -16.92 -32.90 -9.98
CA THR A 208 -17.47 -33.14 -8.65
C THR A 208 -16.70 -32.26 -7.68
N MET A 209 -17.14 -31.02 -7.54
CA MET A 209 -16.61 -30.17 -6.48
C MET A 209 -17.24 -30.55 -5.16
N ALA A 210 -18.50 -30.98 -5.20
CA ALA A 210 -19.18 -31.42 -4.00
C ALA A 210 -18.41 -32.57 -3.35
N THR A 211 -18.44 -32.62 -2.01
CA THR A 211 -17.90 -33.75 -1.28
C THR A 211 -18.86 -34.94 -1.42
N PRO A 212 -18.35 -36.15 -1.63
CA PRO A 212 -19.23 -37.32 -1.63
C PRO A 212 -19.72 -37.66 -0.23
N ALA A 213 -20.54 -38.68 -0.12
CA ALA A 213 -20.91 -39.26 1.16
C ALA A 213 -20.55 -40.73 1.14
N TYR A 214 -20.20 -41.26 2.31
CA TYR A 214 -19.95 -42.69 2.48
C TYR A 214 -21.06 -43.30 3.31
N ASP A 215 -21.63 -44.42 2.83
CA ASP A 215 -22.49 -45.24 3.67
C ASP A 215 -22.47 -46.66 3.12
N ASN A 216 -22.44 -47.66 4.01
CA ASN A 216 -22.68 -49.03 3.59
C ASN A 216 -21.73 -49.47 2.46
N ASN A 217 -20.44 -49.30 2.69
CA ASN A 217 -19.41 -49.63 1.70
C ASN A 217 -19.69 -48.99 0.33
N THR A 218 -20.29 -47.80 0.33
CA THR A 218 -20.60 -47.13 -0.93
C THR A 218 -20.28 -45.65 -0.82
N LEU A 219 -19.77 -45.07 -1.91
CA LEU A 219 -19.55 -43.65 -2.05
C LEU A 219 -20.58 -43.08 -3.03
N PHE A 220 -21.15 -41.94 -2.65
CA PHE A 220 -22.23 -41.30 -3.38
C PHE A 220 -21.80 -39.90 -3.79
N ILE A 221 -21.98 -39.57 -5.07
CA ILE A 221 -21.60 -38.24 -5.54
C ILE A 221 -22.56 -37.82 -6.64
N ALA A 222 -22.73 -36.51 -6.79
CA ALA A 222 -23.43 -35.97 -7.94
C ALA A 222 -22.53 -34.96 -8.62
N ASP A 223 -22.62 -34.85 -9.96
CA ASP A 223 -21.66 -34.04 -10.69
C ASP A 223 -22.33 -32.86 -11.40
N GLY A 224 -21.51 -32.06 -12.07
CA GLY A 224 -22.03 -30.91 -12.78
C GLY A 224 -22.59 -31.22 -14.14
N ALA A 225 -22.62 -32.50 -14.51
CA ALA A 225 -23.27 -32.97 -15.72
C ALA A 225 -24.65 -33.56 -15.45
N GLY A 226 -25.15 -33.46 -14.22
CA GLY A 226 -26.49 -33.95 -13.91
C GLY A 226 -26.55 -35.41 -13.51
N ASN A 227 -25.41 -36.04 -13.23
CA ASN A 227 -25.35 -37.45 -12.87
C ASN A 227 -25.12 -37.63 -11.37
N ALA A 228 -25.85 -38.57 -10.79
CA ALA A 228 -25.60 -39.11 -9.47
C ALA A 228 -25.04 -40.51 -9.60
N PHE A 229 -24.11 -40.89 -8.72
CA PHE A 229 -23.42 -42.17 -8.78
C PHE A 229 -23.36 -42.80 -7.40
N GLY A 230 -23.68 -44.08 -7.32
CA GLY A 230 -23.16 -44.95 -6.27
C GLY A 230 -22.00 -45.80 -6.76
N ILE A 231 -20.96 -45.87 -5.93
CA ILE A 231 -19.68 -46.45 -6.29
C ILE A 231 -19.20 -47.32 -5.13
N ASN A 232 -18.81 -48.56 -5.42
CA ASN A 232 -18.30 -49.44 -4.37
C ASN A 232 -17.06 -48.82 -3.73
N ALA A 233 -17.09 -48.66 -2.40
CA ALA A 233 -15.99 -48.03 -1.68
C ALA A 233 -14.74 -48.90 -1.64
N THR A 234 -14.88 -50.19 -1.90
CA THR A 234 -13.75 -51.12 -1.89
C THR A 234 -13.15 -51.28 -3.28
N THR A 235 -13.98 -51.70 -4.25
CA THR A 235 -13.48 -51.97 -5.59
C THR A 235 -13.41 -50.72 -6.47
N GLY A 236 -14.15 -49.66 -6.16
CA GLY A 236 -14.24 -48.54 -7.07
C GLY A 236 -15.18 -48.74 -8.24
N LYS A 237 -15.89 -49.86 -8.32
CA LYS A 237 -16.78 -50.07 -9.45
C LYS A 237 -18.14 -49.40 -9.22
N GLN A 238 -18.77 -48.99 -10.32
CA GLN A 238 -20.09 -48.39 -10.23
C GLN A 238 -21.11 -49.39 -9.69
N VAL A 239 -21.82 -49.00 -8.63
CA VAL A 239 -23.03 -49.72 -8.25
C VAL A 239 -24.21 -49.23 -9.09
N TRP A 240 -24.37 -47.92 -9.19
CA TRP A 240 -25.44 -47.40 -10.03
C TRP A 240 -25.10 -46.00 -10.50
N LYS A 241 -25.78 -45.61 -11.58
CA LYS A 241 -25.73 -44.26 -12.12
C LYS A 241 -27.17 -43.83 -12.39
N THR A 242 -27.48 -42.56 -12.08
CA THR A 242 -28.79 -41.98 -12.36
C THR A 242 -28.56 -40.60 -12.95
N HIS A 243 -29.11 -40.34 -14.14
CA HIS A 243 -29.01 -38.99 -14.68
C HIS A 243 -30.25 -38.23 -14.26
N VAL A 244 -30.04 -37.34 -13.29
CA VAL A 244 -31.09 -36.51 -12.72
C VAL A 244 -31.28 -35.22 -13.51
N GLY A 245 -30.24 -34.73 -14.17
CA GLY A 245 -30.27 -33.45 -14.85
C GLY A 245 -29.76 -32.32 -13.98
N GLY A 246 -29.44 -31.20 -14.63
CA GLY A 246 -28.98 -30.05 -13.89
C GLY A 246 -27.51 -30.18 -13.51
N MET A 247 -27.13 -29.51 -12.42
CA MET A 247 -25.74 -29.42 -12.00
C MET A 247 -25.62 -29.43 -10.49
N ASP A 248 -24.76 -30.31 -9.96
CA ASP A 248 -24.36 -30.20 -8.56
C ASP A 248 -23.11 -29.35 -8.51
N ASN A 249 -23.23 -28.15 -7.96
CA ASN A 249 -22.05 -27.31 -7.86
C ASN A 249 -21.28 -27.62 -6.59
N MET A 250 -21.79 -27.14 -5.46
CA MET A 250 -21.17 -27.36 -4.15
C MET A 250 -22.03 -28.15 -3.17
N SER A 251 -23.10 -28.82 -3.64
CA SER A 251 -24.02 -29.46 -2.71
C SER A 251 -23.45 -30.83 -2.38
N SER A 252 -22.83 -30.94 -1.21
CA SER A 252 -22.22 -32.21 -0.82
C SER A 252 -23.33 -33.16 -0.43
N VAL A 253 -23.15 -34.42 -0.82
CA VAL A 253 -24.20 -35.42 -0.65
C VAL A 253 -24.36 -35.76 0.83
N THR A 254 -25.59 -36.00 1.26
CA THR A 254 -25.84 -36.47 2.60
C THR A 254 -26.51 -37.83 2.51
N ALA A 255 -25.91 -38.84 3.14
CA ALA A 255 -26.44 -40.19 3.18
C ALA A 255 -27.07 -40.42 4.54
N TYR A 256 -28.36 -40.71 4.56
CA TYR A 256 -29.12 -40.87 5.79
C TYR A 256 -30.15 -41.99 5.62
N ARG A 257 -30.05 -43.03 6.45
CA ARG A 257 -31.05 -44.10 6.52
C ARG A 257 -31.49 -44.59 5.14
N HIS A 258 -30.54 -45.18 4.42
CA HIS A 258 -30.75 -45.88 3.16
C HIS A 258 -31.02 -44.95 1.99
N ASN A 259 -31.04 -43.63 2.18
CA ASN A 259 -31.23 -42.70 1.08
C ASN A 259 -30.09 -41.68 1.05
N ILE A 260 -29.88 -41.05 -0.11
CA ILE A 260 -28.97 -39.93 -0.22
C ILE A 260 -29.74 -38.70 -0.70
N TYR A 261 -29.17 -37.53 -0.40
CA TYR A 261 -29.82 -36.23 -0.58
C TYR A 261 -28.81 -35.27 -1.13
N PHE A 262 -29.19 -34.55 -2.17
CA PHE A 262 -28.30 -33.52 -2.71
C PHE A 262 -29.16 -32.58 -3.54
N ALA A 263 -28.67 -31.36 -3.75
CA ALA A 263 -29.44 -30.39 -4.51
C ALA A 263 -28.76 -30.10 -5.85
N MET A 264 -29.58 -29.88 -6.88
CA MET A 264 -29.10 -29.58 -8.22
C MET A 264 -29.63 -28.23 -8.69
N ALA A 265 -28.76 -27.52 -9.41
CA ALA A 265 -29.07 -26.23 -10.00
C ALA A 265 -29.46 -26.41 -11.46
N ILE A 266 -29.94 -25.31 -12.06
CA ILE A 266 -30.39 -25.17 -13.45
C ILE A 266 -31.71 -25.93 -13.62
N LYS A 267 -31.87 -26.98 -12.83
CA LYS A 267 -33.09 -27.78 -12.77
C LYS A 267 -33.29 -27.93 -11.27
N PRO A 268 -33.88 -26.93 -10.64
CA PRO A 268 -33.67 -26.70 -9.20
C PRO A 268 -34.39 -27.67 -8.27
N TYR A 269 -33.77 -28.80 -7.92
CA TYR A 269 -34.43 -29.68 -6.97
C TYR A 269 -33.49 -30.13 -5.86
N LEU A 270 -34.07 -30.37 -4.70
CA LEU A 270 -33.48 -31.25 -3.70
C LEU A 270 -33.91 -32.67 -4.02
N TYR A 271 -32.95 -33.55 -4.21
CA TYR A 271 -33.21 -34.94 -4.56
C TYR A 271 -33.00 -35.86 -3.37
N CYS A 272 -33.88 -36.86 -3.28
CA CYS A 272 -33.71 -38.05 -2.44
C CYS A 272 -33.71 -39.28 -3.34
N LEU A 273 -32.56 -39.99 -3.35
CA LEU A 273 -32.35 -41.21 -4.12
C LEU A 273 -32.02 -42.39 -3.20
N ASN A 274 -32.42 -43.58 -3.63
CA ASN A 274 -32.17 -44.78 -2.83
C ASN A 274 -30.70 -45.17 -2.89
N GLU A 275 -30.12 -45.52 -1.74
CA GLU A 275 -28.70 -45.86 -1.67
C GLU A 275 -28.36 -47.09 -2.49
N SER A 276 -29.26 -48.07 -2.50
CA SER A 276 -28.95 -49.35 -3.11
C SER A 276 -28.99 -49.30 -4.63
N ASN A 277 -30.07 -48.76 -5.19
CA ASN A 277 -30.26 -48.71 -6.64
C ASN A 277 -30.26 -47.32 -7.27
N GLY A 278 -30.18 -46.24 -6.50
CA GLY A 278 -30.14 -44.94 -7.12
C GLY A 278 -31.42 -44.45 -7.76
N HIS A 279 -32.57 -45.10 -7.52
CA HIS A 279 -33.82 -44.57 -8.07
C HIS A 279 -34.30 -43.38 -7.26
N ILE A 280 -35.03 -42.48 -7.92
CA ILE A 280 -35.45 -41.24 -7.30
C ILE A 280 -36.61 -41.51 -6.36
N VAL A 281 -36.40 -41.28 -5.07
CA VAL A 281 -37.46 -41.47 -4.10
C VAL A 281 -38.41 -40.28 -4.12
N TRP A 282 -37.84 -39.09 -4.04
CA TRP A 282 -38.67 -37.88 -4.17
C TRP A 282 -37.79 -36.70 -4.57
N LYS A 283 -38.47 -35.64 -5.01
CA LYS A 283 -37.84 -34.37 -5.34
C LYS A 283 -38.62 -33.29 -4.63
N GLY A 284 -37.89 -32.25 -4.23
CA GLY A 284 -38.49 -31.17 -3.48
C GLY A 284 -37.89 -29.85 -3.94
N THR A 285 -38.56 -28.78 -3.56
CA THR A 285 -38.21 -27.45 -4.03
C THR A 285 -38.19 -26.50 -2.84
N ILE A 286 -37.52 -25.38 -3.02
CA ILE A 286 -37.66 -24.22 -2.16
C ILE A 286 -38.37 -23.14 -2.98
N PRO A 287 -39.49 -22.60 -2.50
CA PRO A 287 -40.31 -21.73 -3.36
C PRO A 287 -39.53 -20.53 -3.85
N GLY A 288 -39.53 -20.33 -5.17
CA GLY A 288 -38.74 -19.25 -5.74
C GLY A 288 -37.26 -19.37 -5.50
N ALA A 289 -36.76 -20.57 -5.19
CA ALA A 289 -35.34 -20.72 -4.93
C ALA A 289 -34.52 -20.29 -6.14
N SER A 290 -33.36 -19.70 -5.86
CA SER A 290 -32.44 -19.32 -6.93
C SER A 290 -32.15 -20.50 -7.83
N ASN A 291 -32.27 -20.29 -9.14
CA ASN A 291 -32.00 -21.33 -10.12
C ASN A 291 -30.53 -21.73 -10.11
N THR A 292 -29.64 -20.74 -9.99
CA THR A 292 -28.21 -21.02 -9.96
C THR A 292 -27.80 -21.63 -8.62
N GLY A 293 -28.38 -21.13 -7.54
CA GLY A 293 -27.77 -21.33 -6.24
C GLY A 293 -28.25 -22.44 -5.34
N ILE A 294 -29.40 -23.03 -5.63
CA ILE A 294 -29.85 -24.13 -4.77
C ILE A 294 -28.82 -25.26 -4.80
N GLY A 295 -28.14 -25.44 -5.92
CA GLY A 295 -27.09 -26.41 -6.07
C GLY A 295 -25.78 -26.06 -5.41
N ASP A 296 -25.73 -24.94 -4.67
CA ASP A 296 -24.58 -24.62 -3.84
C ASP A 296 -24.62 -25.30 -2.48
N VAL A 297 -25.82 -25.57 -1.95
CA VAL A 297 -25.98 -25.82 -0.52
C VAL A 297 -26.05 -27.32 -0.26
N SER A 298 -25.26 -27.79 0.70
CA SER A 298 -25.31 -29.20 1.10
C SER A 298 -26.43 -29.39 2.11
N PRO A 299 -27.39 -30.28 1.86
CA PRO A 299 -28.47 -30.50 2.84
C PRO A 299 -27.95 -31.16 4.09
N ALA A 300 -28.62 -30.87 5.21
CA ALA A 300 -28.33 -31.53 6.47
C ALA A 300 -29.50 -32.46 6.83
N ALA A 301 -29.22 -33.50 7.59
CA ALA A 301 -30.30 -34.41 7.99
C ALA A 301 -30.08 -34.90 9.41
N ALA A 302 -31.15 -34.91 10.20
CA ALA A 302 -31.16 -35.51 11.53
C ALA A 302 -32.58 -35.93 11.87
N ASP A 303 -32.72 -37.05 12.59
CA ASP A 303 -33.99 -37.51 13.21
C ASP A 303 -35.17 -37.36 12.25
N GLY A 304 -35.04 -37.94 11.06
CA GLY A 304 -36.12 -37.98 10.09
C GLY A 304 -36.38 -36.70 9.33
N VAL A 305 -35.51 -35.70 9.44
CA VAL A 305 -35.73 -34.40 8.81
C VAL A 305 -34.52 -34.03 7.96
N VAL A 306 -34.76 -33.58 6.75
CA VAL A 306 -33.73 -33.05 5.87
C VAL A 306 -34.00 -31.56 5.73
N VAL A 307 -32.95 -30.76 5.82
CA VAL A 307 -33.02 -29.30 5.89
C VAL A 307 -32.17 -28.74 4.77
N LEU A 308 -32.75 -27.81 4.01
CA LEU A 308 -32.03 -27.09 2.97
C LEU A 308 -32.49 -25.64 3.00
N ASP A 309 -31.59 -24.71 2.76
CA ASP A 309 -32.00 -23.33 2.57
C ASP A 309 -31.31 -22.82 1.33
N ALA A 310 -31.91 -21.78 0.74
CA ALA A 310 -31.31 -21.18 -0.42
C ALA A 310 -31.81 -19.75 -0.53
N THR A 311 -31.05 -18.94 -1.26
CA THR A 311 -31.54 -17.63 -1.60
C THR A 311 -32.68 -17.77 -2.59
N THR A 312 -33.73 -16.97 -2.41
CA THR A 312 -34.93 -17.08 -3.22
C THR A 312 -35.29 -15.76 -3.87
N LYS A 313 -36.08 -15.88 -4.94
CA LYS A 313 -36.49 -14.83 -5.85
C LYS A 313 -38.00 -14.83 -5.97
N PRO A 314 -38.60 -13.71 -6.40
CA PRO A 314 -40.02 -13.74 -6.79
C PRO A 314 -40.22 -14.69 -7.96
N GLN A 315 -41.39 -15.34 -7.99
CA GLN A 315 -41.67 -16.34 -9.03
C GLN A 315 -43.17 -16.56 -9.23
N ALA A 320 -43.39 -16.41 -2.86
CA ALA A 320 -41.98 -16.21 -3.18
C ALA A 320 -41.61 -14.72 -3.25
N MET A 321 -40.54 -14.34 -2.56
CA MET A 321 -39.99 -12.99 -2.65
C MET A 321 -38.47 -13.11 -2.63
N PHE A 322 -37.78 -11.97 -2.74
CA PHE A 322 -36.33 -11.97 -2.60
C PHE A 322 -36.00 -12.15 -1.12
N SER A 323 -35.32 -13.23 -0.80
CA SER A 323 -35.06 -13.53 0.61
C SER A 323 -34.04 -14.68 0.67
N ASN A 324 -33.84 -15.20 1.86
CA ASN A 324 -33.24 -16.51 2.02
C ASN A 324 -34.28 -17.36 2.74
N VAL A 325 -34.57 -18.53 2.20
CA VAL A 325 -35.67 -19.35 2.68
C VAL A 325 -35.13 -20.72 3.08
N ILE A 326 -35.52 -21.17 4.25
CA ILE A 326 -35.13 -22.49 4.73
C ILE A 326 -36.36 -23.39 4.74
N ARG A 327 -36.16 -24.64 4.34
CA ARG A 327 -37.24 -25.61 4.27
C ARG A 327 -36.78 -26.90 4.91
N ALA A 328 -37.64 -27.47 5.75
CA ALA A 328 -37.43 -28.80 6.29
C ALA A 328 -38.42 -29.76 5.61
N PHE A 329 -37.91 -30.95 5.29
CA PHE A 329 -38.64 -32.00 4.60
C PHE A 329 -38.60 -33.28 5.40
N ASP A 330 -39.71 -34.03 5.33
CA ASP A 330 -39.71 -35.40 5.83
C ASP A 330 -38.66 -36.19 5.09
N ALA A 331 -37.77 -36.87 5.82
CA ALA A 331 -36.65 -37.53 5.14
C ALA A 331 -37.14 -38.60 4.17
N LYS A 332 -38.22 -39.30 4.54
CA LYS A 332 -38.70 -40.42 3.74
C LYS A 332 -39.57 -39.99 2.55
N THR A 333 -40.51 -39.05 2.75
CA THR A 333 -41.49 -38.70 1.72
C THR A 333 -41.27 -37.38 0.99
N GLY A 334 -40.42 -36.49 1.48
CA GLY A 334 -40.34 -35.18 0.87
C GLY A 334 -41.41 -34.19 1.28
N ALA A 335 -42.40 -34.60 2.08
CA ALA A 335 -43.43 -33.66 2.50
C ALA A 335 -42.82 -32.52 3.30
N VAL A 336 -43.26 -31.30 3.01
CA VAL A 336 -42.69 -30.11 3.64
C VAL A 336 -43.20 -30.01 5.07
N LEU A 337 -42.26 -30.00 6.03
CA LEU A 337 -42.56 -29.88 7.44
C LEU A 337 -42.72 -28.45 7.92
N TRP A 338 -42.01 -27.53 7.27
CA TRP A 338 -42.08 -26.11 7.57
C TRP A 338 -41.15 -25.37 6.62
N THR A 339 -41.44 -24.09 6.47
CA THR A 339 -40.70 -23.21 5.59
C THR A 339 -40.63 -21.87 6.31
N ARG A 340 -39.46 -21.26 6.35
CA ARG A 340 -39.34 -19.98 7.04
C ARG A 340 -38.51 -19.03 6.20
N ASN A 341 -38.95 -17.78 6.19
CA ASN A 341 -38.23 -16.72 5.52
C ASN A 341 -37.14 -16.18 6.45
N MET A 342 -35.89 -16.22 5.99
CA MET A 342 -34.73 -15.94 6.84
C MET A 342 -34.26 -14.50 6.78
N GLY A 343 -34.96 -13.63 6.07
CA GLY A 343 -34.61 -12.23 5.99
C GLY A 343 -33.92 -11.86 4.70
N SER A 344 -34.16 -10.62 4.25
CA SER A 344 -33.58 -10.12 3.02
C SER A 344 -32.38 -9.23 3.32
N GLY A 345 -31.75 -8.76 2.25
CA GLY A 345 -30.59 -7.90 2.37
C GLY A 345 -30.18 -7.42 1.00
N GLY A 346 -29.46 -6.29 1.00
CA GLY A 346 -29.08 -5.68 -0.25
C GLY A 346 -28.26 -6.61 -1.12
N LYS A 347 -27.25 -7.24 -0.53
CA LYS A 347 -26.34 -8.10 -1.29
C LYS A 347 -27.07 -9.33 -1.79
N ILE A 348 -27.03 -9.55 -3.10
CA ILE A 348 -27.25 -10.88 -3.65
C ILE A 348 -25.93 -11.61 -3.49
N PRO A 349 -25.87 -12.64 -2.64
CA PRO A 349 -24.58 -13.27 -2.33
C PRO A 349 -24.10 -14.19 -3.45
N ALA A 350 -22.78 -14.41 -3.44
CA ALA A 350 -22.19 -15.35 -4.39
C ALA A 350 -22.56 -16.79 -4.04
N PHE A 351 -22.30 -17.20 -2.80
CA PHE A 351 -22.74 -18.49 -2.30
C PHE A 351 -24.18 -18.34 -1.81
N LYS A 352 -25.10 -19.08 -2.42
CA LYS A 352 -26.53 -18.79 -2.39
C LYS A 352 -27.26 -19.41 -1.21
N GLY A 353 -26.55 -19.79 -0.15
CA GLY A 353 -27.24 -20.13 1.09
C GLY A 353 -26.24 -20.27 2.20
N GLY A 354 -26.74 -20.58 3.39
CA GLY A 354 -25.88 -21.06 4.46
C GLY A 354 -25.93 -22.58 4.55
N VAL A 355 -24.78 -23.17 4.85
CA VAL A 355 -24.78 -24.61 5.11
C VAL A 355 -25.47 -24.81 6.45
N PRO A 356 -26.54 -25.56 6.52
CA PRO A 356 -27.19 -25.79 7.82
C PRO A 356 -26.40 -26.79 8.66
N MET A 357 -26.43 -26.57 9.96
CA MET A 357 -25.96 -27.57 10.91
C MET A 357 -27.13 -27.91 11.82
N ILE A 358 -27.20 -29.16 12.27
CA ILE A 358 -28.24 -29.55 13.21
C ILE A 358 -27.59 -30.10 14.48
N HIS A 359 -28.05 -29.63 15.64
CA HIS A 359 -27.62 -30.20 16.91
C HIS A 359 -28.75 -30.07 17.91
N ASN A 360 -28.97 -31.13 18.69
CA ASN A 360 -30.01 -31.14 19.73
C ASN A 360 -31.35 -30.62 19.18
N ASN A 361 -31.75 -31.15 18.03
CA ASN A 361 -33.04 -30.82 17.42
C ASN A 361 -33.17 -29.35 17.10
N ILE A 362 -32.05 -28.67 16.86
CA ILE A 362 -32.04 -27.26 16.51
C ILE A 362 -31.16 -27.07 15.28
N VAL A 363 -31.68 -26.35 14.30
CA VAL A 363 -30.96 -26.00 13.09
C VAL A 363 -30.28 -24.66 13.32
N TYR A 364 -28.97 -24.62 13.11
CA TYR A 364 -28.19 -23.39 13.16
C TYR A 364 -27.68 -23.11 11.76
N VAL A 365 -28.04 -21.96 11.20
CA VAL A 365 -27.80 -21.75 9.77
C VAL A 365 -27.59 -20.27 9.47
N GLY A 366 -26.69 -19.99 8.53
CA GLY A 366 -26.43 -18.64 8.10
C GLY A 366 -27.36 -18.14 6.98
N ASN A 367 -27.40 -16.81 6.86
CA ASN A 367 -28.14 -16.09 5.83
C ASN A 367 -27.14 -15.15 5.19
N PRO A 368 -26.52 -15.56 4.07
CA PRO A 368 -25.52 -14.71 3.42
C PRO A 368 -26.10 -13.49 2.72
N VAL A 369 -27.41 -13.42 2.47
CA VAL A 369 -27.95 -12.19 1.90
C VAL A 369 -27.98 -11.10 2.96
N ALA A 370 -28.38 -11.45 4.19
CA ALA A 370 -28.50 -10.51 5.29
C ALA A 370 -27.31 -10.54 6.24
N SER A 371 -26.34 -11.42 6.01
CA SER A 371 -25.20 -11.57 6.90
C SER A 371 -25.66 -11.82 8.34
N THR A 372 -26.52 -12.83 8.51
CA THR A 372 -26.95 -13.21 9.85
C THR A 372 -26.82 -14.72 10.04
N TYR A 373 -26.97 -15.14 11.29
CA TYR A 373 -27.17 -16.53 11.65
C TYR A 373 -28.46 -16.65 12.44
N GLN A 374 -29.16 -17.76 12.27
CA GLN A 374 -30.39 -17.96 13.02
C GLN A 374 -30.43 -19.38 13.54
N ALA A 375 -31.21 -19.57 14.60
CA ALA A 375 -31.51 -20.91 15.09
C ALA A 375 -33.01 -21.20 14.97
N TYR A 376 -33.35 -22.43 14.54
CA TYR A 376 -34.72 -22.90 14.33
C TYR A 376 -34.93 -24.25 14.99
N GLU A 377 -36.06 -24.44 15.65
CA GLU A 377 -36.38 -25.78 16.13
C GLU A 377 -36.51 -26.71 14.93
N LEU A 378 -35.84 -27.87 15.00
CA LEU A 378 -35.73 -28.73 13.83
C LEU A 378 -37.09 -29.26 13.39
N LYS A 379 -37.90 -29.71 14.34
CA LYS A 379 -39.18 -30.32 14.01
C LYS A 379 -40.23 -29.27 13.64
N THR A 380 -40.20 -28.10 14.28
CA THR A 380 -41.26 -27.10 14.07
C THR A 380 -40.90 -25.91 13.19
N GLY A 381 -39.62 -25.58 13.02
CA GLY A 381 -39.31 -24.29 12.44
C GLY A 381 -39.54 -23.06 13.31
N LYS A 382 -39.75 -23.22 14.61
CA LYS A 382 -39.81 -22.05 15.49
C LYS A 382 -38.47 -21.33 15.53
N LEU A 383 -38.49 -20.02 15.23
CA LEU A 383 -37.29 -19.20 15.26
C LEU A 383 -36.91 -18.85 16.69
N LEU A 384 -35.72 -19.26 17.11
CA LEU A 384 -35.22 -19.00 18.45
C LEU A 384 -34.50 -17.65 18.58
N TRP A 385 -33.74 -17.25 17.56
CA TRP A 385 -32.97 -16.01 17.62
C TRP A 385 -32.28 -15.76 16.29
N THR A 386 -31.84 -14.51 16.13
CA THR A 386 -31.08 -14.01 15.00
C THR A 386 -29.85 -13.26 15.53
N TRP A 387 -28.69 -13.54 14.93
CA TRP A 387 -27.43 -12.90 15.25
C TRP A 387 -26.95 -12.18 14.01
N HIS A 388 -26.70 -10.88 14.13
CA HIS A 388 -26.14 -10.11 13.02
C HIS A 388 -24.63 -10.15 13.14
N VAL A 389 -23.98 -10.68 12.10
CA VAL A 389 -22.52 -10.74 12.07
C VAL A 389 -21.97 -9.30 12.02
N PRO A 390 -20.94 -8.97 12.81
CA PRO A 390 -20.41 -7.61 12.77
C PRO A 390 -20.08 -7.18 11.36
N THR A 391 -20.35 -5.91 11.06
CA THR A 391 -20.22 -5.46 9.67
C THR A 391 -18.78 -5.45 9.18
N LYS A 392 -17.81 -5.62 10.08
CA LYS A 392 -16.42 -5.67 9.62
C LYS A 392 -16.15 -6.93 8.83
N VAL A 393 -17.02 -7.94 8.93
CA VAL A 393 -16.95 -9.08 8.03
C VAL A 393 -17.78 -8.65 6.81
N ALA A 394 -17.09 -8.21 5.77
CA ALA A 394 -17.72 -7.54 4.65
C ALA A 394 -18.23 -8.53 3.60
N ALA A 395 -17.46 -9.58 3.35
CA ALA A 395 -17.79 -10.56 2.34
C ALA A 395 -17.93 -11.94 2.99
N GLY A 396 -18.90 -12.72 2.51
CA GLY A 396 -19.02 -14.12 2.88
C GLY A 396 -19.71 -14.42 4.19
N ALA A 397 -20.23 -13.43 4.90
CA ALA A 397 -20.81 -13.71 6.20
C ALA A 397 -22.07 -14.57 6.06
N GLY A 398 -22.10 -15.69 6.76
CA GLY A 398 -23.29 -16.51 6.85
C GLY A 398 -23.37 -17.68 5.89
N ARG A 399 -22.34 -17.94 5.10
CA ARG A 399 -22.42 -19.13 4.26
C ARG A 399 -21.98 -20.42 4.97
N SER A 400 -21.20 -20.32 6.05
CA SER A 400 -20.59 -21.50 6.64
C SER A 400 -21.42 -22.01 7.80
N ALA A 401 -21.46 -23.34 7.95
CA ALA A 401 -22.22 -23.93 9.05
C ALA A 401 -21.52 -23.67 10.38
N PRO A 402 -22.25 -23.31 11.42
CA PRO A 402 -21.67 -23.26 12.77
C PRO A 402 -21.32 -24.67 13.25
N THR A 403 -20.54 -24.71 14.33
CA THR A 403 -20.20 -25.93 15.04
C THR A 403 -20.65 -25.76 16.49
N TYR A 404 -21.39 -26.73 17.03
CA TYR A 404 -21.90 -26.67 18.40
C TYR A 404 -21.11 -27.63 19.28
N TYR A 405 -20.47 -27.10 20.33
CA TYR A 405 -19.61 -27.90 21.18
C TYR A 405 -19.74 -27.46 22.63
N LYS A 406 -20.07 -28.43 23.50
CA LYS A 406 -20.15 -28.24 24.95
C LYS A 406 -20.93 -26.97 25.31
N GLY A 407 -22.07 -26.78 24.66
CA GLY A 407 -22.94 -25.67 25.01
C GLY A 407 -22.63 -24.35 24.36
N LEU A 408 -21.70 -24.30 23.41
CA LEU A 408 -21.36 -23.05 22.75
C LEU A 408 -21.31 -23.24 21.24
N LEU A 409 -21.54 -22.15 20.51
CA LEU A 409 -21.49 -22.14 19.05
C LEU A 409 -20.22 -21.46 18.58
N TYR A 410 -19.56 -22.05 17.59
CA TYR A 410 -18.36 -21.49 16.99
C TYR A 410 -18.60 -21.30 15.51
N ILE A 411 -18.21 -20.14 14.99
CA ILE A 411 -18.47 -19.80 13.60
C ILE A 411 -17.23 -19.17 12.98
N THR A 412 -16.73 -19.73 11.89
CA THR A 412 -15.60 -19.14 11.18
C THR A 412 -16.14 -18.46 9.93
N THR A 413 -16.01 -17.13 9.89
CA THR A 413 -16.49 -16.38 8.75
C THR A 413 -15.61 -15.15 8.56
N GLY A 414 -15.38 -14.79 7.30
CA GLY A 414 -14.44 -13.72 7.01
C GLY A 414 -13.04 -14.09 7.49
N GLN A 415 -12.44 -13.19 8.28
CA GLN A 415 -11.13 -13.38 8.88
C GLN A 415 -11.19 -13.89 10.32
N TYR A 416 -12.39 -14.21 10.81
CA TYR A 416 -12.61 -14.34 12.25
C TYR A 416 -13.20 -15.69 12.60
N ILE A 417 -12.98 -16.08 13.86
CA ILE A 417 -13.79 -17.11 14.49
C ILE A 417 -14.54 -16.47 15.64
N PHE A 418 -15.85 -16.72 15.72
CA PHE A 418 -16.75 -16.17 16.71
C PHE A 418 -17.24 -17.26 17.65
N VAL A 419 -17.43 -16.89 18.92
CA VAL A 419 -18.10 -17.74 19.91
C VAL A 419 -19.43 -17.05 20.25
N VAL A 420 -20.52 -17.77 19.99
CA VAL A 420 -21.88 -17.28 20.17
C VAL A 420 -22.59 -18.19 21.17
N ASN A 421 -23.37 -17.57 22.05
CA ASN A 421 -24.19 -18.29 23.02
C ASN A 421 -25.38 -18.87 22.27
N PRO A 422 -25.49 -20.20 22.15
CA PRO A 422 -26.60 -20.78 21.37
C PRO A 422 -27.96 -20.60 22.01
N ALA A 423 -28.02 -20.28 23.31
CA ALA A 423 -29.32 -20.05 23.94
C ALA A 423 -29.88 -18.66 23.62
N THR A 424 -29.02 -17.63 23.58
CA THR A 424 -29.48 -16.28 23.27
C THR A 424 -29.13 -15.77 21.88
N GLY A 425 -28.22 -16.43 21.15
CA GLY A 425 -27.73 -15.85 19.93
C GLY A 425 -26.87 -14.61 20.09
N LYS A 426 -26.34 -14.34 21.28
CA LYS A 426 -25.49 -13.17 21.47
C LYS A 426 -24.02 -13.55 21.34
N GLU A 427 -23.22 -12.66 20.74
CA GLU A 427 -21.80 -12.91 20.62
C GLU A 427 -21.13 -12.85 22.00
N LEU A 428 -20.28 -13.84 22.26
CA LEU A 428 -19.48 -13.98 23.47
C LEU A 428 -18.04 -13.58 23.23
N HIS A 429 -17.40 -14.12 22.18
CA HIS A 429 -16.02 -13.74 21.91
C HIS A 429 -15.78 -13.66 20.41
N GLN A 430 -14.74 -12.94 20.03
CA GLN A 430 -14.26 -13.02 18.66
C GLN A 430 -12.73 -13.13 18.69
N HIS A 431 -12.19 -13.81 17.70
CA HIS A 431 -10.74 -14.00 17.61
C HIS A 431 -10.31 -13.86 16.15
N HIS A 432 -9.37 -12.96 15.91
CA HIS A 432 -8.94 -12.68 14.55
C HIS A 432 -7.90 -13.72 14.11
N ILE A 433 -8.11 -14.27 12.93
CA ILE A 433 -7.19 -15.22 12.30
C ILE A 433 -6.48 -14.58 11.12
N GLY A 434 -7.23 -14.08 10.15
CA GLY A 434 -6.70 -13.53 8.92
C GLY A 434 -6.95 -14.46 7.75
N GLY A 435 -6.30 -14.15 6.63
CA GLY A 435 -6.66 -14.80 5.39
C GLY A 435 -8.14 -14.62 5.09
N GLN A 436 -8.75 -15.69 4.58
CA GLN A 436 -10.20 -15.70 4.37
C GLN A 436 -10.67 -17.13 4.61
N PHE A 437 -11.82 -17.28 5.25
CA PHE A 437 -12.43 -18.59 5.41
C PHE A 437 -13.39 -18.84 4.26
N GLY A 438 -13.37 -20.07 3.75
CA GLY A 438 -14.18 -20.50 2.64
C GLY A 438 -15.56 -20.86 3.16
N ILE A 439 -16.13 -21.97 2.71
CA ILE A 439 -17.32 -22.50 3.38
C ILE A 439 -16.78 -23.51 4.38
N GLU A 440 -16.56 -23.05 5.60
CA GLU A 440 -15.75 -23.78 6.55
C GLU A 440 -16.39 -23.72 7.91
N SER A 441 -16.45 -24.85 8.55
CA SER A 441 -16.90 -24.95 9.90
C SER A 441 -15.72 -25.37 10.78
N PRO A 442 -15.62 -24.83 11.98
CA PRO A 442 -14.50 -25.20 12.85
C PRO A 442 -14.63 -26.66 13.25
N VAL A 443 -13.52 -27.39 13.18
CA VAL A 443 -13.51 -28.80 13.61
C VAL A 443 -12.94 -28.82 15.02
N ILE A 444 -13.74 -29.24 16.00
CA ILE A 444 -13.37 -29.10 17.40
C ILE A 444 -13.21 -30.49 18.00
N VAL A 445 -12.01 -30.78 18.51
CA VAL A 445 -11.68 -32.07 19.11
C VAL A 445 -11.06 -31.82 20.47
N GLY A 446 -11.72 -32.29 21.54
CA GLY A 446 -11.14 -32.11 22.86
C GLY A 446 -11.04 -30.64 23.18
N GLY A 447 -9.81 -30.18 23.44
CA GLY A 447 -9.55 -28.77 23.64
C GLY A 447 -8.87 -28.05 22.50
N THR A 448 -8.98 -28.57 21.28
CA THR A 448 -8.27 -28.01 20.14
C THR A 448 -9.22 -27.76 18.98
N VAL A 449 -8.94 -26.68 18.24
CA VAL A 449 -9.72 -26.28 17.06
C VAL A 449 -8.82 -26.44 15.84
N TYR A 450 -9.33 -27.14 14.82
CA TYR A 450 -8.62 -27.37 13.58
C TYR A 450 -9.34 -26.66 12.43
N LEU A 451 -8.55 -26.01 11.58
CA LEU A 451 -9.07 -25.13 10.54
C LEU A 451 -8.19 -25.21 9.31
N THR A 452 -8.80 -24.90 8.17
CA THR A 452 -8.11 -24.54 6.95
C THR A 452 -8.35 -23.06 6.69
N ASN A 453 -7.76 -22.57 5.60
CA ASN A 453 -7.97 -21.18 5.22
C ASN A 453 -7.90 -21.06 3.71
N SER A 454 -8.67 -20.11 3.15
CA SER A 454 -8.64 -19.92 1.71
C SER A 454 -7.28 -19.46 1.21
N TRP A 455 -6.42 -18.97 2.09
CA TRP A 455 -5.05 -18.58 1.76
C TRP A 455 -4.11 -19.79 1.75
N ASP A 456 -4.67 -21.00 1.84
CA ASP A 456 -3.97 -22.28 1.79
C ASP A 456 -3.11 -22.51 3.02
N TRP A 457 -3.77 -22.65 4.18
CA TRP A 457 -3.12 -23.05 5.42
C TRP A 457 -3.98 -24.08 6.13
N ILE A 458 -3.33 -24.91 6.92
CA ILE A 458 -3.97 -25.76 7.91
C ILE A 458 -3.45 -25.33 9.27
N MET A 459 -4.31 -25.29 10.27
CA MET A 459 -3.84 -24.77 11.54
C MET A 459 -4.56 -25.45 12.69
N ALA A 460 -3.89 -25.42 13.84
CA ALA A 460 -4.47 -25.85 15.11
C ALA A 460 -4.33 -24.71 16.10
N ILE A 461 -5.41 -24.44 16.83
CA ILE A 461 -5.43 -23.39 17.85
C ILE A 461 -6.11 -23.94 19.09
N PRO A 462 -5.58 -23.68 20.30
CA PRO A 462 -6.26 -24.17 21.50
C PRO A 462 -7.62 -23.50 21.66
N LEU A 463 -8.62 -24.31 22.00
CA LEU A 463 -9.96 -23.79 22.21
C LEU A 463 -9.94 -22.63 23.20
N LYS A 464 -9.16 -22.76 24.28
CA LYS A 464 -9.12 -21.70 25.28
C LYS A 464 -8.53 -20.41 24.72
N THR A 465 -7.69 -20.51 23.69
CA THR A 465 -7.11 -19.32 23.07
C THR A 465 -8.16 -18.50 22.34
N ILE A 466 -9.08 -19.16 21.63
CA ILE A 466 -10.11 -18.42 20.90
C ILE A 466 -11.24 -17.97 21.80
N SER A 467 -11.27 -18.43 23.04
CA SER A 467 -12.30 -18.04 23.98
C SER A 467 -11.91 -16.85 24.85
N HIS A 468 -10.69 -16.34 24.70
CA HIS A 468 -10.21 -15.22 25.52
C HIS A 468 -9.41 -14.21 24.70
N VAL B 5 37.34 23.10 20.83
CA VAL B 5 36.58 21.94 20.36
C VAL B 5 36.55 20.81 21.39
N ALA B 6 35.36 20.27 21.64
CA ALA B 6 35.20 19.18 22.58
C ALA B 6 34.25 18.15 21.99
N VAL B 7 34.54 16.87 22.21
CA VAL B 7 33.62 15.79 21.83
C VAL B 7 33.50 14.86 23.02
N PRO B 8 32.44 14.04 23.07
CA PRO B 8 32.32 13.04 24.15
C PRO B 8 33.53 12.11 24.15
N MET B 9 34.21 12.04 25.29
CA MET B 9 35.45 11.27 25.35
C MET B 9 35.84 11.06 26.80
N ASP B 10 36.29 9.86 27.14
CA ASP B 10 37.09 9.68 28.35
C ASP B 10 38.53 9.84 27.91
N SER B 11 39.16 10.94 28.31
CA SER B 11 40.51 11.21 27.85
C SER B 11 41.52 10.23 28.42
N THR B 12 41.17 9.47 29.45
CA THR B 12 41.99 8.35 29.90
C THR B 12 41.46 6.99 29.46
N GLY B 13 40.38 6.95 28.68
CA GLY B 13 39.72 5.72 28.34
C GLY B 13 40.19 5.08 27.04
N PRO B 14 39.46 4.07 26.57
CA PRO B 14 39.92 3.31 25.40
C PRO B 14 39.85 4.07 24.08
N TYR B 15 39.03 5.11 23.97
CA TYR B 15 38.91 5.88 22.74
C TYR B 15 39.84 7.09 22.71
N ARG B 16 40.70 7.23 23.69
CA ARG B 16 41.55 8.40 23.78
C ARG B 16 42.62 8.38 22.70
N THR B 17 43.14 9.56 22.38
CA THR B 17 44.22 9.65 21.41
C THR B 17 45.51 9.14 22.04
N VAL B 18 46.07 8.10 21.43
CA VAL B 18 47.29 7.45 21.89
C VAL B 18 48.42 7.86 20.94
N SER B 19 49.53 8.32 21.50
CA SER B 19 50.63 8.88 20.71
C SER B 19 51.94 8.19 21.08
N HIS B 20 52.76 7.88 20.06
CA HIS B 20 54.12 7.33 20.25
C HIS B 20 55.10 8.07 19.36
N PRO B 21 55.61 9.22 19.82
CA PRO B 21 56.46 10.04 18.94
C PRO B 21 57.79 9.36 18.59
N GLU B 22 58.19 8.34 19.34
CA GLU B 22 59.40 7.60 19.04
C GLU B 22 59.24 6.64 17.87
N ASN B 23 58.02 6.47 17.35
CA ASN B 23 57.80 5.74 16.11
C ASN B 23 57.65 6.67 14.91
N ALA B 24 57.77 7.98 15.11
CA ALA B 24 57.67 8.93 14.01
C ALA B 24 58.86 8.77 13.06
N PRO B 25 58.67 9.06 11.77
CA PRO B 25 59.76 8.84 10.81
C PRO B 25 60.86 9.87 10.97
N SER B 26 62.09 9.42 10.73
CA SER B 26 63.24 10.30 10.77
C SER B 26 63.17 11.28 9.61
N GLY B 27 64.16 12.17 9.52
CA GLY B 27 64.09 13.25 8.54
C GLY B 27 64.11 12.76 7.11
N VAL B 28 65.00 11.82 6.80
CA VAL B 28 65.03 11.25 5.45
C VAL B 28 63.75 10.49 5.17
N ASP B 29 63.36 9.60 6.10
CA ASP B 29 62.14 8.82 5.95
C ASP B 29 60.90 9.70 5.87
N ALA B 30 60.95 10.90 6.46
CA ALA B 30 59.83 11.83 6.44
C ALA B 30 59.60 12.44 5.07
N GLY B 31 60.45 12.14 4.09
CA GLY B 31 60.21 12.57 2.73
C GLY B 31 59.79 11.50 1.74
N VAL B 32 59.40 10.32 2.20
CA VAL B 32 59.05 9.24 1.28
C VAL B 32 57.57 9.35 0.93
N GLY B 33 57.26 9.24 -0.36
CA GLY B 33 55.89 9.34 -0.82
C GLY B 33 55.50 10.78 -1.08
N PRO B 34 54.26 10.99 -1.54
CA PRO B 34 53.80 12.35 -1.83
C PRO B 34 53.70 13.17 -0.55
N SER B 35 53.58 14.49 -0.73
CA SER B 35 53.46 15.39 0.40
C SER B 35 52.02 15.74 0.73
N GLU B 36 51.05 15.21 -0.01
CA GLU B 36 49.65 15.48 0.28
C GLU B 36 48.83 14.34 -0.30
N TRP B 37 47.60 14.22 0.19
CA TRP B 37 46.64 13.25 -0.34
C TRP B 37 45.27 13.94 -0.33
N THR B 38 44.77 14.33 -1.49
CA THR B 38 43.62 15.22 -1.57
C THR B 38 42.30 14.53 -1.91
N HIS B 39 42.33 13.25 -2.24
CA HIS B 39 41.18 12.52 -2.78
C HIS B 39 41.16 11.11 -2.26
N ALA B 40 39.98 10.48 -2.30
CA ALA B 40 39.93 9.02 -2.33
C ALA B 40 40.79 8.52 -3.48
N TYR B 41 41.60 7.51 -3.23
CA TYR B 41 42.51 6.97 -4.23
C TYR B 41 43.47 8.05 -4.73
N ALA B 42 43.77 9.02 -3.85
CA ALA B 42 44.81 10.04 -3.93
C ALA B 42 44.54 11.21 -4.87
N ASN B 43 43.87 11.02 -6.00
CA ASN B 43 43.78 12.10 -6.98
C ASN B 43 42.53 11.91 -7.81
N PRO B 44 42.18 12.90 -8.65
CA PRO B 44 40.96 12.78 -9.49
C PRO B 44 41.00 11.62 -10.45
N ALA B 45 42.18 11.20 -10.92
CA ALA B 45 42.24 10.04 -11.81
C ALA B 45 42.13 8.71 -11.06
N HIS B 46 42.10 8.76 -9.72
CA HIS B 46 42.01 7.58 -8.85
C HIS B 46 43.19 6.61 -9.08
N ASN B 47 44.37 7.14 -9.36
CA ASN B 47 45.55 6.28 -9.54
C ASN B 47 46.54 6.59 -8.43
N ALA B 48 46.63 5.72 -7.42
CA ALA B 48 47.51 6.04 -6.31
C ALA B 48 48.81 5.29 -6.56
N ALA B 49 49.63 5.93 -7.40
CA ALA B 49 50.85 5.35 -7.93
C ALA B 49 51.92 6.42 -7.80
N PHE B 50 52.99 6.11 -7.08
CA PHE B 50 53.98 7.11 -6.69
C PHE B 50 55.40 6.60 -6.88
N PRO B 51 55.98 6.80 -8.06
CA PRO B 51 57.42 6.58 -8.20
C PRO B 51 58.17 7.53 -7.28
N VAL B 52 59.31 7.07 -6.75
CA VAL B 52 60.08 7.88 -5.81
C VAL B 52 61.12 8.72 -6.54
N PRO B 53 61.43 9.92 -6.05
CA PRO B 53 62.48 10.74 -6.67
C PRO B 53 63.84 10.08 -6.53
N ASP B 54 64.79 10.60 -7.32
CA ASP B 54 66.17 10.14 -7.24
C ASP B 54 66.70 10.21 -5.81
N ASP B 55 66.41 11.30 -5.10
CA ASP B 55 67.00 11.49 -3.78
C ASP B 55 66.29 10.73 -2.66
N ALA B 56 65.29 9.91 -2.99
CA ALA B 56 64.59 9.11 -1.97
C ALA B 56 65.47 7.97 -1.44
N PRO B 57 65.24 7.52 -0.21
CA PRO B 57 66.06 6.46 0.40
C PRO B 57 65.76 5.09 -0.16
N GLU B 58 66.64 4.13 0.19
CA GLU B 58 66.66 2.82 -0.45
C GLU B 58 65.58 1.85 0.06
N TRP B 59 65.17 1.96 1.34
CA TRP B 59 64.22 0.98 1.88
C TRP B 59 62.91 1.00 1.09
N ILE B 60 62.43 2.17 0.68
CA ILE B 60 61.17 2.24 -0.06
C ILE B 60 61.31 1.62 -1.44
N ARG B 61 62.50 1.66 -2.02
CA ARG B 61 62.72 1.05 -3.34
C ARG B 61 62.85 -0.46 -3.22
N ASN B 62 63.57 -0.94 -2.21
CA ASN B 62 63.72 -2.38 -2.04
C ASN B 62 62.42 -3.03 -1.65
N GLY B 63 61.56 -2.32 -0.93
CA GLY B 63 60.33 -2.84 -0.38
C GLY B 63 60.49 -3.22 1.08
N VAL B 64 59.41 -3.02 1.84
CA VAL B 64 59.39 -3.46 3.23
C VAL B 64 58.13 -4.29 3.42
N SER B 65 58.18 -5.14 4.44
CA SER B 65 57.11 -6.09 4.68
C SER B 65 56.70 -5.94 6.14
N TRP B 66 55.43 -5.61 6.37
CA TRP B 66 54.90 -5.66 7.72
C TRP B 66 53.39 -5.74 7.70
N LEU B 67 52.84 -6.17 8.84
CA LEU B 67 51.42 -6.39 9.02
C LEU B 67 51.02 -5.81 10.36
N PHE B 68 50.12 -4.83 10.35
CA PHE B 68 49.70 -4.11 11.55
C PHE B 68 48.24 -4.38 11.87
N PRO B 69 47.95 -5.07 12.98
CA PRO B 69 46.55 -5.27 13.37
C PRO B 69 45.90 -3.96 13.83
N GLU B 70 44.73 -3.66 13.26
CA GLU B 70 43.90 -2.61 13.82
C GLU B 70 43.03 -3.23 14.90
N ALA B 71 42.13 -2.43 15.50
CA ALA B 71 41.52 -2.76 16.78
C ALA B 71 40.62 -4.00 16.71
N ARG B 72 39.97 -4.24 15.57
CA ARG B 72 39.09 -5.39 15.36
C ARG B 72 39.75 -6.53 14.57
N ALA B 73 41.08 -6.55 14.48
CA ALA B 73 41.78 -7.46 13.58
C ALA B 73 41.30 -8.90 13.75
N TRP B 74 41.05 -9.54 12.61
CA TRP B 74 40.57 -10.91 12.47
C TRP B 74 41.57 -11.63 11.58
N PRO B 75 41.98 -12.85 11.94
CA PRO B 75 43.13 -13.45 11.24
C PRO B 75 42.81 -13.63 9.76
N LEU B 76 43.82 -13.38 8.92
CA LEU B 76 43.59 -13.32 7.48
C LEU B 76 43.19 -14.67 6.88
N ALA B 77 43.51 -15.78 7.54
CA ALA B 77 43.06 -17.08 7.07
C ALA B 77 41.62 -17.39 7.45
N ASN B 78 40.99 -16.57 8.29
CA ASN B 78 39.66 -16.91 8.77
C ASN B 78 38.59 -16.59 7.73
N PRO B 79 37.51 -17.36 7.72
CA PRO B 79 36.32 -16.96 6.98
C PRO B 79 35.64 -15.80 7.69
N PRO B 80 34.74 -15.08 7.03
CA PRO B 80 34.15 -13.89 7.64
C PRO B 80 33.47 -14.21 8.96
N PHE B 81 33.62 -13.32 9.93
CA PHE B 81 32.91 -13.46 11.18
C PHE B 81 31.41 -13.32 10.94
N GLY B 82 30.63 -14.18 11.58
CA GLY B 82 29.19 -14.19 11.37
C GLY B 82 28.74 -14.97 10.18
N SER B 83 29.60 -15.84 9.62
CA SER B 83 29.23 -16.61 8.44
C SER B 83 28.00 -17.46 8.70
N LYS B 84 28.00 -18.21 9.81
CA LYS B 84 26.93 -19.17 10.05
C LYS B 84 25.57 -18.49 10.21
N THR B 85 25.54 -17.33 10.87
CA THR B 85 24.26 -16.64 11.06
C THR B 85 23.85 -15.81 9.85
N TYR B 86 24.79 -15.07 9.26
CA TYR B 86 24.52 -14.16 8.16
C TYR B 86 24.67 -14.78 6.77
N GLY B 87 25.34 -15.91 6.64
CA GLY B 87 25.84 -16.31 5.33
C GLY B 87 27.18 -15.67 5.04
N ALA B 88 28.01 -16.30 4.21
CA ALA B 88 29.42 -15.89 4.11
C ALA B 88 29.57 -14.55 3.39
N ALA B 89 28.85 -14.37 2.27
CA ALA B 89 28.96 -13.13 1.50
C ALA B 89 28.45 -11.93 2.30
N GLU B 90 27.23 -12.05 2.83
CA GLU B 90 26.66 -10.98 3.65
C GLU B 90 27.53 -10.71 4.87
N ALA B 91 28.11 -11.76 5.46
CA ALA B 91 28.96 -11.56 6.62
C ALA B 91 30.22 -10.81 6.27
N SER B 92 30.79 -11.07 5.09
CA SER B 92 31.99 -10.34 4.70
C SER B 92 31.67 -8.87 4.44
N VAL B 93 30.56 -8.60 3.75
CA VAL B 93 30.14 -7.21 3.53
C VAL B 93 29.93 -6.49 4.86
N THR B 94 29.22 -7.14 5.79
CA THR B 94 28.97 -6.53 7.10
C THR B 94 30.28 -6.31 7.86
N GLN B 95 31.20 -7.28 7.79
CA GLN B 95 32.45 -7.12 8.50
C GLN B 95 33.27 -5.97 7.93
N THR B 96 33.32 -5.87 6.60
CA THR B 96 33.93 -4.70 5.98
C THR B 96 33.31 -3.41 6.51
N GLN B 97 31.98 -3.35 6.52
CA GLN B 97 31.29 -2.08 6.74
C GLN B 97 31.24 -1.66 8.20
N PHE B 98 31.33 -2.60 9.14
CA PHE B 98 31.31 -2.24 10.55
C PHE B 98 32.56 -2.55 11.37
N TYR B 99 33.47 -3.44 10.90
CA TYR B 99 34.72 -3.71 11.62
C TYR B 99 36.03 -3.32 10.92
N GLY B 100 36.06 -3.26 9.60
CA GLY B 100 37.29 -3.13 8.86
C GLY B 100 37.45 -1.89 8.01
N ASN B 101 38.47 -1.87 7.17
CA ASN B 101 38.68 -0.75 6.26
C ASN B 101 37.90 -0.97 4.98
N ALA B 102 37.11 0.02 4.60
CA ALA B 102 36.45 0.02 3.30
C ALA B 102 37.36 0.46 2.18
N LEU B 103 38.18 1.49 2.41
CA LEU B 103 39.11 1.93 1.38
C LEU B 103 40.54 1.64 1.81
N GLY B 104 41.47 1.95 0.93
CA GLY B 104 42.86 1.74 1.20
C GLY B 104 43.43 2.84 2.07
N PRO B 105 44.74 2.80 2.26
CA PRO B 105 45.41 3.80 3.09
C PRO B 105 45.80 5.01 2.25
N SER B 106 46.32 6.02 2.94
CA SER B 106 46.93 7.19 2.32
C SER B 106 48.37 7.25 2.84
N VAL B 107 49.32 7.49 1.96
CA VAL B 107 50.73 7.43 2.34
C VAL B 107 51.33 8.80 2.05
N VAL B 108 51.78 9.49 3.09
CA VAL B 108 52.30 10.84 2.98
C VAL B 108 53.47 10.99 3.94
N ASP B 109 54.59 11.52 3.43
CA ASP B 109 55.74 11.90 4.26
C ASP B 109 56.18 10.78 5.20
N GLY B 110 56.40 9.60 4.64
CA GLY B 110 56.91 8.49 5.44
C GLY B 110 55.93 7.87 6.41
N VAL B 111 54.64 8.21 6.34
CA VAL B 111 53.62 7.67 7.24
C VAL B 111 52.45 7.13 6.43
N VAL B 112 51.89 6.02 6.90
CA VAL B 112 50.71 5.38 6.34
C VAL B 112 49.51 5.72 7.25
N TYR B 113 48.54 6.44 6.71
CA TYR B 113 47.32 6.81 7.43
C TYR B 113 46.17 5.93 6.97
N ALA B 114 45.35 5.48 7.92
CA ALA B 114 44.18 4.68 7.59
C ALA B 114 43.03 5.08 8.49
N GLU B 115 41.82 4.74 8.06
CA GLU B 115 40.65 4.91 8.91
C GLU B 115 39.77 3.68 8.75
N SER B 116 39.08 3.32 9.82
CA SER B 116 38.44 2.03 9.82
C SER B 116 37.00 2.15 10.30
N ASP B 117 36.17 1.22 9.86
CA ASP B 117 34.83 1.15 10.44
C ASP B 117 34.84 0.75 11.90
N ASP B 118 35.98 0.29 12.43
CA ASP B 118 36.14 0.09 13.87
C ASP B 118 36.14 1.40 14.66
N MET B 119 36.03 2.54 13.97
CA MET B 119 35.84 3.88 14.52
C MET B 119 37.16 4.58 14.88
N PHE B 120 38.29 3.96 14.56
CA PHE B 120 39.59 4.57 14.79
C PHE B 120 40.25 5.00 13.48
N ALA B 121 41.09 6.04 13.61
CA ALA B 121 42.04 6.45 12.61
C ALA B 121 43.44 6.16 13.12
N TYR B 122 44.34 5.77 12.21
CA TYR B 122 45.67 5.28 12.55
C TYR B 122 46.71 5.99 11.69
N ALA B 123 47.87 6.28 12.30
CA ALA B 123 49.08 6.70 11.60
C ALA B 123 50.20 5.75 12.00
N VAL B 124 50.79 5.08 11.00
CA VAL B 124 51.77 4.03 11.17
C VAL B 124 53.03 4.38 10.38
N ASN B 125 54.20 4.18 10.97
CA ASN B 125 55.45 4.42 10.24
C ASN B 125 55.50 3.57 8.97
N ALA B 126 55.71 4.23 7.82
CA ALA B 126 55.68 3.53 6.54
C ALA B 126 56.81 2.51 6.41
N LYS B 127 57.95 2.76 7.05
CA LYS B 127 59.06 1.81 6.97
C LYS B 127 58.91 0.66 7.96
N THR B 128 58.65 1.00 9.23
CA THR B 128 58.74 0.04 10.32
C THR B 128 57.43 -0.62 10.73
N GLY B 129 56.28 -0.12 10.28
CA GLY B 129 55.06 -0.73 10.73
C GLY B 129 54.63 -0.42 12.16
N LYS B 130 55.28 0.54 12.82
CA LYS B 130 55.01 0.84 14.23
C LYS B 130 54.03 2.02 14.36
N LEU B 131 53.15 1.94 15.36
CA LEU B 131 52.07 2.91 15.54
C LEU B 131 52.60 4.27 15.99
N ILE B 132 52.33 5.31 15.19
CA ILE B 132 52.59 6.69 15.55
C ILE B 132 51.44 7.30 16.34
N TRP B 133 50.21 7.13 15.89
CA TRP B 133 49.09 7.49 16.74
C TRP B 133 47.83 6.77 16.31
N ARG B 134 46.85 6.72 17.21
CA ARG B 134 45.50 6.33 16.89
C ARG B 134 44.53 7.24 17.62
N ALA B 135 43.36 7.47 17.02
CA ALA B 135 42.40 8.43 17.53
C ALA B 135 41.00 7.96 17.17
N SER B 136 40.03 8.30 18.01
CA SER B 136 38.62 8.03 17.72
C SER B 136 37.79 9.23 18.18
N PRO B 137 37.83 10.33 17.42
CA PRO B 137 37.07 11.52 17.81
C PRO B 137 35.56 11.33 17.71
N VAL B 138 35.10 10.37 16.93
CA VAL B 138 33.68 10.20 16.70
C VAL B 138 33.38 8.71 16.70
N GLY B 139 32.27 8.36 17.33
CA GLY B 139 31.79 7.01 17.58
C GLY B 139 30.98 6.49 16.40
N ASN B 140 31.47 6.73 15.20
CA ASN B 140 30.80 6.29 13.98
C ASN B 140 31.83 5.62 13.08
N ASN B 141 31.35 4.93 12.04
CA ASN B 141 32.27 4.25 11.12
C ASN B 141 33.03 5.27 10.27
N LEU B 142 34.30 4.97 9.99
CA LEU B 142 35.14 5.79 9.12
C LEU B 142 35.43 4.99 7.86
N MET B 143 34.74 5.33 6.78
CA MET B 143 34.67 4.51 5.58
C MET B 143 35.48 4.99 4.38
N GLY B 144 36.30 6.04 4.53
CA GLY B 144 37.04 6.60 3.43
C GLY B 144 38.54 6.36 3.50
N ASN B 145 39.28 7.15 2.72
CA ASN B 145 40.69 7.16 3.10
C ASN B 145 41.04 8.55 3.62
N PRO B 146 41.94 8.63 4.58
CA PRO B 146 42.24 9.93 5.20
C PRO B 146 42.82 10.88 4.17
N LEU B 147 42.34 12.13 4.17
CA LEU B 147 43.03 13.15 3.39
C LEU B 147 44.14 13.75 4.25
N VAL B 148 45.25 14.11 3.62
CA VAL B 148 46.41 14.61 4.37
C VAL B 148 46.94 15.84 3.65
N ILE B 149 46.91 16.99 4.30
CA ILE B 149 47.44 18.21 3.69
C ILE B 149 48.11 19.01 4.79
N GLY B 150 49.33 19.46 4.53
CA GLY B 150 50.04 20.22 5.56
C GLY B 150 50.19 19.36 6.81
N ASN B 151 49.88 19.94 7.97
CA ASN B 151 49.91 19.23 9.24
C ASN B 151 48.55 18.66 9.67
N THR B 152 47.59 18.55 8.74
CA THR B 152 46.26 18.07 9.10
C THR B 152 45.85 16.82 8.32
N VAL B 153 45.17 15.90 9.02
CA VAL B 153 44.54 14.71 8.44
C VAL B 153 43.04 14.88 8.57
N TYR B 154 42.29 14.56 7.51
CA TYR B 154 40.84 14.76 7.48
C TYR B 154 40.13 13.41 7.32
N LEU B 155 39.18 13.17 8.22
CA LEU B 155 38.36 11.97 8.27
C LEU B 155 36.91 12.35 7.96
N SER B 156 36.15 11.39 7.46
CA SER B 156 34.72 11.59 7.35
C SER B 156 34.00 10.41 8.00
N ALA B 157 32.97 10.73 8.76
CA ALA B 157 32.23 9.78 9.57
C ALA B 157 30.86 9.55 8.97
N GLY B 158 30.49 8.27 8.81
CA GLY B 158 29.13 7.89 8.45
C GLY B 158 28.91 6.38 8.46
N SER B 159 27.63 6.01 8.61
CA SER B 159 27.18 4.63 8.63
C SER B 159 26.36 4.32 7.38
N VAL B 160 26.35 3.06 6.98
CA VAL B 160 25.52 2.63 5.86
C VAL B 160 24.05 2.60 6.18
N ALA B 161 23.67 2.78 7.44
CA ALA B 161 22.33 2.41 7.86
C ALA B 161 21.42 3.63 8.01
N PHE B 162 20.13 3.32 8.26
CA PHE B 162 19.03 4.28 8.35
C PHE B 162 18.33 4.07 9.68
N ASN B 163 17.83 5.15 10.28
CA ASN B 163 16.99 4.95 11.44
C ASN B 163 15.56 4.65 10.97
N PHE B 164 14.68 4.33 11.91
CA PHE B 164 13.34 3.91 11.52
C PHE B 164 12.55 5.04 10.88
N ALA B 165 12.64 6.25 11.45
CA ALA B 165 11.94 7.39 10.87
C ALA B 165 12.25 7.55 9.39
N ASN B 166 13.50 7.32 9.00
CA ASN B 166 13.87 7.46 7.60
C ASN B 166 13.52 6.22 6.78
N VAL B 167 13.43 5.04 7.41
CA VAL B 167 12.79 3.91 6.74
C VAL B 167 11.36 4.28 6.34
N LEU B 168 10.60 4.83 7.31
CA LEU B 168 9.21 5.20 7.05
C LEU B 168 9.11 6.27 5.97
N ARG B 169 10.04 7.24 5.98
CA ARG B 169 10.03 8.23 4.91
C ARG B 169 10.36 7.60 3.55
N TYR B 170 11.25 6.62 3.51
CA TYR B 170 11.54 5.99 2.22
C TYR B 170 10.32 5.24 1.70
N ALA B 171 9.54 4.64 2.60
CA ALA B 171 8.40 3.84 2.13
C ALA B 171 7.37 4.70 1.40
N HIS B 172 7.35 6.01 1.62
CA HIS B 172 6.36 6.90 1.01
C HIS B 172 6.97 7.73 -0.11
N ASN B 173 7.89 8.63 0.21
CA ASN B 173 8.67 9.35 -0.81
C ASN B 173 10.14 8.99 -0.62
N PRO B 174 10.72 8.15 -1.48
CA PRO B 174 12.16 7.84 -1.33
C PRO B 174 13.04 9.07 -1.24
N SER B 175 12.65 10.17 -1.91
CA SER B 175 13.43 11.40 -1.83
C SER B 175 13.38 12.06 -0.45
N ALA B 176 12.44 11.66 0.42
CA ALA B 176 12.38 12.18 1.78
C ALA B 176 13.40 11.53 2.70
N SER B 177 13.89 10.35 2.32
CA SER B 177 14.70 9.55 3.22
C SER B 177 16.13 10.09 3.27
N ALA B 178 16.71 10.08 4.48
CA ALA B 178 18.08 10.52 4.71
C ALA B 178 18.89 9.38 5.31
N ARG B 179 19.90 8.92 4.59
CA ARG B 179 20.78 7.89 5.13
C ARG B 179 21.70 8.45 6.21
N GLY B 180 21.87 7.70 7.30
CA GLY B 180 22.74 8.10 8.38
C GLY B 180 22.25 9.23 9.25
N LEU B 181 21.13 9.87 8.90
CA LEU B 181 20.59 10.93 9.75
C LEU B 181 20.15 10.33 11.07
N ASN B 182 20.66 10.87 12.17
CA ASN B 182 20.43 10.36 13.52
C ASN B 182 20.84 8.91 13.69
N VAL B 183 21.75 8.41 12.83
CA VAL B 183 22.46 7.17 13.09
C VAL B 183 23.85 7.61 13.50
N SER B 184 24.10 7.62 14.82
CA SER B 184 25.30 8.24 15.40
C SER B 184 25.49 9.68 14.90
N PHE B 185 26.75 10.08 14.72
CA PHE B 185 27.08 11.45 14.34
C PHE B 185 27.96 11.43 13.10
N ASN B 186 27.75 12.41 12.23
CA ASN B 186 28.31 12.40 10.89
C ASN B 186 29.20 13.60 10.67
N GLY B 187 30.12 13.49 9.71
CA GLY B 187 30.66 14.74 9.24
C GLY B 187 32.16 14.64 9.02
N ILE B 188 32.82 15.80 8.92
CA ILE B 188 34.27 15.84 8.69
C ILE B 188 34.95 16.09 10.03
N TYR B 189 35.97 15.31 10.34
CA TYR B 189 36.77 15.50 11.54
C TYR B 189 38.22 15.74 11.15
N ALA B 190 38.83 16.80 11.70
CA ALA B 190 40.19 17.19 11.36
C ALA B 190 41.13 16.94 12.55
N LEU B 191 42.26 16.27 12.28
CA LEU B 191 43.21 15.90 13.31
C LEU B 191 44.58 16.48 12.97
N ASN B 192 45.31 16.88 14.01
CA ASN B 192 46.72 17.21 13.87
C ASN B 192 47.47 15.99 13.34
N ARG B 193 48.18 16.16 12.22
CA ARG B 193 48.82 15.04 11.54
C ARG B 193 49.93 14.40 12.38
N SER B 194 50.64 15.19 13.18
CA SER B 194 51.78 14.64 13.91
C SER B 194 51.35 13.84 15.14
N ASN B 195 50.38 14.35 15.91
CA ASN B 195 49.96 13.66 17.12
C ASN B 195 48.52 13.12 17.14
N GLY B 196 47.70 13.38 16.12
CA GLY B 196 46.35 12.87 16.10
C GLY B 196 45.33 13.60 16.97
N LYS B 197 45.71 14.73 17.58
CA LYS B 197 44.77 15.47 18.42
C LYS B 197 43.73 16.17 17.56
N LEU B 198 42.51 16.30 18.11
CA LEU B 198 41.39 16.86 17.37
C LEU B 198 41.51 18.37 17.22
N LEU B 199 41.36 18.85 15.99
CA LEU B 199 41.45 20.27 15.67
C LEU B 199 40.06 20.91 15.59
N TRP B 200 39.21 20.36 14.74
CA TRP B 200 37.83 20.81 14.62
C TRP B 200 37.00 19.66 14.04
N TYR B 201 35.68 19.81 14.09
CA TYR B 201 34.82 18.94 13.31
C TYR B 201 33.67 19.77 12.74
N PHE B 202 33.16 19.31 11.60
CA PHE B 202 31.99 19.89 10.94
C PHE B 202 30.92 18.82 10.83
N ALA B 203 29.86 18.94 11.61
CA ALA B 203 28.79 17.95 11.61
C ALA B 203 27.89 18.15 10.41
N THR B 204 27.46 17.03 9.83
CA THR B 204 26.51 16.99 8.72
C THR B 204 25.26 16.22 9.15
N PRO B 205 24.09 16.60 8.64
CA PRO B 205 22.87 15.86 9.00
C PRO B 205 22.92 14.40 8.55
N GLY B 206 23.27 14.15 7.29
CA GLY B 206 23.37 12.79 6.81
C GLY B 206 24.78 12.22 6.96
N GLU B 207 24.88 10.91 6.78
CA GLU B 207 26.17 10.23 6.81
C GLU B 207 27.07 10.84 5.76
N THR B 208 28.36 10.94 6.07
CA THR B 208 29.32 11.13 4.99
C THR B 208 30.25 9.92 5.01
N MET B 209 29.80 8.85 4.33
CA MET B 209 30.69 7.71 4.14
C MET B 209 31.69 8.01 3.04
N ALA B 210 31.29 8.86 2.09
CA ALA B 210 32.18 9.24 1.01
C ALA B 210 33.36 10.03 1.54
N THR B 211 34.51 9.85 0.88
CA THR B 211 35.68 10.66 1.16
C THR B 211 35.50 12.05 0.56
N PRO B 212 35.82 13.11 1.30
CA PRO B 212 35.78 14.45 0.70
C PRO B 212 36.88 14.61 -0.33
N ALA B 213 36.86 15.76 -1.02
CA ALA B 213 37.97 16.19 -1.84
C ALA B 213 38.50 17.51 -1.31
N TYR B 214 39.81 17.69 -1.38
CA TYR B 214 40.48 18.92 -0.91
C TYR B 214 40.92 19.73 -2.12
N ASP B 215 40.56 21.01 -2.11
CA ASP B 215 41.13 21.92 -3.08
C ASP B 215 41.12 23.33 -2.51
N ASN B 216 42.21 24.07 -2.72
CA ASN B 216 42.26 25.49 -2.38
C ASN B 216 41.86 25.74 -0.93
N ASN B 217 42.46 24.96 -0.03
CA ASN B 217 42.23 25.09 1.41
C ASN B 217 40.77 24.87 1.80
N THR B 218 40.04 24.12 0.97
CA THR B 218 38.64 23.82 1.21
C THR B 218 38.36 22.34 1.02
N LEU B 219 37.46 21.80 1.84
CA LEU B 219 37.01 20.42 1.76
C LEU B 219 35.60 20.40 1.18
N PHE B 220 35.30 19.39 0.35
CA PHE B 220 34.03 19.31 -0.33
C PHE B 220 33.45 17.92 -0.09
N ILE B 221 32.18 17.88 0.33
CA ILE B 221 31.55 16.60 0.71
C ILE B 221 30.08 16.64 0.36
N ALA B 222 29.50 15.47 0.11
CA ALA B 222 28.06 15.32 -0.04
C ALA B 222 27.59 14.22 0.91
N ASP B 223 26.42 14.41 1.53
CA ASP B 223 26.00 13.52 2.61
C ASP B 223 24.78 12.71 2.19
N GLY B 224 24.31 11.86 3.10
CA GLY B 224 23.16 11.02 2.83
C GLY B 224 21.81 11.70 2.97
N ALA B 225 21.82 12.97 3.34
CA ALA B 225 20.63 13.81 3.47
C ALA B 225 20.40 14.74 2.28
N GLY B 226 21.18 14.61 1.21
CA GLY B 226 20.98 15.43 0.03
C GLY B 226 21.76 16.73 0.01
N ASN B 227 22.74 16.89 0.90
CA ASN B 227 23.47 18.13 1.07
C ASN B 227 24.89 17.99 0.50
N ALA B 228 25.32 18.96 -0.29
CA ALA B 228 26.73 19.15 -0.59
C ALA B 228 27.23 20.39 0.16
N PHE B 229 28.48 20.34 0.60
CA PHE B 229 29.11 21.36 1.42
C PHE B 229 30.50 21.68 0.91
N GLY B 230 30.83 22.98 0.87
CA GLY B 230 32.21 23.42 1.06
C GLY B 230 32.48 23.83 2.49
N ILE B 231 33.62 23.38 3.01
CA ILE B 231 34.06 23.53 4.40
C ILE B 231 35.50 24.00 4.38
N ASN B 232 35.81 25.08 5.10
CA ASN B 232 37.20 25.54 5.09
C ASN B 232 38.08 24.59 5.89
N ALA B 233 39.26 24.28 5.33
CA ALA B 233 40.08 23.21 5.89
C ALA B 233 40.77 23.64 7.17
N THR B 234 41.04 24.94 7.32
CA THR B 234 41.78 25.41 8.49
C THR B 234 40.86 25.54 9.70
N THR B 235 39.70 26.13 9.49
CA THR B 235 38.78 26.48 10.57
C THR B 235 37.60 25.53 10.75
N GLY B 236 37.31 24.68 9.76
CA GLY B 236 36.06 23.94 9.81
C GLY B 236 34.80 24.73 9.53
N LYS B 237 34.91 25.97 9.05
CA LYS B 237 33.71 26.78 8.85
C LYS B 237 33.06 26.49 7.51
N GLN B 238 31.74 26.59 7.47
CA GLN B 238 31.04 26.32 6.23
C GLN B 238 31.29 27.42 5.21
N VAL B 239 31.76 27.03 4.02
CA VAL B 239 31.84 27.96 2.92
C VAL B 239 30.50 28.08 2.21
N TRP B 240 29.91 26.95 1.88
CA TRP B 240 28.58 27.00 1.28
C TRP B 240 27.90 25.66 1.49
N LYS B 241 26.57 25.67 1.32
CA LYS B 241 25.76 24.47 1.35
C LYS B 241 24.79 24.52 0.18
N THR B 242 24.74 23.45 -0.59
CA THR B 242 23.80 23.31 -1.69
C THR B 242 23.02 22.04 -1.47
N HIS B 243 21.70 22.15 -1.36
CA HIS B 243 20.90 20.95 -1.14
C HIS B 243 20.49 20.46 -2.52
N VAL B 244 21.16 19.41 -2.99
CA VAL B 244 20.82 18.87 -4.30
C VAL B 244 19.74 17.79 -4.22
N GLY B 245 19.50 17.22 -3.04
CA GLY B 245 18.59 16.11 -2.88
C GLY B 245 19.27 14.76 -3.11
N GLY B 246 18.54 13.70 -2.78
CA GLY B 246 19.10 12.35 -2.97
C GLY B 246 20.06 12.00 -1.84
N MET B 247 20.90 10.99 -2.09
CA MET B 247 21.89 10.64 -1.07
C MET B 247 23.21 10.25 -1.70
N ASP B 248 24.29 10.75 -1.12
CA ASP B 248 25.63 10.31 -1.47
C ASP B 248 25.96 9.11 -0.59
N ASN B 249 26.08 7.93 -1.19
CA ASN B 249 26.37 6.75 -0.39
C ASN B 249 27.87 6.61 -0.25
N MET B 250 28.53 6.17 -1.31
CA MET B 250 29.98 6.08 -1.34
C MET B 250 30.64 6.97 -2.39
N SER B 251 29.94 7.94 -2.98
CA SER B 251 30.53 8.62 -4.13
C SER B 251 31.44 9.72 -3.59
N SER B 252 32.74 9.43 -3.55
CA SER B 252 33.72 10.37 -3.05
C SER B 252 33.88 11.52 -4.03
N VAL B 253 34.00 12.74 -3.51
CA VAL B 253 34.02 13.93 -4.33
C VAL B 253 35.32 13.99 -5.12
N THR B 254 35.25 14.53 -6.33
CA THR B 254 36.41 14.75 -7.18
C THR B 254 36.49 16.25 -7.48
N ALA B 255 37.58 16.88 -7.08
CA ALA B 255 37.82 18.28 -7.39
C ALA B 255 38.72 18.34 -8.60
N TYR B 256 38.22 18.95 -9.70
CA TYR B 256 38.95 19.00 -10.96
C TYR B 256 38.69 20.36 -11.62
N ARG B 257 39.77 21.08 -11.89
CA ARG B 257 39.74 22.42 -12.47
C ARG B 257 38.69 23.29 -11.81
N HIS B 258 38.77 23.36 -10.48
CA HIS B 258 37.96 24.25 -9.65
C HIS B 258 36.46 23.99 -9.78
N ASN B 259 36.06 22.80 -10.24
CA ASN B 259 34.70 22.29 -10.05
C ASN B 259 34.78 20.99 -9.25
N ILE B 260 33.67 20.61 -8.59
CA ILE B 260 33.62 19.34 -7.87
C ILE B 260 32.54 18.49 -8.50
N TYR B 261 32.74 17.18 -8.40
CA TYR B 261 31.93 16.18 -9.10
C TYR B 261 31.60 15.07 -8.13
N PHE B 262 30.33 14.70 -8.10
CA PHE B 262 29.90 13.61 -7.21
C PHE B 262 28.53 13.14 -7.69
N ALA B 263 28.16 11.92 -7.31
CA ALA B 263 26.89 11.34 -7.74
C ALA B 263 25.99 11.05 -6.54
N MET B 264 24.69 11.16 -6.77
CA MET B 264 23.68 10.96 -5.73
C MET B 264 22.69 9.92 -6.21
N ALA B 265 22.31 9.04 -5.27
CA ALA B 265 21.25 8.07 -5.48
C ALA B 265 19.88 8.67 -5.15
N ILE B 266 18.84 7.92 -5.48
CA ILE B 266 17.43 8.17 -5.21
C ILE B 266 16.91 9.34 -6.04
N LYS B 267 17.75 10.33 -6.27
CA LYS B 267 17.54 11.38 -7.25
C LYS B 267 18.81 11.21 -8.07
N PRO B 268 18.79 10.32 -9.04
CA PRO B 268 20.03 9.74 -9.57
C PRO B 268 20.78 10.67 -10.51
N TYR B 269 21.66 11.51 -9.98
CA TYR B 269 22.38 12.43 -10.86
C TYR B 269 23.85 12.47 -10.51
N LEU B 270 24.66 12.73 -11.53
CA LEU B 270 26.04 13.17 -11.39
C LEU B 270 26.07 14.70 -11.46
N TYR B 271 26.58 15.31 -10.41
CA TYR B 271 26.64 16.75 -10.24
C TYR B 271 28.03 17.28 -10.51
N CYS B 272 28.06 18.46 -11.13
CA CYS B 272 29.22 19.33 -11.23
C CYS B 272 28.81 20.66 -10.61
N LEU B 273 29.47 20.99 -9.49
CA LEU B 273 29.26 22.21 -8.73
C LEU B 273 30.50 23.10 -8.80
N ASN B 274 30.28 24.41 -8.81
CA ASN B 274 31.38 25.37 -8.72
C ASN B 274 31.98 25.32 -7.31
N GLU B 275 33.32 25.16 -7.24
CA GLU B 275 33.98 25.05 -5.93
C GLU B 275 33.78 26.31 -5.10
N SER B 276 33.71 27.47 -5.74
CA SER B 276 33.77 28.69 -4.95
C SER B 276 32.43 29.04 -4.29
N ASN B 277 31.31 28.82 -4.99
CA ASN B 277 30.00 29.04 -4.39
C ASN B 277 29.05 27.85 -4.26
N GLY B 278 29.40 26.66 -4.77
CA GLY B 278 28.46 25.56 -4.75
C GLY B 278 27.31 25.65 -5.75
N HIS B 279 27.39 26.54 -6.73
CA HIS B 279 26.35 26.62 -7.75
C HIS B 279 26.41 25.39 -8.65
N ILE B 280 25.23 24.89 -9.04
CA ILE B 280 25.18 23.70 -9.88
C ILE B 280 25.54 24.17 -11.29
N VAL B 281 26.68 23.69 -11.79
CA VAL B 281 27.09 23.99 -13.15
C VAL B 281 26.36 23.08 -14.12
N TRP B 282 26.34 21.79 -13.83
CA TRP B 282 25.55 20.90 -14.68
C TRP B 282 25.26 19.62 -13.93
N LYS B 283 24.27 18.88 -14.43
CA LYS B 283 23.93 17.56 -13.93
C LYS B 283 23.78 16.61 -15.11
N GLY B 284 24.07 15.34 -14.87
CA GLY B 284 24.01 14.36 -15.91
C GLY B 284 23.49 13.05 -15.35
N THR B 285 23.11 12.15 -16.24
CA THR B 285 22.53 10.89 -15.86
C THR B 285 23.23 9.76 -16.61
N ILE B 286 23.01 8.55 -16.12
CA ILE B 286 23.43 7.33 -16.79
C ILE B 286 22.16 6.57 -17.15
N PRO B 287 21.86 6.35 -18.43
CA PRO B 287 20.57 5.74 -18.79
C PRO B 287 20.45 4.33 -18.24
N GLY B 288 19.32 4.06 -17.59
CA GLY B 288 19.04 2.77 -17.01
C GLY B 288 19.61 2.53 -15.63
N ALA B 289 20.39 3.47 -15.09
CA ALA B 289 21.09 3.24 -13.83
C ALA B 289 20.10 2.99 -12.70
N SER B 290 20.49 2.10 -11.79
CA SER B 290 19.73 1.91 -10.57
C SER B 290 19.62 3.24 -9.81
N ASN B 291 18.39 3.65 -9.52
CA ASN B 291 18.21 4.86 -8.72
C ASN B 291 18.89 4.71 -7.37
N THR B 292 18.98 3.49 -6.87
CA THR B 292 19.64 3.20 -5.60
C THR B 292 21.15 3.08 -5.74
N GLY B 293 21.65 2.71 -6.92
CA GLY B 293 23.05 2.36 -7.01
C GLY B 293 24.04 3.40 -7.52
N ILE B 294 23.53 4.45 -8.19
CA ILE B 294 24.42 5.44 -8.79
C ILE B 294 25.15 6.26 -7.72
N GLY B 295 24.60 6.39 -6.53
CA GLY B 295 25.33 7.10 -5.50
C GLY B 295 26.46 6.34 -4.82
N ASP B 296 26.80 5.14 -5.29
CA ASP B 296 27.95 4.40 -4.74
C ASP B 296 29.28 4.80 -5.36
N VAL B 297 29.30 5.22 -6.62
CA VAL B 297 30.54 5.25 -7.41
C VAL B 297 31.12 6.66 -7.40
N SER B 298 32.41 6.75 -7.12
CA SER B 298 33.15 7.99 -7.17
C SER B 298 33.57 8.31 -8.61
N PRO B 299 33.19 9.46 -9.16
CA PRO B 299 33.59 9.77 -10.53
C PRO B 299 35.09 10.06 -10.63
N ALA B 300 35.67 9.70 -11.75
CA ALA B 300 37.07 10.03 -12.01
C ALA B 300 37.14 11.14 -13.05
N ALA B 301 38.18 11.95 -13.00
CA ALA B 301 38.33 13.07 -13.93
C ALA B 301 39.76 13.18 -14.44
N ALA B 302 39.92 13.34 -15.75
CA ALA B 302 41.23 13.67 -16.30
C ALA B 302 41.06 14.22 -17.71
N ASP B 303 42.03 15.03 -18.15
CA ASP B 303 42.07 15.50 -19.53
C ASP B 303 40.71 16.03 -20.01
N GLY B 304 39.99 16.73 -19.14
CA GLY B 304 38.72 17.34 -19.51
C GLY B 304 37.55 16.40 -19.60
N VAL B 305 37.68 15.18 -19.09
CA VAL B 305 36.64 14.17 -19.20
C VAL B 305 36.36 13.62 -17.80
N VAL B 306 35.07 13.56 -17.44
CA VAL B 306 34.63 12.96 -16.19
C VAL B 306 33.94 11.63 -16.51
N VAL B 307 34.23 10.59 -15.73
CA VAL B 307 33.82 9.22 -16.03
C VAL B 307 33.06 8.69 -14.84
N LEU B 308 31.91 8.08 -15.12
CA LEU B 308 31.11 7.46 -14.09
C LEU B 308 30.46 6.20 -14.65
N ASP B 309 30.23 5.22 -13.79
CA ASP B 309 29.47 4.05 -14.21
C ASP B 309 28.54 3.65 -13.08
N ALA B 310 27.48 2.91 -13.44
CA ALA B 310 26.50 2.48 -12.45
C ALA B 310 25.85 1.18 -12.91
N THR B 311 25.39 0.42 -11.92
CA THR B 311 24.73 -0.84 -12.18
C THR B 311 23.34 -0.61 -12.76
N THR B 312 22.96 -1.47 -13.69
CA THR B 312 21.67 -1.48 -14.39
C THR B 312 21.59 -0.29 -15.32
N MET B 321 21.23 -10.34 -16.07
CA MET B 321 20.02 -9.88 -15.39
C MET B 321 20.21 -8.47 -14.85
N PHE B 322 21.46 -8.14 -14.53
CA PHE B 322 21.85 -6.79 -14.18
C PHE B 322 22.92 -6.33 -15.15
N SER B 323 22.97 -5.03 -15.40
CA SER B 323 24.02 -4.50 -16.25
C SER B 323 24.85 -3.46 -15.49
N ASN B 324 25.84 -2.95 -16.20
CA ASN B 324 26.66 -1.85 -15.71
C ASN B 324 26.91 -0.96 -16.92
N VAL B 325 26.58 0.31 -16.80
CA VAL B 325 26.69 1.26 -17.91
C VAL B 325 27.71 2.31 -17.50
N ILE B 326 28.66 2.60 -18.39
CA ILE B 326 29.67 3.61 -18.18
C ILE B 326 29.40 4.76 -19.14
N ARG B 327 29.57 5.99 -18.65
CA ARG B 327 29.37 7.18 -19.45
C ARG B 327 30.47 8.19 -19.14
N ALA B 328 30.97 8.82 -20.20
CA ALA B 328 31.95 9.88 -20.12
C ALA B 328 31.28 11.21 -20.47
N PHE B 329 31.63 12.24 -19.71
CA PHE B 329 31.02 13.56 -19.79
C PHE B 329 32.11 14.60 -20.02
N ASP B 330 31.78 15.62 -20.79
CA ASP B 330 32.68 16.77 -20.87
C ASP B 330 32.73 17.47 -19.51
N ALA B 331 33.93 17.72 -19.00
CA ALA B 331 34.08 18.15 -17.62
C ALA B 331 33.46 19.52 -17.39
N LYS B 332 33.59 20.44 -18.35
CA LYS B 332 33.08 21.80 -18.13
C LYS B 332 31.58 21.91 -18.40
N THR B 333 31.07 21.21 -19.43
CA THR B 333 29.67 21.35 -19.86
C THR B 333 28.73 20.24 -19.48
N GLY B 334 29.22 19.06 -19.11
CA GLY B 334 28.33 17.93 -18.96
C GLY B 334 27.89 17.24 -20.24
N ALA B 335 28.34 17.69 -21.41
CA ALA B 335 28.00 17.01 -22.65
C ALA B 335 28.30 15.52 -22.54
N VAL B 336 27.45 14.69 -23.14
CA VAL B 336 27.68 13.25 -23.16
C VAL B 336 28.65 12.92 -24.29
N LEU B 337 29.82 12.38 -23.92
CA LEU B 337 30.82 11.97 -24.91
C LEU B 337 30.60 10.56 -25.41
N TRP B 338 30.37 9.61 -24.50
CA TRP B 338 30.07 8.25 -24.94
C TRP B 338 29.42 7.47 -23.80
N THR B 339 28.75 6.40 -24.19
CA THR B 339 28.01 5.54 -23.26
C THR B 339 28.16 4.11 -23.73
N ARG B 340 28.55 3.21 -22.83
CA ARG B 340 28.76 1.81 -23.17
C ARG B 340 28.09 0.93 -22.14
N ASN B 341 27.53 -0.18 -22.62
CA ASN B 341 27.09 -1.24 -21.73
C ASN B 341 28.28 -2.14 -21.44
N MET B 342 28.61 -2.28 -20.17
CA MET B 342 29.84 -2.98 -19.80
C MET B 342 29.68 -4.48 -19.81
N GLY B 343 28.46 -4.99 -19.90
CA GLY B 343 28.22 -6.42 -19.78
C GLY B 343 27.44 -6.75 -18.52
N SER B 344 26.88 -7.95 -18.52
CA SER B 344 25.89 -8.33 -17.52
C SER B 344 26.35 -9.55 -16.74
N GLY B 345 25.52 -9.93 -15.78
CA GLY B 345 25.80 -11.07 -14.93
C GLY B 345 24.68 -11.21 -13.91
N GLY B 346 24.62 -12.39 -13.31
CA GLY B 346 23.59 -12.68 -12.34
C GLY B 346 23.86 -12.10 -10.97
N LYS B 347 25.13 -11.82 -10.67
CA LYS B 347 25.54 -11.35 -9.35
C LYS B 347 24.78 -10.08 -8.95
N ILE B 348 24.17 -10.11 -7.76
CA ILE B 348 23.61 -8.90 -7.18
C ILE B 348 24.69 -8.30 -6.28
N PRO B 349 25.36 -7.24 -6.70
CA PRO B 349 26.41 -6.66 -5.88
C PRO B 349 25.85 -5.75 -4.79
N ALA B 350 26.55 -5.72 -3.65
CA ALA B 350 26.23 -4.75 -2.62
C ALA B 350 26.73 -3.36 -3.01
N PHE B 351 27.86 -3.29 -3.70
CA PHE B 351 28.41 -2.06 -4.26
C PHE B 351 28.07 -2.02 -5.75
N LYS B 352 27.36 -0.98 -6.16
CA LYS B 352 26.57 -0.92 -7.40
C LYS B 352 27.34 -0.35 -8.59
N GLY B 353 28.67 -0.37 -8.58
CA GLY B 353 29.43 -0.05 -9.76
C GLY B 353 30.87 -0.39 -9.53
N GLY B 354 31.73 -0.08 -10.49
CA GLY B 354 33.18 -0.07 -10.29
C GLY B 354 33.73 1.34 -10.19
N VAL B 355 34.74 1.53 -9.34
CA VAL B 355 35.38 2.85 -9.30
C VAL B 355 36.28 2.95 -10.52
N PRO B 356 36.11 3.94 -11.39
CA PRO B 356 37.02 4.09 -12.52
C PRO B 356 38.36 4.71 -12.13
N MET B 357 39.40 4.28 -12.84
CA MET B 357 40.72 4.90 -12.76
C MET B 357 41.08 5.33 -14.18
N ILE B 358 41.75 6.47 -14.32
CA ILE B 358 42.14 6.95 -15.65
C ILE B 358 43.65 7.09 -15.70
N HIS B 359 44.27 6.54 -16.75
CA HIS B 359 45.70 6.71 -16.95
C HIS B 359 45.98 6.80 -18.45
N ASN B 360 46.73 7.82 -18.87
CA ASN B 360 47.09 8.01 -20.28
C ASN B 360 45.88 7.95 -21.20
N ASN B 361 44.80 8.62 -20.82
CA ASN B 361 43.60 8.64 -21.69
C ASN B 361 43.05 7.23 -21.98
N ILE B 362 43.21 6.30 -21.02
CA ILE B 362 42.45 5.06 -20.99
C ILE B 362 41.78 4.96 -19.61
N VAL B 363 40.53 4.51 -19.59
CA VAL B 363 39.78 4.26 -18.37
C VAL B 363 39.82 2.78 -18.09
N TYR B 364 40.23 2.41 -16.88
CA TYR B 364 40.21 1.02 -16.42
C TYR B 364 39.17 0.92 -15.33
N VAL B 365 38.18 0.05 -15.52
CA VAL B 365 37.02 0.05 -14.63
C VAL B 365 36.45 -1.34 -14.52
N GLY B 366 36.00 -1.67 -13.32
CA GLY B 366 35.39 -2.95 -13.08
C GLY B 366 33.89 -2.97 -13.27
N ASN B 367 33.39 -4.19 -13.43
CA ASN B 367 31.96 -4.48 -13.56
C ASN B 367 31.68 -5.56 -12.51
N PRO B 368 31.20 -5.15 -11.33
CA PRO B 368 30.97 -6.15 -10.26
C PRO B 368 29.84 -7.11 -10.57
N VAL B 369 28.93 -6.76 -11.47
CA VAL B 369 27.86 -7.68 -11.83
C VAL B 369 28.41 -8.84 -12.64
N ALA B 370 29.33 -8.56 -13.57
CA ALA B 370 29.95 -9.56 -14.41
C ALA B 370 31.28 -10.07 -13.87
N SER B 371 31.79 -9.50 -12.78
CA SER B 371 33.09 -9.88 -12.24
C SER B 371 34.20 -9.67 -13.28
N THR B 372 34.18 -8.51 -13.94
CA THR B 372 35.18 -8.22 -14.96
C THR B 372 35.87 -6.89 -14.71
N TYR B 373 37.00 -6.70 -15.37
CA TYR B 373 37.64 -5.41 -15.56
C TYR B 373 37.74 -5.14 -17.04
N GLN B 374 37.60 -3.88 -17.44
CA GLN B 374 37.70 -3.54 -18.84
C GLN B 374 38.51 -2.26 -19.00
N ALA B 375 39.02 -2.08 -20.21
CA ALA B 375 39.73 -0.87 -20.58
C ALA B 375 39.02 -0.21 -21.76
N TYR B 376 38.66 1.07 -21.60
CA TYR B 376 38.04 1.87 -22.66
C TYR B 376 38.89 3.08 -22.97
N GLU B 377 38.91 3.49 -24.24
CA GLU B 377 39.53 4.75 -24.59
C GLU B 377 38.75 5.90 -23.94
N LEU B 378 39.48 6.78 -23.24
CA LEU B 378 38.85 7.93 -22.59
C LEU B 378 38.13 8.83 -23.59
N LYS B 379 38.71 9.04 -24.75
CA LYS B 379 38.12 9.99 -25.69
C LYS B 379 36.90 9.44 -26.42
N THR B 380 36.94 8.15 -26.79
CA THR B 380 35.92 7.56 -27.66
C THR B 380 35.03 6.51 -27.03
N GLY B 381 35.37 6.01 -25.84
CA GLY B 381 34.66 4.82 -25.36
C GLY B 381 34.91 3.52 -26.08
N LYS B 382 35.90 3.45 -26.98
CA LYS B 382 36.23 2.17 -27.60
C LYS B 382 36.72 1.18 -26.56
N LEU B 383 36.20 -0.05 -26.60
CA LEU B 383 36.59 -1.10 -25.66
C LEU B 383 37.86 -1.80 -26.13
N LEU B 384 38.92 -1.75 -25.32
CA LEU B 384 40.16 -2.44 -25.70
C LEU B 384 40.18 -3.91 -25.30
N TRP B 385 39.74 -4.23 -24.09
CA TRP B 385 39.78 -5.60 -23.62
C TRP B 385 38.91 -5.77 -22.39
N THR B 386 38.61 -7.05 -22.10
CA THR B 386 37.85 -7.48 -20.93
C THR B 386 38.61 -8.61 -20.25
N TRP B 387 38.80 -8.51 -18.93
CA TRP B 387 39.48 -9.51 -18.11
C TRP B 387 38.51 -10.03 -17.08
N HIS B 388 38.28 -11.34 -17.05
CA HIS B 388 37.32 -11.92 -16.12
C HIS B 388 38.02 -12.51 -14.92
N VAL B 389 37.45 -12.27 -13.74
CA VAL B 389 37.84 -12.85 -12.46
C VAL B 389 36.78 -13.87 -12.06
N PRO B 390 37.10 -15.16 -12.00
CA PRO B 390 36.10 -16.11 -11.48
C PRO B 390 35.70 -15.78 -10.06
N THR B 391 34.39 -15.74 -9.82
CA THR B 391 33.90 -15.39 -8.49
C THR B 391 34.38 -16.38 -7.43
N LYS B 392 34.49 -17.66 -7.81
CA LYS B 392 35.12 -18.64 -6.94
C LYS B 392 36.59 -18.32 -6.67
N VAL B 393 37.23 -17.52 -7.54
CA VAL B 393 38.60 -17.09 -7.28
C VAL B 393 38.63 -15.89 -6.34
N ALA B 394 37.83 -14.86 -6.64
CA ALA B 394 37.66 -13.71 -5.74
C ALA B 394 36.22 -13.22 -5.82
N ALA B 395 35.53 -13.15 -4.69
CA ALA B 395 34.19 -12.59 -4.69
C ALA B 395 34.27 -11.05 -4.77
N GLY B 396 33.16 -10.45 -5.19
CA GLY B 396 33.07 -8.99 -5.21
C GLY B 396 34.03 -8.34 -6.17
N ALA B 397 34.48 -9.08 -7.18
CA ALA B 397 35.48 -8.59 -8.11
C ALA B 397 34.89 -7.53 -9.01
N GLY B 398 35.62 -6.43 -9.18
CA GLY B 398 35.24 -5.38 -10.08
C GLY B 398 34.70 -4.14 -9.42
N ARG B 399 34.61 -4.10 -8.08
CA ARG B 399 34.18 -2.88 -7.41
C ARG B 399 35.32 -1.87 -7.32
N SER B 400 36.51 -2.33 -7.03
CA SER B 400 37.66 -1.46 -6.80
C SER B 400 38.33 -1.06 -8.11
N ALA B 401 38.91 0.15 -8.11
CA ALA B 401 39.71 0.66 -9.22
C ALA B 401 41.10 0.01 -9.24
N PRO B 402 41.63 -0.29 -10.42
CA PRO B 402 43.03 -0.69 -10.52
C PRO B 402 43.94 0.49 -10.20
N THR B 403 45.18 0.16 -9.88
CA THR B 403 46.26 1.12 -9.79
C THR B 403 47.24 0.83 -10.93
N TYR B 404 47.57 1.84 -11.73
CA TYR B 404 48.48 1.67 -12.86
C TYR B 404 49.86 2.15 -12.41
N TYR B 405 50.77 1.22 -12.17
CA TYR B 405 52.09 1.54 -11.62
C TYR B 405 53.17 0.87 -12.46
N LYS B 406 54.11 1.67 -12.95
CA LYS B 406 55.24 1.18 -13.76
C LYS B 406 54.77 0.20 -14.83
N GLY B 407 53.76 0.63 -15.58
CA GLY B 407 53.29 -0.10 -16.73
C GLY B 407 52.39 -1.29 -16.44
N LEU B 408 52.03 -1.55 -15.19
CA LEU B 408 51.18 -2.71 -14.91
C LEU B 408 49.98 -2.31 -14.05
N LEU B 409 48.89 -3.06 -14.18
CA LEU B 409 47.69 -2.84 -13.37
C LEU B 409 47.77 -3.71 -12.12
N TYR B 410 47.46 -3.11 -10.98
CA TYR B 410 47.36 -3.83 -9.71
C TYR B 410 45.94 -3.72 -9.20
N ILE B 411 45.34 -4.86 -8.90
CA ILE B 411 43.93 -4.90 -8.50
C ILE B 411 43.82 -5.71 -7.22
N THR B 412 43.25 -5.11 -6.18
CA THR B 412 42.96 -5.84 -4.94
C THR B 412 41.48 -6.16 -4.90
N THR B 413 41.15 -7.45 -4.91
CA THR B 413 39.78 -7.86 -4.69
C THR B 413 39.80 -9.27 -4.12
N GLY B 414 38.73 -9.59 -3.41
CA GLY B 414 38.68 -10.88 -2.74
C GLY B 414 39.82 -10.97 -1.74
N GLN B 415 40.53 -12.09 -1.80
CA GLN B 415 41.70 -12.33 -0.96
C GLN B 415 43.01 -12.02 -1.65
N TYR B 416 42.98 -11.44 -2.85
CA TYR B 416 44.17 -11.38 -3.68
C TYR B 416 44.50 -9.95 -4.11
N ILE B 417 45.77 -9.75 -4.41
CA ILE B 417 46.20 -8.69 -5.31
C ILE B 417 46.58 -9.35 -6.63
N PHE B 418 46.03 -8.84 -7.73
CA PHE B 418 46.28 -9.29 -9.09
C PHE B 418 47.17 -8.30 -9.85
N VAL B 419 48.00 -8.82 -10.73
CA VAL B 419 48.83 -8.04 -11.64
C VAL B 419 48.39 -8.38 -13.05
N VAL B 420 47.90 -7.36 -13.78
CA VAL B 420 47.27 -7.50 -15.10
C VAL B 420 48.00 -6.61 -16.11
N ASN B 421 48.22 -7.13 -17.31
CA ASN B 421 48.89 -6.38 -18.36
C ASN B 421 47.89 -5.40 -18.98
N PRO B 422 48.12 -4.09 -18.89
CA PRO B 422 47.14 -3.12 -19.40
C PRO B 422 47.02 -3.11 -20.90
N ALA B 423 47.98 -3.67 -21.65
CA ALA B 423 47.85 -3.71 -23.09
C ALA B 423 46.96 -4.85 -23.55
N THR B 424 47.15 -6.03 -22.98
CA THR B 424 46.40 -7.21 -23.39
C THR B 424 45.23 -7.54 -22.48
N GLY B 425 45.17 -6.98 -21.29
CA GLY B 425 44.17 -7.41 -20.31
C GLY B 425 44.35 -8.84 -19.82
N LYS B 426 45.56 -9.38 -19.84
CA LYS B 426 45.84 -10.71 -19.35
C LYS B 426 46.49 -10.63 -17.99
N GLU B 427 46.03 -11.49 -17.07
CA GLU B 427 46.69 -11.58 -15.77
C GLU B 427 48.14 -12.04 -15.95
N LEU B 428 49.04 -11.37 -15.25
CA LEU B 428 50.46 -11.70 -15.17
C LEU B 428 50.79 -12.42 -13.87
N HIS B 429 50.39 -11.87 -12.73
CA HIS B 429 50.68 -12.50 -11.45
C HIS B 429 49.48 -12.37 -10.53
N GLN B 430 49.49 -13.15 -9.45
CA GLN B 430 48.52 -12.94 -8.38
C GLN B 430 49.18 -13.36 -7.07
N HIS B 431 48.79 -12.70 -5.99
CA HIS B 431 49.41 -12.96 -4.71
C HIS B 431 48.32 -12.99 -3.65
N HIS B 432 48.28 -14.09 -2.90
CA HIS B 432 47.22 -14.29 -1.92
C HIS B 432 47.57 -13.59 -0.62
N ILE B 433 46.62 -12.80 -0.14
CA ILE B 433 46.72 -12.07 1.11
C ILE B 433 45.81 -12.67 2.17
N GLY B 434 44.56 -12.85 1.84
CA GLY B 434 43.57 -13.34 2.77
C GLY B 434 42.65 -12.23 3.19
N GLY B 435 41.87 -12.51 4.23
CA GLY B 435 40.86 -11.57 4.63
C GLY B 435 39.97 -11.23 3.46
N GLN B 436 39.60 -9.97 3.36
CA GLN B 436 38.81 -9.53 2.21
C GLN B 436 39.17 -8.08 1.93
N PHE B 437 39.13 -7.71 0.67
CA PHE B 437 39.33 -6.32 0.32
C PHE B 437 37.97 -5.64 0.14
N GLY B 438 37.92 -4.37 0.51
CA GLY B 438 36.74 -3.53 0.46
C GLY B 438 36.67 -2.92 -0.92
N ILE B 439 36.41 -1.63 -1.05
CA ILE B 439 36.56 -0.96 -2.34
C ILE B 439 37.94 -0.33 -2.25
N GLU B 440 38.95 -1.11 -2.58
CA GLU B 440 40.30 -0.75 -2.20
C GLU B 440 41.18 -0.77 -3.43
N SER B 441 41.96 0.29 -3.61
CA SER B 441 42.96 0.21 -4.65
C SER B 441 44.33 0.19 -4.01
N PRO B 442 45.25 -0.60 -4.56
CA PRO B 442 46.58 -0.69 -3.97
C PRO B 442 47.26 0.68 -4.02
N VAL B 443 47.94 1.04 -2.94
CA VAL B 443 48.72 2.27 -2.91
C VAL B 443 50.17 1.88 -3.11
N ILE B 444 50.80 2.30 -4.19
CA ILE B 444 52.13 1.81 -4.53
C ILE B 444 53.12 2.99 -4.57
N VAL B 445 54.20 2.85 -3.80
CA VAL B 445 55.22 3.89 -3.61
C VAL B 445 56.57 3.23 -3.77
N GLY B 446 57.34 3.64 -4.78
CA GLY B 446 58.67 3.07 -4.91
C GLY B 446 58.62 1.59 -5.18
N GLY B 447 59.20 0.79 -4.28
CA GLY B 447 59.09 -0.66 -4.36
C GLY B 447 58.16 -1.31 -3.35
N THR B 448 57.21 -0.54 -2.79
CA THR B 448 56.39 -1.01 -1.69
C THR B 448 54.90 -0.79 -1.98
N VAL B 449 54.10 -1.80 -1.66
CA VAL B 449 52.64 -1.75 -1.78
C VAL B 449 52.04 -1.62 -0.38
N TYR B 450 51.22 -0.59 -0.19
CA TYR B 450 50.51 -0.38 1.07
C TYR B 450 49.03 -0.66 0.87
N LEU B 451 48.47 -1.45 1.78
CA LEU B 451 47.08 -1.88 1.68
C LEU B 451 46.44 -1.85 3.06
N THR B 452 45.11 -1.79 3.06
CA THR B 452 44.27 -2.11 4.21
C THR B 452 43.52 -3.41 3.89
N ASN B 453 42.74 -3.89 4.84
CA ASN B 453 41.96 -5.09 4.58
C ASN B 453 40.65 -5.04 5.37
N SER B 454 39.63 -5.70 4.83
CA SER B 454 38.31 -5.74 5.49
C SER B 454 38.39 -6.39 6.86
N TRP B 455 39.40 -7.21 7.11
CA TRP B 455 39.56 -7.89 8.40
C TRP B 455 40.23 -7.00 9.44
N ASP B 456 40.38 -5.71 9.12
CA ASP B 456 41.03 -4.70 9.95
C ASP B 456 42.53 -4.90 10.16
N TRP B 457 43.28 -4.83 9.05
CA TRP B 457 44.74 -4.80 9.04
C TRP B 457 45.22 -3.69 8.11
N ILE B 458 46.39 -3.16 8.44
CA ILE B 458 47.18 -2.31 7.54
C ILE B 458 48.44 -3.10 7.21
N MET B 459 48.95 -2.96 5.99
CA MET B 459 50.10 -3.79 5.65
C MET B 459 50.97 -3.16 4.58
N ALA B 460 52.24 -3.58 4.60
CA ALA B 460 53.23 -3.26 3.58
C ALA B 460 53.71 -4.57 2.99
N ILE B 461 53.69 -4.66 1.66
CA ILE B 461 54.21 -5.84 0.97
C ILE B 461 55.21 -5.36 -0.08
N PRO B 462 56.36 -6.01 -0.22
CA PRO B 462 57.29 -5.61 -1.28
C PRO B 462 56.69 -5.87 -2.65
N LEU B 463 56.86 -4.89 -3.54
CA LEU B 463 56.40 -5.06 -4.92
C LEU B 463 57.00 -6.32 -5.55
N LYS B 464 58.32 -6.52 -5.35
CA LYS B 464 58.99 -7.72 -5.88
C LYS B 464 58.37 -9.01 -5.38
N THR B 465 57.80 -9.01 -4.18
CA THR B 465 57.06 -10.18 -3.71
C THR B 465 55.80 -10.41 -4.53
N ILE B 466 55.20 -9.33 -5.02
CA ILE B 466 53.97 -9.46 -5.80
C ILE B 466 54.26 -9.79 -7.26
N SER B 467 55.28 -9.16 -7.85
CA SER B 467 55.73 -9.59 -9.18
C SER B 467 56.22 -11.03 -9.13
N HIS B 468 57.03 -11.36 -8.14
CA HIS B 468 57.74 -12.64 -8.13
C HIS B 468 57.43 -13.45 -6.86
N VAL C 5 9.34 -11.06 -6.52
CA VAL C 5 7.91 -10.76 -6.49
C VAL C 5 7.17 -11.84 -5.71
N ALA C 6 6.20 -11.44 -4.90
CA ALA C 6 5.53 -12.34 -3.97
C ALA C 6 4.23 -12.87 -4.58
N VAL C 7 4.14 -14.18 -4.73
CA VAL C 7 2.92 -14.85 -5.16
C VAL C 7 2.59 -15.92 -4.14
N PRO C 8 1.34 -16.40 -4.11
CA PRO C 8 1.01 -17.47 -3.17
C PRO C 8 1.92 -18.68 -3.40
N MET C 9 2.66 -19.05 -2.36
CA MET C 9 3.68 -20.07 -2.54
C MET C 9 4.15 -20.57 -1.17
N ASP C 10 4.34 -21.87 -1.06
CA ASP C 10 5.18 -22.44 -0.02
C ASP C 10 6.57 -22.62 -0.61
N SER C 11 7.52 -21.81 -0.13
CA SER C 11 8.85 -21.80 -0.74
C SER C 11 9.57 -23.12 -0.56
N THR C 12 9.14 -23.94 0.39
CA THR C 12 9.65 -25.28 0.58
C THR C 12 8.75 -26.36 -0.02
N GLY C 13 7.66 -25.97 -0.68
CA GLY C 13 6.66 -26.90 -1.15
C GLY C 13 6.83 -27.35 -2.58
N PRO C 14 5.84 -28.11 -3.07
CA PRO C 14 5.99 -28.75 -4.40
C PRO C 14 5.97 -27.78 -5.57
N TYR C 15 5.46 -26.56 -5.41
CA TYR C 15 5.48 -25.58 -6.50
C TYR C 15 6.69 -24.67 -6.45
N ARG C 16 7.63 -24.90 -5.54
CA ARG C 16 8.78 -24.03 -5.41
C ARG C 16 9.62 -24.03 -6.69
N THR C 17 10.32 -22.93 -6.90
CA THR C 17 11.27 -22.90 -8.00
C THR C 17 12.50 -23.70 -7.59
N VAL C 18 12.85 -24.70 -8.38
CA VAL C 18 14.01 -25.55 -8.17
C VAL C 18 15.01 -25.25 -9.27
N SER C 19 16.30 -25.15 -8.92
CA SER C 19 17.32 -24.90 -9.92
C SER C 19 18.51 -25.82 -9.68
N HIS C 20 19.05 -26.39 -10.76
CA HIS C 20 20.21 -27.27 -10.73
C HIS C 20 21.29 -26.61 -11.58
N PRO C 21 21.98 -25.61 -11.05
CA PRO C 21 22.94 -24.86 -11.88
C PRO C 21 24.02 -25.73 -12.52
N GLU C 22 24.36 -26.87 -11.92
CA GLU C 22 25.36 -27.76 -12.51
C GLU C 22 24.88 -28.40 -13.80
N ASN C 23 23.60 -28.30 -14.15
CA ASN C 23 23.13 -28.84 -15.41
C ASN C 23 23.11 -27.83 -16.55
N ALA C 24 23.42 -26.57 -16.25
CA ALA C 24 23.35 -25.53 -17.26
C ALA C 24 24.52 -25.70 -18.22
N PRO C 25 24.33 -25.44 -19.51
CA PRO C 25 25.44 -25.58 -20.45
C PRO C 25 26.44 -24.46 -20.24
N SER C 26 27.68 -24.75 -20.62
CA SER C 26 28.77 -23.79 -20.52
C SER C 26 29.54 -23.76 -21.82
N GLY C 27 30.26 -22.66 -22.04
CA GLY C 27 31.14 -22.57 -23.19
C GLY C 27 30.38 -22.78 -24.50
N VAL C 28 30.98 -23.60 -25.37
CA VAL C 28 30.43 -23.79 -26.70
C VAL C 28 29.01 -24.35 -26.64
N ASP C 29 28.74 -25.21 -25.65
CA ASP C 29 27.39 -25.76 -25.49
C ASP C 29 26.36 -24.66 -25.27
N ALA C 30 26.74 -23.57 -24.62
CA ALA C 30 25.79 -22.48 -24.39
C ALA C 30 25.62 -21.57 -25.61
N GLY C 31 26.29 -21.88 -26.72
CA GLY C 31 26.09 -21.16 -27.97
C GLY C 31 25.33 -21.94 -29.02
N VAL C 32 24.72 -23.06 -28.66
CA VAL C 32 24.04 -23.94 -29.60
C VAL C 32 22.60 -23.47 -29.79
N GLY C 33 22.19 -23.30 -31.04
CA GLY C 33 20.85 -22.85 -31.36
C GLY C 33 20.79 -21.34 -31.41
N PRO C 34 19.58 -20.78 -31.58
CA PRO C 34 19.44 -19.32 -31.63
C PRO C 34 19.73 -18.70 -30.26
N SER C 35 19.93 -17.39 -30.29
CA SER C 35 20.15 -16.61 -29.08
C SER C 35 18.89 -15.94 -28.56
N GLU C 36 17.75 -16.13 -29.23
CA GLU C 36 16.51 -15.51 -28.80
C GLU C 36 15.36 -16.31 -29.38
N TRP C 37 14.20 -16.23 -28.74
CA TRP C 37 12.98 -16.85 -29.27
C TRP C 37 11.83 -15.88 -29.04
N THR C 38 11.35 -15.24 -30.11
CA THR C 38 10.45 -14.10 -29.98
C THR C 38 8.97 -14.41 -30.26
N HIS C 39 8.65 -15.60 -30.75
CA HIS C 39 7.30 -15.90 -31.23
C HIS C 39 6.92 -17.31 -30.85
N ALA C 40 5.62 -17.56 -30.85
CA ALA C 40 5.16 -18.92 -31.06
C ALA C 40 5.83 -19.42 -32.34
N TYR C 41 6.35 -20.65 -32.29
CA TYR C 41 7.02 -21.26 -33.45
C TYR C 41 8.22 -20.43 -33.90
N ALA C 42 8.80 -19.68 -32.96
CA ALA C 42 10.07 -18.96 -33.01
C ALA C 42 10.11 -17.67 -33.84
N ASN C 43 9.31 -17.54 -34.90
CA ASN C 43 9.45 -16.35 -35.74
C ASN C 43 8.14 -16.12 -36.47
N PRO C 44 8.00 -14.98 -37.17
CA PRO C 44 6.74 -14.70 -37.88
C PRO C 44 6.39 -15.68 -38.96
N ALA C 45 7.40 -16.31 -39.57
CA ALA C 45 7.16 -17.31 -40.60
C ALA C 45 6.72 -18.64 -40.01
N HIS C 46 6.78 -18.79 -38.68
CA HIS C 46 6.44 -20.04 -38.00
C HIS C 46 7.32 -21.19 -38.47
N ASN C 47 8.59 -20.91 -38.75
CA ASN C 47 9.53 -21.95 -39.17
C ASN C 47 10.68 -22.05 -38.16
N ALA C 48 10.62 -23.11 -37.35
CA ALA C 48 11.51 -23.38 -36.22
C ALA C 48 12.80 -24.09 -36.63
N ALA C 49 13.26 -23.86 -37.85
CA ALA C 49 14.42 -24.52 -38.43
C ALA C 49 15.72 -23.73 -38.16
N PHE C 50 16.73 -24.39 -37.57
CA PHE C 50 17.97 -23.71 -37.16
C PHE C 50 19.22 -24.47 -37.56
N PRO C 51 19.76 -24.20 -38.76
CA PRO C 51 21.10 -24.71 -39.09
C PRO C 51 22.12 -24.24 -38.07
N VAL C 52 23.18 -25.04 -37.89
CA VAL C 52 24.22 -24.70 -36.92
C VAL C 52 25.53 -24.39 -37.65
N PRO C 53 26.41 -23.58 -37.06
CA PRO C 53 27.70 -23.26 -37.70
C PRO C 53 28.58 -24.48 -37.91
N ASP C 54 29.55 -24.34 -38.82
CA ASP C 54 30.54 -25.41 -39.03
C ASP C 54 31.26 -25.79 -37.75
N ASP C 55 31.48 -24.81 -36.86
CA ASP C 55 32.18 -25.04 -35.61
C ASP C 55 31.29 -25.56 -34.49
N ALA C 56 30.02 -25.83 -34.76
CA ALA C 56 29.11 -26.30 -33.72
C ALA C 56 29.64 -27.59 -33.09
N PRO C 57 29.36 -27.83 -31.80
CA PRO C 57 29.77 -29.08 -31.17
C PRO C 57 29.20 -30.28 -31.91
N GLU C 58 29.92 -31.39 -31.85
CA GLU C 58 29.48 -32.57 -32.60
C GLU C 58 28.15 -33.09 -32.11
N TRP C 59 27.82 -32.90 -30.82
CA TRP C 59 26.61 -33.53 -30.31
C TRP C 59 25.37 -32.99 -31.01
N ILE C 60 25.28 -31.68 -31.21
CA ILE C 60 24.11 -31.12 -31.85
C ILE C 60 24.00 -31.57 -33.30
N ARG C 61 25.15 -31.71 -33.99
CA ARG C 61 25.14 -32.10 -35.41
C ARG C 61 24.84 -33.58 -35.59
N ASN C 62 25.49 -34.44 -34.81
CA ASN C 62 25.26 -35.87 -34.90
C ASN C 62 23.91 -36.25 -34.32
N GLY C 63 23.42 -35.50 -33.36
CA GLY C 63 22.14 -35.73 -32.72
C GLY C 63 22.29 -36.33 -31.33
N VAL C 64 21.33 -36.01 -30.46
CA VAL C 64 21.26 -36.61 -29.13
C VAL C 64 19.85 -37.14 -28.93
N SER C 65 19.75 -38.17 -28.10
CA SER C 65 18.47 -38.84 -27.87
C SER C 65 18.20 -38.85 -26.38
N TRP C 66 17.17 -38.12 -25.95
CA TRP C 66 16.80 -38.20 -24.54
C TRP C 66 15.31 -37.91 -24.39
N LEU C 67 14.80 -38.29 -23.22
CA LEU C 67 13.38 -38.18 -22.91
C LEU C 67 13.27 -37.71 -21.46
N PHE C 68 12.60 -36.58 -21.27
CA PHE C 68 12.45 -35.93 -19.97
C PHE C 68 10.97 -35.92 -19.59
N PRO C 69 10.57 -36.62 -18.53
CA PRO C 69 9.17 -36.52 -18.07
C PRO C 69 8.93 -35.18 -17.40
N GLU C 70 7.87 -34.50 -17.83
CA GLU C 70 7.36 -33.36 -17.05
C GLU C 70 6.48 -33.90 -15.91
N ALA C 71 5.87 -32.99 -15.16
CA ALA C 71 5.30 -33.38 -13.86
C ALA C 71 4.16 -34.40 -13.97
N ARG C 72 3.40 -34.37 -15.06
CA ARG C 72 2.26 -35.25 -15.34
C ARG C 72 2.56 -36.34 -16.37
N ALA C 73 3.83 -36.67 -16.61
CA ALA C 73 4.18 -37.57 -17.69
C ALA C 73 3.36 -38.86 -17.68
N TRP C 74 2.85 -39.23 -18.86
CA TRP C 74 2.07 -40.43 -19.09
C TRP C 74 2.76 -41.23 -20.18
N PRO C 75 2.93 -42.55 -20.02
CA PRO C 75 3.75 -43.31 -20.98
C PRO C 75 3.26 -43.16 -22.41
N LEU C 76 4.20 -42.93 -23.33
CA LEU C 76 3.85 -42.63 -24.71
C LEU C 76 3.11 -43.76 -25.41
N ALA C 77 3.27 -45.00 -24.93
CA ALA C 77 2.52 -46.10 -25.52
C ALA C 77 1.07 -46.16 -25.07
N ASN C 78 0.69 -45.42 -24.00
CA ASN C 78 -0.65 -45.52 -23.43
C ASN C 78 -1.67 -44.76 -24.28
N PRO C 79 -2.94 -45.15 -24.21
CA PRO C 79 -3.98 -44.33 -24.83
C PRO C 79 -4.29 -43.13 -23.95
N PRO C 80 -5.14 -42.21 -24.40
CA PRO C 80 -5.41 -41.00 -23.61
C PRO C 80 -6.02 -41.34 -22.25
N PHE C 81 -5.46 -40.75 -21.20
CA PHE C 81 -6.07 -40.86 -19.88
C PHE C 81 -7.49 -40.31 -19.94
N GLY C 82 -8.44 -41.08 -19.41
CA GLY C 82 -9.83 -40.68 -19.42
C GLY C 82 -10.64 -41.11 -20.63
N SER C 83 -10.12 -42.01 -21.47
CA SER C 83 -10.83 -42.41 -22.68
C SER C 83 -12.20 -43.01 -22.38
N LYS C 84 -12.29 -43.89 -21.37
CA LYS C 84 -13.56 -44.54 -21.06
C LYS C 84 -14.66 -43.53 -20.79
N THR C 85 -14.41 -42.58 -19.88
CA THR C 85 -15.45 -41.64 -19.46
C THR C 85 -15.65 -40.52 -20.48
N TYR C 86 -14.57 -40.04 -21.08
CA TYR C 86 -14.63 -38.88 -21.96
C TYR C 86 -14.74 -39.23 -23.44
N GLY C 87 -14.50 -40.49 -23.84
CA GLY C 87 -14.23 -40.79 -25.23
C GLY C 87 -12.76 -40.54 -25.54
N ALA C 88 -12.19 -41.25 -26.52
CA ALA C 88 -10.74 -41.15 -26.74
C ALA C 88 -10.34 -39.78 -27.29
N ALA C 89 -11.09 -39.26 -28.26
CA ALA C 89 -10.76 -37.96 -28.83
C ALA C 89 -10.84 -36.87 -27.78
N GLU C 90 -11.98 -36.78 -27.08
CA GLU C 90 -12.16 -35.75 -26.06
C GLU C 90 -11.13 -35.91 -24.94
N ALA C 91 -10.86 -37.15 -24.53
CA ALA C 91 -9.83 -37.40 -23.53
C ALA C 91 -8.49 -36.84 -23.98
N SER C 92 -8.12 -37.07 -25.24
CA SER C 92 -6.83 -36.60 -25.74
C SER C 92 -6.76 -35.07 -25.72
N VAL C 93 -7.83 -34.41 -26.16
CA VAL C 93 -7.86 -32.95 -26.14
C VAL C 93 -7.74 -32.43 -24.71
N THR C 94 -8.56 -32.97 -23.80
CA THR C 94 -8.50 -32.58 -22.38
C THR C 94 -7.11 -32.78 -21.81
N GLN C 95 -6.50 -33.95 -22.05
CA GLN C 95 -5.17 -34.23 -21.51
C GLN C 95 -4.15 -33.23 -22.06
N THR C 96 -4.29 -32.86 -23.34
CA THR C 96 -3.44 -31.81 -23.88
C THR C 96 -3.63 -30.50 -23.12
N GLN C 97 -4.89 -30.10 -22.90
CA GLN C 97 -5.17 -28.77 -22.39
C GLN C 97 -4.95 -28.63 -20.88
N PHE C 98 -5.05 -29.71 -20.09
CA PHE C 98 -4.86 -29.62 -18.65
C PHE C 98 -3.65 -30.34 -18.07
N TYR C 99 -2.93 -31.14 -18.85
CA TYR C 99 -1.88 -32.02 -18.34
C TYR C 99 -0.55 -31.79 -19.06
N GLY C 100 -0.55 -31.78 -20.39
CA GLY C 100 0.67 -31.73 -21.16
C GLY C 100 0.93 -30.42 -21.86
N ASN C 101 1.82 -30.47 -22.86
CA ASN C 101 2.25 -29.30 -23.64
C ASN C 101 1.35 -29.12 -24.86
N ALA C 102 0.79 -27.91 -25.00
CA ALA C 102 0.03 -27.60 -26.20
C ALA C 102 0.93 -27.20 -27.37
N LEU C 103 2.00 -26.46 -27.11
CA LEU C 103 2.94 -26.09 -28.16
C LEU C 103 4.28 -26.78 -27.94
N GLY C 104 5.18 -26.57 -28.90
CA GLY C 104 6.50 -27.13 -28.84
C GLY C 104 7.40 -26.35 -27.91
N PRO C 105 8.66 -26.76 -27.85
CA PRO C 105 9.62 -26.08 -26.98
C PRO C 105 10.24 -24.88 -27.68
N SER C 106 11.04 -24.15 -26.93
CA SER C 106 11.86 -23.06 -27.42
C SER C 106 13.29 -23.44 -27.09
N VAL C 107 14.19 -23.39 -28.08
CA VAL C 107 15.56 -23.83 -27.87
C VAL C 107 16.46 -22.64 -28.08
N VAL C 108 17.17 -22.25 -27.02
CA VAL C 108 18.00 -21.05 -27.02
C VAL C 108 19.25 -21.36 -26.22
N ASP C 109 20.41 -21.03 -26.78
CA ASP C 109 21.68 -21.05 -26.05
C ASP C 109 21.89 -22.36 -25.29
N GLY C 110 21.73 -23.47 -26.01
CA GLY C 110 21.96 -24.79 -25.47
C GLY C 110 20.95 -25.26 -24.45
N VAL C 111 19.80 -24.60 -24.34
CA VAL C 111 18.77 -24.96 -23.36
C VAL C 111 17.43 -25.08 -24.06
N VAL C 112 16.67 -26.11 -23.68
CA VAL C 112 15.30 -26.31 -24.09
C VAL C 112 14.38 -25.75 -23.01
N TYR C 113 13.49 -24.84 -23.39
CA TYR C 113 12.50 -24.29 -22.49
C TYR C 113 11.13 -24.81 -22.93
N ALA C 114 10.32 -25.23 -21.97
CA ALA C 114 8.94 -25.56 -22.30
C ALA C 114 8.03 -25.12 -21.17
N GLU C 115 6.76 -24.97 -21.51
CA GLU C 115 5.74 -24.66 -20.52
C GLU C 115 4.61 -25.64 -20.76
N SER C 116 3.89 -25.95 -19.69
CA SER C 116 2.95 -27.07 -19.71
C SER C 116 1.65 -26.67 -19.05
N ASP C 117 0.58 -27.30 -19.53
CA ASP C 117 -0.70 -27.19 -18.84
C ASP C 117 -0.66 -27.86 -17.47
N ASP C 118 0.40 -28.60 -17.15
CA ASP C 118 0.59 -29.11 -15.80
C ASP C 118 0.94 -27.99 -14.82
N MET C 119 1.03 -26.76 -15.31
CA MET C 119 1.22 -25.50 -14.57
C MET C 119 2.70 -25.17 -14.32
N PHE C 120 3.65 -25.98 -14.82
CA PHE C 120 5.07 -25.71 -14.66
C PHE C 120 5.70 -25.23 -15.97
N ALA C 121 6.71 -24.37 -15.84
CA ALA C 121 7.67 -24.12 -16.90
C ALA C 121 8.99 -24.82 -16.56
N TYR C 122 9.69 -25.29 -17.60
CA TYR C 122 10.87 -26.11 -17.49
C TYR C 122 12.01 -25.56 -18.35
N ALA C 123 13.22 -25.68 -17.83
CA ALA C 123 14.44 -25.44 -18.59
C ALA C 123 15.32 -26.66 -18.41
N VAL C 124 15.71 -27.26 -19.54
CA VAL C 124 16.36 -28.56 -19.58
C VAL C 124 17.58 -28.46 -20.50
N ASN C 125 18.69 -29.09 -20.12
CA ASN C 125 19.90 -29.03 -20.93
C ASN C 125 19.67 -29.68 -22.28
N ALA C 126 19.97 -28.95 -23.37
CA ALA C 126 19.65 -29.45 -24.70
C ALA C 126 20.46 -30.68 -25.06
N LYS C 127 21.67 -30.81 -24.51
CA LYS C 127 22.51 -31.97 -24.81
C LYS C 127 22.11 -33.20 -23.98
N THR C 128 21.97 -33.03 -22.67
CA THR C 128 21.79 -34.15 -21.75
C THR C 128 20.35 -34.40 -21.33
N GLY C 129 19.43 -33.47 -21.58
CA GLY C 129 18.08 -33.65 -21.09
C GLY C 129 17.91 -33.51 -19.59
N LYS C 130 18.91 -33.05 -18.86
CA LYS C 130 18.81 -32.89 -17.41
C LYS C 130 18.20 -31.54 -17.04
N LEU C 131 17.44 -31.54 -15.95
CA LEU C 131 16.68 -30.37 -15.54
C LEU C 131 17.62 -29.26 -15.10
N ILE C 132 17.52 -28.11 -15.75
CA ILE C 132 18.20 -26.90 -15.29
C ILE C 132 17.37 -26.13 -14.27
N TRP C 133 16.07 -25.93 -14.55
CA TRP C 133 15.18 -25.43 -13.51
C TRP C 133 13.73 -25.72 -13.86
N ARG C 134 12.87 -25.64 -12.85
CA ARG C 134 11.43 -25.68 -13.07
C ARG C 134 10.78 -24.68 -12.14
N ALA C 135 9.67 -24.10 -12.58
CA ALA C 135 9.03 -23.03 -11.82
C ALA C 135 7.54 -23.08 -12.07
N SER C 136 6.77 -22.65 -11.08
CA SER C 136 5.31 -22.57 -11.20
C SER C 136 4.84 -21.33 -10.44
N PRO C 137 5.09 -20.14 -10.99
CA PRO C 137 4.71 -18.90 -10.30
C PRO C 137 3.21 -18.68 -10.22
N VAL C 138 2.45 -19.35 -11.06
CA VAL C 138 1.00 -19.17 -11.10
C VAL C 138 0.33 -20.53 -11.28
N GLY C 139 -0.77 -20.72 -10.56
CA GLY C 139 -1.56 -21.92 -10.50
C GLY C 139 -2.52 -22.02 -11.67
N ASN C 140 -2.05 -21.69 -12.87
CA ASN C 140 -2.88 -21.77 -14.06
C ASN C 140 -2.15 -22.52 -15.17
N ASN C 141 -2.89 -22.87 -16.23
CA ASN C 141 -2.27 -23.58 -17.34
C ASN C 141 -1.37 -22.65 -18.14
N LEU C 142 -0.29 -23.22 -18.68
CA LEU C 142 0.63 -22.49 -19.56
C LEU C 142 0.55 -23.17 -20.93
N MET C 143 -0.13 -22.51 -21.86
CA MET C 143 -0.51 -23.13 -23.13
C MET C 143 0.31 -22.69 -24.34
N GLY C 144 1.38 -21.89 -24.15
CA GLY C 144 2.17 -21.38 -25.24
C GLY C 144 3.54 -22.02 -25.35
N ASN C 145 4.43 -21.32 -26.06
CA ASN C 145 5.82 -21.74 -25.95
C ASN C 145 6.61 -20.59 -25.34
N PRO C 146 7.57 -20.88 -24.46
CA PRO C 146 8.26 -19.80 -23.76
C PRO C 146 8.93 -18.86 -24.73
N LEU C 147 8.84 -17.55 -24.45
CA LEU C 147 9.70 -16.61 -25.14
C LEU C 147 10.99 -16.46 -24.36
N VAL C 148 12.09 -16.31 -25.06
CA VAL C 148 13.40 -16.20 -24.42
C VAL C 148 14.11 -15.02 -25.04
N ILE C 149 14.31 -13.97 -24.27
CA ILE C 149 14.97 -12.76 -24.77
C ILE C 149 16.04 -12.41 -23.78
N GLY C 150 17.30 -12.51 -24.20
CA GLY C 150 18.38 -12.16 -23.30
C GLY C 150 18.34 -13.07 -22.09
N ASN C 151 18.19 -12.45 -20.92
CA ASN C 151 18.18 -13.15 -19.66
C ASN C 151 16.76 -13.38 -19.10
N THR C 152 15.70 -13.14 -19.87
CA THR C 152 14.34 -13.36 -19.37
C THR C 152 13.59 -14.40 -20.20
N VAL C 153 12.81 -15.24 -19.52
CA VAL C 153 11.86 -16.17 -20.15
C VAL C 153 10.45 -15.67 -19.84
N TYR C 154 9.62 -15.54 -20.86
CA TYR C 154 8.26 -15.03 -20.71
C TYR C 154 7.25 -16.15 -20.93
N LEU C 155 6.35 -16.29 -19.96
CA LEU C 155 5.24 -17.23 -19.98
C LEU C 155 3.94 -16.45 -20.03
N SER C 156 2.90 -17.07 -20.59
CA SER C 156 1.55 -16.55 -20.48
C SER C 156 0.65 -17.64 -19.90
N ALA C 157 -0.26 -17.21 -19.04
CA ALA C 157 -1.11 -18.09 -18.26
C ALA C 157 -2.56 -17.84 -18.61
N GLY C 158 -3.30 -18.94 -18.77
CA GLY C 158 -4.72 -18.90 -19.04
C GLY C 158 -5.28 -20.30 -19.20
N SER C 159 -6.58 -20.39 -18.96
CA SER C 159 -7.32 -21.64 -19.04
C SER C 159 -8.21 -21.62 -20.27
N VAL C 160 -8.52 -22.81 -20.79
CA VAL C 160 -9.45 -22.93 -21.91
C VAL C 160 -10.89 -22.62 -21.50
N ALA C 161 -11.17 -22.56 -20.20
CA ALA C 161 -12.54 -22.62 -19.71
C ALA C 161 -13.06 -21.24 -19.31
N PHE C 162 -14.34 -21.20 -18.93
CA PHE C 162 -15.07 -19.99 -18.53
C PHE C 162 -15.58 -20.14 -17.10
N ASN C 163 -15.67 -19.02 -16.38
CA ASN C 163 -16.03 -19.05 -14.95
C ASN C 163 -17.40 -19.68 -14.68
N SER C 177 -18.84 -11.89 -23.36
CA SER C 177 -18.24 -13.06 -22.72
C SER C 177 -16.72 -13.06 -22.83
N ALA C 178 -16.06 -13.35 -21.71
CA ALA C 178 -14.60 -13.40 -21.64
C ALA C 178 -14.16 -14.79 -21.21
N ARG C 179 -13.29 -15.40 -22.00
CA ARG C 179 -12.71 -16.68 -21.63
C ARG C 179 -11.62 -16.48 -20.57
N GLY C 180 -11.59 -17.37 -19.59
CA GLY C 180 -10.57 -17.35 -18.56
C GLY C 180 -10.75 -16.31 -17.46
N LEU C 181 -11.66 -15.36 -17.63
CA LEU C 181 -11.87 -14.34 -16.61
C LEU C 181 -12.30 -14.99 -15.30
N ASN C 182 -11.55 -14.72 -14.24
CA ASN C 182 -11.73 -15.33 -12.91
C ASN C 182 -11.62 -16.85 -12.92
N VAL C 183 -10.99 -17.42 -13.95
CA VAL C 183 -10.61 -18.82 -13.93
C VAL C 183 -9.12 -18.81 -13.65
N SER C 184 -8.76 -19.10 -12.39
CA SER C 184 -7.43 -18.86 -11.85
C SER C 184 -6.95 -17.44 -12.15
N PHE C 185 -5.68 -17.27 -12.50
CA PHE C 185 -5.08 -15.97 -12.74
C PHE C 185 -4.32 -16.00 -14.05
N ASN C 186 -4.40 -14.92 -14.81
CA ASN C 186 -3.93 -14.92 -16.19
C ASN C 186 -2.79 -13.94 -16.39
N GLY C 187 -2.24 -13.93 -17.60
CA GLY C 187 -1.31 -12.89 -17.99
C GLY C 187 0.13 -13.35 -18.11
N ILE C 188 1.03 -12.37 -18.19
CA ILE C 188 2.44 -12.61 -18.53
C ILE C 188 3.26 -12.71 -17.25
N TYR C 189 4.06 -13.77 -17.15
CA TYR C 189 4.98 -14.00 -16.04
C TYR C 189 6.39 -13.99 -16.60
N ALA C 190 7.24 -13.13 -16.05
CA ALA C 190 8.63 -12.98 -16.49
C ALA C 190 9.57 -13.59 -15.46
N LEU C 191 10.36 -14.59 -15.90
CA LEU C 191 11.29 -15.34 -15.08
C LEU C 191 12.74 -15.09 -15.49
N ASN C 192 13.63 -15.24 -14.52
CA ASN C 192 15.07 -15.18 -14.76
C ASN C 192 15.51 -16.41 -15.53
N ARG C 193 16.12 -16.20 -16.71
CA ARG C 193 16.45 -17.32 -17.58
C ARG C 193 17.43 -18.29 -16.94
N SER C 194 18.32 -17.77 -16.07
CA SER C 194 19.33 -18.67 -15.50
C SER C 194 18.73 -19.60 -14.45
N ASN C 195 18.04 -19.05 -13.45
CA ASN C 195 17.55 -19.84 -12.32
C ASN C 195 16.04 -20.01 -12.19
N GLY C 196 15.23 -19.41 -13.08
CA GLY C 196 13.78 -19.55 -12.98
C GLY C 196 13.09 -18.61 -12.01
N LYS C 197 13.81 -17.74 -11.31
CA LYS C 197 13.22 -16.87 -10.31
C LYS C 197 12.27 -15.84 -10.94
N LEU C 198 11.22 -15.49 -10.20
CA LEU C 198 10.15 -14.66 -10.76
C LEU C 198 10.57 -13.19 -10.75
N LEU C 199 10.69 -12.61 -11.95
CA LEU C 199 11.06 -11.21 -12.04
C LEU C 199 9.86 -10.28 -11.89
N TRP C 200 8.80 -10.53 -12.65
CA TRP C 200 7.60 -9.71 -12.53
C TRP C 200 6.43 -10.42 -13.18
N TYR C 201 5.22 -9.95 -12.90
CA TYR C 201 4.09 -10.40 -13.68
C TYR C 201 3.20 -9.23 -14.03
N PHE C 202 2.49 -9.38 -15.15
CA PHE C 202 1.45 -8.47 -15.58
C PHE C 202 0.16 -9.27 -15.73
N ALA C 203 -0.79 -9.04 -14.82
CA ALA C 203 -2.04 -9.76 -14.84
C ALA C 203 -2.98 -9.17 -15.88
N THR C 204 -3.77 -10.06 -16.50
CA THR C 204 -4.74 -9.62 -17.48
C THR C 204 -6.14 -10.05 -17.05
N PRO C 205 -7.17 -9.30 -17.43
CA PRO C 205 -8.53 -9.72 -17.05
C PRO C 205 -8.94 -11.06 -17.63
N GLY C 206 -8.58 -11.32 -18.89
CA GLY C 206 -8.89 -12.57 -19.54
C GLY C 206 -7.69 -13.49 -19.66
N GLU C 207 -7.97 -14.74 -20.04
CA GLU C 207 -6.91 -15.70 -20.25
C GLU C 207 -6.00 -15.24 -21.38
N THR C 208 -4.70 -15.46 -21.20
CA THR C 208 -3.81 -15.40 -22.35
C THR C 208 -3.25 -16.82 -22.53
N MET C 209 -3.95 -17.62 -23.33
CA MET C 209 -3.37 -18.89 -23.75
C MET C 209 -2.46 -18.65 -24.94
N ALA C 210 -2.81 -17.64 -25.75
CA ALA C 210 -1.94 -17.26 -26.85
C ALA C 210 -0.56 -16.91 -26.33
N THR C 211 0.41 -17.19 -27.13
CA THR C 211 1.77 -16.79 -26.88
C THR C 211 1.93 -15.32 -27.25
N PRO C 212 2.64 -14.52 -26.47
CA PRO C 212 2.90 -13.14 -26.86
C PRO C 212 3.95 -13.08 -27.96
N ALA C 213 4.17 -11.88 -28.48
CA ALA C 213 5.27 -11.59 -29.39
C ALA C 213 6.20 -10.59 -28.72
N TYR C 214 7.50 -10.73 -28.94
CA TYR C 214 8.47 -9.76 -28.46
C TYR C 214 9.01 -8.96 -29.63
N ASP C 215 8.98 -7.63 -29.51
CA ASP C 215 9.69 -6.78 -30.44
C ASP C 215 10.02 -5.47 -29.74
N ASN C 216 11.22 -4.94 -29.97
CA ASN C 216 11.60 -3.59 -29.55
C ASN C 216 11.35 -3.37 -28.06
N ASN C 217 11.91 -4.26 -27.23
CA ASN C 217 11.76 -4.19 -25.77
C ASN C 217 10.30 -4.10 -25.34
N THR C 218 9.42 -4.76 -26.08
CA THR C 218 7.99 -4.75 -25.79
C THR C 218 7.40 -6.13 -26.04
N LEU C 219 6.46 -6.52 -25.18
CA LEU C 219 5.69 -7.75 -25.33
C LEU C 219 4.27 -7.37 -25.75
N PHE C 220 3.71 -8.14 -26.68
CA PHE C 220 2.37 -7.85 -27.15
C PHE C 220 1.54 -9.10 -26.97
N ILE C 221 0.35 -8.93 -26.41
CA ILE C 221 -0.53 -10.07 -26.16
C ILE C 221 -1.96 -9.59 -26.34
N ALA C 222 -2.86 -10.54 -26.63
CA ALA C 222 -4.30 -10.31 -26.61
C ALA C 222 -4.93 -11.37 -25.72
N ASP C 223 -5.96 -10.99 -24.96
CA ASP C 223 -6.56 -11.90 -24.00
C ASP C 223 -7.95 -12.31 -24.46
N GLY C 224 -8.59 -13.14 -23.64
CA GLY C 224 -9.95 -13.57 -23.92
C GLY C 224 -11.00 -12.56 -23.52
N ALA C 225 -10.59 -11.44 -22.95
CA ALA C 225 -11.50 -10.35 -22.59
C ALA C 225 -11.57 -9.26 -23.64
N GLY C 226 -10.95 -9.46 -24.80
CA GLY C 226 -11.01 -8.49 -25.88
C GLY C 226 -9.93 -7.44 -25.85
N ASN C 227 -8.95 -7.58 -24.96
CA ASN C 227 -7.91 -6.59 -24.75
C ASN C 227 -6.63 -7.00 -25.49
N ALA C 228 -5.98 -6.02 -26.10
CA ALA C 228 -4.63 -6.12 -26.60
C ALA C 228 -3.74 -5.23 -25.75
N PHE C 229 -2.53 -5.70 -25.47
CA PHE C 229 -1.58 -5.00 -24.60
C PHE C 229 -0.22 -4.90 -25.26
N GLY C 230 0.35 -3.69 -25.24
CA GLY C 230 1.79 -3.54 -25.23
C GLY C 230 2.30 -3.37 -23.81
N ILE C 231 3.37 -4.10 -23.49
CA ILE C 231 3.93 -4.19 -22.14
C ILE C 231 5.44 -4.04 -22.24
N ASN C 232 6.01 -3.09 -21.50
CA ASN C 232 7.46 -2.99 -21.48
C ASN C 232 8.07 -4.28 -20.94
N ALA C 233 8.96 -4.88 -21.72
CA ALA C 233 9.52 -6.19 -21.43
C ALA C 233 10.57 -6.17 -20.33
N THR C 234 10.96 -4.96 -19.89
CA THR C 234 11.96 -4.75 -18.85
C THR C 234 11.28 -4.46 -17.50
N THR C 235 10.43 -3.44 -17.47
CA THR C 235 9.72 -3.10 -16.25
C THR C 235 8.46 -3.92 -16.02
N GLY C 236 7.93 -4.59 -17.05
CA GLY C 236 6.66 -5.26 -16.89
C GLY C 236 5.44 -4.36 -16.86
N LYS C 237 5.61 -3.04 -17.05
CA LYS C 237 4.51 -2.10 -16.98
C LYS C 237 3.80 -1.92 -18.32
N GLN C 238 2.48 -1.70 -18.25
CA GLN C 238 1.70 -1.47 -19.45
C GLN C 238 2.19 -0.24 -20.21
N VAL C 239 2.37 -0.39 -21.52
CA VAL C 239 2.67 0.73 -22.40
C VAL C 239 1.35 1.21 -22.97
N TRP C 240 0.63 0.32 -23.65
CA TRP C 240 -0.69 0.72 -24.11
C TRP C 240 -1.65 -0.45 -23.96
N LYS C 241 -2.94 -0.12 -23.97
CA LYS C 241 -4.02 -1.10 -23.96
C LYS C 241 -5.06 -0.66 -24.97
N THR C 242 -5.37 -1.55 -25.92
CA THR C 242 -6.38 -1.30 -26.95
C THR C 242 -7.45 -2.37 -26.81
N HIS C 243 -8.69 -1.96 -26.55
CA HIS C 243 -9.74 -2.97 -26.39
C HIS C 243 -10.40 -3.21 -27.75
N VAL C 244 -10.03 -4.31 -28.39
CA VAL C 244 -10.60 -4.64 -29.68
C VAL C 244 -11.94 -5.38 -29.56
N GLY C 245 -12.18 -6.08 -28.46
CA GLY C 245 -13.36 -6.92 -28.31
C GLY C 245 -13.11 -8.35 -28.79
N GLY C 246 -14.12 -9.19 -28.57
CA GLY C 246 -13.94 -10.60 -28.90
C GLY C 246 -13.01 -11.30 -27.92
N MET C 247 -12.48 -12.44 -28.34
CA MET C 247 -11.58 -13.20 -27.48
C MET C 247 -10.48 -13.83 -28.31
N ASP C 248 -9.24 -13.67 -27.86
CA ASP C 248 -8.12 -14.42 -28.40
C ASP C 248 -8.05 -15.74 -27.66
N ASN C 249 -8.23 -16.85 -28.37
CA ASN C 249 -8.07 -18.13 -27.72
C ASN C 249 -6.63 -18.62 -27.86
N MET C 250 -6.30 -19.17 -29.01
CA MET C 250 -4.96 -19.69 -29.26
C MET C 250 -4.16 -18.88 -30.27
N SER C 251 -4.64 -17.71 -30.70
CA SER C 251 -3.99 -17.04 -31.82
C SER C 251 -2.82 -16.23 -31.24
N SER C 252 -1.61 -16.72 -31.45
CA SER C 252 -0.43 -16.10 -30.89
C SER C 252 -0.04 -14.89 -31.71
N VAL C 253 0.43 -13.83 -31.04
CA VAL C 253 0.71 -12.57 -31.72
C VAL C 253 1.92 -12.70 -32.61
N THR C 254 1.86 -12.05 -33.78
CA THR C 254 3.00 -11.98 -34.67
C THR C 254 3.42 -10.53 -34.82
N ALA C 255 4.71 -10.26 -34.60
CA ALA C 255 5.26 -8.93 -34.78
C ALA C 255 6.02 -8.93 -36.09
N TYR C 256 5.61 -8.08 -37.03
CA TYR C 256 6.21 -8.02 -38.35
C TYR C 256 6.33 -6.57 -38.78
N ARG C 257 7.55 -6.14 -39.08
CA ARG C 257 7.82 -4.78 -39.58
C ARG C 257 7.09 -3.75 -38.72
N HIS C 258 7.30 -3.83 -37.40
CA HIS C 258 6.85 -2.85 -36.41
C HIS C 258 5.35 -2.85 -36.15
N ASN C 259 4.57 -3.75 -36.75
CA ASN C 259 3.17 -3.89 -36.36
C ASN C 259 2.95 -5.30 -35.82
N ILE C 260 1.82 -5.49 -35.12
CA ILE C 260 1.44 -6.81 -34.63
C ILE C 260 0.15 -7.27 -35.29
N TYR C 261 -0.01 -8.59 -35.38
CA TYR C 261 -1.12 -9.23 -36.06
C TYR C 261 -1.62 -10.36 -35.18
N PHE C 262 -2.92 -10.41 -34.96
CA PHE C 262 -3.49 -11.49 -34.17
C PHE C 262 -4.97 -11.57 -34.47
N ALA C 263 -5.58 -12.73 -34.21
CA ALA C 263 -6.98 -12.95 -34.54
C ALA C 263 -7.84 -13.10 -33.29
N MET C 264 -9.07 -12.60 -33.37
CA MET C 264 -10.05 -12.68 -32.29
C MET C 264 -11.29 -13.41 -32.76
N ALA C 265 -11.86 -14.23 -31.84
CA ALA C 265 -13.12 -14.90 -32.06
C ALA C 265 -14.27 -14.10 -31.45
N ILE C 266 -15.49 -14.58 -31.73
CA ILE C 266 -16.77 -14.07 -31.22
C ILE C 266 -17.05 -12.73 -31.86
N LYS C 267 -15.98 -12.03 -32.22
CA LYS C 267 -16.02 -10.79 -33.00
C LYS C 267 -14.90 -11.07 -33.99
N PRO C 268 -15.22 -11.77 -35.07
CA PRO C 268 -14.21 -12.53 -35.81
C PRO C 268 -13.30 -11.69 -36.68
N TYR C 269 -12.21 -11.16 -36.14
CA TYR C 269 -11.34 -10.29 -36.93
C TYR C 269 -9.87 -10.67 -36.79
N LEU C 270 -9.13 -10.54 -37.89
CA LEU C 270 -7.68 -10.48 -37.85
C LEU C 270 -7.29 -9.01 -37.76
N TYR C 271 -6.47 -8.67 -36.78
CA TYR C 271 -6.09 -7.29 -36.50
C TYR C 271 -4.62 -7.05 -36.85
N CYS C 272 -4.38 -5.84 -37.36
CA CYS C 272 -3.05 -5.24 -37.48
C CYS C 272 -3.03 -3.95 -36.67
N LEU C 273 -2.17 -3.91 -35.66
CA LEU C 273 -2.02 -2.80 -34.73
C LEU C 273 -0.58 -2.30 -34.72
N ASN C 274 -0.42 -0.99 -34.56
CA ASN C 274 0.91 -0.39 -34.41
C ASN C 274 1.55 -0.79 -33.10
N GLU C 275 2.84 -1.13 -33.15
CA GLU C 275 3.56 -1.53 -31.93
C GLU C 275 3.70 -0.37 -30.95
N SER C 276 3.91 0.85 -31.45
CA SER C 276 4.24 1.95 -30.54
C SER C 276 3.04 2.38 -29.71
N ASN C 277 1.89 2.60 -30.34
CA ASN C 277 0.71 3.06 -29.62
C ASN C 277 -0.49 2.10 -29.56
N GLY C 278 -0.41 0.93 -30.22
CA GLY C 278 -1.60 0.07 -30.27
C GLY C 278 -2.72 0.57 -31.16
N HIS C 279 -2.42 1.45 -32.11
CA HIS C 279 -3.43 1.94 -33.04
C HIS C 279 -3.85 0.81 -33.98
N ILE C 280 -5.16 0.70 -34.24
CA ILE C 280 -5.62 -0.32 -35.16
C ILE C 280 -5.34 0.17 -36.58
N VAL C 281 -4.43 -0.52 -37.26
CA VAL C 281 -4.09 -0.15 -38.63
C VAL C 281 -5.14 -0.69 -39.60
N TRP C 282 -5.50 -1.97 -39.43
CA TRP C 282 -6.55 -2.52 -40.29
C TRP C 282 -7.12 -3.79 -39.67
N LYS C 283 -8.31 -4.17 -40.16
CA LYS C 283 -8.93 -5.43 -39.79
C LYS C 283 -9.31 -6.22 -41.04
N GLY C 284 -9.37 -7.53 -40.89
CA GLY C 284 -9.73 -8.40 -41.98
C GLY C 284 -10.55 -9.56 -41.44
N THR C 285 -11.22 -10.26 -42.36
CA THR C 285 -12.12 -11.33 -41.96
C THR C 285 -11.85 -12.57 -42.82
N ILE C 286 -12.33 -13.70 -42.33
CA ILE C 286 -12.43 -14.93 -43.11
C ILE C 286 -13.91 -15.31 -43.13
N PRO C 287 -14.55 -15.34 -44.30
CA PRO C 287 -16.00 -15.60 -44.33
C PRO C 287 -16.35 -16.95 -43.71
N GLY C 288 -17.46 -16.98 -42.96
CA GLY C 288 -17.81 -18.14 -42.15
C GLY C 288 -17.12 -18.30 -40.81
N ALA C 289 -17.15 -17.24 -39.99
CA ALA C 289 -16.68 -17.27 -38.60
C ALA C 289 -16.87 -18.61 -37.87
N ILE C 294 -11.69 -18.75 -35.31
CA ILE C 294 -10.81 -17.73 -35.89
C ILE C 294 -9.74 -17.32 -34.87
N GLY C 295 -10.15 -17.19 -33.61
CA GLY C 295 -9.23 -16.91 -32.53
C GLY C 295 -8.30 -18.05 -32.17
N ASP C 296 -8.37 -19.17 -32.89
CA ASP C 296 -7.47 -20.29 -32.67
C ASP C 296 -6.15 -20.14 -33.39
N VAL C 297 -6.15 -19.62 -34.61
CA VAL C 297 -5.01 -19.75 -35.50
C VAL C 297 -4.12 -18.53 -35.37
N SER C 298 -2.81 -18.79 -35.18
CA SER C 298 -1.82 -17.73 -35.13
C SER C 298 -1.43 -17.34 -36.55
N PRO C 299 -1.52 -16.06 -36.91
CA PRO C 299 -1.18 -15.67 -38.29
C PRO C 299 0.31 -15.77 -38.54
N ALA C 300 0.67 -16.02 -39.80
CA ALA C 300 2.07 -16.02 -40.18
C ALA C 300 2.36 -14.83 -41.10
N ALA C 301 3.60 -14.33 -41.09
CA ALA C 301 3.93 -13.20 -41.96
C ALA C 301 5.28 -13.41 -42.60
N ALA C 302 5.36 -13.14 -43.91
CA ALA C 302 6.63 -13.08 -44.62
C ALA C 302 6.44 -12.23 -45.86
N ASP C 303 7.51 -11.53 -46.26
CA ASP C 303 7.57 -10.79 -47.52
C ASP C 303 6.30 -9.98 -47.78
N GLY C 304 5.89 -9.21 -46.76
CA GLY C 304 4.78 -8.28 -46.92
C GLY C 304 3.41 -8.92 -46.99
N VAL C 305 3.29 -10.19 -46.62
CA VAL C 305 2.02 -10.89 -46.65
C VAL C 305 1.77 -11.54 -45.30
N VAL C 306 0.53 -11.43 -44.81
CA VAL C 306 0.08 -12.10 -43.60
C VAL C 306 -0.91 -13.17 -44.01
N VAL C 307 -0.79 -14.36 -43.45
CA VAL C 307 -1.60 -15.51 -43.83
C VAL C 307 -2.36 -16.02 -42.61
N LEU C 308 -3.64 -16.30 -42.83
CA LEU C 308 -4.48 -16.83 -41.76
C LEU C 308 -5.47 -17.80 -42.38
N ASP C 309 -5.83 -18.83 -41.64
CA ASP C 309 -6.87 -19.74 -42.08
C ASP C 309 -7.74 -20.06 -40.88
N ALA C 310 -8.97 -20.51 -41.16
CA ALA C 310 -9.90 -20.86 -40.12
C ALA C 310 -10.89 -21.87 -40.66
N THR C 311 -11.44 -22.68 -39.77
CA THR C 311 -12.48 -23.63 -40.13
C THR C 311 -13.85 -22.95 -40.11
N THR C 312 -14.61 -23.16 -41.18
CA THR C 312 -15.87 -22.47 -41.39
C THR C 312 -17.06 -23.42 -41.35
N SER C 323 -15.98 -26.15 -43.86
CA SER C 323 -14.66 -26.60 -44.29
C SER C 323 -13.56 -25.73 -43.69
N ASN C 324 -12.46 -25.57 -44.42
CA ASN C 324 -11.29 -24.83 -43.94
C ASN C 324 -10.87 -23.84 -45.01
N VAL C 325 -10.91 -22.55 -44.69
CA VAL C 325 -10.64 -21.46 -45.63
C VAL C 325 -9.35 -20.77 -45.24
N ILE C 326 -8.44 -20.62 -46.19
CA ILE C 326 -7.19 -19.90 -45.98
C ILE C 326 -7.23 -18.62 -46.81
N ARG C 327 -6.65 -17.55 -46.26
CA ARG C 327 -6.68 -16.23 -46.87
C ARG C 327 -5.37 -15.51 -46.60
N ALA C 328 -4.93 -14.77 -47.62
CA ALA C 328 -3.69 -14.00 -47.55
C ALA C 328 -4.00 -12.52 -47.70
N PHE C 329 -3.33 -11.70 -46.90
CA PHE C 329 -3.56 -10.27 -46.79
C PHE C 329 -2.28 -9.50 -47.02
N ASP C 330 -2.41 -8.32 -47.60
CA ASP C 330 -1.28 -7.40 -47.60
C ASP C 330 -0.96 -6.97 -46.18
N ALA C 331 0.33 -7.05 -45.81
CA ALA C 331 0.72 -6.77 -44.43
C ALA C 331 0.39 -5.33 -44.03
N LYS C 332 0.57 -4.38 -44.95
CA LYS C 332 0.41 -2.98 -44.57
C LYS C 332 -1.04 -2.54 -44.59
N THR C 333 -1.80 -2.90 -45.62
CA THR C 333 -3.18 -2.43 -45.79
C THR C 333 -4.26 -3.43 -45.39
N GLY C 334 -3.95 -4.72 -45.27
CA GLY C 334 -4.99 -5.70 -45.07
C GLY C 334 -5.82 -6.05 -46.29
N ALA C 335 -5.44 -5.57 -47.46
CA ALA C 335 -6.14 -5.94 -48.68
C ALA C 335 -6.02 -7.44 -48.93
N VAL C 336 -7.14 -8.09 -49.28
CA VAL C 336 -7.11 -9.52 -49.52
C VAL C 336 -6.36 -9.80 -50.80
N LEU C 337 -5.29 -10.60 -50.71
CA LEU C 337 -4.53 -11.01 -51.88
C LEU C 337 -5.19 -12.19 -52.58
N TRP C 338 -5.56 -13.22 -51.81
CA TRP C 338 -6.27 -14.36 -52.37
C TRP C 338 -6.95 -15.12 -51.25
N THR C 339 -7.90 -15.95 -51.65
CA THR C 339 -8.67 -16.79 -50.74
C THR C 339 -8.85 -18.14 -51.39
N ARG C 340 -8.69 -19.20 -50.61
CA ARG C 340 -8.84 -20.56 -51.12
C ARG C 340 -9.57 -21.42 -50.11
N ASN C 341 -10.51 -22.20 -50.61
CA ASN C 341 -11.11 -23.27 -49.83
C ASN C 341 -10.20 -24.48 -49.88
N MET C 342 -9.76 -24.97 -48.72
CA MET C 342 -8.77 -26.03 -48.64
C MET C 342 -9.38 -27.43 -48.74
N GLY C 343 -10.69 -27.54 -48.89
CA GLY C 343 -11.37 -28.82 -48.88
C GLY C 343 -12.17 -29.03 -47.60
N SER C 344 -13.02 -30.05 -47.65
CA SER C 344 -13.95 -30.34 -46.56
C SER C 344 -13.79 -31.77 -46.05
N PRO C 349 -13.48 -31.38 -35.12
CA PRO C 349 -12.17 -30.74 -34.92
C PRO C 349 -12.17 -29.71 -33.79
N ALA C 350 -11.48 -30.02 -32.69
CA ALA C 350 -11.52 -29.14 -31.53
C ALA C 350 -10.73 -27.86 -31.77
N PHE C 351 -9.60 -27.94 -32.46
CA PHE C 351 -8.80 -26.78 -32.82
C PHE C 351 -9.08 -26.50 -34.30
N LYS C 352 -9.70 -25.36 -34.59
CA LYS C 352 -10.26 -25.16 -35.92
C LYS C 352 -9.31 -24.30 -36.74
N GLY C 353 -8.41 -24.98 -37.45
CA GLY C 353 -7.52 -24.41 -38.44
C GLY C 353 -6.18 -25.14 -38.40
N GLY C 354 -5.32 -24.92 -39.38
CA GLY C 354 -3.93 -25.27 -39.28
C GLY C 354 -3.10 -24.03 -38.99
N VAL C 355 -2.00 -24.20 -38.27
CA VAL C 355 -1.07 -23.07 -38.08
C VAL C 355 -0.24 -22.98 -39.35
N PRO C 356 -0.25 -21.87 -40.07
CA PRO C 356 0.53 -21.78 -41.30
C PRO C 356 2.01 -21.51 -41.06
N MET C 357 2.83 -22.00 -41.97
CA MET C 357 4.25 -21.69 -42.01
C MET C 357 4.60 -21.19 -43.40
N ILE C 358 5.53 -20.23 -43.50
CA ILE C 358 5.93 -19.69 -44.80
C ILE C 358 7.42 -19.92 -44.99
N HIS C 359 7.79 -20.42 -46.16
CA HIS C 359 9.20 -20.54 -46.49
C HIS C 359 9.37 -20.33 -47.99
N ASN C 360 10.36 -19.53 -48.36
CA ASN C 360 10.64 -19.23 -49.78
C ASN C 360 9.36 -18.92 -50.54
N ASN C 361 8.53 -18.04 -49.98
CA ASN C 361 7.32 -17.56 -50.63
C ASN C 361 6.32 -18.68 -50.90
N ILE C 362 6.31 -19.70 -50.06
CA ILE C 362 5.35 -20.80 -50.15
C ILE C 362 4.77 -21.06 -48.76
N VAL C 363 3.45 -21.04 -48.68
CA VAL C 363 2.70 -21.37 -47.47
C VAL C 363 2.51 -22.88 -47.38
N TYR C 364 2.95 -23.47 -46.27
CA TYR C 364 2.69 -24.86 -45.94
C TYR C 364 1.74 -24.87 -44.77
N VAL C 365 0.55 -25.47 -44.96
CA VAL C 365 -0.49 -25.36 -43.95
C VAL C 365 -1.35 -26.62 -43.95
N GLY C 366 -1.85 -26.97 -42.77
CA GLY C 366 -2.70 -28.12 -42.62
C GLY C 366 -4.18 -27.80 -42.76
N ASN C 367 -4.94 -28.80 -43.17
CA ASN C 367 -6.39 -28.80 -43.10
C ASN C 367 -6.81 -29.89 -42.13
N PRO C 368 -7.26 -29.52 -40.93
CA PRO C 368 -7.66 -30.52 -39.94
C PRO C 368 -8.97 -31.22 -40.27
N VAL C 369 -9.77 -30.66 -41.19
CA VAL C 369 -11.02 -31.31 -41.56
C VAL C 369 -10.77 -32.48 -42.48
N ALA C 370 -9.87 -32.32 -43.45
CA ALA C 370 -9.54 -33.37 -44.39
C ALA C 370 -8.32 -34.18 -43.97
N SER C 371 -7.68 -33.83 -42.85
CA SER C 371 -6.41 -34.45 -42.45
C SER C 371 -5.39 -34.38 -43.58
N THR C 372 -5.20 -33.18 -44.12
CA THR C 372 -4.27 -32.98 -45.22
C THR C 372 -3.32 -31.84 -44.89
N TYR C 373 -2.25 -31.75 -45.69
CA TYR C 373 -1.41 -30.57 -45.75
C TYR C 373 -1.33 -30.10 -47.19
N GLN C 374 -1.30 -28.79 -47.39
CA GLN C 374 -1.20 -28.23 -48.72
C GLN C 374 -0.11 -27.17 -48.77
N ALA C 375 0.42 -26.98 -49.98
CA ALA C 375 1.38 -25.92 -50.26
C ALA C 375 0.76 -24.94 -51.25
N TYR C 376 0.89 -23.64 -50.95
CA TYR C 376 0.34 -22.57 -51.76
C TYR C 376 1.43 -21.56 -52.07
N GLU C 377 1.45 -21.06 -53.30
CA GLU C 377 2.28 -19.90 -53.56
C GLU C 377 1.79 -18.73 -52.71
N LEU C 378 2.75 -18.01 -52.11
CA LEU C 378 2.41 -16.99 -51.13
C LEU C 378 1.65 -15.83 -51.76
N LYS C 379 2.15 -15.31 -52.88
CA LYS C 379 1.56 -14.13 -53.49
C LYS C 379 0.31 -14.49 -54.30
N THR C 380 0.36 -15.57 -55.07
CA THR C 380 -0.68 -15.86 -56.05
C THR C 380 -1.80 -16.78 -55.55
N GLY C 381 -1.59 -17.51 -54.45
CA GLY C 381 -2.58 -18.49 -54.05
C GLY C 381 -2.63 -19.75 -54.88
N LYS C 382 -1.62 -20.03 -55.70
CA LYS C 382 -1.61 -21.21 -56.55
C LYS C 382 -1.27 -22.46 -55.73
N LEU C 383 -2.14 -23.47 -55.82
CA LEU C 383 -1.97 -24.70 -55.06
C LEU C 383 -0.94 -25.59 -55.74
N LEU C 384 0.18 -25.85 -55.05
CA LEU C 384 1.22 -26.69 -55.63
C LEU C 384 0.98 -28.18 -55.41
N TRP C 385 0.56 -28.57 -54.20
CA TRP C 385 0.29 -29.98 -53.91
C TRP C 385 -0.54 -30.13 -52.64
N THR C 386 -1.12 -31.33 -52.51
CA THR C 386 -1.84 -31.80 -51.33
C THR C 386 -1.27 -33.16 -50.90
N TRP C 387 -1.11 -33.33 -49.58
CA TRP C 387 -0.69 -34.58 -48.96
C TRP C 387 -1.75 -35.03 -47.96
N HIS C 388 -2.27 -36.25 -48.16
CA HIS C 388 -3.26 -36.81 -47.25
C HIS C 388 -2.53 -37.60 -46.16
N VAL C 389 -2.72 -37.18 -44.91
CA VAL C 389 -2.06 -37.86 -43.79
C VAL C 389 -2.52 -39.32 -43.74
N PRO C 390 -1.62 -40.29 -43.54
CA PRO C 390 -2.05 -41.70 -43.47
C PRO C 390 -3.19 -41.90 -42.48
N THR C 391 -4.17 -42.71 -42.87
CA THR C 391 -5.43 -42.84 -42.14
C THR C 391 -5.20 -43.08 -40.65
N LYS C 392 -4.13 -43.77 -40.28
CA LYS C 392 -3.76 -43.94 -38.88
C LYS C 392 -3.30 -42.63 -38.25
N GLY C 396 -7.23 -34.76 -35.63
CA GLY C 396 -6.05 -34.14 -34.95
C GLY C 396 -4.92 -33.91 -35.93
N ALA C 397 -5.04 -34.52 -37.11
CA ALA C 397 -4.06 -34.34 -38.17
C ALA C 397 -4.31 -33.03 -38.89
N GLY C 398 -3.24 -32.29 -39.15
CA GLY C 398 -3.32 -31.04 -39.88
C GLY C 398 -3.42 -29.78 -39.05
N ARG C 399 -3.29 -29.87 -37.73
CA ARG C 399 -3.36 -28.68 -36.90
C ARG C 399 -2.04 -27.92 -36.88
N SER C 400 -0.93 -28.64 -36.94
CA SER C 400 0.38 -28.10 -36.60
C SER C 400 1.10 -27.60 -37.85
N ALA C 401 1.88 -26.54 -37.66
CA ALA C 401 2.70 -26.00 -38.74
C ALA C 401 3.84 -26.95 -39.06
N PRO C 402 4.08 -27.26 -40.34
CA PRO C 402 5.30 -27.96 -40.70
C PRO C 402 6.52 -27.09 -40.43
N THR C 403 7.66 -27.75 -40.35
CA THR C 403 8.96 -27.10 -40.27
C THR C 403 9.74 -27.46 -41.53
N TYR C 404 10.27 -26.46 -42.21
CA TYR C 404 11.07 -26.68 -43.41
C TYR C 404 12.54 -26.55 -43.03
N TYR C 405 13.26 -27.68 -43.03
CA TYR C 405 14.65 -27.74 -42.58
C TYR C 405 15.50 -28.45 -43.61
N LYS C 406 16.55 -27.78 -44.06
CA LYS C 406 17.51 -28.32 -45.04
C LYS C 406 16.79 -29.02 -46.18
N GLY C 407 15.79 -28.32 -46.71
CA GLY C 407 15.16 -28.75 -47.92
C GLY C 407 14.05 -29.76 -47.75
N LEU C 408 13.71 -30.16 -46.53
CA LEU C 408 12.64 -31.13 -46.34
C LEU C 408 11.63 -30.62 -45.31
N LEU C 409 10.38 -31.09 -45.44
CA LEU C 409 9.32 -30.77 -44.50
C LEU C 409 9.24 -31.82 -43.38
N TYR C 410 9.10 -31.34 -42.14
CA TYR C 410 8.95 -32.17 -40.95
C TYR C 410 7.66 -31.81 -40.25
N ILE C 411 6.82 -32.81 -40.01
CA ILE C 411 5.47 -32.57 -39.49
C ILE C 411 5.19 -33.54 -38.35
N THR C 412 4.87 -32.99 -37.17
CA THR C 412 4.49 -33.80 -36.01
C THR C 412 2.98 -33.70 -35.87
N THR C 413 2.29 -34.82 -36.10
CA THR C 413 0.85 -34.84 -35.91
C THR C 413 0.46 -36.24 -35.43
N GLY C 414 -0.60 -36.30 -34.62
CA GLY C 414 -0.93 -37.56 -33.98
C GLY C 414 0.23 -38.06 -33.15
N GLN C 415 0.55 -39.35 -33.31
CA GLN C 415 1.67 -39.97 -32.61
C GLN C 415 2.95 -39.96 -33.45
N TYR C 416 2.94 -39.32 -34.61
CA TYR C 416 4.01 -39.50 -35.57
C TYR C 416 4.75 -38.20 -35.89
N ILE C 417 6.01 -38.35 -36.32
CA ILE C 417 6.70 -37.31 -37.06
C ILE C 417 6.96 -37.83 -38.47
N PHE C 418 6.56 -37.04 -39.46
CA PHE C 418 6.67 -37.37 -40.87
C PHE C 418 7.71 -36.48 -41.54
N VAL C 419 8.34 -37.01 -42.58
CA VAL C 419 9.20 -36.24 -43.48
C VAL C 419 8.58 -36.29 -44.86
N VAL C 420 8.30 -35.10 -45.41
CA VAL C 420 7.59 -34.91 -46.68
C VAL C 420 8.46 -34.08 -47.62
N ASN C 421 8.50 -34.46 -48.89
CA ASN C 421 9.28 -33.69 -49.85
C ASN C 421 8.52 -32.41 -50.18
N PRO C 422 9.11 -31.24 -49.97
CA PRO C 422 8.36 -30.00 -50.22
C PRO C 422 8.13 -29.71 -51.70
N ALA C 423 8.89 -30.34 -52.62
CA ALA C 423 8.64 -30.13 -54.04
C ALA C 423 7.43 -30.95 -54.51
N THR C 424 7.35 -32.23 -54.13
CA THR C 424 6.27 -33.10 -54.59
C THR C 424 5.10 -33.25 -53.60
N GLY C 425 5.26 -32.88 -52.34
CA GLY C 425 4.25 -33.20 -51.37
C GLY C 425 4.14 -34.67 -51.01
N LYS C 426 5.14 -35.47 -51.31
CA LYS C 426 5.08 -36.91 -51.07
C LYS C 426 5.82 -37.28 -49.79
N GLU C 427 5.18 -38.12 -48.98
CA GLU C 427 5.84 -38.63 -47.78
C GLU C 427 7.12 -39.37 -48.13
N LEU C 428 8.21 -39.00 -47.44
CA LEU C 428 9.49 -39.69 -47.54
C LEU C 428 9.68 -40.68 -46.40
N HIS C 429 9.63 -40.19 -45.15
CA HIS C 429 9.80 -41.05 -43.99
C HIS C 429 8.67 -40.82 -42.99
N GLN C 430 8.58 -41.73 -42.02
CA GLN C 430 7.70 -41.56 -40.87
C GLN C 430 8.34 -42.27 -39.69
N HIS C 431 8.14 -41.71 -38.50
CA HIS C 431 8.70 -42.28 -37.28
C HIS C 431 7.67 -42.18 -36.17
N HIS C 432 7.35 -43.33 -35.57
CA HIS C 432 6.36 -43.42 -34.51
C HIS C 432 6.99 -43.01 -33.18
N ILE C 433 6.33 -42.10 -32.50
CA ILE C 433 6.77 -41.55 -31.22
C ILE C 433 5.85 -41.97 -30.08
N GLY C 434 4.56 -41.76 -30.26
CA GLY C 434 3.59 -42.05 -29.23
C GLY C 434 3.04 -40.76 -28.65
N GLY C 435 2.22 -40.93 -27.60
CA GLY C 435 1.57 -39.76 -27.02
C GLY C 435 0.64 -39.09 -28.01
N GLN C 436 0.64 -37.76 -28.00
CA GLN C 436 -0.07 -37.00 -29.03
C GLN C 436 0.61 -35.65 -29.19
N PHE C 437 0.72 -35.19 -30.43
CA PHE C 437 1.13 -33.83 -30.75
C PHE C 437 -0.14 -33.09 -31.20
N GLY C 438 -0.68 -32.22 -30.37
CA GLY C 438 -1.75 -31.42 -30.93
C GLY C 438 -1.36 -30.26 -31.83
N ILE C 439 -0.83 -29.19 -31.24
CA ILE C 439 -0.41 -27.99 -31.96
C ILE C 439 1.10 -27.88 -32.09
N GLU C 440 1.82 -28.94 -31.75
CA GLU C 440 3.27 -28.91 -31.69
C GLU C 440 3.91 -28.91 -33.09
N SER C 441 4.98 -28.09 -33.26
CA SER C 441 5.81 -28.09 -34.47
C SER C 441 7.20 -28.59 -34.13
N PRO C 442 7.87 -29.32 -35.03
CA PRO C 442 9.22 -29.80 -34.73
C PRO C 442 10.17 -28.61 -34.61
N VAL C 443 10.98 -28.60 -33.55
CA VAL C 443 12.03 -27.61 -33.44
C VAL C 443 13.34 -28.28 -33.82
N ILE C 444 13.97 -27.88 -34.92
CA ILE C 444 15.10 -28.61 -35.47
C ILE C 444 16.35 -27.75 -35.43
N VAL C 445 17.35 -28.20 -34.68
CA VAL C 445 18.63 -27.52 -34.53
C VAL C 445 19.73 -28.48 -34.96
N GLY C 446 20.51 -28.09 -35.95
CA GLY C 446 21.58 -28.98 -36.41
C GLY C 446 21.03 -30.32 -36.87
N GLY C 447 21.51 -31.37 -36.21
CA GLY C 447 21.03 -32.73 -36.46
C GLY C 447 20.11 -33.27 -35.37
N THR C 448 19.46 -32.39 -34.61
CA THR C 448 18.66 -32.80 -33.46
C THR C 448 17.27 -32.18 -33.54
N VAL C 449 16.25 -33.01 -33.29
CA VAL C 449 14.85 -32.59 -33.24
C VAL C 449 14.44 -32.49 -31.78
N TYR C 450 13.88 -31.35 -31.40
CA TYR C 450 13.37 -31.14 -30.06
C TYR C 450 11.86 -31.03 -30.12
N LEU C 451 11.21 -31.71 -29.17
CA LEU C 451 9.77 -31.85 -29.20
C LEU C 451 9.22 -31.82 -27.78
N THR C 452 7.97 -31.38 -27.66
CA THR C 452 7.15 -31.66 -26.48
C THR C 452 6.07 -32.62 -26.90
N ASN C 453 5.25 -33.04 -25.94
CA ASN C 453 4.18 -33.98 -26.24
C ASN C 453 2.99 -33.72 -25.31
N SER C 454 1.77 -33.93 -25.84
CA SER C 454 0.55 -33.80 -25.03
C SER C 454 0.57 -34.70 -23.80
N TRP C 455 1.35 -35.76 -23.81
CA TRP C 455 1.41 -36.67 -22.67
C TRP C 455 2.35 -36.13 -21.60
N ASP C 456 2.79 -34.87 -21.78
CA ASP C 456 3.70 -34.15 -20.90
C ASP C 456 5.11 -34.73 -20.88
N TRP C 457 5.77 -34.69 -22.04
CA TRP C 457 7.18 -35.05 -22.19
C TRP C 457 7.91 -33.98 -23.00
N ILE C 458 9.19 -33.79 -22.67
CA ILE C 458 10.14 -33.08 -23.54
C ILE C 458 11.13 -34.11 -24.06
N MET C 459 11.53 -33.98 -25.31
CA MET C 459 12.42 -35.00 -25.87
C MET C 459 13.33 -34.42 -26.95
N ALA C 460 14.47 -35.12 -27.11
CA ALA C 460 15.40 -34.89 -28.19
C ALA C 460 15.54 -36.19 -28.98
N ILE C 461 15.44 -36.10 -30.31
CA ILE C 461 15.58 -37.24 -31.20
C ILE C 461 16.57 -36.88 -32.30
N PRO C 462 17.49 -37.76 -32.68
CA PRO C 462 18.38 -37.44 -33.80
C PRO C 462 17.62 -37.36 -35.11
N LEU C 463 18.01 -36.38 -35.93
CA LEU C 463 17.38 -36.21 -37.23
C LEU C 463 17.54 -37.46 -38.09
N LYS C 464 18.68 -38.15 -37.98
CA LYS C 464 18.90 -39.34 -38.79
C LYS C 464 18.13 -40.55 -38.29
N THR C 465 17.76 -40.59 -37.00
CA THR C 465 16.84 -41.62 -36.54
C THR C 465 15.51 -41.53 -37.27
N ILE C 466 15.08 -40.31 -37.57
CA ILE C 466 13.79 -40.07 -38.20
C ILE C 466 13.83 -40.39 -39.70
N SER C 467 15.01 -40.41 -40.30
CA SER C 467 15.14 -40.62 -41.75
C SER C 467 16.13 -41.74 -42.07
N VAL D 5 36.92 -18.37 23.13
CA VAL D 5 36.10 -18.09 21.96
C VAL D 5 36.68 -16.89 21.20
N ALA D 6 36.68 -16.96 19.87
CA ALA D 6 37.40 -16.01 19.03
C ALA D 6 36.45 -14.97 18.44
N VAL D 7 36.76 -13.70 18.66
CA VAL D 7 36.05 -12.60 18.00
C VAL D 7 37.08 -11.65 17.38
N PRO D 8 36.71 -10.90 16.33
CA PRO D 8 37.67 -9.92 15.79
C PRO D 8 38.12 -8.99 16.89
N MET D 9 39.43 -8.99 17.14
CA MET D 9 39.97 -8.27 18.28
C MET D 9 41.46 -8.12 18.10
N ASP D 10 41.99 -6.94 18.37
CA ASP D 10 43.42 -6.79 18.61
C ASP D 10 43.60 -6.92 20.12
N SER D 11 44.21 -8.02 20.56
CA SER D 11 44.29 -8.30 22.00
C SER D 11 45.17 -7.30 22.74
N THR D 12 46.03 -6.56 22.04
CA THR D 12 46.77 -5.46 22.63
C THR D 12 46.14 -4.09 22.35
N GLY D 13 45.03 -4.05 21.63
CA GLY D 13 44.46 -2.79 21.19
C GLY D 13 43.40 -2.20 22.11
N PRO D 14 42.72 -1.15 21.63
CA PRO D 14 41.82 -0.39 22.50
C PRO D 14 40.55 -1.11 22.91
N TYR D 15 40.13 -2.13 22.16
CA TYR D 15 38.96 -2.91 22.53
C TYR D 15 39.29 -4.10 23.39
N ARG D 16 40.55 -4.27 23.77
CA ARG D 16 40.94 -5.42 24.57
C ARG D 16 40.23 -5.38 25.91
N THR D 17 40.06 -6.55 26.51
CA THR D 17 39.54 -6.65 27.88
C THR D 17 40.64 -6.26 28.85
N VAL D 18 40.37 -5.25 29.66
CA VAL D 18 41.30 -4.75 30.67
C VAL D 18 40.78 -5.18 32.03
N SER D 19 41.67 -5.70 32.88
CA SER D 19 41.29 -6.28 34.17
C SER D 19 42.18 -5.71 35.26
N HIS D 20 41.57 -5.22 36.35
CA HIS D 20 42.28 -4.62 37.48
C HIS D 20 41.81 -5.28 38.78
N PRO D 21 42.24 -6.51 39.05
CA PRO D 21 41.69 -7.24 40.21
C PRO D 21 41.92 -6.55 41.53
N GLU D 22 42.89 -5.64 41.62
CA GLU D 22 43.11 -4.86 42.82
C GLU D 22 41.90 -4.02 43.21
N ASN D 23 40.97 -3.79 42.28
CA ASN D 23 39.76 -3.02 42.54
C ASN D 23 38.54 -3.91 42.82
N ALA D 24 38.68 -5.22 42.75
CA ALA D 24 37.54 -6.08 43.00
C ALA D 24 37.13 -6.01 44.47
N PRO D 25 35.85 -6.22 44.79
CA PRO D 25 35.43 -6.07 46.17
C PRO D 25 36.11 -7.10 47.06
N SER D 26 36.29 -6.75 48.32
CA SER D 26 36.79 -7.69 49.30
C SER D 26 35.70 -8.74 49.54
N GLY D 27 36.01 -9.72 50.39
CA GLY D 27 35.00 -10.69 50.78
C GLY D 27 33.78 -10.05 51.43
N VAL D 28 34.01 -9.01 52.25
CA VAL D 28 32.91 -8.33 52.92
C VAL D 28 32.05 -7.60 51.91
N ASP D 29 32.68 -6.77 51.08
CA ASP D 29 31.93 -5.93 50.14
C ASP D 29 31.26 -6.75 49.05
N ALA D 30 31.78 -7.96 48.77
CA ALA D 30 31.21 -8.84 47.76
C ALA D 30 29.90 -9.47 48.19
N GLY D 31 29.48 -9.31 49.43
CA GLY D 31 28.19 -9.79 49.89
C GLY D 31 27.11 -8.73 49.91
N VAL D 32 27.34 -7.59 49.27
CA VAL D 32 26.45 -6.45 49.31
C VAL D 32 25.58 -6.48 48.06
N GLY D 33 24.25 -6.41 48.25
CA GLY D 33 23.29 -6.36 47.16
C GLY D 33 22.85 -7.74 46.71
N PRO D 34 21.97 -7.81 45.71
CA PRO D 34 21.45 -9.11 45.28
C PRO D 34 22.54 -9.98 44.68
N SER D 35 22.24 -11.27 44.60
CA SER D 35 23.19 -12.24 44.08
C SER D 35 22.95 -12.57 42.62
N GLU D 36 21.94 -11.97 41.99
CA GLU D 36 21.61 -12.23 40.60
C GLU D 36 20.83 -11.04 40.04
N TRP D 37 20.84 -10.91 38.70
CA TRP D 37 20.04 -9.91 37.99
C TRP D 37 19.49 -10.58 36.73
N THR D 38 18.19 -10.85 36.70
CA THR D 38 17.63 -11.69 35.64
C THR D 38 16.83 -10.95 34.57
N HIS D 39 16.58 -9.66 34.71
CA HIS D 39 15.75 -8.95 33.74
C HIS D 39 16.32 -7.56 33.52
N ALA D 40 15.90 -6.94 32.42
CA ALA D 40 15.92 -5.50 32.34
C ALA D 40 15.17 -4.95 33.55
N TYR D 41 15.76 -3.95 34.20
CA TYR D 41 15.17 -3.36 35.41
C TYR D 41 15.01 -4.40 36.52
N ALA D 42 15.88 -5.39 36.49
CA ALA D 42 16.16 -6.40 37.51
C ALA D 42 15.13 -7.51 37.65
N ASN D 43 13.86 -7.28 37.31
CA ASN D 43 12.85 -8.28 37.61
C ASN D 43 11.62 -8.00 36.74
N PRO D 44 10.63 -8.90 36.75
CA PRO D 44 9.48 -8.71 35.86
C PRO D 44 8.63 -7.53 36.23
N ALA D 45 8.64 -7.10 37.49
CA ALA D 45 7.91 -5.90 37.88
C ALA D 45 8.63 -4.62 37.47
N HIS D 46 9.89 -4.74 37.02
CA HIS D 46 10.74 -3.59 36.68
C HIS D 46 10.99 -2.66 37.88
N ASN D 47 11.06 -3.18 39.10
CA ASN D 47 11.32 -2.35 40.26
C ASN D 47 12.67 -2.76 40.84
N ALA D 48 13.71 -1.95 40.62
CA ALA D 48 15.04 -2.43 41.02
C ALA D 48 15.36 -1.74 42.34
N ALA D 49 14.88 -2.35 43.42
CA ALA D 49 14.93 -1.76 44.75
C ALA D 49 15.27 -2.89 45.70
N PHE D 50 16.34 -2.73 46.45
CA PHE D 50 16.96 -3.84 47.16
C PHE D 50 17.29 -3.37 48.57
N PRO D 51 16.40 -3.59 49.54
CA PRO D 51 16.76 -3.29 50.92
C PRO D 51 17.90 -4.21 51.37
N VAL D 52 18.59 -3.80 52.42
CA VAL D 52 19.65 -4.63 52.97
C VAL D 52 19.40 -4.89 54.44
N PRO D 53 19.89 -6.00 55.01
CA PRO D 53 19.80 -6.22 56.45
C PRO D 53 20.40 -5.06 57.24
N ASP D 54 19.91 -4.87 58.48
CA ASP D 54 20.42 -3.77 59.31
C ASP D 54 21.91 -3.89 59.61
N ASP D 55 22.46 -5.12 59.61
CA ASP D 55 23.87 -5.38 59.86
C ASP D 55 24.72 -5.56 58.58
N ALA D 56 24.15 -5.26 57.41
CA ALA D 56 24.93 -5.17 56.19
C ALA D 56 26.11 -4.22 56.38
N PRO D 57 27.18 -4.33 55.58
CA PRO D 57 28.30 -3.40 55.73
C PRO D 57 27.82 -1.96 55.77
N GLU D 58 28.45 -1.17 56.63
CA GLU D 58 27.92 0.15 56.90
C GLU D 58 27.92 1.01 55.64
N TRP D 59 28.90 0.83 54.74
CA TRP D 59 29.03 1.78 53.63
C TRP D 59 27.78 1.78 52.75
N ILE D 60 27.16 0.62 52.51
CA ILE D 60 25.99 0.59 51.65
C ILE D 60 24.77 1.23 52.33
N ARG D 61 24.64 1.08 53.64
CA ARG D 61 23.52 1.67 54.36
C ARG D 61 23.69 3.18 54.51
N ASN D 62 24.90 3.63 54.83
CA ASN D 62 25.17 5.05 54.93
C ASN D 62 25.24 5.70 53.57
N GLY D 63 25.68 4.96 52.56
CA GLY D 63 25.75 5.49 51.23
C GLY D 63 27.14 5.94 50.86
N VAL D 64 27.47 5.79 49.58
CA VAL D 64 28.74 6.24 49.04
C VAL D 64 28.43 7.15 47.86
N SER D 65 29.41 7.96 47.50
CA SER D 65 29.28 8.93 46.42
C SER D 65 30.48 8.78 45.50
N TRP D 66 30.23 8.47 44.22
CA TRP D 66 31.33 8.40 43.25
C TRP D 66 30.78 8.51 41.83
N LEU D 67 31.67 8.86 40.91
CA LEU D 67 31.31 9.13 39.52
C LEU D 67 32.40 8.56 38.60
N PHE D 68 31.99 7.69 37.67
CA PHE D 68 32.91 6.96 36.78
C PHE D 68 32.61 7.34 35.34
N PRO D 69 33.50 8.04 34.65
CA PRO D 69 33.29 8.30 33.22
C PRO D 69 33.44 7.02 32.40
N GLU D 70 32.46 6.74 31.53
CA GLU D 70 32.63 5.68 30.56
C GLU D 70 33.36 6.23 29.33
N ALA D 71 33.47 5.44 28.27
CA ALA D 71 34.47 5.71 27.24
C ALA D 71 34.15 6.97 26.44
N ARG D 72 32.87 7.30 26.27
CA ARG D 72 32.42 8.51 25.60
C ARG D 72 32.01 9.61 26.57
N ALA D 73 32.48 9.55 27.81
CA ALA D 73 31.99 10.50 28.82
C ALA D 73 32.02 11.93 28.30
N TRP D 74 30.88 12.61 28.48
CA TRP D 74 30.59 13.98 28.13
C TRP D 74 30.19 14.71 29.42
N PRO D 75 30.72 15.91 29.64
CA PRO D 75 30.46 16.61 30.90
C PRO D 75 28.97 16.79 31.17
N LEU D 76 28.56 16.44 32.40
CA LEU D 76 27.14 16.49 32.74
C LEU D 76 26.55 17.88 32.63
N ALA D 77 27.38 18.92 32.70
CA ALA D 77 26.90 20.27 32.49
C ALA D 77 26.65 20.58 31.02
N ASN D 78 27.17 19.75 30.09
CA ASN D 78 27.07 20.11 28.67
C ASN D 78 25.68 19.82 28.11
N PRO D 79 25.23 20.67 27.20
CA PRO D 79 24.07 20.35 26.35
C PRO D 79 24.38 19.16 25.45
N PRO D 80 23.37 18.56 24.81
CA PRO D 80 23.63 17.37 23.98
C PRO D 80 24.66 17.63 22.89
N PHE D 81 25.57 16.69 22.72
CA PHE D 81 26.49 16.77 21.59
C PHE D 81 25.70 16.65 20.29
N GLY D 82 26.05 17.47 19.31
CA GLY D 82 25.30 17.53 18.06
C GLY D 82 24.03 18.37 18.09
N SER D 83 23.84 19.17 19.15
CA SER D 83 22.61 19.96 19.28
C SER D 83 22.40 20.89 18.08
N LYS D 84 23.47 21.52 17.60
CA LYS D 84 23.31 22.49 16.53
C LYS D 84 22.85 21.82 15.24
N THR D 85 23.44 20.69 14.90
CA THR D 85 23.12 20.05 13.64
C THR D 85 21.83 19.25 13.72
N TYR D 86 21.61 18.53 14.81
CA TYR D 86 20.44 17.67 14.93
C TYR D 86 19.25 18.33 15.63
N GLY D 87 19.43 19.45 16.31
CA GLY D 87 18.42 19.88 17.28
C GLY D 87 18.64 19.20 18.62
N ALA D 88 18.25 19.90 19.68
CA ALA D 88 18.64 19.45 21.03
C ALA D 88 17.96 18.14 21.42
N ALA D 89 16.68 17.97 21.07
CA ALA D 89 15.97 16.75 21.46
C ALA D 89 16.51 15.53 20.72
N GLU D 90 16.53 15.62 19.38
CA GLU D 90 17.09 14.55 18.56
C GLU D 90 18.54 14.26 18.93
N ALA D 91 19.33 15.31 19.14
CA ALA D 91 20.71 15.10 19.55
C ALA D 91 20.77 14.33 20.85
N SER D 92 19.88 14.65 21.80
CA SER D 92 19.89 13.96 23.09
C SER D 92 19.63 12.47 22.91
N VAL D 93 18.67 12.13 22.05
CA VAL D 93 18.32 10.73 21.86
C VAL D 93 19.40 10.00 21.06
N THR D 94 19.94 10.64 20.03
CA THR D 94 21.05 10.04 19.30
C THR D 94 22.24 9.79 20.21
N GLN D 95 22.57 10.77 21.07
CA GLN D 95 23.68 10.58 21.98
C GLN D 95 23.41 9.41 22.92
N THR D 96 22.17 9.29 23.41
CA THR D 96 21.82 8.12 24.23
C THR D 96 22.06 6.82 23.47
N GLN D 97 21.53 6.75 22.25
CA GLN D 97 21.45 5.50 21.52
C GLN D 97 22.81 5.06 20.97
N PHE D 98 23.70 6.01 20.65
CA PHE D 98 25.01 5.60 20.13
C PHE D 98 26.22 5.83 21.02
N TYR D 99 26.17 6.76 21.96
CA TYR D 99 27.31 7.00 22.83
C TYR D 99 27.13 6.58 24.29
N GLY D 100 25.89 6.52 24.78
CA GLY D 100 25.67 6.41 26.21
C GLY D 100 25.01 5.14 26.67
N ASN D 101 24.61 5.11 27.95
CA ASN D 101 23.80 4.03 28.51
C ASN D 101 22.34 4.32 28.25
N ALA D 102 21.65 3.40 27.57
CA ALA D 102 20.21 3.56 27.43
C ALA D 102 19.46 3.05 28.65
N LEU D 103 19.99 2.03 29.35
CA LEU D 103 19.35 1.49 30.55
C LEU D 103 20.27 1.68 31.75
N GLY D 104 19.77 1.29 32.93
CA GLY D 104 20.48 1.51 34.16
C GLY D 104 21.53 0.43 34.41
N PRO D 105 22.19 0.55 35.57
CA PRO D 105 23.17 -0.46 35.97
C PRO D 105 22.49 -1.71 36.54
N SER D 106 23.29 -2.76 36.63
CA SER D 106 22.96 -3.96 37.38
C SER D 106 23.91 -4.05 38.56
N VAL D 107 23.39 -4.23 39.77
CA VAL D 107 24.22 -4.24 40.98
C VAL D 107 24.13 -5.61 41.62
N VAL D 108 25.24 -6.36 41.61
CA VAL D 108 25.27 -7.71 42.14
C VAL D 108 26.57 -7.93 42.91
N ASP D 109 26.47 -8.40 44.16
CA ASP D 109 27.62 -8.85 44.95
C ASP D 109 28.72 -7.80 44.98
N GLY D 110 28.35 -6.59 45.37
CA GLY D 110 29.34 -5.55 45.51
C GLY D 110 29.92 -5.03 44.21
N VAL D 111 29.32 -5.35 43.06
CA VAL D 111 29.80 -4.84 41.78
C VAL D 111 28.65 -4.17 41.03
N VAL D 112 28.96 -3.06 40.38
CA VAL D 112 28.05 -2.41 39.45
C VAL D 112 28.50 -2.78 38.04
N TYR D 113 27.62 -3.45 37.29
CA TYR D 113 27.85 -3.80 35.90
C TYR D 113 27.01 -2.89 35.02
N ALA D 114 27.60 -2.40 33.94
CA ALA D 114 26.87 -1.54 33.02
C ALA D 114 27.29 -1.90 31.61
N GLU D 115 26.43 -1.61 30.66
CA GLU D 115 26.80 -1.74 29.26
C GLU D 115 26.35 -0.47 28.56
N SER D 116 27.12 -0.05 27.56
CA SER D 116 26.91 1.24 26.94
C SER D 116 26.80 1.12 25.43
N ASP D 117 26.07 2.05 24.83
CA ASP D 117 26.10 2.17 23.39
C ASP D 117 27.48 2.55 22.87
N ASP D 118 28.39 3.00 23.74
CA ASP D 118 29.79 3.19 23.35
C ASP D 118 30.48 1.87 23.00
N MET D 119 29.79 0.72 23.17
CA MET D 119 30.21 -0.61 22.75
C MET D 119 31.02 -1.34 23.83
N PHE D 120 31.15 -0.77 25.03
CA PHE D 120 31.83 -1.43 26.13
C PHE D 120 30.85 -1.88 27.21
N ALA D 121 31.21 -2.97 27.88
CA ALA D 121 30.64 -3.33 29.17
C ALA D 121 31.68 -3.06 30.24
N TYR D 122 31.20 -2.70 31.42
CA TYR D 122 32.02 -2.27 32.54
C TYR D 122 31.57 -2.98 33.81
N ALA D 123 32.55 -3.28 34.66
CA ALA D 123 32.36 -3.80 36.00
C ALA D 123 33.16 -2.91 36.94
N VAL D 124 32.47 -2.26 37.87
CA VAL D 124 32.99 -1.17 38.70
C VAL D 124 32.69 -1.49 40.16
N ASN D 125 33.67 -1.27 41.04
CA ASN D 125 33.46 -1.57 42.45
C ASN D 125 32.33 -0.72 43.01
N ALA D 126 31.33 -1.38 43.60
CA ALA D 126 30.14 -0.66 44.06
C ALA D 126 30.45 0.30 45.21
N LYS D 127 31.47 0.00 46.03
CA LYS D 127 31.83 0.93 47.09
C LYS D 127 32.70 2.08 46.59
N THR D 128 33.79 1.76 45.86
CA THR D 128 34.80 2.74 45.49
C THR D 128 34.63 3.35 44.11
N GLY D 129 33.79 2.80 43.25
CA GLY D 129 33.65 3.33 41.91
C GLY D 129 34.86 3.14 41.00
N LYS D 130 35.75 2.22 41.33
CA LYS D 130 36.97 2.02 40.56
C LYS D 130 36.83 0.80 39.64
N LEU D 131 37.45 0.88 38.47
CA LEU D 131 37.19 -0.07 37.40
C LEU D 131 37.71 -1.46 37.76
N ILE D 132 36.83 -2.44 37.77
CA ILE D 132 37.26 -3.83 37.88
C ILE D 132 37.60 -4.45 36.53
N TRP D 133 36.74 -4.26 35.52
CA TRP D 133 37.11 -4.67 34.17
C TRP D 133 36.22 -3.98 33.17
N ARG D 134 36.69 -3.92 31.93
CA ARG D 134 35.85 -3.47 30.82
C ARG D 134 36.17 -4.33 29.61
N ALA D 135 35.18 -4.54 28.76
CA ALA D 135 35.35 -5.44 27.63
C ALA D 135 34.51 -4.93 26.47
N SER D 136 34.92 -5.28 25.24
CA SER D 136 34.17 -4.96 24.04
C SER D 136 34.27 -6.14 23.09
N PRO D 137 33.56 -7.23 23.39
CA PRO D 137 33.68 -8.42 22.54
C PRO D 137 33.03 -8.26 21.18
N VAL D 138 32.16 -7.26 21.02
CA VAL D 138 31.40 -7.06 19.79
C VAL D 138 31.28 -5.56 19.50
N GLY D 139 31.47 -5.21 18.24
CA GLY D 139 31.53 -3.87 17.69
C GLY D 139 30.17 -3.29 17.38
N ASN D 140 29.21 -3.53 18.27
CA ASN D 140 27.86 -3.02 18.12
C ASN D 140 27.46 -2.38 19.44
N ASN D 141 26.34 -1.65 19.41
CA ASN D 141 25.86 -0.96 20.61
C ASN D 141 25.31 -1.96 21.61
N LEU D 142 25.52 -1.67 22.91
CA LEU D 142 24.97 -2.50 23.98
C LEU D 142 23.94 -1.65 24.69
N MET D 143 22.67 -1.92 24.39
CA MET D 143 21.57 -1.05 24.77
C MET D 143 20.73 -1.54 25.95
N GLY D 144 21.09 -2.64 26.59
CA GLY D 144 20.32 -3.18 27.70
C GLY D 144 20.95 -2.92 29.06
N ASN D 145 20.57 -3.75 30.04
CA ASN D 145 21.37 -3.80 31.25
C ASN D 145 21.88 -5.21 31.45
N PRO D 146 23.11 -5.37 31.95
CA PRO D 146 23.71 -6.70 32.00
C PRO D 146 22.88 -7.63 32.86
N LEU D 147 22.73 -8.88 32.41
CA LEU D 147 22.19 -9.91 33.30
C LEU D 147 23.35 -10.55 34.05
N VAL D 148 23.13 -10.89 35.32
CA VAL D 148 24.18 -11.51 36.12
C VAL D 148 23.61 -12.78 36.73
N ILE D 149 24.17 -13.93 36.37
CA ILE D 149 23.73 -15.20 36.94
C ILE D 149 24.96 -16.03 37.24
N GLY D 150 25.10 -16.44 38.49
CA GLY D 150 26.31 -17.13 38.90
C GLY D 150 27.53 -16.27 38.63
N ASN D 151 28.50 -16.87 37.94
CA ASN D 151 29.72 -16.20 37.57
C ASN D 151 29.70 -15.67 36.13
N THR D 152 28.52 -15.58 35.50
CA THR D 152 28.40 -15.09 34.12
C THR D 152 27.65 -13.75 34.05
N VAL D 153 28.14 -12.88 33.18
CA VAL D 153 27.46 -11.63 32.81
C VAL D 153 27.01 -11.76 31.38
N TYR D 154 25.75 -11.37 31.10
CA TYR D 154 25.16 -11.51 29.77
C TYR D 154 24.83 -10.14 29.17
N LEU D 155 25.30 -9.93 27.95
CA LEU D 155 25.10 -8.73 27.15
C LEU D 155 24.28 -9.06 25.91
N SER D 156 23.53 -8.08 25.42
CA SER D 156 22.92 -8.21 24.10
C SER D 156 23.35 -7.04 23.22
N ALA D 157 23.56 -7.33 21.94
CA ALA D 157 24.08 -6.36 20.99
C ALA D 157 23.08 -6.12 19.88
N GLY D 158 22.91 -4.85 19.51
CA GLY D 158 22.04 -4.47 18.42
C GLY D 158 21.99 -2.96 18.31
N SER D 159 21.63 -2.51 17.10
CA SER D 159 21.56 -1.11 16.71
C SER D 159 20.11 -0.77 16.41
N VAL D 160 19.78 0.53 16.47
CA VAL D 160 18.43 0.97 16.12
C VAL D 160 18.18 0.98 14.63
N ALA D 161 19.20 0.75 13.80
CA ALA D 161 19.12 1.08 12.39
C ALA D 161 18.91 -0.14 11.48
N PHE D 162 18.63 0.17 10.20
CA PHE D 162 18.37 -0.78 9.14
C PHE D 162 19.41 -0.57 8.04
N ASN D 163 19.85 -1.66 7.43
CA ASN D 163 20.60 -1.53 6.18
C ASN D 163 19.66 -1.25 5.01
N PHE D 164 20.24 -0.81 3.90
CA PHE D 164 19.42 -0.35 2.79
C PHE D 164 18.55 -1.47 2.21
N ALA D 165 19.09 -2.70 2.15
CA ALA D 165 18.31 -3.83 1.63
C ALA D 165 16.99 -3.98 2.37
N ASN D 166 17.02 -3.81 3.70
CA ASN D 166 15.79 -3.94 4.47
C ASN D 166 14.94 -2.68 4.44
N VAL D 167 15.53 -1.53 4.09
CA VAL D 167 14.69 -0.36 3.77
C VAL D 167 13.85 -0.66 2.53
N LEU D 168 14.47 -1.24 1.51
CA LEU D 168 13.74 -1.62 0.30
C LEU D 168 12.67 -2.67 0.61
N ARG D 169 13.05 -3.70 1.40
CA ARG D 169 12.07 -4.70 1.80
C ARG D 169 10.88 -4.07 2.52
N TYR D 170 11.16 -3.12 3.43
CA TYR D 170 10.06 -2.45 4.13
C TYR D 170 9.17 -1.71 3.13
N ALA D 171 9.78 -1.00 2.17
CA ALA D 171 8.99 -0.30 1.18
C ALA D 171 8.05 -1.25 0.45
N HIS D 172 8.53 -2.43 0.05
CA HIS D 172 7.64 -3.37 -0.61
C HIS D 172 6.65 -4.01 0.36
N ASN D 173 7.16 -4.68 1.40
CA ASN D 173 6.34 -5.37 2.38
C ASN D 173 6.91 -5.21 3.80
N PRO D 174 6.36 -4.29 4.61
CA PRO D 174 6.91 -4.09 5.96
C PRO D 174 7.21 -5.38 6.71
N SER D 175 6.35 -6.39 6.63
CA SER D 175 6.63 -7.61 7.38
C SER D 175 7.77 -8.44 6.77
N ALA D 176 8.28 -8.07 5.61
CA ALA D 176 9.47 -8.72 5.06
C ALA D 176 10.77 -8.10 5.59
N SER D 177 10.67 -7.03 6.38
CA SER D 177 11.81 -6.22 6.78
C SER D 177 12.30 -6.60 8.17
N ALA D 178 13.63 -6.52 8.36
CA ALA D 178 14.28 -6.85 9.61
C ALA D 178 15.22 -5.72 10.04
N ARG D 179 15.04 -5.22 11.26
CA ARG D 179 15.91 -4.19 11.82
C ARG D 179 17.20 -4.78 12.38
N GLY D 180 18.33 -4.11 12.13
CA GLY D 180 19.62 -4.56 12.60
C GLY D 180 20.25 -5.68 11.78
N LEU D 181 19.51 -6.29 10.87
CA LEU D 181 20.05 -7.42 10.10
C LEU D 181 21.14 -6.90 9.17
N ASN D 182 22.35 -7.47 9.30
CA ASN D 182 23.53 -6.98 8.61
C ASN D 182 23.81 -5.51 8.92
N VAL D 183 23.42 -5.06 10.12
CA VAL D 183 23.94 -3.82 10.68
C VAL D 183 24.80 -4.24 11.86
N SER D 184 26.11 -4.28 11.64
CA SER D 184 27.07 -4.95 12.52
C SER D 184 26.60 -6.36 12.92
N PHE D 185 26.87 -6.76 14.15
CA PHE D 185 26.63 -8.12 14.61
C PHE D 185 25.86 -8.09 15.91
N ASN D 186 24.95 -9.05 16.06
CA ASN D 186 23.87 -8.96 17.02
C ASN D 186 23.85 -10.19 17.92
N GLY D 187 23.09 -10.09 18.99
CA GLY D 187 22.85 -11.27 19.82
C GLY D 187 23.58 -11.22 21.14
N ILE D 188 23.63 -12.39 21.79
CA ILE D 188 23.97 -12.47 23.22
C ILE D 188 25.42 -12.85 23.39
N TYR D 189 26.13 -12.07 24.22
CA TYR D 189 27.54 -12.29 24.53
C TYR D 189 27.68 -12.55 26.02
N ALA D 190 28.32 -13.66 26.36
CA ALA D 190 28.44 -14.14 27.73
C ALA D 190 29.90 -14.06 28.15
N LEU D 191 30.14 -13.31 29.23
CA LEU D 191 31.46 -12.94 29.75
C LEU D 191 31.63 -13.51 31.14
N ASN D 192 32.84 -13.93 31.46
CA ASN D 192 33.15 -14.32 32.83
C ASN D 192 33.00 -13.12 33.76
N ARG D 193 32.19 -13.29 34.81
CA ARG D 193 31.92 -12.18 35.72
C ARG D 193 33.19 -11.64 36.37
N SER D 194 34.20 -12.48 36.58
CA SER D 194 35.35 -12.04 37.35
C SER D 194 36.31 -11.15 36.54
N ASN D 195 36.74 -11.64 35.37
CA ASN D 195 37.70 -10.93 34.52
C ASN D 195 37.12 -10.39 33.21
N GLY D 196 35.84 -10.59 32.93
CA GLY D 196 35.29 -10.13 31.67
C GLY D 196 35.70 -10.92 30.44
N LYS D 197 36.34 -12.08 30.61
CA LYS D 197 36.72 -12.89 29.45
C LYS D 197 35.48 -13.46 28.77
N LEU D 198 35.53 -13.57 27.44
CA LEU D 198 34.37 -13.98 26.66
C LEU D 198 34.21 -15.48 26.76
N LEU D 199 33.09 -15.91 27.35
CA LEU D 199 32.79 -17.32 27.47
C LEU D 199 32.18 -17.89 26.19
N TRP D 200 31.13 -17.22 25.69
CA TRP D 200 30.53 -17.67 24.44
C TRP D 200 29.68 -16.53 23.89
N TYR D 201 29.30 -16.65 22.63
CA TYR D 201 28.28 -15.76 22.07
C TYR D 201 27.31 -16.60 21.24
N PHE D 202 26.08 -16.10 21.16
CA PHE D 202 25.04 -16.65 20.29
C PHE D 202 24.58 -15.51 19.38
N ALA D 203 24.94 -15.60 18.11
CA ALA D 203 24.59 -14.57 17.15
C ALA D 203 23.16 -14.74 16.68
N THR D 204 22.49 -13.61 16.45
CA THR D 204 21.12 -13.60 15.97
C THR D 204 21.02 -12.79 14.67
N PRO D 205 20.13 -13.17 13.75
CA PRO D 205 20.05 -12.45 12.48
C PRO D 205 19.70 -10.98 12.63
N GLY D 206 18.71 -10.65 13.46
CA GLY D 206 18.33 -9.29 13.71
C GLY D 206 19.00 -8.73 14.96
N GLU D 207 18.85 -7.41 15.14
CA GLU D 207 19.44 -6.76 16.30
C GLU D 207 18.79 -7.31 17.55
N THR D 208 19.57 -7.44 18.63
CA THR D 208 18.95 -7.60 19.93
C THR D 208 19.37 -6.40 20.76
N MET D 209 18.58 -5.33 20.68
CA MET D 209 18.73 -4.22 21.60
C MET D 209 18.06 -4.55 22.91
N ALA D 210 16.97 -5.31 22.84
CA ALA D 210 16.25 -5.71 24.03
C ALA D 210 17.16 -6.53 24.93
N THR D 211 16.93 -6.38 26.22
CA THR D 211 17.60 -7.21 27.22
C THR D 211 16.92 -8.57 27.27
N PRO D 212 17.68 -9.66 27.28
CA PRO D 212 17.09 -10.99 27.44
C PRO D 212 16.55 -11.16 28.84
N ALA D 213 15.72 -12.20 29.00
CA ALA D 213 15.28 -12.65 30.31
C ALA D 213 15.95 -13.96 30.66
N TYR D 214 16.31 -14.15 31.93
CA TYR D 214 16.87 -15.41 32.40
C TYR D 214 15.83 -16.15 33.23
N ASP D 215 15.59 -17.42 32.91
CA ASP D 215 14.79 -18.29 33.75
C ASP D 215 15.29 -19.71 33.55
N ASN D 216 15.43 -20.46 34.65
CA ASN D 216 15.69 -21.90 34.58
C ASN D 216 16.86 -22.25 33.66
N ASN D 217 18.03 -21.66 33.95
CA ASN D 217 19.27 -21.89 33.20
C ASN D 217 19.12 -21.57 31.72
N THR D 218 18.18 -20.67 31.38
CA THR D 218 17.86 -20.38 29.99
C THR D 218 17.69 -18.89 29.78
N LEU D 219 18.27 -18.38 28.69
CA LEU D 219 18.12 -17.00 28.26
C LEU D 219 17.09 -16.93 27.14
N PHE D 220 16.28 -15.88 27.15
CA PHE D 220 15.18 -15.71 26.22
C PHE D 220 15.28 -14.34 25.57
N ILE D 221 15.28 -14.31 24.23
CA ILE D 221 15.55 -13.07 23.51
C ILE D 221 14.72 -13.02 22.22
N ALA D 222 14.44 -11.81 21.74
CA ALA D 222 13.75 -11.64 20.47
C ALA D 222 14.47 -10.55 19.67
N ASP D 223 14.56 -10.73 18.36
CA ASP D 223 15.44 -9.87 17.57
C ASP D 223 14.65 -8.99 16.60
N GLY D 224 15.37 -8.13 15.89
CA GLY D 224 14.73 -7.26 14.92
C GLY D 224 14.31 -7.95 13.65
N ALA D 225 14.63 -9.25 13.54
CA ALA D 225 14.31 -10.09 12.40
C ALA D 225 13.09 -10.98 12.62
N GLY D 226 12.35 -10.79 13.71
CA GLY D 226 11.14 -11.56 13.93
C GLY D 226 11.32 -12.88 14.62
N ASN D 227 12.50 -13.14 15.19
CA ASN D 227 12.79 -14.39 15.85
C ASN D 227 12.76 -14.22 17.36
N ALA D 228 12.19 -15.21 18.04
CA ALA D 228 12.40 -15.43 19.46
C ALA D 228 13.24 -16.69 19.65
N PHE D 229 14.10 -16.69 20.66
CA PHE D 229 15.04 -17.77 20.93
C PHE D 229 15.06 -18.08 22.41
N GLY D 230 15.08 -19.38 22.73
CA GLY D 230 15.66 -19.86 23.99
C GLY D 230 17.07 -20.39 23.77
N ILE D 231 17.95 -20.08 24.72
CA ILE D 231 19.39 -20.35 24.62
C ILE D 231 19.85 -20.88 25.97
N ASN D 232 20.64 -21.95 25.96
CA ASN D 232 21.11 -22.51 27.23
C ASN D 232 22.13 -21.54 27.83
N ALA D 233 21.84 -21.08 29.06
CA ALA D 233 22.65 -20.06 29.70
C ALA D 233 24.07 -20.56 29.99
N THR D 234 24.23 -21.87 30.22
CA THR D 234 25.54 -22.41 30.49
C THR D 234 26.33 -22.66 29.20
N THR D 235 25.72 -23.33 28.23
CA THR D 235 26.43 -23.71 27.02
C THR D 235 26.28 -22.70 25.89
N GLY D 236 25.32 -21.77 25.98
CA GLY D 236 25.07 -20.86 24.87
C GLY D 236 24.53 -21.51 23.62
N LYS D 237 24.11 -22.78 23.72
CA LYS D 237 23.51 -23.45 22.57
C LYS D 237 22.03 -23.13 22.47
N GLN D 238 21.56 -23.06 21.23
CA GLN D 238 20.14 -22.80 20.98
C GLN D 238 19.28 -23.92 21.55
N VAL D 239 18.23 -23.52 22.28
CA VAL D 239 17.24 -24.44 22.81
C VAL D 239 16.05 -24.47 21.86
N TRP D 240 15.46 -23.31 21.60
CA TRP D 240 14.44 -23.30 20.55
C TRP D 240 14.47 -21.98 19.80
N LYS D 241 13.82 -21.97 18.63
CA LYS D 241 13.68 -20.78 17.80
C LYS D 241 12.27 -20.76 17.24
N THR D 242 11.53 -19.68 17.54
CA THR D 242 10.20 -19.44 16.98
C THR D 242 10.27 -18.20 16.13
N HIS D 243 9.96 -18.29 14.85
CA HIS D 243 9.89 -17.08 14.06
C HIS D 243 8.45 -16.56 14.11
N VAL D 244 8.24 -15.49 14.88
CA VAL D 244 6.90 -14.90 14.97
C VAL D 244 6.70 -13.76 13.97
N GLY D 245 7.76 -13.30 13.32
CA GLY D 245 7.64 -12.15 12.45
C GLY D 245 7.71 -10.83 13.21
N GLY D 246 7.71 -9.75 12.43
CA GLY D 246 7.84 -8.45 13.04
C GLY D 246 9.25 -8.21 13.56
N MET D 247 9.36 -7.21 14.44
CA MET D 247 10.65 -6.82 15.00
C MET D 247 10.49 -6.48 16.47
N ASP D 248 11.34 -7.08 17.31
CA ASP D 248 11.47 -6.59 18.67
C ASP D 248 12.46 -5.44 18.66
N ASN D 249 12.01 -4.25 19.04
CA ASN D 249 12.91 -3.12 18.99
C ASN D 249 13.64 -2.95 20.33
N MET D 250 12.96 -2.38 21.31
CA MET D 250 13.49 -2.27 22.67
C MET D 250 12.76 -3.12 23.70
N SER D 251 11.89 -4.05 23.30
CA SER D 251 10.99 -4.66 24.27
C SER D 251 11.73 -5.82 24.92
N SER D 252 12.23 -5.60 26.14
CA SER D 252 12.97 -6.63 26.85
C SER D 252 12.03 -7.74 27.30
N VAL D 253 12.50 -8.98 27.19
CA VAL D 253 11.67 -10.13 27.49
C VAL D 253 11.37 -10.16 28.99
N THR D 254 10.13 -10.49 29.35
CA THR D 254 9.77 -10.70 30.74
C THR D 254 9.38 -12.16 30.95
N ALA D 255 10.04 -12.83 31.89
CA ALA D 255 9.75 -14.22 32.21
C ALA D 255 8.85 -14.24 33.44
N TYR D 256 7.67 -14.83 33.30
CA TYR D 256 6.68 -14.86 34.37
C TYR D 256 5.83 -16.11 34.18
N ARG D 257 5.47 -16.77 35.29
CA ARG D 257 4.67 -18.01 35.30
C ARG D 257 5.11 -19.04 34.25
N HIS D 258 6.42 -19.25 34.12
CA HIS D 258 7.04 -20.19 33.17
C HIS D 258 6.72 -19.85 31.71
N ASN D 259 6.32 -18.62 31.43
CA ASN D 259 6.14 -18.11 30.08
C ASN D 259 7.05 -16.90 29.88
N ILE D 260 7.25 -16.51 28.62
CA ILE D 260 7.93 -15.26 28.33
C ILE D 260 6.97 -14.35 27.57
N TYR D 261 7.21 -13.05 27.71
CA TYR D 261 6.36 -11.99 27.19
C TYR D 261 7.25 -10.93 26.56
N PHE D 262 6.92 -10.55 25.34
CA PHE D 262 7.65 -9.46 24.68
C PHE D 262 6.75 -8.89 23.60
N ALA D 263 7.02 -7.66 23.17
CA ALA D 263 6.21 -7.03 22.13
C ALA D 263 6.97 -6.94 20.82
N MET D 264 6.25 -7.11 19.71
CA MET D 264 6.80 -6.99 18.36
C MET D 264 6.04 -5.94 17.57
N ALA D 265 6.80 -5.12 16.85
CA ALA D 265 6.27 -4.13 15.92
C ALA D 265 6.08 -4.73 14.52
N ILE D 266 5.45 -3.93 13.64
CA ILE D 266 5.25 -4.18 12.20
C ILE D 266 4.29 -5.34 12.00
N LYS D 267 4.28 -6.25 12.94
CA LYS D 267 3.31 -7.33 13.06
C LYS D 267 2.94 -7.17 14.52
N PRO D 268 2.01 -6.27 14.81
CA PRO D 268 1.99 -5.58 16.11
C PRO D 268 1.33 -6.38 17.20
N TYR D 269 2.09 -7.21 17.91
CA TYR D 269 1.47 -8.01 18.96
C TYR D 269 2.33 -8.01 20.21
N LEU D 270 1.66 -8.17 21.35
CA LEU D 270 2.29 -8.63 22.58
C LEU D 270 2.22 -10.15 22.61
N TYR D 271 3.39 -10.80 22.67
CA TYR D 271 3.47 -12.26 22.63
C TYR D 271 3.70 -12.85 24.01
N CYS D 272 2.97 -13.96 24.26
CA CYS D 272 3.19 -14.87 25.39
C CYS D 272 3.55 -16.23 24.81
N LEU D 273 4.80 -16.63 25.00
CA LEU D 273 5.36 -17.87 24.49
C LEU D 273 5.71 -18.79 25.66
N ASN D 274 5.66 -20.10 25.38
CA ASN D 274 5.98 -21.11 26.38
C ASN D 274 7.50 -21.26 26.48
N GLU D 275 8.03 -21.24 27.71
CA GLU D 275 9.48 -21.30 27.88
C GLU D 275 10.05 -22.62 27.40
N SER D 276 9.26 -23.70 27.47
CA SER D 276 9.80 -25.00 27.11
C SER D 276 10.09 -25.10 25.62
N ASN D 277 9.06 -24.95 24.79
CA ASN D 277 9.19 -25.10 23.35
C ASN D 277 9.14 -23.79 22.54
N GLY D 278 8.86 -22.65 23.16
CA GLY D 278 8.68 -21.45 22.38
C GLY D 278 7.41 -21.38 21.57
N HIS D 279 6.43 -22.25 21.84
CA HIS D 279 5.15 -22.16 21.15
C HIS D 279 4.35 -20.97 21.67
N ILE D 280 3.51 -20.42 20.79
CA ILE D 280 2.74 -19.24 21.17
C ILE D 280 1.63 -19.69 22.11
N VAL D 281 1.63 -19.14 23.33
CA VAL D 281 0.52 -19.39 24.25
C VAL D 281 -0.63 -18.47 23.92
N TRP D 282 -0.35 -17.18 23.80
CA TRP D 282 -1.38 -16.26 23.32
C TRP D 282 -0.69 -15.01 22.81
N LYS D 283 -1.41 -14.24 22.01
CA LYS D 283 -0.92 -12.94 21.56
C LYS D 283 -2.02 -11.90 21.74
N GLY D 284 -1.62 -10.64 21.83
CA GLY D 284 -2.55 -9.59 22.20
C GLY D 284 -2.21 -8.31 21.46
N THR D 285 -3.13 -7.35 21.51
CA THR D 285 -2.96 -6.11 20.78
C THR D 285 -3.25 -4.92 21.68
N ILE D 286 -2.74 -3.77 21.25
CA ILE D 286 -3.05 -2.49 21.89
C ILE D 286 -3.74 -1.58 20.89
N PRO D 287 -5.00 -1.21 21.11
CA PRO D 287 -5.75 -0.48 20.08
C PRO D 287 -5.10 0.85 19.76
N GLY D 288 -4.93 1.12 18.46
CA GLY D 288 -4.39 2.37 18.00
C GLY D 288 -2.89 2.50 18.06
N ALA D 289 -2.18 1.53 18.65
CA ALA D 289 -0.74 1.55 18.67
C ALA D 289 -0.18 1.59 17.26
N SER D 290 0.81 2.45 17.03
CA SER D 290 1.48 2.44 15.75
C SER D 290 2.16 1.08 15.57
N ASN D 291 1.93 0.46 14.41
CA ASN D 291 2.52 -0.85 14.17
C ASN D 291 4.04 -0.76 14.19
N THR D 292 4.59 0.43 14.01
CA THR D 292 6.03 0.60 14.16
C THR D 292 6.45 0.78 15.62
N GLY D 293 5.59 1.32 16.47
CA GLY D 293 5.98 1.71 17.82
C GLY D 293 5.56 0.79 18.97
N ILE D 294 4.98 -0.38 18.69
CA ILE D 294 4.54 -1.25 19.79
C ILE D 294 5.68 -2.10 20.35
N GLY D 295 6.66 -2.47 19.52
CA GLY D 295 7.75 -3.34 19.98
C GLY D 295 8.88 -2.62 20.66
N ASP D 296 8.63 -1.39 21.11
CA ASP D 296 9.57 -0.62 21.92
C ASP D 296 9.55 -1.01 23.39
N VAL D 297 8.35 -1.13 23.99
CA VAL D 297 8.23 -1.10 25.45
C VAL D 297 8.36 -2.51 26.02
N SER D 298 9.11 -2.62 27.11
CA SER D 298 9.27 -3.89 27.81
C SER D 298 8.06 -4.15 28.71
N PRO D 299 7.34 -5.25 28.52
CA PRO D 299 6.15 -5.49 29.35
C PRO D 299 6.55 -5.82 30.78
N ALA D 300 5.69 -5.40 31.71
CA ALA D 300 5.90 -5.70 33.12
C ALA D 300 4.82 -6.70 33.53
N ALA D 301 5.15 -7.53 34.52
CA ALA D 301 4.23 -8.58 34.96
C ALA D 301 4.28 -8.67 36.47
N ALA D 302 3.11 -8.70 37.11
CA ALA D 302 2.98 -8.96 38.53
C ALA D 302 1.59 -9.51 38.82
N ASP D 303 1.49 -10.40 39.81
CA ASP D 303 0.21 -10.92 40.32
C ASP D 303 -0.75 -11.32 39.19
N GLY D 304 -0.26 -12.17 38.29
CA GLY D 304 -1.07 -12.68 37.21
C GLY D 304 -1.51 -11.65 36.17
N VAL D 305 -0.83 -10.51 36.06
CA VAL D 305 -1.18 -9.49 35.09
C VAL D 305 0.08 -9.06 34.33
N VAL D 306 -0.05 -8.90 33.01
CA VAL D 306 1.00 -8.31 32.18
C VAL D 306 0.49 -6.96 31.68
N VAL D 307 1.36 -5.96 31.73
CA VAL D 307 1.02 -4.58 31.43
C VAL D 307 1.97 -4.09 30.36
N LEU D 308 1.41 -3.48 29.30
CA LEU D 308 2.20 -2.93 28.21
C LEU D 308 1.54 -1.66 27.71
N ASP D 309 2.34 -0.66 27.32
CA ASP D 309 1.81 0.54 26.69
C ASP D 309 2.54 0.79 25.39
N ALA D 310 1.93 1.60 24.53
CA ALA D 310 2.54 1.90 23.24
C ALA D 310 2.03 3.26 22.77
N THR D 311 2.81 3.86 21.89
CA THR D 311 2.48 5.15 21.30
C THR D 311 1.58 4.95 20.08
N THR D 312 0.71 5.93 19.86
CA THR D 312 -0.20 5.94 18.73
C THR D 312 0.48 6.50 17.47
N LYS D 313 -0.08 6.15 16.32
CA LYS D 313 0.37 6.69 15.04
C LYS D 313 0.21 8.21 15.04
N PRO D 314 1.15 8.95 14.43
CA PRO D 314 1.07 10.41 14.38
C PRO D 314 -0.10 10.92 13.54
N PHE D 322 0.63 12.64 19.26
CA PHE D 322 0.64 11.27 19.76
C PHE D 322 -0.12 11.12 21.08
N SER D 323 -0.58 9.90 21.33
CA SER D 323 -0.97 9.48 22.66
C SER D 323 -0.17 8.25 23.03
N ASN D 324 -0.32 7.84 24.28
CA ASN D 324 0.19 6.56 24.77
C ASN D 324 -0.98 5.82 25.39
N VAL D 325 -1.10 4.54 25.06
CA VAL D 325 -2.19 3.70 25.51
C VAL D 325 -1.60 2.52 26.26
N ILE D 326 -2.17 2.25 27.43
CA ILE D 326 -1.71 1.18 28.31
C ILE D 326 -2.81 0.15 28.41
N ARG D 327 -2.44 -1.12 28.34
CA ARG D 327 -3.41 -2.21 28.41
C ARG D 327 -2.86 -3.30 29.31
N ALA D 328 -3.73 -3.81 30.18
CA ALA D 328 -3.43 -4.91 31.09
C ALA D 328 -4.09 -6.18 30.57
N PHE D 329 -3.35 -7.27 30.60
CA PHE D 329 -3.79 -8.57 30.14
C PHE D 329 -3.69 -9.58 31.28
N ASP D 330 -4.62 -10.53 31.31
CA ASP D 330 -4.43 -11.70 32.15
C ASP D 330 -3.22 -12.47 31.66
N ALA D 331 -2.24 -12.68 32.55
CA ALA D 331 -0.98 -13.27 32.11
C ALA D 331 -1.18 -14.66 31.53
N LYS D 332 -2.08 -15.44 32.11
CA LYS D 332 -2.30 -16.82 31.67
C LYS D 332 -3.10 -16.87 30.37
N THR D 333 -4.24 -16.18 30.31
CA THR D 333 -5.13 -16.28 29.16
C THR D 333 -4.97 -15.18 28.12
N GLY D 334 -4.32 -14.07 28.45
CA GLY D 334 -4.33 -12.94 27.56
C GLY D 334 -5.61 -12.12 27.56
N ALA D 335 -6.59 -12.47 28.38
CA ALA D 335 -7.83 -11.70 28.43
C ALA D 335 -7.55 -10.25 28.82
N VAL D 336 -8.24 -9.33 28.14
CA VAL D 336 -7.99 -7.91 28.32
C VAL D 336 -8.72 -7.44 29.57
N LEU D 337 -7.95 -6.98 30.56
CA LEU D 337 -8.51 -6.53 31.82
C LEU D 337 -8.96 -5.08 31.76
N TRP D 338 -8.13 -4.21 31.19
CA TRP D 338 -8.49 -2.81 31.01
C TRP D 338 -7.55 -2.17 30.00
N THR D 339 -8.04 -1.05 29.45
CA THR D 339 -7.29 -0.23 28.50
C THR D 339 -7.53 1.22 28.86
N ARG D 340 -6.44 1.99 28.97
CA ARG D 340 -6.52 3.39 29.36
C ARG D 340 -5.64 4.23 28.45
N ASN D 341 -6.08 5.46 28.21
CA ASN D 341 -5.26 6.41 27.46
C ASN D 341 -4.56 7.34 28.44
N MET D 342 -3.23 7.35 28.39
CA MET D 342 -2.42 8.04 29.38
C MET D 342 -2.18 9.51 29.05
N GLY D 343 -2.76 10.01 27.96
CA GLY D 343 -2.67 11.41 27.60
C GLY D 343 -1.84 11.64 26.34
N SER D 344 -1.96 12.85 25.82
CA SER D 344 -1.46 13.20 24.51
C SER D 344 -0.41 14.30 24.61
N GLY D 345 0.37 14.45 23.54
CA GLY D 345 1.34 15.52 23.46
C GLY D 345 1.92 15.66 22.07
N GLY D 346 2.99 16.46 21.98
CA GLY D 346 3.59 16.78 20.69
C GLY D 346 4.73 15.85 20.31
N LYS D 347 5.36 16.19 19.18
CA LYS D 347 6.37 15.33 18.56
C LYS D 347 7.62 15.23 19.42
N ILE D 348 8.11 14.00 19.61
CA ILE D 348 9.39 13.72 20.24
C ILE D 348 10.08 12.61 19.48
N PRO D 349 11.41 12.53 19.57
CA PRO D 349 12.13 11.52 18.80
C PRO D 349 12.07 10.12 19.39
N ALA D 350 12.29 9.13 18.52
CA ALA D 350 12.59 7.74 18.84
C ALA D 350 11.62 7.07 19.80
N PHE D 351 12.08 6.72 21.00
CA PHE D 351 11.34 5.86 21.92
C PHE D 351 10.31 6.71 22.65
N LYS D 352 9.03 6.51 22.34
CA LYS D 352 7.98 7.40 22.85
C LYS D 352 7.08 6.82 23.94
N GLY D 353 7.20 5.51 24.28
CA GLY D 353 6.41 4.97 25.37
C GLY D 353 7.13 5.14 26.70
N GLY D 354 6.45 4.82 27.80
CA GLY D 354 7.10 4.67 29.09
C GLY D 354 7.28 3.22 29.50
N VAL D 355 8.39 2.93 30.15
CA VAL D 355 8.57 1.59 30.68
C VAL D 355 7.74 1.50 31.94
N PRO D 356 6.77 0.58 32.03
CA PRO D 356 5.96 0.45 33.24
C PRO D 356 6.70 -0.28 34.37
N MET D 357 6.45 0.17 35.58
CA MET D 357 6.88 -0.55 36.78
C MET D 357 5.63 -0.90 37.57
N ILE D 358 5.63 -2.07 38.20
CA ILE D 358 4.51 -2.50 39.02
C ILE D 358 4.99 -2.70 40.45
N HIS D 359 4.30 -2.07 41.40
CA HIS D 359 4.59 -2.30 42.80
C HIS D 359 3.31 -2.14 43.61
N ASN D 360 3.10 -3.03 44.57
CA ASN D 360 1.95 -3.00 45.46
C ASN D 360 0.65 -2.88 44.67
N ASN D 361 0.54 -3.71 43.63
CA ASN D 361 -0.65 -3.74 42.77
C ASN D 361 -0.99 -2.36 42.20
N ILE D 362 0.04 -1.54 41.93
CA ILE D 362 -0.13 -0.28 41.23
C ILE D 362 0.89 -0.23 40.10
N VAL D 363 0.46 0.23 38.92
CA VAL D 363 1.35 0.49 37.80
C VAL D 363 1.78 1.95 37.85
N TYR D 364 3.08 2.18 37.89
CA TYR D 364 3.68 3.50 37.81
C TYR D 364 4.34 3.61 36.45
N VAL D 365 3.93 4.58 35.64
CA VAL D 365 4.39 4.60 34.26
C VAL D 365 4.43 6.03 33.74
N GLY D 366 5.42 6.32 32.92
CA GLY D 366 5.56 7.64 32.33
C GLY D 366 5.01 7.74 30.91
N ASN D 367 4.75 8.99 30.52
CA ASN D 367 4.19 9.35 29.22
C ASN D 367 5.10 10.45 28.68
N PRO D 368 6.10 10.08 27.87
CA PRO D 368 7.07 11.05 27.36
C PRO D 368 6.48 12.13 26.48
N VAL D 369 5.39 11.84 25.77
CA VAL D 369 4.81 12.88 24.92
C VAL D 369 4.06 13.92 25.74
N ALA D 370 3.58 13.58 26.94
CA ALA D 370 3.01 14.55 27.85
C ALA D 370 3.95 15.00 28.97
N SER D 371 5.11 14.38 29.11
CA SER D 371 6.02 14.65 30.23
C SER D 371 5.31 14.42 31.56
N THR D 372 4.56 13.32 31.66
CA THR D 372 3.85 13.01 32.88
C THR D 372 4.22 11.62 33.40
N TYR D 373 3.97 11.40 34.69
CA TYR D 373 3.93 10.06 35.26
C TYR D 373 2.56 9.81 35.87
N GLN D 374 2.13 8.55 35.84
CA GLN D 374 0.79 8.20 36.25
C GLN D 374 0.82 6.93 37.08
N ALA D 375 -0.14 6.84 38.01
CA ALA D 375 -0.36 5.63 38.80
C ALA D 375 -1.73 5.04 38.46
N TYR D 376 -1.76 3.74 38.18
CA TYR D 376 -2.99 3.02 37.87
C TYR D 376 -3.13 1.84 38.82
N GLU D 377 -4.35 1.57 39.27
CA GLU D 377 -4.58 0.31 39.96
C GLU D 377 -4.33 -0.85 39.00
N LEU D 378 -3.58 -1.84 39.45
CA LEU D 378 -3.18 -2.92 38.56
C LEU D 378 -4.38 -3.73 38.07
N LYS D 379 -5.32 -4.04 38.96
CA LYS D 379 -6.42 -4.92 38.58
C LYS D 379 -7.52 -4.17 37.83
N THR D 380 -7.85 -2.95 38.27
CA THR D 380 -8.97 -2.20 37.72
C THR D 380 -8.60 -1.13 36.69
N GLY D 381 -7.32 -0.76 36.57
CA GLY D 381 -7.00 0.37 35.70
C GLY D 381 -7.46 1.73 36.17
N LYS D 382 -7.97 1.87 37.39
CA LYS D 382 -8.34 3.19 37.90
C LYS D 382 -7.12 4.10 38.02
N LEU D 383 -7.23 5.31 37.46
CA LEU D 383 -6.12 6.25 37.53
C LEU D 383 -6.08 6.88 38.91
N LEU D 384 -4.97 6.69 39.62
CA LEU D 384 -4.84 7.26 40.96
C LEU D 384 -4.42 8.72 40.93
N TRP D 385 -3.38 9.05 40.16
CA TRP D 385 -2.92 10.42 40.05
C TRP D 385 -2.03 10.56 38.81
N THR D 386 -1.81 11.83 38.45
CA THR D 386 -0.94 12.26 37.37
C THR D 386 0.02 13.33 37.90
N TRP D 387 1.32 13.14 37.68
CA TRP D 387 2.34 14.10 38.07
C TRP D 387 3.00 14.69 36.83
N HIS D 388 3.03 16.02 36.74
CA HIS D 388 3.66 16.73 35.64
C HIS D 388 5.10 17.05 36.02
N VAL D 389 6.05 16.55 35.24
CA VAL D 389 7.45 16.84 35.51
C VAL D 389 7.67 18.35 35.40
N PRO D 390 8.10 19.01 36.48
CA PRO D 390 8.19 20.49 36.46
C PRO D 390 9.32 21.04 35.60
N THR D 391 10.32 20.25 35.26
CA THR D 391 11.45 20.71 34.48
C THR D 391 11.26 20.31 33.02
N LYS D 392 11.46 21.24 32.10
CA LYS D 392 11.25 20.92 30.69
C LYS D 392 12.36 20.01 30.19
N VAL D 393 11.97 18.97 29.45
CA VAL D 393 12.88 18.02 28.83
C VAL D 393 12.53 17.97 27.36
N ALA D 394 13.44 18.44 26.49
CA ALA D 394 13.07 18.62 25.08
C ALA D 394 12.81 17.29 24.37
N ALA D 395 13.51 16.23 24.75
CA ALA D 395 13.22 14.90 24.23
C ALA D 395 11.98 14.29 24.86
N GLY D 396 11.42 14.93 25.87
CA GLY D 396 10.27 14.45 26.60
C GLY D 396 10.70 13.66 27.82
N ALA D 397 9.97 13.81 28.91
CA ALA D 397 10.28 13.12 30.15
C ALA D 397 9.27 12.00 30.35
N GLY D 398 9.73 10.92 30.98
CA GLY D 398 8.88 9.78 31.30
C GLY D 398 9.20 8.48 30.58
N ARG D 399 10.26 8.39 29.78
CA ARG D 399 10.60 7.10 29.22
C ARG D 399 10.95 6.09 30.31
N SER D 400 11.65 6.53 31.36
CA SER D 400 12.22 5.62 32.33
C SER D 400 11.17 5.16 33.35
N ALA D 401 11.33 3.94 33.81
CA ALA D 401 10.44 3.41 34.84
C ALA D 401 10.81 3.98 36.20
N PRO D 402 9.84 4.29 37.05
CA PRO D 402 10.16 4.67 38.44
C PRO D 402 10.63 3.47 39.23
N THR D 403 11.27 3.74 40.36
CA THR D 403 11.67 2.73 41.33
C THR D 403 10.99 3.05 42.66
N TYR D 404 10.29 2.08 43.23
CA TYR D 404 9.58 2.28 44.48
C TYR D 404 10.41 1.65 45.59
N TYR D 405 10.77 2.45 46.59
CA TYR D 405 11.65 1.98 47.66
C TYR D 405 11.21 2.55 48.99
N LYS D 406 10.89 1.67 49.93
CA LYS D 406 10.54 2.06 51.30
C LYS D 406 9.51 3.18 51.33
N GLY D 407 8.46 3.02 50.54
CA GLY D 407 7.37 3.97 50.59
C GLY D 407 7.54 5.23 49.76
N LEU D 408 8.60 5.34 48.96
CA LEU D 408 8.79 6.55 48.17
C LEU D 408 9.08 6.17 46.72
N LEU D 409 8.68 7.05 45.80
CA LEU D 409 8.94 6.86 44.37
C LEU D 409 10.17 7.65 43.96
N TYR D 410 11.09 7.02 43.24
CA TYR D 410 12.28 7.68 42.73
C TYR D 410 12.26 7.66 41.21
N ILE D 411 12.50 8.81 40.59
CA ILE D 411 12.36 8.96 39.14
C ILE D 411 13.54 9.74 38.57
N THR D 412 14.32 9.12 37.70
CA THR D 412 15.40 9.82 37.01
C THR D 412 14.87 10.19 35.64
N THR D 413 14.70 11.48 35.40
CA THR D 413 14.33 11.91 34.07
C THR D 413 14.93 13.28 33.79
N GLY D 414 15.24 13.51 32.52
CA GLY D 414 15.93 14.73 32.15
C GLY D 414 17.27 14.76 32.85
N GLN D 415 17.55 15.87 33.51
CA GLN D 415 18.80 16.04 34.24
C GLN D 415 18.67 15.72 35.73
N TYR D 416 17.50 15.27 36.20
CA TYR D 416 17.23 15.22 37.63
C TYR D 416 16.88 13.81 38.11
N ILE D 417 17.11 13.60 39.41
CA ILE D 417 16.43 12.53 40.13
C ILE D 417 15.43 13.17 41.07
N PHE D 418 14.18 12.71 41.00
CA PHE D 418 13.07 13.22 41.77
C PHE D 418 12.65 12.20 42.83
N VAL D 419 12.18 12.72 43.97
CA VAL D 419 11.43 11.95 44.95
C VAL D 419 9.99 12.40 44.90
N VAL D 420 9.09 11.45 44.73
CA VAL D 420 7.65 11.69 44.59
C VAL D 420 6.92 10.84 45.62
N ASN D 421 5.89 11.44 46.25
CA ASN D 421 5.03 10.74 47.21
C ASN D 421 4.04 9.88 46.43
N PRO D 422 4.15 8.54 46.51
CA PRO D 422 3.29 7.68 45.68
C PRO D 422 1.84 7.66 46.09
N ALA D 423 1.48 8.11 47.30
CA ALA D 423 0.06 8.19 47.63
C ALA D 423 -0.60 9.35 46.89
N THR D 424 0.05 10.53 46.87
CA THR D 424 -0.49 11.74 46.27
C THR D 424 0.04 12.04 44.87
N GLY D 425 1.12 11.41 44.44
CA GLY D 425 1.78 11.84 43.22
C GLY D 425 2.36 13.25 43.26
N LYS D 426 2.73 13.74 44.45
CA LYS D 426 3.32 15.06 44.59
C LYS D 426 4.84 14.95 44.71
N GLU D 427 5.57 15.90 44.12
CA GLU D 427 7.03 15.89 44.22
C GLU D 427 7.45 16.23 45.65
N LEU D 428 8.24 15.35 46.26
CA LEU D 428 8.88 15.66 47.53
C LEU D 428 10.24 16.35 47.39
N HIS D 429 11.07 15.91 46.45
CA HIS D 429 12.42 16.46 46.34
C HIS D 429 12.91 16.33 44.91
N GLN D 430 13.90 17.15 44.56
CA GLN D 430 14.64 16.98 43.33
C GLN D 430 16.11 17.23 43.62
N HIS D 431 16.97 16.45 42.95
CA HIS D 431 18.42 16.63 43.05
C HIS D 431 18.95 16.71 41.63
N HIS D 432 19.67 17.80 41.34
CA HIS D 432 20.24 18.00 40.01
C HIS D 432 21.50 17.18 39.83
N ILE D 433 21.59 16.51 38.68
CA ILE D 433 22.74 15.70 38.29
C ILE D 433 23.34 16.20 36.98
N GLY D 434 22.51 16.38 35.97
CA GLY D 434 22.95 16.83 34.66
C GLY D 434 22.85 15.71 33.64
N GLY D 435 23.32 16.01 32.43
CA GLY D 435 23.22 15.02 31.36
C GLY D 435 21.78 14.75 30.99
N GLN D 436 21.46 13.48 30.74
CA GLN D 436 20.10 13.06 30.45
C GLN D 436 19.97 11.60 30.85
N PHE D 437 18.77 11.21 31.27
CA PHE D 437 18.64 9.87 31.85
C PHE D 437 18.05 8.81 30.93
N GLY D 438 17.62 9.16 29.73
CA GLY D 438 17.22 8.12 28.78
C GLY D 438 16.14 7.18 29.32
N ILE D 439 16.36 5.89 29.16
CA ILE D 439 15.41 4.85 29.58
C ILE D 439 15.84 4.17 30.90
N GLU D 440 16.75 4.77 31.66
CA GLU D 440 17.30 4.11 32.83
C GLU D 440 16.51 4.46 34.09
N SER D 441 16.37 3.47 35.00
CA SER D 441 15.64 3.60 36.25
C SER D 441 16.60 3.61 37.44
N PRO D 442 16.25 4.28 38.53
CA PRO D 442 17.15 4.29 39.70
C PRO D 442 17.31 2.88 40.24
N VAL D 443 18.55 2.46 40.46
CA VAL D 443 18.80 1.21 41.16
C VAL D 443 19.13 1.59 42.59
N ILE D 444 18.36 1.09 43.56
CA ILE D 444 18.54 1.48 44.96
C ILE D 444 18.84 0.24 45.78
N VAL D 445 19.98 0.26 46.46
CA VAL D 445 20.42 -0.83 47.31
C VAL D 445 20.72 -0.23 48.67
N GLY D 446 19.93 -0.59 49.67
CA GLY D 446 20.20 -0.09 51.01
C GLY D 446 20.04 1.42 51.09
N GLY D 447 21.14 2.10 51.39
CA GLY D 447 21.14 3.55 51.42
C GLY D 447 21.88 4.19 50.26
N THR D 448 22.07 3.46 49.16
CA THR D 448 22.82 3.95 48.00
C THR D 448 21.97 3.86 46.73
N VAL D 449 22.07 4.90 45.89
CA VAL D 449 21.41 4.96 44.60
C VAL D 449 22.48 4.87 43.51
N TYR D 450 22.33 3.90 42.62
CA TYR D 450 23.23 3.67 41.50
C TYR D 450 22.52 4.03 40.20
N LEU D 451 23.19 4.83 39.37
CA LEU D 451 22.63 5.34 38.12
C LEU D 451 23.64 5.20 36.99
N THR D 452 23.12 5.14 35.77
CA THR D 452 23.88 5.42 34.57
C THR D 452 23.33 6.72 33.97
N ASN D 453 23.96 7.15 32.89
CA ASN D 453 23.55 8.42 32.30
C ASN D 453 23.80 8.39 30.80
N SER D 454 22.90 9.04 30.05
CA SER D 454 23.01 9.10 28.59
C SER D 454 24.33 9.73 28.13
N TRP D 455 24.94 10.56 28.97
CA TRP D 455 26.21 11.21 28.62
C TRP D 455 27.40 10.29 28.90
N ASP D 456 27.11 9.01 29.19
CA ASP D 456 28.06 7.93 29.46
C ASP D 456 28.80 8.09 30.79
N TRP D 457 28.05 7.99 31.89
CA TRP D 457 28.59 7.97 33.23
C TRP D 457 27.90 6.88 34.03
N ILE D 458 28.63 6.31 35.00
CA ILE D 458 28.07 5.45 36.04
C ILE D 458 28.32 6.15 37.38
N MET D 459 27.34 6.15 38.27
CA MET D 459 27.51 6.94 39.49
C MET D 459 26.76 6.31 40.66
N ALA D 460 27.21 6.66 41.87
CA ALA D 460 26.57 6.33 43.14
C ALA D 460 26.36 7.60 43.94
N ILE D 461 25.20 7.71 44.57
CA ILE D 461 24.80 8.86 45.37
C ILE D 461 24.13 8.31 46.62
N PRO D 462 24.40 8.82 47.81
CA PRO D 462 23.67 8.31 48.98
C PRO D 462 22.17 8.59 48.84
N LEU D 463 21.37 7.57 49.18
CA LEU D 463 19.93 7.74 49.19
C LEU D 463 19.53 8.97 50.00
N LYS D 464 20.09 9.11 51.20
CA LYS D 464 19.64 10.18 52.09
C LYS D 464 20.01 11.57 51.59
N THR D 465 21.02 11.70 50.74
CA THR D 465 21.27 13.00 50.09
C THR D 465 20.10 13.38 49.20
N ILE D 466 19.52 12.40 48.50
CA ILE D 466 18.39 12.62 47.61
C ILE D 466 17.09 12.80 48.40
N SER D 467 16.86 11.95 49.40
CA SER D 467 15.64 11.97 50.19
C SER D 467 15.67 12.97 51.34
N HIS D 468 16.83 13.55 51.66
CA HIS D 468 16.97 14.48 52.78
C HIS D 468 16.60 13.82 54.10
N GLY D 469 17.03 12.56 54.27
CA GLY D 469 16.54 11.71 55.32
C GLY D 469 17.55 11.47 56.44
N SER D 470 17.14 10.56 57.33
CA SER D 470 17.75 10.24 58.60
C SER D 470 17.96 11.44 59.49
N ALA E 6 -5.12 35.06 8.13
CA ALA E 6 -5.47 33.67 8.30
C ALA E 6 -6.91 33.41 7.83
N VAL E 7 -7.25 32.14 7.75
CA VAL E 7 -8.57 31.70 7.28
C VAL E 7 -9.03 30.56 8.18
N PRO E 8 -10.32 30.23 8.14
CA PRO E 8 -10.78 29.13 9.01
C PRO E 8 -9.98 27.88 8.71
N MET E 9 -9.31 27.37 9.73
CA MET E 9 -8.41 26.26 9.51
C MET E 9 -8.05 25.59 10.83
N ASP E 10 -8.10 24.27 10.87
CA ASP E 10 -7.37 23.54 11.89
C ASP E 10 -6.02 23.22 11.26
N SER E 11 -4.96 23.90 11.72
CA SER E 11 -3.64 23.70 11.13
C SER E 11 -3.07 22.31 11.43
N THR E 12 -3.70 21.55 12.31
CA THR E 12 -3.34 20.15 12.48
C THR E 12 -4.30 19.21 11.76
N GLY E 13 -5.35 19.75 11.13
CA GLY E 13 -6.42 18.93 10.60
C GLY E 13 -6.26 18.58 9.14
N PRO E 14 -7.33 18.01 8.56
CA PRO E 14 -7.23 17.47 7.20
C PRO E 14 -7.09 18.52 6.11
N TYR E 15 -7.39 19.80 6.36
CA TYR E 15 -7.21 20.85 5.36
C TYR E 15 -5.86 21.55 5.51
N ARG E 16 -4.99 21.07 6.39
CA ARG E 16 -3.71 21.71 6.61
C ARG E 16 -2.84 21.64 5.36
N THR E 17 -2.02 22.67 5.18
CA THR E 17 -1.03 22.63 4.12
C THR E 17 0.05 21.59 4.45
N VAL E 18 0.26 20.66 3.52
CA VAL E 18 1.25 19.59 3.66
C VAL E 18 2.37 19.87 2.66
N SER E 19 3.61 19.72 3.12
CA SER E 19 4.79 20.13 2.39
C SER E 19 5.84 19.03 2.46
N HIS E 20 6.36 18.60 1.31
CA HIS E 20 7.47 17.64 1.24
C HIS E 20 8.55 18.26 0.34
N PRO E 21 9.36 19.16 0.87
CA PRO E 21 10.31 19.89 0.00
C PRO E 21 11.35 19.01 -0.63
N GLU E 22 11.57 17.81 -0.10
CA GLU E 22 12.49 16.86 -0.69
C GLU E 22 12.07 16.45 -2.10
N ASN E 23 10.78 16.53 -2.42
CA ASN E 23 10.31 16.13 -3.74
C ASN E 23 10.45 17.24 -4.77
N ALA E 24 10.82 18.44 -4.34
CA ALA E 24 11.06 19.51 -5.28
C ALA E 24 12.23 19.16 -6.21
N PRO E 25 12.23 19.68 -7.43
CA PRO E 25 13.37 19.46 -8.33
C PRO E 25 14.56 20.32 -7.95
N SER E 26 15.75 19.86 -8.33
CA SER E 26 16.98 20.58 -8.02
C SER E 26 17.64 21.08 -9.31
N GLY E 27 18.37 22.18 -9.20
CA GLY E 27 18.89 22.95 -10.38
C GLY E 27 19.36 22.17 -11.60
N GLY E 31 15.53 23.04 -18.90
CA GLY E 31 14.33 23.94 -18.93
C GLY E 31 13.06 23.12 -19.09
N VAL E 32 12.58 22.58 -17.97
CA VAL E 32 11.48 21.63 -18.01
C VAL E 32 10.19 22.42 -17.88
N GLY E 33 9.48 22.55 -18.99
CA GLY E 33 8.32 23.41 -19.06
C GLY E 33 8.70 24.87 -19.00
N PRO E 34 7.70 25.73 -19.20
CA PRO E 34 7.92 27.17 -19.10
C PRO E 34 8.27 27.57 -17.66
N SER E 35 8.73 28.81 -17.54
CA SER E 35 9.03 29.37 -16.23
C SER E 35 7.89 30.22 -15.67
N GLU E 36 6.76 30.34 -16.37
CA GLU E 36 5.58 30.99 -15.82
C GLU E 36 4.34 30.34 -16.41
N TRP E 37 3.19 30.55 -15.76
CA TRP E 37 1.90 30.14 -16.33
C TRP E 37 0.89 31.23 -16.02
N THR E 38 0.49 32.00 -17.04
CA THR E 38 -0.26 33.24 -16.82
C THR E 38 -1.75 33.17 -17.13
N HIS E 39 -2.20 32.06 -17.71
CA HIS E 39 -3.56 31.94 -18.22
C HIS E 39 -4.08 30.52 -18.00
N ALA E 40 -5.40 30.40 -17.97
CA ALA E 40 -6.05 29.16 -18.33
C ALA E 40 -5.47 28.66 -19.66
N TYR E 41 -5.07 27.40 -19.70
CA TYR E 41 -4.46 26.83 -20.93
C TYR E 41 -3.15 27.53 -21.29
N ALA E 42 -2.46 28.03 -20.27
CA ALA E 42 -1.12 28.61 -20.26
C ALA E 42 -0.99 30.00 -20.88
N ASN E 43 -1.75 30.36 -21.91
CA ASN E 43 -1.44 31.59 -22.62
C ASN E 43 -2.68 32.10 -23.34
N PRO E 44 -2.62 33.31 -23.90
CA PRO E 44 -3.80 33.85 -24.61
C PRO E 44 -4.27 33.02 -25.78
N ALA E 45 -3.37 32.29 -26.43
CA ALA E 45 -3.81 31.43 -27.54
C ALA E 45 -4.42 30.11 -27.06
N HIS E 46 -4.34 29.81 -25.77
CA HIS E 46 -4.81 28.55 -25.17
C HIS E 46 -4.12 27.33 -25.77
N ASN E 47 -2.83 27.46 -26.11
CA ASN E 47 -2.09 26.31 -26.64
C ASN E 47 -0.99 25.96 -25.65
N ALA E 48 -1.19 24.94 -24.82
CA ALA E 48 -0.22 24.67 -23.78
C ALA E 48 0.69 23.58 -24.33
N ALA E 49 1.67 24.02 -25.13
CA ALA E 49 2.57 23.13 -25.83
C ALA E 49 3.95 23.74 -25.76
N PHE E 50 4.91 22.96 -25.29
CA PHE E 50 6.20 23.48 -24.83
C PHE E 50 7.31 22.56 -25.29
N PRO E 51 7.90 22.83 -26.47
CA PRO E 51 9.18 22.19 -26.79
C PRO E 51 10.15 22.51 -25.68
N VAL E 52 11.16 21.66 -25.51
CA VAL E 52 12.18 21.83 -24.48
C VAL E 52 13.51 22.14 -25.15
N PRO E 53 14.45 22.80 -24.48
CA PRO E 53 15.76 23.06 -25.09
C PRO E 53 16.50 21.78 -25.45
N ASP E 54 17.48 21.91 -26.35
CA ASP E 54 18.27 20.75 -26.75
C ASP E 54 18.85 20.01 -25.54
N ASP E 55 19.34 20.76 -24.56
CA ASP E 55 20.01 20.15 -23.41
C ASP E 55 19.06 19.84 -22.25
N ALA E 56 17.75 19.86 -22.49
CA ALA E 56 16.79 19.44 -21.47
C ALA E 56 17.12 18.05 -20.94
N PRO E 57 16.77 17.74 -19.68
CA PRO E 57 17.06 16.40 -19.13
C PRO E 57 16.46 15.30 -19.98
N GLU E 58 17.10 14.12 -19.94
CA GLU E 58 16.66 13.05 -20.82
C GLU E 58 15.27 12.54 -20.47
N TRP E 59 14.88 12.62 -19.19
CA TRP E 59 13.60 12.03 -18.78
C TRP E 59 12.42 12.77 -19.41
N ILE E 60 12.50 14.10 -19.50
CA ILE E 60 11.36 14.85 -20.07
C ILE E 60 11.26 14.58 -21.56
N ARG E 61 12.39 14.37 -22.24
CA ARG E 61 12.36 14.10 -23.67
C ARG E 61 11.91 12.68 -23.97
N ASN E 62 12.37 11.71 -23.19
CA ASN E 62 11.94 10.32 -23.39
C ASN E 62 10.49 10.12 -22.95
N GLY E 63 10.03 10.94 -22.00
CA GLY E 63 8.73 10.82 -21.40
C GLY E 63 8.77 10.02 -20.12
N VAL E 64 7.87 10.37 -19.20
CA VAL E 64 7.72 9.61 -17.97
C VAL E 64 6.26 9.19 -17.85
N SER E 65 6.04 8.14 -17.07
CA SER E 65 4.72 7.57 -16.88
C SER E 65 4.39 7.52 -15.39
N TRP E 66 3.38 8.27 -14.96
CA TRP E 66 2.98 8.15 -13.55
C TRP E 66 1.53 8.59 -13.37
N LEU E 67 0.97 8.18 -12.23
CA LEU E 67 -0.44 8.42 -11.90
C LEU E 67 -0.52 8.83 -10.44
N PHE E 68 -0.99 10.06 -10.18
CA PHE E 68 -1.13 10.61 -8.82
C PHE E 68 -2.61 10.71 -8.44
N PRO E 69 -3.06 10.04 -7.38
CA PRO E 69 -4.46 10.22 -6.95
C PRO E 69 -4.66 11.52 -6.18
N GLU E 70 -5.66 12.30 -6.58
CA GLU E 70 -6.08 13.44 -5.77
C GLU E 70 -7.09 12.99 -4.73
N ALA E 71 -7.57 13.92 -3.92
CA ALA E 71 -8.24 13.53 -2.68
C ALA E 71 -9.55 12.77 -2.89
N ARG E 72 -10.28 13.03 -3.98
CA ARG E 72 -11.48 12.28 -4.29
C ARG E 72 -11.27 11.24 -5.39
N ALA E 73 -10.05 10.74 -5.58
CA ALA E 73 -9.74 9.86 -6.71
C ALA E 73 -10.73 8.71 -6.85
N TRP E 74 -11.22 8.52 -8.07
CA TRP E 74 -12.18 7.48 -8.43
C TRP E 74 -11.57 6.65 -9.55
N PRO E 75 -11.69 5.32 -9.48
CA PRO E 75 -10.98 4.47 -10.46
C PRO E 75 -11.36 4.83 -11.88
N LEU E 76 -10.35 4.96 -12.74
CA LEU E 76 -10.59 5.40 -14.11
C LEU E 76 -11.51 4.45 -14.88
N ALA E 77 -11.60 3.18 -14.47
CA ALA E 77 -12.48 2.22 -15.11
C ALA E 77 -13.94 2.39 -14.70
N ASN E 78 -14.21 3.13 -13.63
CA ASN E 78 -15.59 3.22 -13.15
C ASN E 78 -16.41 4.21 -13.95
N PRO E 79 -17.70 3.94 -14.11
CA PRO E 79 -18.63 4.95 -14.59
C PRO E 79 -18.85 6.03 -13.54
N PRO E 80 -19.40 7.18 -13.93
CA PRO E 80 -19.50 8.31 -12.99
C PRO E 80 -20.16 7.92 -11.68
N PHE E 81 -19.61 8.40 -10.57
CA PHE E 81 -20.29 8.28 -9.28
C PHE E 81 -21.64 8.98 -9.35
N GLY E 82 -22.66 8.33 -8.80
CA GLY E 82 -24.00 8.91 -8.80
C GLY E 82 -24.82 8.66 -10.06
N SER E 83 -24.33 7.82 -10.99
CA SER E 83 -25.02 7.60 -12.26
C SER E 83 -26.44 7.06 -12.05
N LYS E 84 -26.65 6.20 -11.06
CA LYS E 84 -27.97 5.61 -10.90
C LYS E 84 -29.00 6.65 -10.49
N THR E 85 -28.62 7.53 -9.57
CA THR E 85 -29.57 8.54 -9.07
C THR E 85 -29.67 9.74 -10.00
N TYR E 86 -28.54 10.22 -10.51
CA TYR E 86 -28.51 11.41 -11.36
C TYR E 86 -28.63 11.12 -12.85
N GLY E 87 -28.40 9.89 -13.27
CA GLY E 87 -28.15 9.66 -14.69
C GLY E 87 -26.68 9.86 -15.04
N ALA E 88 -26.21 9.11 -16.03
CA ALA E 88 -24.77 9.03 -16.30
C ALA E 88 -24.18 10.39 -16.69
N ALA E 89 -24.86 11.13 -17.57
CA ALA E 89 -24.26 12.36 -18.10
C ALA E 89 -24.27 13.48 -17.06
N GLU E 90 -25.43 13.65 -16.40
CA GLU E 90 -25.52 14.59 -15.29
C GLU E 90 -24.56 14.23 -14.17
N ALA E 91 -24.41 12.94 -13.86
CA ALA E 91 -23.46 12.55 -12.81
C ALA E 91 -22.03 12.86 -13.21
N SER E 92 -21.70 12.69 -14.50
CA SER E 92 -20.36 13.03 -14.96
C SER E 92 -20.05 14.51 -14.74
N VAL E 93 -21.00 15.37 -15.14
CA VAL E 93 -20.82 16.81 -14.95
C VAL E 93 -20.70 17.15 -13.47
N THR E 94 -21.58 16.59 -12.64
CA THR E 94 -21.55 16.87 -11.20
C THR E 94 -20.25 16.42 -10.57
N GLN E 95 -19.77 15.24 -10.96
CA GLN E 95 -18.49 14.77 -10.43
C GLN E 95 -17.36 15.71 -10.87
N THR E 96 -17.37 16.17 -12.12
CA THR E 96 -16.39 17.18 -12.54
C THR E 96 -16.46 18.42 -11.65
N GLN E 97 -17.65 18.98 -11.47
CA GLN E 97 -17.77 20.28 -10.83
C GLN E 97 -17.56 20.22 -9.33
N PHE E 98 -17.85 19.09 -8.68
CA PHE E 98 -17.65 19.06 -7.23
C PHE E 98 -16.54 18.16 -6.70
N TYR E 99 -16.11 17.12 -7.44
CA TYR E 99 -15.01 16.29 -6.95
C TYR E 99 -13.70 16.39 -7.70
N GLY E 100 -13.73 16.79 -8.97
CA GLY E 100 -12.57 16.59 -9.83
C GLY E 100 -11.90 17.84 -10.38
N ASN E 101 -10.95 17.63 -11.30
CA ASN E 101 -10.31 18.72 -12.03
C ASN E 101 -11.18 19.10 -13.23
N ALA E 102 -11.55 20.37 -13.31
CA ALA E 102 -12.25 20.89 -14.48
C ALA E 102 -11.29 21.23 -15.60
N LEU E 103 -10.14 21.82 -15.28
CA LEU E 103 -9.13 22.16 -16.29
C LEU E 103 -7.90 21.27 -16.10
N GLY E 104 -6.93 21.44 -17.00
CA GLY E 104 -5.71 20.67 -16.94
C GLY E 104 -4.74 21.23 -15.93
N PRO E 105 -3.56 20.61 -15.87
CA PRO E 105 -2.49 21.07 -14.98
C PRO E 105 -1.75 22.27 -15.54
N SER E 106 -0.97 22.89 -14.67
CA SER E 106 -0.01 23.93 -15.03
C SER E 106 1.39 23.38 -14.78
N VAL E 107 2.23 23.36 -15.80
CA VAL E 107 3.54 22.71 -15.65
C VAL E 107 4.60 23.80 -15.73
N VAL E 108 5.32 24.02 -14.62
CA VAL E 108 6.28 25.12 -14.51
C VAL E 108 7.52 24.62 -13.78
N ASP E 109 8.68 24.77 -14.43
CA ASP E 109 10.00 24.49 -13.83
C ASP E 109 10.05 23.13 -13.12
N GLY E 110 9.64 22.08 -13.84
CA GLY E 110 9.73 20.73 -13.31
C GLY E 110 8.68 20.36 -12.27
N VAL E 111 7.63 21.16 -12.11
CA VAL E 111 6.57 20.87 -11.15
C VAL E 111 5.24 20.93 -11.87
N VAL E 112 4.39 19.95 -11.61
CA VAL E 112 3.01 19.92 -12.09
C VAL E 112 2.12 20.46 -10.98
N TYR E 113 1.41 21.55 -11.25
CA TYR E 113 0.47 22.15 -10.32
C TYR E 113 -0.96 21.89 -10.81
N ALA E 114 -1.85 21.52 -9.90
CA ALA E 114 -3.26 21.36 -10.28
C ALA E 114 -4.12 21.90 -9.16
N GLU E 115 -5.38 22.20 -9.49
CA GLU E 115 -6.39 22.56 -8.50
C GLU E 115 -7.65 21.80 -8.86
N SER E 116 -8.42 21.47 -7.83
CA SER E 116 -9.51 20.52 -7.98
C SER E 116 -10.75 21.07 -7.32
N ASP E 117 -11.89 20.70 -7.89
CA ASP E 117 -13.14 20.98 -7.20
C ASP E 117 -13.23 20.21 -5.89
N ASP E 118 -12.30 19.27 -5.64
CA ASP E 118 -12.24 18.65 -4.31
C ASP E 118 -11.75 19.63 -3.24
N MET E 119 -11.41 20.88 -3.62
CA MET E 119 -11.07 22.00 -2.74
C MET E 119 -9.59 22.04 -2.37
N PHE E 120 -8.78 21.19 -2.99
CA PHE E 120 -7.34 21.23 -2.80
C PHE E 120 -6.62 21.68 -4.05
N ALA E 121 -5.48 22.33 -3.83
CA ALA E 121 -4.47 22.55 -4.84
C ALA E 121 -3.27 21.67 -4.52
N TYR E 122 -2.59 21.23 -5.57
CA TYR E 122 -1.51 20.26 -5.49
C TYR E 122 -0.32 20.76 -6.29
N ALA E 123 0.88 20.46 -5.79
CA ALA E 123 2.11 20.58 -6.54
C ALA E 123 2.84 19.25 -6.41
N VAL E 124 3.23 18.67 -7.54
CA VAL E 124 3.82 17.33 -7.60
C VAL E 124 4.99 17.35 -8.57
N ASN E 125 5.99 16.54 -8.27
CA ASN E 125 7.20 16.55 -9.08
C ASN E 125 6.91 16.10 -10.50
N ALA E 126 7.36 16.88 -11.48
CA ALA E 126 6.99 16.57 -12.87
C ALA E 126 7.57 15.25 -13.33
N LYS E 127 8.71 14.84 -12.78
CA LYS E 127 9.35 13.59 -13.21
C LYS E 127 8.77 12.38 -12.50
N THR E 128 8.59 12.47 -11.18
CA THR E 128 8.19 11.31 -10.41
C THR E 128 6.71 11.25 -10.04
N GLY E 129 5.98 12.35 -10.14
CA GLY E 129 4.63 12.33 -9.64
C GLY E 129 4.49 12.34 -8.14
N LYS E 130 5.56 12.59 -7.39
CA LYS E 130 5.51 12.62 -5.93
C LYS E 130 5.05 13.99 -5.43
N LEU E 131 4.31 13.99 -4.33
CA LEU E 131 3.72 15.21 -3.79
C LEU E 131 4.78 16.15 -3.24
N ILE E 132 4.77 17.40 -3.72
CA ILE E 132 5.57 18.51 -3.19
C ILE E 132 4.76 19.27 -2.15
N TRP E 133 3.57 19.74 -2.51
CA TRP E 133 2.68 20.21 -1.44
C TRP E 133 1.23 20.04 -1.85
N ARG E 134 0.33 20.10 -0.85
CA ARG E 134 -1.09 20.31 -1.09
C ARG E 134 -1.62 21.32 -0.09
N ALA E 135 -2.64 22.08 -0.52
CA ALA E 135 -3.20 23.09 0.36
C ALA E 135 -4.69 23.22 0.08
N SER E 136 -5.43 23.67 1.09
CA SER E 136 -6.85 23.98 0.95
C SER E 136 -7.18 25.23 1.76
N PRO E 137 -6.74 26.41 1.29
CA PRO E 137 -7.01 27.64 2.05
C PRO E 137 -8.47 28.04 2.06
N VAL E 138 -9.28 27.53 1.14
CA VAL E 138 -10.68 27.96 1.08
C VAL E 138 -11.56 26.74 0.85
N GLY E 139 -12.68 26.70 1.57
CA GLY E 139 -13.64 25.62 1.58
C GLY E 139 -14.57 25.72 0.39
N ASN E 140 -14.04 25.99 -0.80
CA ASN E 140 -14.87 26.08 -2.01
C ASN E 140 -14.16 25.38 -3.17
N ASN E 141 -14.90 25.18 -4.26
CA ASN E 141 -14.36 24.48 -5.43
C ASN E 141 -13.31 25.32 -6.15
N LEU E 142 -12.23 24.67 -6.60
CA LEU E 142 -11.18 25.31 -7.40
C LEU E 142 -11.27 24.76 -8.82
N MET E 143 -11.83 25.55 -9.73
CA MET E 143 -12.29 25.10 -11.05
C MET E 143 -11.40 25.53 -12.24
N GLY E 144 -10.23 26.13 -12.00
CA GLY E 144 -9.36 26.61 -13.05
C GLY E 144 -8.06 25.83 -13.14
N ASN E 145 -7.01 26.49 -13.69
CA ASN E 145 -5.69 25.94 -13.46
C ASN E 145 -4.82 26.96 -12.73
N PRO E 146 -3.95 26.51 -11.85
CA PRO E 146 -3.16 27.46 -11.06
C PRO E 146 -2.33 28.35 -11.97
N LEU E 147 -2.19 29.63 -11.60
CA LEU E 147 -1.21 30.45 -12.29
C LEU E 147 0.08 30.38 -11.49
N VAL E 148 1.22 30.43 -12.18
CA VAL E 148 2.51 30.37 -11.49
C VAL E 148 3.37 31.50 -11.99
N ILE E 149 3.72 32.43 -11.11
CA ILE E 149 4.61 33.52 -11.49
C ILE E 149 5.61 33.75 -10.37
N GLY E 150 6.90 33.67 -10.70
CA GLY E 150 7.93 33.91 -9.70
C GLY E 150 7.85 32.87 -8.61
N ASN E 151 7.72 33.34 -7.38
CA ASN E 151 7.61 32.48 -6.20
C ASN E 151 6.17 32.25 -5.75
N THR E 152 5.18 32.63 -6.57
CA THR E 152 3.77 32.59 -6.14
C THR E 152 2.92 31.71 -7.07
N VAL E 153 1.95 31.02 -6.47
CA VAL E 153 0.94 30.25 -7.19
C VAL E 153 -0.42 30.87 -6.89
N TYR E 154 -1.23 31.10 -7.91
CA TYR E 154 -2.51 31.79 -7.73
C TYR E 154 -3.68 30.88 -8.06
N LEU E 155 -4.61 30.76 -7.11
CA LEU E 155 -5.86 30.02 -7.24
C LEU E 155 -7.04 30.98 -7.31
N SER E 156 -8.12 30.54 -7.95
CA SER E 156 -9.40 31.22 -7.86
C SER E 156 -10.44 30.22 -7.40
N ALA E 157 -11.38 30.69 -6.58
CA ALA E 157 -12.37 29.84 -5.91
C ALA E 157 -13.78 30.27 -6.30
N GLY E 158 -14.61 29.27 -6.64
CA GLY E 158 -15.98 29.51 -7.01
C GLY E 158 -16.78 28.23 -7.16
N SER E 159 -18.08 28.33 -6.94
CA SER E 159 -19.01 27.22 -7.04
C SER E 159 -19.94 27.49 -8.22
N VAL E 160 -20.48 26.42 -8.81
CA VAL E 160 -21.49 26.60 -9.85
C VAL E 160 -22.85 27.06 -9.31
N ALA E 161 -23.04 27.11 -8.00
CA ALA E 161 -24.39 27.16 -7.46
C ALA E 161 -24.82 28.58 -7.04
N PHE E 162 -26.08 28.67 -6.64
CA PHE E 162 -26.78 29.89 -6.23
C PHE E 162 -27.44 29.65 -4.89
N ASN E 163 -27.44 30.67 -4.02
CA ASN E 163 -28.24 30.53 -2.82
C ASN E 163 -29.67 30.94 -3.11
N PHE E 164 -30.56 30.72 -2.15
CA PHE E 164 -31.98 30.94 -2.45
C PHE E 164 -32.27 32.42 -2.70
N ALA E 165 -31.62 33.31 -1.94
CA ALA E 165 -31.78 34.74 -2.17
C ALA E 165 -31.55 35.09 -3.63
N ASN E 166 -30.52 34.51 -4.25
CA ASN E 166 -30.25 34.84 -5.64
C ASN E 166 -31.11 34.04 -6.63
N VAL E 167 -31.73 32.94 -6.19
CA VAL E 167 -32.78 32.31 -6.98
C VAL E 167 -33.97 33.26 -7.07
N LEU E 168 -34.42 33.77 -5.93
CA LEU E 168 -35.50 34.76 -5.88
C LEU E 168 -35.16 35.98 -6.72
N ARG E 169 -33.93 36.49 -6.59
CA ARG E 169 -33.52 37.65 -7.36
C ARG E 169 -33.60 37.35 -8.86
N TYR E 170 -33.07 36.20 -9.27
CA TYR E 170 -33.14 35.81 -10.67
C TYR E 170 -34.58 35.76 -11.16
N ALA E 171 -35.48 35.18 -10.36
CA ALA E 171 -36.88 35.07 -10.76
C ALA E 171 -37.49 36.43 -10.94
N HIS E 172 -37.02 37.41 -10.15
CA HIS E 172 -37.46 38.79 -10.23
C HIS E 172 -36.77 39.53 -11.39
N ASN E 173 -35.46 39.68 -11.30
CA ASN E 173 -34.66 40.50 -12.20
C ASN E 173 -33.35 39.77 -12.44
N PRO E 174 -33.26 38.95 -13.49
CA PRO E 174 -32.01 38.22 -13.73
C PRO E 174 -30.75 39.08 -13.66
N SER E 175 -30.82 40.36 -14.04
CA SER E 175 -29.67 41.26 -13.96
C SER E 175 -29.26 41.58 -12.52
N ALA E 176 -30.13 41.35 -11.55
CA ALA E 176 -29.82 41.59 -10.15
C ALA E 176 -29.28 40.35 -9.44
N SER E 177 -29.22 39.21 -10.11
CA SER E 177 -28.78 37.94 -9.52
C SER E 177 -27.27 37.77 -9.64
N ALA E 178 -26.66 37.14 -8.63
CA ALA E 178 -25.24 36.82 -8.65
C ALA E 178 -25.03 35.35 -8.33
N ARG E 179 -24.28 34.66 -9.20
CA ARG E 179 -23.92 33.26 -8.97
C ARG E 179 -22.81 33.19 -7.93
N GLY E 180 -22.93 32.21 -7.03
CA GLY E 180 -21.92 31.98 -5.99
C GLY E 180 -21.92 32.98 -4.86
N LEU E 181 -22.72 34.04 -4.95
CA LEU E 181 -22.76 35.02 -3.87
C LEU E 181 -23.38 34.36 -2.65
N ASN E 182 -22.62 34.35 -1.55
CA ASN E 182 -22.96 33.66 -0.31
C ASN E 182 -23.09 32.16 -0.50
N VAL E 183 -22.39 31.61 -1.49
CA VAL E 183 -22.25 30.18 -1.62
C VAL E 183 -20.79 29.89 -1.34
N SER E 184 -20.52 29.49 -0.10
CA SER E 184 -19.16 29.47 0.43
C SER E 184 -18.45 30.79 0.18
N PHE E 185 -17.16 30.74 -0.13
CA PHE E 185 -16.29 31.91 -0.17
C PHE E 185 -15.50 31.90 -1.47
N ASN E 186 -15.32 33.08 -2.07
CA ASN E 186 -14.90 33.22 -3.45
C ASN E 186 -13.63 34.06 -3.58
N GLY E 187 -13.01 34.00 -4.76
CA GLY E 187 -11.93 34.94 -5.07
C GLY E 187 -10.54 34.32 -5.17
N ILE E 188 -9.53 35.19 -5.10
CA ILE E 188 -8.15 34.82 -5.45
C ILE E 188 -7.39 34.46 -4.19
N TYR E 189 -6.67 33.35 -4.20
CA TYR E 189 -5.82 32.96 -3.09
C TYR E 189 -4.40 32.77 -3.61
N ALA E 190 -3.43 33.41 -2.95
CA ALA E 190 -2.04 33.35 -3.39
C ALA E 190 -1.21 32.52 -2.42
N LEU E 191 -0.52 31.51 -2.95
CA LEU E 191 0.25 30.58 -2.16
C LEU E 191 1.73 30.72 -2.48
N ASN E 192 2.55 30.42 -1.48
CA ASN E 192 3.98 30.35 -1.70
C ASN E 192 4.31 29.13 -2.56
N ARG E 193 5.00 29.37 -3.67
CA ARG E 193 5.21 28.32 -4.67
C ARG E 193 5.99 27.13 -4.12
N SER E 194 6.91 27.37 -3.19
CA SER E 194 7.75 26.27 -2.76
C SER E 194 7.03 25.33 -1.78
N ASN E 195 6.34 25.88 -0.77
CA ASN E 195 5.65 25.08 0.24
C ASN E 195 4.12 25.20 0.33
N GLY E 196 3.48 26.03 -0.50
CA GLY E 196 2.02 26.14 -0.46
C GLY E 196 1.43 27.02 0.64
N LYS E 197 2.25 27.69 1.44
CA LYS E 197 1.70 28.52 2.52
C LYS E 197 0.94 29.71 1.96
N LEU E 198 -0.15 30.07 2.63
CA LEU E 198 -1.01 31.15 2.17
C LEU E 198 -0.30 32.48 2.36
N LEU E 199 -0.18 33.24 1.28
CA LEU E 199 0.38 34.59 1.33
C LEU E 199 -0.69 35.64 1.60
N TRP E 200 -1.71 35.68 0.74
CA TRP E 200 -2.82 36.63 0.91
C TRP E 200 -3.98 36.06 0.11
N TYR E 201 -5.18 36.62 0.35
CA TYR E 201 -6.32 36.30 -0.51
C TYR E 201 -7.12 37.59 -0.76
N PHE E 202 -7.81 37.61 -1.87
CA PHE E 202 -8.70 38.71 -2.23
C PHE E 202 -10.09 38.13 -2.46
N ALA E 203 -11.01 38.38 -1.54
CA ALA E 203 -12.34 37.84 -1.66
C ALA E 203 -13.15 38.61 -2.69
N THR E 204 -14.03 37.90 -3.38
CA THR E 204 -14.94 38.57 -4.29
C THR E 204 -16.39 38.23 -3.93
N PRO E 205 -17.35 39.11 -4.25
CA PRO E 205 -18.75 38.79 -3.92
C PRO E 205 -19.28 37.58 -4.67
N GLY E 206 -19.09 37.52 -5.99
CA GLY E 206 -19.56 36.38 -6.77
C GLY E 206 -18.50 35.28 -6.88
N GLU E 207 -18.95 34.10 -7.33
CA GLU E 207 -18.00 33.03 -7.56
C GLU E 207 -16.94 33.48 -8.54
N THR E 208 -15.72 33.01 -8.36
CA THR E 208 -14.77 33.10 -9.46
C THR E 208 -14.36 31.69 -9.82
N MET E 209 -15.17 31.04 -10.65
CA MET E 209 -14.78 29.76 -11.24
C MET E 209 -13.78 29.98 -12.36
N ALA E 210 -13.90 31.10 -13.05
CA ALA E 210 -12.97 31.43 -14.12
C ALA E 210 -11.55 31.54 -13.58
N THR E 211 -10.61 31.13 -14.39
CA THR E 211 -9.20 31.32 -14.07
C THR E 211 -8.82 32.78 -14.31
N PRO E 212 -8.05 33.39 -13.43
CA PRO E 212 -7.60 34.77 -13.69
C PRO E 212 -6.55 34.77 -14.78
N ALA E 213 -6.15 35.96 -15.19
CA ALA E 213 -4.98 36.14 -16.03
C ALA E 213 -3.98 37.00 -15.28
N TYR E 214 -2.71 36.77 -15.53
CA TYR E 214 -1.63 37.56 -14.98
C TYR E 214 -0.97 38.34 -16.10
N ASP E 215 -0.79 39.64 -15.90
CA ASP E 215 0.05 40.45 -16.77
C ASP E 215 0.55 41.64 -15.96
N ASN E 216 1.82 42.00 -16.15
CA ASN E 216 2.38 43.24 -15.60
C ASN E 216 2.12 43.36 -14.09
N ASN E 217 2.55 42.33 -13.34
CA ASN E 217 2.39 42.29 -11.88
C ASN E 217 0.93 42.49 -11.46
N THR E 218 -0.01 42.05 -12.27
CA THR E 218 -1.42 42.25 -11.96
C THR E 218 -2.21 41.00 -12.32
N LEU E 219 -3.21 40.69 -11.49
CA LEU E 219 -4.14 39.60 -11.72
C LEU E 219 -5.51 40.17 -12.07
N PHE E 220 -6.14 39.56 -13.06
CA PHE E 220 -7.41 40.05 -13.60
C PHE E 220 -8.41 38.93 -13.51
N ILE E 221 -9.57 39.22 -12.93
CA ILE E 221 -10.62 38.20 -12.80
C ILE E 221 -11.98 38.88 -12.92
N ALA E 222 -12.99 38.10 -13.34
CA ALA E 222 -14.38 38.54 -13.31
C ALA E 222 -15.20 37.47 -12.60
N ASP E 223 -16.23 37.91 -11.88
CA ASP E 223 -16.93 37.03 -10.95
C ASP E 223 -18.40 36.85 -11.36
N GLY E 224 -19.11 36.02 -10.59
CA GLY E 224 -20.49 35.75 -10.88
C GLY E 224 -21.45 36.85 -10.48
N ALA E 225 -20.93 37.92 -9.88
CA ALA E 225 -21.71 39.07 -9.42
C ALA E 225 -21.65 40.26 -10.38
N GLY E 226 -21.06 40.09 -11.56
CA GLY E 226 -20.95 41.19 -12.51
C GLY E 226 -19.74 42.06 -12.34
N ASN E 227 -18.74 41.64 -11.56
CA ASN E 227 -17.58 42.45 -11.26
C ASN E 227 -16.34 41.96 -11.99
N ALA E 228 -15.52 42.90 -12.47
CA ALA E 228 -14.17 42.64 -12.95
C ALA E 228 -13.19 43.36 -12.03
N PHE E 229 -12.05 42.75 -11.76
CA PHE E 229 -11.03 43.29 -10.85
C PHE E 229 -9.65 43.19 -11.47
N GLY E 230 -8.86 44.24 -11.33
CA GLY E 230 -7.41 44.13 -11.32
C GLY E 230 -6.89 44.17 -9.88
N ILE E 231 -5.90 43.32 -9.61
CA ILE E 231 -5.41 43.04 -8.27
C ILE E 231 -3.89 42.99 -8.33
N ASN E 232 -3.22 43.76 -7.47
CA ASN E 232 -1.77 43.72 -7.46
C ASN E 232 -1.29 42.32 -7.08
N ALA E 233 -0.45 41.72 -7.94
CA ALA E 233 -0.09 40.32 -7.76
C ALA E 233 0.91 40.12 -6.62
N THR E 234 1.55 41.20 -6.18
CA THR E 234 2.49 41.18 -5.06
C THR E 234 1.78 41.40 -3.74
N THR E 235 1.08 42.53 -3.60
CA THR E 235 0.43 42.90 -2.34
C THR E 235 -0.95 42.27 -2.15
N GLY E 236 -1.61 41.82 -3.22
CA GLY E 236 -2.98 41.40 -3.10
C GLY E 236 -3.99 42.51 -3.03
N LYS E 237 -3.55 43.75 -3.15
CA LYS E 237 -4.44 44.90 -3.03
C LYS E 237 -5.12 45.18 -4.36
N GLN E 238 -6.39 45.57 -4.29
CA GLN E 238 -7.14 45.93 -5.48
C GLN E 238 -6.53 47.14 -6.17
N VAL E 239 -6.24 47.00 -7.46
CA VAL E 239 -5.91 48.13 -8.32
C VAL E 239 -7.16 48.80 -8.87
N TRP E 240 -8.13 48.01 -9.34
CA TRP E 240 -9.36 48.61 -9.83
C TRP E 240 -10.48 47.57 -9.79
N LYS E 241 -11.70 48.09 -9.82
CA LYS E 241 -12.92 47.31 -9.89
C LYS E 241 -13.84 47.95 -10.92
N THR E 242 -14.36 47.15 -11.84
CA THR E 242 -15.33 47.64 -12.82
C THR E 242 -16.54 46.73 -12.77
N HIS E 243 -17.72 47.27 -12.46
CA HIS E 243 -18.91 46.44 -12.44
C HIS E 243 -19.54 46.52 -13.81
N VAL E 244 -19.32 45.48 -14.63
CA VAL E 244 -19.89 45.43 -15.96
C VAL E 244 -21.28 44.80 -15.97
N GLY E 245 -21.66 44.08 -14.93
CA GLY E 245 -22.94 43.39 -14.89
C GLY E 245 -22.88 42.02 -15.55
N GLY E 246 -23.89 41.21 -15.27
CA GLY E 246 -23.92 39.85 -15.78
C GLY E 246 -23.15 38.90 -14.89
N MET E 247 -22.84 37.73 -15.43
CA MET E 247 -22.14 36.71 -14.67
C MET E 247 -21.01 36.13 -15.51
N ASP E 248 -19.81 36.12 -14.96
CA ASP E 248 -18.75 35.33 -15.55
C ASP E 248 -18.87 33.94 -14.95
N ASN E 249 -19.20 32.97 -15.79
CA ASN E 249 -19.34 31.62 -15.28
C ASN E 249 -18.01 30.89 -15.35
N MET E 250 -17.61 30.47 -16.56
CA MET E 250 -16.31 29.84 -16.80
C MET E 250 -15.39 30.62 -17.72
N SER E 251 -15.66 31.91 -17.98
CA SER E 251 -14.91 32.59 -19.02
C SER E 251 -13.62 33.11 -18.38
N SER E 252 -12.54 32.36 -18.56
CA SER E 252 -11.26 32.72 -17.98
C SER E 252 -10.73 33.94 -18.71
N VAL E 253 -10.06 34.82 -17.97
CA VAL E 253 -9.62 36.10 -18.49
C VAL E 253 -8.42 35.90 -19.40
N THR E 254 -8.40 36.67 -20.49
CA THR E 254 -7.28 36.68 -21.41
C THR E 254 -6.66 38.08 -21.39
N ALA E 255 -5.37 38.16 -21.15
CA ALA E 255 -4.66 39.43 -21.16
C ALA E 255 -3.84 39.49 -22.44
N TYR E 256 -4.09 40.51 -23.26
CA TYR E 256 -3.35 40.63 -24.52
C TYR E 256 -3.13 42.11 -24.82
N ARG E 257 -1.87 42.48 -25.07
CA ARG E 257 -1.50 43.83 -25.46
C ARG E 257 -2.15 44.87 -24.56
N HIS E 258 -1.90 44.76 -23.26
CA HIS E 258 -2.31 45.75 -22.25
C HIS E 258 -3.83 45.81 -22.04
N ASN E 259 -4.62 44.97 -22.71
CA ASN E 259 -6.05 44.88 -22.43
C ASN E 259 -6.40 43.48 -21.95
N ILE E 260 -7.55 43.33 -21.28
CA ILE E 260 -8.07 42.01 -20.91
C ILE E 260 -9.40 41.78 -21.60
N TYR E 261 -9.74 40.50 -21.75
CA TYR E 261 -10.91 40.05 -22.50
C TYR E 261 -11.58 38.95 -21.70
N PHE E 262 -12.90 39.05 -21.57
CA PHE E 262 -13.64 38.00 -20.87
C PHE E 262 -15.11 38.18 -21.23
N ALA E 263 -15.90 37.12 -21.07
CA ALA E 263 -17.30 37.18 -21.47
C ALA E 263 -18.23 36.99 -20.29
N MET E 264 -19.42 37.55 -20.40
CA MET E 264 -20.40 37.56 -19.33
C MET E 264 -21.75 37.12 -19.87
N ALA E 265 -22.43 36.30 -19.05
CA ALA E 265 -23.78 35.84 -19.31
C ALA E 265 -24.80 36.79 -18.69
N ILE E 266 -26.06 36.56 -19.04
CA ILE E 266 -27.29 37.23 -18.58
C ILE E 266 -27.38 38.65 -19.11
N LYS E 267 -26.23 39.33 -19.15
CA LYS E 267 -26.03 40.60 -19.83
C LYS E 267 -24.92 40.22 -20.80
N PRO E 268 -25.28 39.71 -21.98
CA PRO E 268 -24.38 38.84 -22.76
C PRO E 268 -23.36 39.58 -23.58
N TYR E 269 -22.16 39.82 -23.06
CA TYR E 269 -21.16 40.55 -23.82
C TYR E 269 -19.78 39.94 -23.67
N LEU E 270 -18.97 40.09 -24.70
CA LEU E 270 -17.53 40.00 -24.57
C LEU E 270 -17.01 41.40 -24.26
N TYR E 271 -16.15 41.52 -23.25
CA TYR E 271 -15.60 42.80 -22.86
C TYR E 271 -14.11 42.87 -23.16
N CYS E 272 -13.68 44.10 -23.47
CA CYS E 272 -12.28 44.49 -23.51
C CYS E 272 -12.07 45.68 -22.58
N LEU E 273 -11.26 45.46 -21.54
CA LEU E 273 -10.99 46.45 -20.51
C LEU E 273 -9.49 46.71 -20.46
N ASN E 274 -9.15 47.94 -20.13
CA ASN E 274 -7.76 48.34 -20.00
C ASN E 274 -7.15 47.72 -18.74
N GLU E 275 -5.93 47.17 -18.87
CA GLU E 275 -5.27 46.52 -17.74
C GLU E 275 -4.96 47.50 -16.61
N SER E 276 -4.58 48.72 -16.93
CA SER E 276 -4.13 49.62 -15.87
C SER E 276 -5.30 50.11 -15.00
N ASN E 277 -6.38 50.58 -15.63
CA ASN E 277 -7.49 51.19 -14.90
C ASN E 277 -8.86 50.51 -14.97
N GLY E 278 -9.02 49.44 -15.74
CA GLY E 278 -10.34 48.84 -15.87
C GLY E 278 -11.33 49.58 -16.75
N HIS E 279 -10.86 50.54 -17.53
CA HIS E 279 -11.71 51.23 -18.50
C HIS E 279 -12.27 50.23 -19.51
N ILE E 280 -13.57 50.31 -19.78
CA ILE E 280 -14.15 49.47 -20.80
C ILE E 280 -13.78 50.09 -22.15
N VAL E 281 -12.90 49.41 -22.89
CA VAL E 281 -12.47 49.87 -24.20
C VAL E 281 -13.53 49.56 -25.23
N TRP E 282 -14.02 48.32 -25.23
CA TRP E 282 -15.09 47.98 -26.16
C TRP E 282 -15.84 46.76 -25.66
N LYS E 283 -17.02 46.53 -26.24
CA LYS E 283 -17.80 45.34 -25.94
C LYS E 283 -18.41 44.81 -27.22
N GLY E 284 -18.60 43.50 -27.28
CA GLY E 284 -19.15 42.87 -28.46
C GLY E 284 -20.08 41.75 -28.08
N THR E 285 -20.77 41.23 -29.09
CA THR E 285 -21.78 40.21 -28.86
C THR E 285 -21.60 39.09 -29.87
N ILE E 286 -22.20 37.95 -29.55
CA ILE E 286 -22.33 36.83 -30.48
C ILE E 286 -23.81 36.69 -30.81
N PRO E 287 -24.21 36.75 -32.08
CA PRO E 287 -25.64 36.78 -32.43
C PRO E 287 -26.35 35.49 -32.04
N GLY E 288 -27.50 35.63 -31.40
CA GLY E 288 -28.28 34.48 -30.99
C GLY E 288 -27.65 33.65 -29.91
N ALA E 289 -26.50 34.07 -29.36
CA ALA E 289 -25.84 33.32 -28.30
C ALA E 289 -26.78 33.14 -27.13
N SER E 290 -26.75 31.95 -26.53
CA SER E 290 -27.58 31.72 -25.36
C SER E 290 -27.26 32.77 -24.32
N ASN E 291 -28.28 33.55 -23.95
CA ASN E 291 -28.10 34.64 -23.01
C ASN E 291 -27.40 34.15 -21.74
N THR E 292 -27.67 32.91 -21.33
CA THR E 292 -27.07 32.33 -20.14
C THR E 292 -25.80 31.53 -20.40
N GLY E 293 -25.47 31.24 -21.66
CA GLY E 293 -24.32 30.39 -21.93
C GLY E 293 -23.03 31.04 -22.38
N ILE E 294 -23.10 32.28 -22.86
CA ILE E 294 -21.92 32.96 -23.42
C ILE E 294 -20.82 33.12 -22.37
N GLY E 295 -21.20 33.25 -21.10
CA GLY E 295 -20.22 33.47 -20.05
C GLY E 295 -19.48 32.22 -19.63
N ASP E 296 -19.63 31.13 -20.40
CA ASP E 296 -18.90 29.88 -20.20
C ASP E 296 -17.52 29.86 -20.86
N VAL E 297 -17.39 30.50 -22.03
CA VAL E 297 -16.27 30.26 -22.92
C VAL E 297 -15.19 31.32 -22.68
N SER E 298 -13.95 30.86 -22.55
CA SER E 298 -12.81 31.76 -22.38
C SER E 298 -12.35 32.27 -23.74
N PRO E 299 -12.27 33.57 -23.96
CA PRO E 299 -11.80 34.07 -25.25
C PRO E 299 -10.34 33.78 -25.47
N ALA E 300 -9.97 33.60 -26.74
CA ALA E 300 -8.58 33.41 -27.14
C ALA E 300 -8.13 34.60 -27.97
N ALA E 301 -6.84 34.92 -27.92
CA ALA E 301 -6.33 36.10 -28.59
C ALA E 301 -4.98 35.82 -29.24
N ALA E 302 -4.85 36.22 -30.51
CA ALA E 302 -3.56 36.15 -31.18
C ALA E 302 -3.58 37.06 -32.40
N ASP E 303 -2.41 37.63 -32.71
CA ASP E 303 -2.20 38.36 -33.97
C ASP E 303 -3.31 39.37 -34.27
N GLY E 304 -3.68 40.14 -33.24
CA GLY E 304 -4.62 41.24 -33.39
C GLY E 304 -6.08 40.84 -33.39
N VAL E 305 -6.39 39.57 -33.12
CA VAL E 305 -7.74 39.02 -33.24
C VAL E 305 -8.13 38.36 -31.92
N VAL E 306 -9.33 38.64 -31.44
CA VAL E 306 -9.93 37.91 -30.33
C VAL E 306 -11.05 37.03 -30.86
N VAL E 307 -11.13 35.82 -30.34
CA VAL E 307 -12.04 34.78 -30.83
C VAL E 307 -12.88 34.28 -29.66
N LEU E 308 -14.19 34.17 -29.89
CA LEU E 308 -15.13 33.67 -28.90
C LEU E 308 -16.21 32.90 -29.61
N ASP E 309 -16.80 31.92 -28.94
CA ASP E 309 -17.94 31.20 -29.51
C ASP E 309 -18.90 30.84 -28.39
N ALA E 310 -20.16 30.60 -28.75
CA ALA E 310 -21.14 30.20 -27.75
C ALA E 310 -22.30 29.46 -28.41
N THR E 311 -22.94 28.60 -27.63
CA THR E 311 -24.12 27.88 -28.12
C THR E 311 -25.30 28.83 -28.29
N THR E 312 -26.25 28.44 -29.12
CA THR E 312 -27.38 29.28 -29.48
C THR E 312 -28.61 28.98 -28.63
N LYS E 313 -29.69 29.69 -28.97
CA LYS E 313 -31.01 29.64 -28.33
C LYS E 313 -31.40 28.32 -27.65
N MET E 321 -33.49 21.82 -31.45
CA MET E 321 -32.31 22.07 -32.28
C MET E 321 -31.46 23.22 -31.74
N PHE E 322 -30.17 22.95 -31.54
CA PHE E 322 -29.23 23.94 -31.02
C PHE E 322 -28.06 24.09 -31.97
N SER E 323 -27.40 25.24 -31.91
CA SER E 323 -26.27 25.50 -32.77
C SER E 323 -25.18 26.20 -31.97
N ASN E 324 -24.05 26.47 -32.63
CA ASN E 324 -22.90 27.10 -32.01
C ASN E 324 -22.34 28.14 -32.97
N VAL E 325 -22.11 29.36 -32.49
CA VAL E 325 -21.65 30.45 -33.33
C VAL E 325 -20.29 30.93 -32.84
N ILE E 326 -19.34 31.08 -33.78
CA ILE E 326 -18.03 31.64 -33.46
C ILE E 326 -17.93 33.02 -34.10
N ARG E 327 -17.24 33.93 -33.43
CA ARG E 327 -17.03 35.28 -33.95
C ARG E 327 -15.63 35.77 -33.61
N ALA E 328 -15.03 36.44 -34.60
CA ALA E 328 -13.72 37.03 -34.52
C ALA E 328 -13.86 38.55 -34.55
N PHE E 329 -13.16 39.19 -33.61
CA PHE E 329 -13.17 40.62 -33.34
C PHE E 329 -11.76 41.19 -33.46
N ASP E 330 -11.68 42.45 -33.90
CA ASP E 330 -10.42 43.16 -33.80
C ASP E 330 -10.07 43.39 -32.34
N ALA E 331 -8.86 42.98 -31.95
CA ALA E 331 -8.51 43.04 -30.53
C ALA E 331 -8.52 44.47 -30.01
N LYS E 332 -8.12 45.41 -30.85
CA LYS E 332 -8.00 46.79 -30.37
C LYS E 332 -9.36 47.50 -30.36
N THR E 333 -10.13 47.39 -31.44
CA THR E 333 -11.34 48.19 -31.60
C THR E 333 -12.65 47.45 -31.36
N GLY E 334 -12.63 46.12 -31.36
CA GLY E 334 -13.87 45.38 -31.30
C GLY E 334 -14.64 45.23 -32.60
N ALA E 335 -14.19 45.82 -33.70
CA ALA E 335 -14.88 45.60 -34.98
C ALA E 335 -14.99 44.11 -35.27
N VAL E 336 -16.14 43.70 -35.79
CA VAL E 336 -16.41 42.31 -36.08
C VAL E 336 -15.64 41.93 -37.33
N LEU E 337 -14.72 40.97 -37.20
CA LEU E 337 -13.99 40.52 -38.37
C LEU E 337 -14.81 39.51 -39.16
N TRP E 338 -15.35 38.51 -38.48
CA TRP E 338 -16.19 37.55 -39.21
C TRP E 338 -16.99 36.74 -38.21
N THR E 339 -18.02 36.06 -38.72
CA THR E 339 -18.93 35.27 -37.89
C THR E 339 -19.30 34.00 -38.64
N ARG E 340 -19.31 32.86 -37.95
CA ARG E 340 -19.67 31.60 -38.61
C ARG E 340 -20.54 30.75 -37.72
N ASN E 341 -21.53 30.10 -38.33
CA ASN E 341 -22.25 29.04 -37.65
C ASN E 341 -21.46 27.76 -37.81
N MET E 342 -21.09 27.15 -36.70
CA MET E 342 -20.26 25.95 -36.69
C MET E 342 -21.04 24.69 -37.01
N GLY E 343 -22.36 24.77 -37.09
CA GLY E 343 -23.23 23.62 -37.29
C GLY E 343 -24.11 23.34 -36.07
N SER E 344 -25.07 22.46 -36.28
CA SER E 344 -26.15 22.20 -35.35
C SER E 344 -26.12 20.75 -34.88
N GLY E 345 -26.82 20.50 -33.78
CA GLY E 345 -26.91 19.15 -33.24
C GLY E 345 -28.03 19.06 -32.24
N GLY E 346 -28.27 17.83 -31.79
CA GLY E 346 -29.32 17.56 -30.82
C GLY E 346 -28.84 17.59 -29.39
N LYS E 347 -27.54 17.42 -29.17
CA LYS E 347 -27.01 17.45 -27.81
C LYS E 347 -27.30 18.80 -27.16
N ILE E 348 -27.76 18.77 -25.91
CA ILE E 348 -27.93 20.02 -25.17
C ILE E 348 -26.79 20.08 -24.17
N PRO E 349 -25.76 20.89 -24.41
CA PRO E 349 -24.52 20.76 -23.64
C PRO E 349 -24.63 21.38 -22.26
N ALA E 350 -23.93 20.77 -21.30
CA ALA E 350 -23.77 21.39 -19.99
C ALA E 350 -22.86 22.61 -20.08
N PHE E 351 -21.89 22.57 -20.97
CA PHE E 351 -20.94 23.65 -21.20
C PHE E 351 -21.22 24.23 -22.58
N LYS E 352 -21.52 25.51 -22.61
CA LYS E 352 -22.25 26.16 -23.70
C LYS E 352 -21.35 26.66 -24.82
N GLY E 353 -20.16 26.10 -25.00
CA GLY E 353 -19.34 26.41 -26.16
C GLY E 353 -18.13 25.51 -26.19
N GLY E 354 -17.28 25.73 -27.18
CA GLY E 354 -15.94 25.15 -27.21
C GLY E 354 -14.88 26.18 -26.84
N VAL E 355 -13.88 25.76 -26.08
CA VAL E 355 -12.80 26.71 -25.79
C VAL E 355 -11.92 26.83 -27.03
N PRO E 356 -11.76 28.01 -27.63
CA PRO E 356 -10.92 28.10 -28.83
C PRO E 356 -9.44 28.10 -28.49
N MET E 357 -8.67 27.47 -29.38
CA MET E 357 -7.22 27.60 -29.36
C MET E 357 -6.79 28.20 -30.69
N ILE E 358 -5.74 29.01 -30.66
CA ILE E 358 -5.22 29.64 -31.87
C ILE E 358 -3.76 29.24 -32.03
N HIS E 359 -3.40 28.77 -33.21
CA HIS E 359 -2.01 28.48 -33.53
C HIS E 359 -1.77 28.73 -35.01
N ASN E 360 -0.66 29.40 -35.33
CA ASN E 360 -0.28 29.66 -36.73
C ASN E 360 -1.46 30.19 -37.55
N ASN E 361 -2.20 31.13 -36.96
CA ASN E 361 -3.30 31.82 -37.65
C ASN E 361 -4.43 30.86 -38.02
N ILE E 362 -4.60 29.80 -37.23
CA ILE E 362 -5.73 28.88 -37.36
C ILE E 362 -6.38 28.77 -35.99
N VAL E 363 -7.70 28.88 -35.95
CA VAL E 363 -8.50 28.58 -34.77
C VAL E 363 -8.93 27.12 -34.84
N TYR E 364 -8.62 26.36 -33.79
CA TYR E 364 -9.10 24.99 -33.63
C TYR E 364 -10.09 25.02 -32.46
N VAL E 365 -11.32 24.61 -32.72
CA VAL E 365 -12.37 24.88 -31.75
C VAL E 365 -13.45 23.81 -31.84
N GLY E 366 -13.99 23.44 -30.69
CA GLY E 366 -15.00 22.41 -30.63
C GLY E 366 -16.41 22.97 -30.67
N ASN E 367 -17.33 22.14 -31.14
CA ASN E 367 -18.77 22.36 -31.06
C ASN E 367 -19.35 21.25 -30.21
N PRO E 368 -19.73 21.55 -28.97
CA PRO E 368 -20.28 20.51 -28.09
C PRO E 368 -21.70 20.10 -28.46
N VAL E 369 -22.44 20.93 -29.17
CA VAL E 369 -23.77 20.56 -29.65
C VAL E 369 -23.69 19.46 -30.71
N ALA E 370 -22.71 19.55 -31.61
CA ALA E 370 -22.56 18.59 -32.69
C ALA E 370 -21.49 17.55 -32.44
N SER E 371 -20.77 17.63 -31.32
CA SER E 371 -19.61 16.77 -31.05
C SER E 371 -18.61 16.82 -32.21
N THR E 372 -18.25 18.04 -32.62
CA THR E 372 -17.26 18.21 -33.68
C THR E 372 -16.10 19.08 -33.18
N TYR E 373 -14.97 18.97 -33.88
CA TYR E 373 -13.91 19.96 -33.85
C TYR E 373 -13.74 20.52 -35.25
N GLN E 374 -13.36 21.79 -35.34
CA GLN E 374 -13.25 22.45 -36.62
C GLN E 374 -12.01 23.34 -36.61
N ALA E 375 -11.44 23.53 -37.80
CA ALA E 375 -10.35 24.49 -37.98
C ALA E 375 -10.82 25.64 -38.88
N TYR E 376 -10.67 26.88 -38.39
CA TYR E 376 -11.03 28.11 -39.10
C TYR E 376 -9.81 28.99 -39.32
N GLU E 377 -9.68 29.58 -40.51
CA GLU E 377 -8.64 30.60 -40.69
C GLU E 377 -8.90 31.79 -39.77
N LEU E 378 -7.88 32.16 -39.01
CA LEU E 378 -8.02 33.21 -38.00
C LEU E 378 -8.45 34.53 -38.62
N LYS E 379 -7.87 34.89 -39.77
CA LYS E 379 -8.12 36.19 -40.37
C LYS E 379 -9.41 36.27 -41.19
N THR E 380 -9.90 35.14 -41.74
CA THR E 380 -11.06 35.15 -42.63
C THR E 380 -12.33 34.41 -42.19
N GLY E 381 -12.25 33.50 -41.22
CA GLY E 381 -13.37 32.60 -40.97
C GLY E 381 -13.54 31.45 -41.96
N LYS E 382 -12.57 31.21 -42.85
CA LYS E 382 -12.70 30.09 -43.78
C LYS E 382 -12.66 28.77 -43.00
N LEU E 383 -13.67 27.93 -43.18
CA LEU E 383 -13.67 26.63 -42.52
C LEU E 383 -12.77 25.67 -43.28
N LEU E 384 -11.70 25.22 -42.62
CA LEU E 384 -10.77 24.31 -43.28
C LEU E 384 -11.23 22.86 -43.22
N TRP E 385 -11.88 22.47 -42.13
CA TRP E 385 -12.27 21.08 -41.96
C TRP E 385 -13.06 20.92 -40.69
N THR E 386 -13.76 19.78 -40.61
CA THR E 386 -14.61 19.39 -39.50
C THR E 386 -14.32 17.93 -39.16
N TRP E 387 -13.95 17.66 -37.90
CA TRP E 387 -13.81 16.30 -37.42
C TRP E 387 -15.04 15.95 -36.57
N HIS E 388 -15.68 14.83 -36.91
CA HIS E 388 -16.81 14.31 -36.14
C HIS E 388 -16.26 13.31 -35.12
N VAL E 389 -16.36 13.65 -33.85
CA VAL E 389 -15.83 12.76 -32.81
C VAL E 389 -16.63 11.46 -32.82
N PRO E 390 -15.98 10.30 -32.88
CA PRO E 390 -16.75 9.04 -32.97
C PRO E 390 -17.77 8.94 -31.85
N THR E 391 -19.03 8.69 -32.21
CA THR E 391 -20.15 8.93 -31.30
C THR E 391 -20.03 8.08 -30.04
N LYS E 392 -19.61 6.82 -30.19
CA LYS E 392 -19.50 5.94 -29.03
C LYS E 392 -18.55 6.49 -27.99
N VAL E 393 -17.51 7.20 -28.43
CA VAL E 393 -16.51 7.81 -27.55
C VAL E 393 -16.76 9.30 -27.32
N ALA E 394 -17.92 9.81 -27.74
CA ALA E 394 -18.15 11.24 -27.89
C ALA E 394 -18.69 11.95 -26.65
N ALA E 395 -18.76 11.28 -25.49
CA ALA E 395 -19.28 11.93 -24.29
C ALA E 395 -18.54 13.23 -23.97
N GLY E 396 -19.28 14.33 -23.85
CA GLY E 396 -18.69 15.63 -23.55
C GLY E 396 -17.79 16.17 -24.62
N ALA E 397 -17.89 15.67 -25.85
CA ALA E 397 -16.97 16.05 -26.90
C ALA E 397 -17.21 17.49 -27.33
N GLY E 398 -16.12 18.20 -27.64
CA GLY E 398 -16.18 19.52 -28.21
C GLY E 398 -16.06 20.67 -27.23
N ARG E 399 -15.94 20.40 -25.93
CA ARG E 399 -15.83 21.50 -24.96
C ARG E 399 -14.42 22.05 -24.89
N SER E 400 -13.43 21.17 -24.99
CA SER E 400 -12.07 21.50 -24.61
C SER E 400 -11.27 21.99 -25.81
N ALA E 401 -10.34 22.88 -25.54
CA ALA E 401 -9.43 23.38 -26.57
C ALA E 401 -8.46 22.27 -26.98
N PRO E 402 -8.21 22.09 -28.27
CA PRO E 402 -7.10 21.24 -28.71
C PRO E 402 -5.76 21.86 -28.32
N THR E 403 -4.72 21.02 -28.37
CA THR E 403 -3.35 21.44 -28.20
C THR E 403 -2.59 21.10 -29.47
N TYR E 404 -1.89 22.08 -30.04
CA TYR E 404 -1.13 21.86 -31.26
C TYR E 404 0.33 21.76 -30.87
N TYR E 405 0.95 20.61 -31.15
CA TYR E 405 2.34 20.38 -30.73
C TYR E 405 3.11 19.69 -31.85
N LYS E 406 4.21 20.33 -32.27
CA LYS E 406 5.15 19.81 -33.27
C LYS E 406 4.44 19.18 -34.45
N GLY E 407 3.41 19.88 -34.95
CA GLY E 407 2.73 19.48 -36.17
C GLY E 407 1.53 18.57 -36.03
N LEU E 408 1.10 18.27 -34.81
CA LEU E 408 -0.05 17.38 -34.63
C LEU E 408 -1.01 18.01 -33.61
N LEU E 409 -2.27 17.61 -33.69
CA LEU E 409 -3.32 18.11 -32.80
C LEU E 409 -3.68 17.04 -31.79
N TYR E 410 -3.84 17.44 -30.53
CA TYR E 410 -4.18 16.52 -29.45
C TYR E 410 -5.38 17.06 -28.72
N ILE E 411 -6.36 16.20 -28.48
CA ILE E 411 -7.65 16.60 -27.91
C ILE E 411 -8.01 15.61 -26.81
N THR E 412 -8.23 16.09 -25.61
CA THR E 412 -8.70 15.22 -24.53
C THR E 412 -10.17 15.45 -24.32
N THR E 413 -10.98 14.43 -24.61
CA THR E 413 -12.40 14.53 -24.39
C THR E 413 -12.97 13.16 -24.08
N GLY E 414 -14.05 13.15 -23.31
CA GLY E 414 -14.60 11.88 -22.85
C GLY E 414 -13.55 11.10 -22.08
N GLN E 415 -13.34 9.85 -22.48
CA GLN E 415 -12.37 8.97 -21.84
C GLN E 415 -11.04 8.92 -22.57
N TYR E 416 -10.84 9.73 -23.61
CA TYR E 416 -9.74 9.48 -24.53
C TYR E 416 -8.88 10.73 -24.74
N ILE E 417 -7.61 10.50 -25.11
CA ILE E 417 -6.83 11.51 -25.82
C ILE E 417 -6.73 11.09 -27.28
N PHE E 418 -7.06 12.02 -28.17
CA PHE E 418 -7.11 11.82 -29.62
C PHE E 418 -5.97 12.58 -30.28
N VAL E 419 -5.45 11.97 -31.34
CA VAL E 419 -4.42 12.55 -32.19
C VAL E 419 -5.05 12.78 -33.55
N VAL E 420 -5.00 14.02 -34.01
CA VAL E 420 -5.67 14.46 -35.24
C VAL E 420 -4.65 15.18 -36.10
N ASN E 421 -4.73 14.98 -37.41
CA ASN E 421 -3.89 15.68 -38.36
C ASN E 421 -4.40 17.11 -38.51
N PRO E 422 -3.63 18.12 -38.14
CA PRO E 422 -4.17 19.49 -38.18
C PRO E 422 -4.43 20.00 -39.59
N ALA E 423 -3.82 19.41 -40.61
CA ALA E 423 -4.07 19.86 -41.97
C ALA E 423 -5.39 19.32 -42.54
N THR E 424 -5.67 18.02 -42.35
CA THR E 424 -6.88 17.40 -42.88
C THR E 424 -8.04 17.28 -41.90
N GLY E 425 -7.82 17.44 -40.60
CA GLY E 425 -8.85 17.08 -39.65
C GLY E 425 -9.11 15.60 -39.46
N LYS E 426 -8.21 14.73 -39.91
CA LYS E 426 -8.46 13.29 -39.81
C LYS E 426 -7.91 12.75 -38.50
N GLU E 427 -8.66 11.86 -37.85
CA GLU E 427 -8.15 11.26 -36.62
C GLU E 427 -7.04 10.26 -36.94
N LEU E 428 -5.87 10.48 -36.33
CA LEU E 428 -4.73 9.56 -36.41
C LEU E 428 -4.77 8.45 -35.35
N HIS E 429 -5.19 8.75 -34.12
CA HIS E 429 -5.16 7.74 -33.07
C HIS E 429 -6.11 8.14 -31.94
N GLN E 430 -6.54 7.15 -31.14
CA GLN E 430 -7.27 7.43 -29.91
C GLN E 430 -6.73 6.51 -28.81
N HIS E 431 -6.34 7.12 -27.69
CA HIS E 431 -5.71 6.43 -26.57
C HIS E 431 -6.66 6.50 -25.38
N HIS E 432 -7.20 5.33 -25.01
CA HIS E 432 -8.14 5.26 -23.89
C HIS E 432 -7.40 5.50 -22.58
N ILE E 433 -7.88 6.47 -21.82
CA ILE E 433 -7.38 6.74 -20.48
C ILE E 433 -8.39 6.33 -19.43
N GLY E 434 -9.64 6.71 -19.62
CA GLY E 434 -10.70 6.44 -18.67
C GLY E 434 -11.12 7.71 -17.97
N GLY E 435 -11.93 7.53 -16.93
CA GLY E 435 -12.48 8.67 -16.22
C GLY E 435 -13.25 9.56 -17.17
N GLN E 436 -13.09 10.87 -16.98
CA GLN E 436 -13.72 11.81 -17.89
C GLN E 436 -12.88 13.07 -17.91
N PHE E 437 -12.78 13.68 -19.06
CA PHE E 437 -12.08 14.94 -19.17
C PHE E 437 -13.09 16.08 -19.09
N GLY E 438 -12.71 17.10 -18.34
CA GLY E 438 -13.53 18.26 -18.02
C GLY E 438 -13.50 19.17 -19.21
N ILE E 439 -13.25 20.46 -18.99
CA ILE E 439 -12.83 21.32 -20.09
C ILE E 439 -11.31 21.40 -19.94
N GLU E 440 -10.63 20.45 -20.52
CA GLU E 440 -9.20 20.28 -20.27
C GLU E 440 -8.47 20.16 -21.59
N SER E 441 -7.32 20.82 -21.69
CA SER E 441 -6.49 20.61 -22.85
C SER E 441 -5.22 19.90 -22.43
N PRO E 442 -4.69 19.01 -23.29
CA PRO E 442 -3.47 18.28 -22.92
C PRO E 442 -2.32 19.26 -22.82
N VAL E 443 -1.53 19.13 -21.76
CA VAL E 443 -0.33 19.94 -21.62
C VAL E 443 0.82 19.08 -22.08
N ILE E 444 1.58 19.53 -23.08
CA ILE E 444 2.63 18.71 -23.65
C ILE E 444 3.95 19.44 -23.48
N VAL E 445 4.90 18.78 -22.81
CA VAL E 445 6.21 19.34 -22.52
C VAL E 445 7.25 18.34 -23.03
N GLY E 446 8.00 18.73 -24.06
CA GLY E 446 9.05 17.85 -24.54
C GLY E 446 8.47 16.57 -25.11
N GLY E 447 8.82 15.46 -24.51
CA GLY E 447 8.23 14.19 -24.85
C GLY E 447 7.22 13.63 -23.85
N THR E 448 6.66 14.48 -22.99
CA THR E 448 5.76 14.04 -21.94
C THR E 448 4.44 14.81 -22.02
N VAL E 449 3.32 14.09 -21.85
CA VAL E 449 1.98 14.65 -21.80
C VAL E 449 1.51 14.66 -20.35
N TYR E 450 1.05 15.81 -19.87
CA TYR E 450 0.53 15.98 -18.52
C TYR E 450 -0.96 16.28 -18.58
N LEU E 451 -1.71 15.56 -17.75
CA LEU E 451 -3.18 15.61 -17.75
C LEU E 451 -3.71 15.59 -16.32
N THR E 452 -4.88 16.19 -16.15
CA THR E 452 -5.75 15.91 -15.01
C THR E 452 -6.98 15.16 -15.51
N ASN E 453 -7.88 14.82 -14.60
CA ASN E 453 -9.09 14.12 -15.00
C ASN E 453 -10.23 14.46 -14.03
N SER E 454 -11.46 14.40 -14.54
CA SER E 454 -12.61 14.67 -13.67
C SER E 454 -12.74 13.66 -12.53
N TRP E 455 -12.14 12.48 -12.67
CA TRP E 455 -12.19 11.51 -11.59
C TRP E 455 -11.16 11.83 -10.50
N ASP E 456 -10.53 13.01 -10.59
CA ASP E 456 -9.51 13.49 -9.63
C ASP E 456 -8.23 12.68 -9.68
N TRP E 457 -7.54 12.75 -10.82
CA TRP E 457 -6.20 12.22 -10.98
C TRP E 457 -5.34 13.27 -11.67
N ILE E 458 -4.04 13.25 -11.34
CA ILE E 458 -3.01 13.90 -12.17
C ILE E 458 -2.17 12.78 -12.79
N MET E 459 -1.64 13.01 -13.99
CA MET E 459 -0.91 11.94 -14.64
C MET E 459 0.07 12.45 -15.69
N ALA E 460 1.05 11.61 -15.97
CA ALA E 460 2.04 11.82 -17.01
C ALA E 460 2.08 10.58 -17.89
N ILE E 461 2.14 10.81 -19.20
CA ILE E 461 2.15 9.74 -20.20
C ILE E 461 3.25 10.09 -21.20
N PRO E 462 4.09 9.15 -21.64
CA PRO E 462 5.04 9.47 -22.72
C PRO E 462 4.32 9.75 -24.03
N LEU E 463 4.71 10.83 -24.69
CA LEU E 463 4.12 11.18 -25.98
C LEU E 463 4.30 10.05 -26.98
N LYS E 464 5.43 9.35 -26.93
CA LYS E 464 5.75 8.32 -27.93
C LYS E 464 4.84 7.09 -27.82
N THR E 465 4.16 6.89 -26.69
CA THR E 465 3.19 5.81 -26.57
C THR E 465 1.81 6.23 -27.08
N ILE E 466 1.65 7.49 -27.49
CA ILE E 466 0.41 8.03 -28.02
C ILE E 466 0.49 8.30 -29.52
N SER E 467 1.46 9.10 -29.95
CA SER E 467 1.60 9.37 -31.37
C SER E 467 2.96 8.91 -31.86
N VAL F 5 -19.14 -1.37 -1.15
CA VAL F 5 -19.44 0.06 -1.16
C VAL F 5 -18.19 0.88 -1.44
N ALA F 6 -18.25 1.71 -2.49
CA ALA F 6 -17.11 2.50 -2.94
C ALA F 6 -17.55 3.93 -3.24
N VAL F 7 -16.77 4.88 -2.78
CA VAL F 7 -16.99 6.30 -3.09
C VAL F 7 -15.68 6.88 -3.61
N PRO F 8 -15.74 7.99 -4.33
CA PRO F 8 -14.48 8.62 -4.76
C PRO F 8 -13.66 8.99 -3.54
N MET F 9 -12.44 8.46 -3.49
CA MET F 9 -11.62 8.62 -2.29
C MET F 9 -10.17 8.28 -2.60
N ASP F 10 -9.24 9.06 -2.07
CA ASP F 10 -7.86 8.63 -1.94
C ASP F 10 -7.72 8.07 -0.53
N SER F 11 -7.49 6.76 -0.42
CA SER F 11 -7.47 6.15 0.91
C SER F 11 -6.27 6.60 1.74
N THR F 12 -5.27 7.21 1.11
CA THR F 12 -4.14 7.80 1.82
C THR F 12 -4.25 9.31 1.94
N GLY F 13 -5.28 9.92 1.38
CA GLY F 13 -5.33 11.37 1.27
C GLY F 13 -6.10 12.05 2.37
N PRO F 14 -6.34 13.35 2.19
CA PRO F 14 -6.90 14.16 3.29
C PRO F 14 -8.35 13.84 3.64
N TYR F 15 -9.15 13.23 2.75
CA TYR F 15 -10.53 12.90 3.09
C TYR F 15 -10.68 11.48 3.61
N ARG F 16 -9.58 10.75 3.79
CA ARG F 16 -9.68 9.38 4.23
C ARG F 16 -10.28 9.30 5.64
N THR F 17 -10.84 8.14 5.95
CA THR F 17 -11.35 7.94 7.30
C THR F 17 -10.18 7.61 8.22
N VAL F 18 -9.98 8.43 9.24
CA VAL F 18 -8.89 8.23 10.19
C VAL F 18 -9.50 7.72 11.48
N SER F 19 -8.96 6.62 12.00
CA SER F 19 -9.48 5.96 13.18
C SER F 19 -8.41 6.04 14.26
N HIS F 20 -8.80 6.51 15.45
CA HIS F 20 -7.94 6.51 16.64
C HIS F 20 -8.62 5.74 17.77
N PRO F 21 -8.62 4.40 17.72
CA PRO F 21 -9.31 3.63 18.76
C PRO F 21 -8.70 3.77 20.13
N GLU F 22 -7.49 4.32 20.23
CA GLU F 22 -6.90 4.63 21.53
C GLU F 22 -7.79 5.55 22.36
N ASN F 23 -8.64 6.34 21.71
CA ASN F 23 -9.50 7.28 22.41
C ASN F 23 -10.92 6.76 22.64
N ALA F 24 -11.20 5.51 22.27
CA ALA F 24 -12.50 4.92 22.56
C ALA F 24 -12.71 4.92 24.07
N PRO F 25 -13.96 5.07 24.53
CA PRO F 25 -14.19 5.11 25.98
C PRO F 25 -13.95 3.77 26.65
N SER F 26 -13.57 3.85 27.93
CA SER F 26 -13.52 2.68 28.79
C SER F 26 -14.91 2.08 28.95
N GLY F 27 -14.95 0.82 29.38
CA GLY F 27 -16.23 0.15 29.55
C GLY F 27 -17.23 0.93 30.37
N VAL F 28 -16.78 1.53 31.49
CA VAL F 28 -17.71 2.30 32.30
C VAL F 28 -18.03 3.63 31.63
N ASP F 29 -17.03 4.30 31.07
CA ASP F 29 -17.32 5.50 30.31
C ASP F 29 -18.24 5.19 29.12
N ALA F 30 -18.11 4.00 28.53
CA ALA F 30 -18.96 3.64 27.41
C ALA F 30 -20.43 3.52 27.81
N GLY F 31 -20.76 3.60 29.10
CA GLY F 31 -22.13 3.58 29.56
C GLY F 31 -22.71 4.93 29.89
N VAL F 32 -22.02 6.01 29.53
CA VAL F 32 -22.45 7.37 29.87
C VAL F 32 -23.30 7.96 28.74
N GLY F 33 -24.47 8.47 29.11
CA GLY F 33 -25.36 9.08 28.15
C GLY F 33 -26.32 8.05 27.58
N PRO F 34 -27.23 8.50 26.70
CA PRO F 34 -28.16 7.56 26.07
C PRO F 34 -27.44 6.49 25.27
N SER F 35 -28.15 5.39 24.98
CA SER F 35 -27.61 4.30 24.19
C SER F 35 -28.02 4.39 22.72
N GLU F 36 -28.78 5.42 22.34
CA GLU F 36 -29.17 5.62 20.95
C GLU F 36 -29.48 7.09 20.78
N TRP F 37 -29.47 7.54 19.53
CA TRP F 37 -29.93 8.88 19.17
C TRP F 37 -30.71 8.71 17.87
N THR F 38 -32.04 8.76 17.96
CA THR F 38 -32.89 8.41 16.81
C THR F 38 -33.41 9.63 16.06
N HIS F 39 -33.07 10.83 16.49
CA HIS F 39 -33.76 12.04 16.07
C HIS F 39 -32.84 13.25 16.08
N ALA F 40 -33.10 14.19 15.19
CA ALA F 40 -32.58 15.53 15.37
C ALA F 40 -33.01 16.01 16.74
N TYR F 41 -32.07 16.61 17.47
CA TYR F 41 -32.33 17.06 18.85
C TYR F 41 -32.75 15.89 19.75
N ALA F 42 -32.32 14.69 19.37
CA ALA F 42 -32.37 13.43 20.12
C ALA F 42 -33.74 12.76 20.22
N ASN F 43 -34.83 13.52 20.15
CA ASN F 43 -36.15 12.91 20.28
C ASN F 43 -37.19 13.84 19.67
N PRO F 44 -38.43 13.37 19.52
CA PRO F 44 -39.46 14.22 18.88
C PRO F 44 -39.81 15.45 19.70
N ALA F 45 -39.62 15.40 21.02
CA ALA F 45 -39.80 16.60 21.83
C ALA F 45 -38.70 17.63 21.61
N HIS F 46 -37.61 17.25 20.94
CA HIS F 46 -36.46 18.12 20.71
C HIS F 46 -35.84 18.60 22.02
N ASN F 47 -35.85 17.76 23.05
CA ASN F 47 -35.23 18.15 24.32
C ASN F 47 -34.09 17.17 24.58
N ALA F 48 -32.85 17.57 24.30
CA ALA F 48 -31.72 16.66 24.47
C ALA F 48 -31.14 16.94 25.85
N ALA F 49 -31.76 16.30 26.85
CA ALA F 49 -31.43 16.48 28.26
C ALA F 49 -31.51 15.09 28.89
N PHE F 50 -30.41 14.67 29.52
CA PHE F 50 -30.18 13.27 29.87
C PHE F 50 -29.59 13.19 31.27
N PRO F 51 -30.40 12.93 32.29
CA PRO F 51 -29.80 12.61 33.60
C PRO F 51 -28.97 11.34 33.51
N VAL F 52 -28.07 11.16 34.47
CA VAL F 52 -27.25 9.97 34.54
C VAL F 52 -27.54 9.26 35.85
N PRO F 53 -27.30 7.95 35.93
CA PRO F 53 -27.50 7.23 37.20
C PRO F 53 -26.69 7.83 38.33
N ASP F 54 -27.16 7.56 39.56
CA ASP F 54 -26.41 7.97 40.75
C ASP F 54 -24.95 7.51 40.67
N ASP F 55 -24.72 6.29 40.20
CA ASP F 55 -23.39 5.70 40.30
C ASP F 55 -22.55 5.90 39.04
N ALA F 56 -23.00 6.74 38.11
CA ALA F 56 -22.23 7.12 36.91
C ALA F 56 -20.86 7.65 37.31
N PRO F 57 -19.86 7.58 36.41
CA PRO F 57 -18.52 8.08 36.75
C PRO F 57 -18.55 9.55 37.15
N GLU F 58 -17.60 9.91 38.02
CA GLU F 58 -17.58 11.27 38.57
C GLU F 58 -17.38 12.32 37.49
N TRP F 59 -16.61 12.02 36.43
CA TRP F 59 -16.33 13.07 35.45
C TRP F 59 -17.60 13.61 34.81
N ILE F 60 -18.55 12.74 34.47
CA ILE F 60 -19.75 13.26 33.81
C ILE F 60 -20.60 14.05 34.80
N ARG F 61 -20.65 13.61 36.07
CA ARG F 61 -21.50 14.29 37.05
C ARG F 61 -20.93 15.65 37.45
N ASN F 62 -19.61 15.72 37.68
CA ASN F 62 -18.96 16.98 38.01
C ASN F 62 -18.75 17.87 36.79
N GLY F 63 -18.72 17.29 35.61
CA GLY F 63 -18.51 18.07 34.40
C GLY F 63 -17.06 18.02 33.94
N VAL F 64 -16.87 18.09 32.62
CA VAL F 64 -15.55 18.21 32.02
C VAL F 64 -15.53 19.46 31.15
N SER F 65 -14.33 19.96 30.90
CA SER F 65 -14.12 21.16 30.10
C SER F 65 -13.15 20.81 28.96
N TRP F 66 -13.62 20.90 27.72
CA TRP F 66 -12.67 20.68 26.62
C TRP F 66 -13.18 21.34 25.34
N LEU F 67 -12.25 21.49 24.41
CA LEU F 67 -12.47 22.18 23.14
C LEU F 67 -11.77 21.41 22.03
N PHE F 68 -12.52 21.00 21.01
CA PHE F 68 -11.99 20.26 19.86
C PHE F 68 -12.20 21.07 18.59
N PRO F 69 -11.13 21.48 17.92
CA PRO F 69 -11.28 22.17 16.64
C PRO F 69 -11.62 21.19 15.52
N GLU F 70 -12.68 21.50 14.76
CA GLU F 70 -12.98 20.77 13.53
C GLU F 70 -12.15 21.38 12.40
N ALA F 71 -12.33 20.85 11.18
CA ALA F 71 -11.30 21.04 10.15
C ALA F 71 -11.19 22.49 9.68
N ARG F 72 -12.26 23.27 9.77
CA ARG F 72 -12.28 24.69 9.42
C ARG F 72 -12.27 25.61 10.63
N ALA F 73 -11.81 25.14 11.79
CA ALA F 73 -11.91 25.90 13.03
C ALA F 73 -11.40 27.32 12.86
N TRP F 74 -12.20 28.26 13.36
CA TRP F 74 -11.91 29.67 13.32
C TRP F 74 -11.97 30.20 14.74
N PRO F 75 -11.00 31.00 15.18
CA PRO F 75 -10.95 31.40 16.59
C PRO F 75 -12.27 31.99 17.08
N LEU F 76 -12.71 31.52 18.25
CA LEU F 76 -14.00 31.96 18.80
C LEU F 76 -14.08 33.47 19.00
N ALA F 77 -12.94 34.14 19.16
CA ALA F 77 -12.95 35.58 19.36
C ALA F 77 -13.06 36.37 18.06
N ASN F 78 -12.93 35.72 16.90
CA ASN F 78 -12.92 36.46 15.65
C ASN F 78 -14.34 36.75 15.14
N PRO F 79 -14.52 37.86 14.45
CA PRO F 79 -15.76 38.08 13.72
C PRO F 79 -15.86 37.09 12.58
N PRO F 80 -17.05 36.94 11.98
CA PRO F 80 -17.20 35.95 10.91
C PRO F 80 -16.23 36.18 9.76
N PHE F 81 -15.68 35.08 9.26
CA PHE F 81 -14.86 35.14 8.07
C PHE F 81 -15.66 35.71 6.90
N GLY F 82 -15.03 36.57 6.11
CA GLY F 82 -15.69 37.18 4.97
C GLY F 82 -16.63 38.32 5.27
N SER F 83 -16.55 38.92 6.48
CA SER F 83 -17.45 40.01 6.85
C SER F 83 -17.26 41.23 5.96
N LYS F 84 -16.03 41.47 5.50
CA LYS F 84 -15.75 42.65 4.68
C LYS F 84 -16.50 42.57 3.36
N THR F 85 -16.45 41.41 2.71
CA THR F 85 -17.08 41.27 1.40
C THR F 85 -18.57 40.99 1.51
N TYR F 86 -18.98 40.12 2.43
CA TYR F 86 -20.38 39.74 2.56
C TYR F 86 -21.18 40.58 3.56
N GLY F 87 -20.54 41.32 4.46
CA GLY F 87 -21.25 41.91 5.58
C GLY F 87 -21.39 40.93 6.72
N ALA F 88 -21.51 41.40 7.96
CA ALA F 88 -21.37 40.52 9.11
C ALA F 88 -22.48 39.45 9.18
N ALA F 89 -23.74 39.84 8.94
CA ALA F 89 -24.83 38.87 9.06
C ALA F 89 -24.74 37.79 8.00
N GLU F 90 -24.61 38.20 6.73
CA GLU F 90 -24.44 37.22 5.66
C GLU F 90 -23.19 36.38 5.85
N ALA F 91 -22.12 36.98 6.37
CA ALA F 91 -20.88 36.24 6.56
C ALA F 91 -21.02 35.18 7.64
N SER F 92 -21.67 35.50 8.77
CA SER F 92 -21.84 34.46 9.78
C SER F 92 -22.73 33.34 9.27
N VAL F 93 -23.77 33.69 8.50
CA VAL F 93 -24.66 32.66 7.95
C VAL F 93 -23.90 31.75 6.98
N THR F 94 -23.13 32.35 6.07
CA THR F 94 -22.37 31.54 5.12
C THR F 94 -21.31 30.69 5.82
N GLN F 95 -20.65 31.24 6.84
CA GLN F 95 -19.68 30.42 7.56
C GLN F 95 -20.37 29.22 8.20
N THR F 96 -21.55 29.46 8.79
CA THR F 96 -22.34 28.35 9.32
C THR F 96 -22.60 27.32 8.24
N GLN F 97 -23.15 27.76 7.11
CA GLN F 97 -23.68 26.83 6.13
C GLN F 97 -22.59 26.10 5.37
N PHE F 98 -21.40 26.70 5.22
CA PHE F 98 -20.38 26.01 4.44
C PHE F 98 -19.12 25.57 5.19
N TYR F 99 -18.78 26.20 6.32
CA TYR F 99 -17.62 25.78 7.09
C TYR F 99 -17.94 25.12 8.43
N GLY F 100 -19.09 25.41 9.02
CA GLY F 100 -19.28 25.01 10.41
C GLY F 100 -20.38 24.01 10.68
N ASN F 101 -20.65 23.81 11.98
CA ASN F 101 -21.76 22.97 12.42
C ASN F 101 -23.05 23.77 12.38
N ALA F 102 -24.05 23.25 11.67
CA ALA F 102 -25.39 23.84 11.71
C ALA F 102 -26.17 23.39 12.93
N LEU F 103 -26.11 22.09 13.27
CA LEU F 103 -26.87 21.55 14.39
C LEU F 103 -25.93 21.18 15.52
N GLY F 104 -26.51 20.74 16.63
CA GLY F 104 -25.74 20.36 17.77
C GLY F 104 -25.19 18.97 17.64
N PRO F 105 -24.51 18.51 18.67
CA PRO F 105 -23.93 17.17 18.64
C PRO F 105 -24.92 16.11 19.11
N SER F 106 -24.48 14.85 19.01
CA SER F 106 -25.20 13.67 19.46
C SER F 106 -24.30 12.97 20.45
N VAL F 107 -24.82 12.62 21.63
CA VAL F 107 -23.97 12.02 22.66
C VAL F 107 -24.51 10.63 22.95
N VAL F 108 -23.72 9.61 22.67
CA VAL F 108 -24.14 8.22 22.86
C VAL F 108 -22.97 7.42 23.44
N ASP F 109 -23.23 6.70 24.53
CA ASP F 109 -22.28 5.70 25.04
C ASP F 109 -20.87 6.27 25.16
N GLY F 110 -20.76 7.43 25.81
CA GLY F 110 -19.46 8.01 26.09
C GLY F 110 -18.78 8.66 24.91
N VAL F 111 -19.49 8.88 23.79
CA VAL F 111 -18.91 9.49 22.59
C VAL F 111 -19.79 10.66 22.12
N VAL F 112 -19.13 11.73 21.68
CA VAL F 112 -19.79 12.88 21.07
C VAL F 112 -19.59 12.76 19.56
N TYR F 113 -20.69 12.75 18.82
CA TYR F 113 -20.66 12.71 17.36
C TYR F 113 -21.15 14.06 16.84
N ALA F 114 -20.49 14.57 15.80
CA ALA F 114 -20.97 15.80 15.18
C ALA F 114 -20.72 15.72 13.68
N GLU F 115 -21.50 16.46 12.91
CA GLU F 115 -21.22 16.56 11.49
C GLU F 115 -21.20 18.03 11.11
N SER F 116 -20.34 18.37 10.15
CA SER F 116 -20.05 19.75 9.84
C SER F 116 -20.26 20.02 8.35
N ASP F 117 -20.62 21.25 8.04
CA ASP F 117 -20.62 21.68 6.66
C ASP F 117 -19.23 21.70 6.06
N ASP F 118 -18.18 21.57 6.88
CA ASP F 118 -16.81 21.40 6.39
C ASP F 118 -16.63 20.05 5.70
N MET F 119 -17.66 19.20 5.65
CA MET F 119 -17.76 17.94 4.91
C MET F 119 -17.23 16.74 5.69
N PHE F 120 -16.81 16.92 6.94
CA PHE F 120 -16.43 15.81 7.80
C PHE F 120 -17.50 15.53 8.85
N ALA F 121 -17.58 14.26 9.25
CA ALA F 121 -18.21 13.85 10.49
C ALA F 121 -17.13 13.42 11.46
N TYR F 122 -17.41 13.59 12.76
CA TYR F 122 -16.44 13.36 13.84
C TYR F 122 -17.05 12.56 14.98
N ALA F 123 -16.23 11.70 15.57
CA ALA F 123 -16.50 11.05 16.84
C ALA F 123 -15.37 11.39 17.79
N VAL F 124 -15.73 11.90 18.96
CA VAL F 124 -14.82 12.46 19.94
C VAL F 124 -15.18 11.91 21.33
N ASN F 125 -14.18 11.49 22.09
CA ASN F 125 -14.44 10.93 23.43
C ASN F 125 -15.14 11.98 24.30
N ALA F 126 -16.29 11.59 24.86
CA ALA F 126 -17.08 12.56 25.62
C ALA F 126 -16.33 13.09 26.83
N LYS F 127 -15.46 12.27 27.43
CA LYS F 127 -14.71 12.68 28.61
C LYS F 127 -13.53 13.57 28.27
N THR F 128 -12.70 13.14 27.32
CA THR F 128 -11.42 13.78 27.04
C THR F 128 -11.45 14.79 25.89
N GLY F 129 -12.48 14.78 25.06
CA GLY F 129 -12.42 15.60 23.86
C GLY F 129 -11.48 15.13 22.76
N LYS F 130 -10.95 13.91 22.84
CA LYS F 130 -9.94 13.45 21.89
C LYS F 130 -10.58 12.66 20.76
N LEU F 131 -10.05 12.83 19.54
CA LEU F 131 -10.65 12.27 18.33
C LEU F 131 -10.66 10.75 18.34
N ILE F 132 -11.85 10.15 18.23
CA ILE F 132 -12.00 8.72 17.98
C ILE F 132 -11.99 8.39 16.49
N TRP F 133 -12.73 9.15 15.68
CA TRP F 133 -12.60 9.05 14.22
C TRP F 133 -13.14 10.30 13.54
N ARG F 134 -12.68 10.52 12.30
CA ARG F 134 -13.30 11.47 11.40
C ARG F 134 -13.39 10.84 10.02
N ALA F 135 -14.40 11.23 9.26
CA ALA F 135 -14.69 10.63 7.97
C ALA F 135 -15.31 11.70 7.08
N SER F 136 -15.05 11.60 5.78
CA SER F 136 -15.72 12.44 4.78
C SER F 136 -16.04 11.56 3.59
N PRO F 137 -17.07 10.71 3.71
CA PRO F 137 -17.43 9.82 2.59
C PRO F 137 -18.05 10.53 1.41
N VAL F 138 -18.48 11.77 1.57
CA VAL F 138 -19.11 12.52 0.49
C VAL F 138 -18.68 13.98 0.57
N GLY F 139 -18.38 14.55 -0.59
CA GLY F 139 -17.88 15.89 -0.81
C GLY F 139 -18.97 16.93 -0.78
N ASN F 140 -19.88 16.82 0.19
CA ASN F 140 -20.98 17.78 0.34
C ASN F 140 -21.11 18.18 1.81
N ASN F 141 -21.81 19.28 2.06
CA ASN F 141 -22.03 19.74 3.42
C ASN F 141 -22.89 18.76 4.21
N LEU F 142 -22.56 18.60 5.49
CA LEU F 142 -23.32 17.75 6.41
C LEU F 142 -23.98 18.67 7.42
N MET F 143 -25.28 18.88 7.26
CA MET F 143 -25.98 19.94 7.98
C MET F 143 -26.83 19.46 9.16
N GLY F 144 -26.80 18.18 9.50
CA GLY F 144 -27.72 17.65 10.46
C GLY F 144 -27.10 17.25 11.77
N ASN F 145 -27.80 16.36 12.48
CA ASN F 145 -27.47 15.83 13.78
C ASN F 145 -27.17 14.35 13.56
N PRO F 146 -25.98 13.83 13.81
CA PRO F 146 -25.73 12.41 13.49
C PRO F 146 -26.69 11.50 14.27
N LEU F 147 -27.24 10.50 13.59
CA LEU F 147 -28.04 9.52 14.30
C LEU F 147 -27.14 8.35 14.68
N VAL F 148 -27.43 7.75 15.83
CA VAL F 148 -26.63 6.64 16.32
C VAL F 148 -27.58 5.52 16.75
N ILE F 149 -27.52 4.37 16.08
CA ILE F 149 -28.39 3.23 16.38
C ILE F 149 -27.51 1.99 16.38
N GLY F 150 -27.45 1.29 17.51
CA GLY F 150 -26.62 0.11 17.56
C GLY F 150 -25.19 0.47 17.27
N ASN F 151 -24.60 -0.20 16.29
CA ASN F 151 -23.22 0.01 15.87
C ASN F 151 -23.08 0.92 14.64
N THR F 152 -24.13 1.65 14.25
CA THR F 152 -24.12 2.46 13.04
C THR F 152 -24.41 3.94 13.32
N VAL F 153 -23.70 4.81 12.62
CA VAL F 153 -23.90 6.25 12.69
C VAL F 153 -24.39 6.72 11.33
N TYR F 154 -25.43 7.53 11.31
CA TYR F 154 -26.08 7.95 10.06
C TYR F 154 -25.90 9.45 9.87
N LEU F 155 -25.39 9.82 8.70
CA LEU F 155 -25.20 11.20 8.26
C LEU F 155 -26.15 11.50 7.10
N SER F 156 -26.46 12.79 6.92
CA SER F 156 -27.22 13.18 5.74
C SER F 156 -26.48 14.32 5.07
N ALA F 157 -26.38 14.26 3.75
CA ALA F 157 -25.55 15.16 2.97
C ALA F 157 -26.46 16.02 2.11
N GLY F 158 -26.25 17.35 2.18
CA GLY F 158 -26.94 18.29 1.31
C GLY F 158 -26.45 19.72 1.38
N SER F 159 -26.63 20.46 0.29
CA SER F 159 -26.25 21.86 0.17
C SER F 159 -27.50 22.75 0.28
N VAL F 160 -27.31 23.97 0.78
CA VAL F 160 -28.39 24.95 0.69
C VAL F 160 -28.61 25.45 -0.74
N ALA F 161 -27.71 25.11 -1.67
CA ALA F 161 -27.67 25.88 -2.91
C ALA F 161 -28.40 25.17 -4.05
N PHE F 162 -28.52 25.90 -5.17
CA PHE F 162 -29.26 25.49 -6.37
C PHE F 162 -28.30 25.56 -7.55
N ASN F 163 -28.44 24.64 -8.51
CA ASN F 163 -27.70 24.82 -9.74
C ASN F 163 -28.49 25.72 -10.71
N PHE F 164 -27.87 26.05 -11.84
CA PHE F 164 -28.48 27.06 -12.69
C PHE F 164 -29.72 26.52 -13.39
N ALA F 165 -29.72 25.23 -13.73
CA ALA F 165 -30.91 24.64 -14.35
C ALA F 165 -32.13 24.81 -13.46
N ASN F 166 -31.94 24.65 -12.14
CA ASN F 166 -33.06 24.77 -11.22
C ASN F 166 -33.36 26.21 -10.82
N VAL F 167 -32.40 27.13 -11.02
CA VAL F 167 -32.71 28.55 -10.99
C VAL F 167 -33.70 28.89 -12.10
N LEU F 168 -33.41 28.43 -13.32
CA LEU F 168 -34.36 28.63 -14.42
C LEU F 168 -35.70 27.98 -14.13
N ARG F 169 -35.69 26.72 -13.64
CA ARG F 169 -36.95 26.07 -13.30
C ARG F 169 -37.74 26.89 -12.29
N TYR F 170 -37.06 27.44 -11.28
CA TYR F 170 -37.77 28.27 -10.30
C TYR F 170 -38.36 29.50 -10.96
N ALA F 171 -37.58 30.21 -11.80
CA ALA F 171 -38.09 31.43 -12.41
C ALA F 171 -39.30 31.15 -13.29
N HIS F 172 -39.40 29.93 -13.82
CA HIS F 172 -40.60 29.54 -14.56
C HIS F 172 -41.73 29.13 -13.61
N ASN F 173 -41.53 28.04 -12.88
CA ASN F 173 -42.53 27.49 -11.96
C ASN F 173 -41.84 27.04 -10.67
N PRO F 174 -41.90 27.85 -9.57
CA PRO F 174 -41.23 27.45 -8.31
C PRO F 174 -41.44 26.00 -7.90
N SER F 175 -42.63 25.45 -8.18
CA SER F 175 -42.92 24.06 -7.85
C SER F 175 -42.17 23.06 -8.73
N ALA F 176 -41.59 23.51 -9.84
CA ALA F 176 -40.77 22.65 -10.70
C ALA F 176 -39.30 22.66 -10.31
N SER F 177 -38.93 23.32 -9.22
CA SER F 177 -37.54 23.52 -8.86
C SER F 177 -37.12 22.56 -7.76
N ALA F 178 -35.83 22.19 -7.75
CA ALA F 178 -35.28 21.31 -6.74
C ALA F 178 -34.02 21.93 -6.16
N ARG F 179 -33.98 22.10 -4.84
CA ARG F 179 -32.77 22.53 -4.16
C ARG F 179 -31.78 21.36 -4.06
N GLY F 180 -30.52 21.67 -4.32
CA GLY F 180 -29.44 20.70 -4.18
C GLY F 180 -29.36 19.65 -5.26
N LEU F 181 -30.30 19.62 -6.20
CA LEU F 181 -30.25 18.64 -7.28
C LEU F 181 -29.08 18.98 -8.20
N ASN F 182 -28.16 18.03 -8.33
CA ASN F 182 -26.87 18.20 -9.04
C ASN F 182 -26.00 19.31 -8.43
N VAL F 183 -26.15 19.62 -7.15
CA VAL F 183 -25.16 20.40 -6.43
C VAL F 183 -24.45 19.40 -5.53
N SER F 184 -23.28 18.97 -5.97
CA SER F 184 -22.59 17.79 -5.43
C SER F 184 -23.53 16.59 -5.31
N PHE F 185 -23.34 15.77 -4.27
CA PHE F 185 -24.04 14.50 -4.09
C PHE F 185 -24.74 14.48 -2.73
N ASN F 186 -25.90 13.83 -2.69
CA ASN F 186 -26.86 14.00 -1.60
C ASN F 186 -27.22 12.63 -1.03
N GLY F 187 -27.64 12.62 0.22
CA GLY F 187 -28.33 11.41 0.64
C GLY F 187 -27.88 10.99 2.02
N ILE F 188 -28.19 9.74 2.37
CA ILE F 188 -27.86 9.19 3.69
C ILE F 188 -26.57 8.39 3.58
N TYR F 189 -25.65 8.60 4.52
CA TYR F 189 -24.41 7.85 4.55
C TYR F 189 -24.31 7.15 5.90
N ALA F 190 -24.04 5.84 5.88
CA ALA F 190 -24.01 5.01 7.08
C ALA F 190 -22.58 4.53 7.33
N LEU F 191 -22.09 4.81 8.54
CA LEU F 191 -20.73 4.52 9.00
C LEU F 191 -20.76 3.57 10.18
N ASN F 192 -19.76 2.69 10.24
CA ASN F 192 -19.57 1.85 11.41
C ASN F 192 -19.22 2.69 12.62
N ARG F 193 -19.84 2.36 13.76
CA ARG F 193 -19.77 3.27 14.90
C ARG F 193 -18.38 3.35 15.51
N SER F 194 -17.65 2.24 15.52
CA SER F 194 -16.37 2.26 16.24
C SER F 194 -15.27 2.98 15.47
N ASN F 195 -15.16 2.73 14.16
CA ASN F 195 -14.08 3.31 13.36
C ASN F 195 -14.50 4.28 12.25
N GLY F 196 -15.80 4.53 12.05
CA GLY F 196 -16.21 5.40 10.95
C GLY F 196 -16.19 4.78 9.57
N LYS F 197 -15.90 3.49 9.45
CA LYS F 197 -15.81 2.84 8.14
C LYS F 197 -17.15 2.88 7.43
N LEU F 198 -17.12 3.20 6.13
CA LEU F 198 -18.34 3.37 5.37
C LEU F 198 -19.02 2.03 5.15
N LEU F 199 -20.28 1.92 5.60
CA LEU F 199 -21.11 0.73 5.43
C LEU F 199 -21.92 0.83 4.16
N TRP F 200 -22.73 1.88 4.02
CA TRP F 200 -23.48 2.04 2.78
C TRP F 200 -23.91 3.49 2.62
N TYR F 201 -24.35 3.84 1.42
CA TYR F 201 -24.98 5.13 1.23
C TYR F 201 -26.24 4.96 0.39
N PHE F 202 -27.19 5.87 0.58
CA PHE F 202 -28.39 5.97 -0.25
C PHE F 202 -28.45 7.38 -0.84
N ALA F 203 -28.23 7.49 -2.15
CA ALA F 203 -28.24 8.79 -2.81
C ALA F 203 -29.66 9.25 -3.08
N THR F 204 -29.89 10.55 -2.95
CA THR F 204 -31.18 11.16 -3.25
C THR F 204 -31.02 12.23 -4.32
N PRO F 205 -32.05 12.50 -5.11
CA PRO F 205 -31.90 13.51 -6.16
C PRO F 205 -31.66 14.91 -5.62
N GLY F 206 -32.44 15.33 -4.62
CA GLY F 206 -32.27 16.63 -4.01
C GLY F 206 -31.41 16.59 -2.75
N GLU F 207 -31.00 17.77 -2.29
CA GLU F 207 -30.26 17.85 -1.03
C GLU F 207 -31.04 17.19 0.09
N THR F 208 -30.32 16.51 0.99
CA THR F 208 -30.91 16.18 2.30
C THR F 208 -30.09 16.88 3.36
N MET F 209 -30.47 18.13 3.63
CA MET F 209 -29.94 18.86 4.77
C MET F 209 -30.65 18.43 6.03
N ALA F 210 -31.90 18.03 5.90
CA ALA F 210 -32.69 17.54 7.03
C ALA F 210 -32.00 16.36 7.67
N THR F 211 -32.09 16.28 8.97
CA THR F 211 -31.73 15.07 9.67
C THR F 211 -32.82 14.03 9.45
N PRO F 212 -32.48 12.78 9.18
CA PRO F 212 -33.51 11.75 9.10
C PRO F 212 -34.08 11.45 10.47
N ALA F 213 -35.13 10.63 10.49
CA ALA F 213 -35.59 10.05 11.74
C ALA F 213 -35.46 8.54 11.63
N TYR F 214 -35.19 7.89 12.76
CA TYR F 214 -35.07 6.43 12.80
C TYR F 214 -36.27 5.85 13.51
N ASP F 215 -36.86 4.81 12.93
CA ASP F 215 -37.84 4.00 13.64
C ASP F 215 -37.89 2.61 12.99
N ASN F 216 -37.95 1.57 13.81
CA ASN F 216 -38.23 0.20 13.35
C ASN F 216 -37.30 -0.25 12.21
N ASN F 217 -35.99 -0.16 12.47
CA ASN F 217 -34.96 -0.54 11.50
C ASN F 217 -35.12 0.21 10.18
N THR F 218 -35.65 1.44 10.23
CA THR F 218 -35.91 2.22 9.03
C THR F 218 -35.54 3.68 9.27
N LEU F 219 -34.92 4.27 8.26
CA LEU F 219 -34.61 5.70 8.21
C LEU F 219 -35.59 6.41 7.29
N PHE F 220 -36.04 7.58 7.72
CA PHE F 220 -36.95 8.40 6.94
C PHE F 220 -36.34 9.75 6.66
N ILE F 221 -36.48 10.22 5.41
CA ILE F 221 -35.86 11.47 5.01
C ILE F 221 -36.66 12.05 3.85
N ALA F 222 -36.58 13.37 3.67
CA ALA F 222 -37.14 14.03 2.49
C ALA F 222 -36.10 14.97 1.89
N ASP F 223 -36.17 15.17 0.58
CA ASP F 223 -35.08 15.91 -0.09
C ASP F 223 -35.57 17.23 -0.72
N GLY F 224 -34.62 17.96 -1.29
CA GLY F 224 -34.97 19.21 -1.95
C GLY F 224 -35.72 19.06 -3.24
N ALA F 225 -35.92 17.83 -3.71
CA ALA F 225 -36.65 17.50 -4.93
C ALA F 225 -38.10 17.09 -4.68
N GLY F 226 -38.60 17.24 -3.46
CA GLY F 226 -39.98 16.87 -3.19
C GLY F 226 -40.20 15.40 -2.92
N ASN F 227 -39.14 14.65 -2.62
CA ASN F 227 -39.25 13.22 -2.42
C ASN F 227 -39.13 12.87 -0.93
N ALA F 228 -39.99 11.98 -0.45
CA ALA F 228 -39.80 11.35 0.85
C ALA F 228 -39.46 9.89 0.66
N PHE F 229 -38.63 9.35 1.56
CA PHE F 229 -38.12 7.98 1.46
C PHE F 229 -38.16 7.29 2.81
N GLY F 230 -38.61 6.03 2.80
CA GLY F 230 -38.19 5.05 3.79
C GLY F 230 -37.08 4.16 3.25
N ILE F 231 -36.09 3.91 4.11
CA ILE F 231 -34.85 3.24 3.74
C ILE F 231 -34.47 2.26 4.85
N ASN F 232 -34.19 1.01 4.49
CA ASN F 232 -33.79 0.02 5.49
C ASN F 232 -32.50 0.46 6.18
N ALA F 233 -32.55 0.58 7.51
CA ALA F 233 -31.41 1.14 8.25
C ALA F 233 -30.20 0.21 8.23
N THR F 234 -30.44 -1.09 8.09
CA THR F 234 -29.36 -2.06 8.08
C THR F 234 -28.76 -2.28 6.70
N THR F 235 -29.60 -2.40 5.67
CA THR F 235 -29.13 -2.67 4.33
C THR F 235 -28.98 -1.43 3.47
N GLY F 236 -29.55 -0.28 3.87
CA GLY F 236 -29.52 0.89 3.02
C GLY F 236 -30.41 0.84 1.78
N LYS F 237 -31.24 -0.18 1.62
CA LYS F 237 -32.07 -0.28 0.42
C LYS F 237 -33.38 0.45 0.62
N GLN F 238 -33.84 1.12 -0.44
CA GLN F 238 -35.13 1.79 -0.41
C GLN F 238 -36.24 0.82 -0.03
N VAL F 239 -37.11 1.26 0.88
CA VAL F 239 -38.36 0.59 1.23
C VAL F 239 -39.46 1.26 0.43
N TRP F 240 -39.58 2.58 0.58
CA TRP F 240 -40.59 3.26 -0.21
C TRP F 240 -40.12 4.66 -0.58
N LYS F 241 -40.78 5.22 -1.59
CA LYS F 241 -40.53 6.57 -2.07
C LYS F 241 -41.87 7.21 -2.41
N THR F 242 -42.08 8.44 -1.97
CA THR F 242 -43.32 9.16 -2.21
C THR F 242 -42.95 10.56 -2.67
N HIS F 243 -43.41 10.96 -3.85
CA HIS F 243 -43.15 12.33 -4.27
C HIS F 243 -44.32 13.17 -3.77
N VAL F 244 -44.08 13.96 -2.73
CA VAL F 244 -45.10 14.86 -2.21
C VAL F 244 -44.99 16.26 -2.80
N GLY F 245 -43.90 16.57 -3.50
CA GLY F 245 -43.68 17.87 -4.07
C GLY F 245 -43.13 18.88 -3.07
N GLY F 246 -42.70 20.01 -3.61
CA GLY F 246 -42.10 21.04 -2.78
C GLY F 246 -40.67 20.68 -2.44
N MET F 247 -40.17 21.26 -1.34
CA MET F 247 -38.79 21.07 -0.92
C MET F 247 -38.72 20.86 0.58
N ASP F 248 -37.98 19.85 1.01
CA ASP F 248 -37.58 19.79 2.42
C ASP F 248 -36.22 20.46 2.50
N ASN F 249 -36.20 21.65 3.10
CA ASN F 249 -34.94 22.35 3.20
C ASN F 249 -34.19 21.97 4.47
N MET F 250 -34.53 22.59 5.59
CA MET F 250 -33.95 22.23 6.88
C MET F 250 -34.89 21.45 7.79
N SER F 251 -36.08 21.10 7.33
CA SER F 251 -37.05 20.53 8.26
C SER F 251 -36.68 19.08 8.47
N SER F 252 -36.20 18.76 9.68
CA SER F 252 -35.84 17.39 9.97
C SER F 252 -37.11 16.57 10.09
N VAL F 253 -36.99 15.29 9.78
CA VAL F 253 -38.15 14.43 9.88
C VAL F 253 -38.43 14.17 11.36
N THR F 254 -39.70 13.99 11.70
CA THR F 254 -40.05 13.61 13.07
C THR F 254 -40.84 12.31 13.03
N ALA F 255 -40.41 11.33 13.81
CA ALA F 255 -41.16 10.09 14.00
C ALA F 255 -41.84 10.19 15.35
N TYR F 256 -43.16 10.05 15.38
CA TYR F 256 -43.91 10.19 16.63
C TYR F 256 -45.00 9.14 16.66
N ARG F 257 -45.00 8.33 17.73
CA ARG F 257 -45.91 7.19 17.86
C ARG F 257 -45.95 6.41 16.53
N HIS F 258 -44.79 6.24 15.89
CA HIS F 258 -44.58 5.38 14.74
C HIS F 258 -45.22 5.90 13.46
N ASN F 259 -45.75 7.11 13.46
CA ASN F 259 -46.06 7.83 12.22
C ASN F 259 -44.94 8.82 11.91
N ILE F 260 -44.76 9.13 10.62
CA ILE F 260 -43.68 10.00 10.14
C ILE F 260 -44.25 11.35 9.72
N TYR F 261 -43.59 12.44 10.14
CA TYR F 261 -44.04 13.79 9.86
C TYR F 261 -42.92 14.59 9.26
N PHE F 262 -43.22 15.34 8.21
CA PHE F 262 -42.21 16.28 7.72
C PHE F 262 -42.88 17.45 7.04
N ALA F 263 -42.18 18.57 7.10
CA ALA F 263 -42.68 19.86 6.65
C ALA F 263 -41.97 20.21 5.36
N MET F 264 -42.74 20.57 4.34
CA MET F 264 -42.18 20.92 3.04
C MET F 264 -42.47 22.38 2.72
N ALA F 265 -41.46 23.04 2.13
CA ALA F 265 -41.58 24.40 1.61
C ALA F 265 -42.03 24.41 0.15
N ILE F 266 -42.35 25.62 -0.33
CA ILE F 266 -42.74 25.99 -1.70
C ILE F 266 -44.11 25.42 -2.03
N LYS F 267 -44.40 24.26 -1.46
CA LYS F 267 -45.71 23.62 -1.51
C LYS F 267 -45.91 23.34 -0.02
N PRO F 268 -46.46 24.29 0.69
CA PRO F 268 -46.20 24.43 2.14
C PRO F 268 -47.10 23.55 3.01
N TYR F 269 -46.71 22.28 3.17
CA TYR F 269 -47.56 21.34 3.89
C TYR F 269 -46.75 20.50 4.87
N LEU F 270 -47.41 20.16 5.98
CA LEU F 270 -46.95 19.15 6.90
C LEU F 270 -47.64 17.84 6.53
N TYR F 271 -46.83 16.81 6.26
CA TYR F 271 -47.36 15.52 5.87
C TYR F 271 -47.18 14.52 7.00
N CYS F 272 -48.22 13.74 7.26
CA CYS F 272 -48.16 12.53 8.07
C CYS F 272 -48.28 11.34 7.12
N LEU F 273 -47.18 10.55 7.04
CA LEU F 273 -47.07 9.35 6.23
C LEU F 273 -46.93 8.13 7.11
N ASN F 274 -47.46 7.00 6.62
CA ASN F 274 -47.31 5.76 7.38
C ASN F 274 -45.93 5.17 7.10
N GLU F 275 -45.37 4.50 8.12
CA GLU F 275 -43.95 4.11 8.05
C GLU F 275 -43.74 2.96 7.09
N SER F 276 -44.72 2.08 6.93
CA SER F 276 -44.45 0.88 6.16
C SER F 276 -44.41 1.17 4.66
N ASN F 277 -45.30 2.06 4.19
CA ASN F 277 -45.38 2.33 2.77
C ASN F 277 -45.19 3.77 2.34
N GLY F 278 -45.08 4.73 3.24
CA GLY F 278 -45.06 6.11 2.79
C GLY F 278 -46.36 6.63 2.21
N HIS F 279 -47.50 6.03 2.55
CA HIS F 279 -48.78 6.55 2.10
C HIS F 279 -49.10 7.87 2.78
N ILE F 280 -49.70 8.80 2.07
CA ILE F 280 -50.11 10.02 2.76
C ILE F 280 -51.35 9.71 3.59
N VAL F 281 -51.21 9.83 4.91
CA VAL F 281 -52.33 9.69 5.83
C VAL F 281 -53.09 11.00 5.95
N TRP F 282 -52.37 12.09 6.20
CA TRP F 282 -53.02 13.39 6.18
C TRP F 282 -51.98 14.46 5.90
N LYS F 283 -52.46 15.64 5.51
CA LYS F 283 -51.58 16.78 5.35
C LYS F 283 -52.29 18.03 5.79
N GLY F 284 -51.53 18.96 6.35
CA GLY F 284 -52.12 20.22 6.75
C GLY F 284 -51.19 21.35 6.38
N THR F 285 -51.76 22.54 6.27
CA THR F 285 -51.00 23.64 5.72
C THR F 285 -50.10 24.21 6.80
N ILE F 286 -48.88 24.58 6.39
CA ILE F 286 -47.90 25.25 7.22
C ILE F 286 -48.10 26.76 7.04
N PRO F 287 -48.26 27.54 8.11
CA PRO F 287 -48.63 28.96 7.98
C PRO F 287 -47.46 29.87 7.65
N GLY F 288 -46.64 29.48 6.68
CA GLY F 288 -45.50 30.31 6.35
C GLY F 288 -45.18 30.21 4.88
N ALA F 289 -44.54 31.27 4.38
CA ALA F 289 -44.28 31.45 2.96
C ALA F 289 -43.50 30.28 2.36
N ASP F 296 -36.15 25.79 6.92
CA ASP F 296 -37.34 25.85 7.76
C ASP F 296 -37.26 24.83 8.90
N VAL F 297 -38.31 24.76 9.75
CA VAL F 297 -38.14 24.20 11.09
C VAL F 297 -38.68 22.77 11.16
N SER F 298 -38.01 22.00 11.98
CA SER F 298 -38.37 20.65 12.29
C SER F 298 -39.55 20.63 13.25
N PRO F 299 -40.60 19.89 12.97
CA PRO F 299 -41.73 19.83 13.91
C PRO F 299 -41.33 19.05 15.16
N ALA F 300 -41.89 19.50 16.27
CA ALA F 300 -41.78 18.82 17.56
C ALA F 300 -43.09 18.11 17.86
N ALA F 301 -43.02 17.00 18.60
CA ALA F 301 -44.24 16.26 18.87
C ALA F 301 -44.20 15.71 20.29
N ALA F 302 -45.29 15.89 21.03
CA ALA F 302 -45.47 15.31 22.35
C ALA F 302 -46.96 15.27 22.69
N ASP F 303 -47.33 14.31 23.52
CA ASP F 303 -48.69 14.22 24.08
C ASP F 303 -49.78 14.44 23.02
N GLY F 304 -49.59 13.78 21.87
CA GLY F 304 -50.59 13.79 20.82
C GLY F 304 -50.64 15.04 19.98
N VAL F 305 -49.66 15.92 20.10
CA VAL F 305 -49.64 17.21 19.41
C VAL F 305 -48.33 17.34 18.64
N VAL F 306 -48.43 17.81 17.39
CA VAL F 306 -47.28 18.17 16.57
C VAL F 306 -47.27 19.68 16.41
N VAL F 307 -46.15 20.33 16.71
CA VAL F 307 -46.04 21.78 16.70
C VAL F 307 -44.94 22.21 15.73
N LEU F 308 -45.19 23.29 14.99
CA LEU F 308 -44.14 23.88 14.15
C LEU F 308 -44.41 25.36 13.97
N ASP F 309 -43.43 26.07 13.44
CA ASP F 309 -43.63 27.48 13.13
C ASP F 309 -42.92 27.76 11.81
N ALA F 310 -43.38 28.81 11.13
CA ALA F 310 -42.87 29.10 9.81
C ALA F 310 -42.97 30.59 9.55
N THR F 311 -42.20 31.05 8.56
CA THR F 311 -42.00 32.47 8.34
C THR F 311 -42.85 32.95 7.17
N THR F 312 -43.61 34.00 7.43
CA THR F 312 -44.45 34.63 6.42
C THR F 312 -44.14 36.12 6.40
N LYS F 313 -44.89 36.91 5.63
CA LYS F 313 -44.71 38.34 5.68
C LYS F 313 -45.97 38.99 6.23
N PRO F 314 -45.85 40.12 6.91
CA PRO F 314 -47.05 40.82 7.39
C PRO F 314 -47.94 41.20 6.22
N GLN F 315 -49.25 41.32 6.49
CA GLN F 315 -50.20 41.50 5.41
C GLN F 315 -49.92 42.78 4.62
N ALA F 316 -49.59 43.87 5.31
CA ALA F 316 -49.41 45.18 4.69
C ALA F 316 -47.94 45.54 4.44
N ASN F 317 -46.99 44.70 4.81
CA ASN F 317 -45.59 45.03 4.54
C ASN F 317 -45.06 44.27 3.33
N ALA F 320 -40.12 44.39 3.28
CA ALA F 320 -38.82 44.12 3.87
C ALA F 320 -38.95 43.45 5.24
N MET F 321 -40.14 42.92 5.53
CA MET F 321 -40.46 42.41 6.86
C MET F 321 -40.76 40.92 6.83
N PHE F 322 -40.59 40.30 8.01
CA PHE F 322 -40.97 38.91 8.23
C PHE F 322 -41.75 38.81 9.54
N SER F 323 -42.56 37.75 9.62
CA SER F 323 -43.18 37.34 10.88
C SER F 323 -43.13 35.82 10.96
N ASN F 324 -43.24 35.30 12.17
CA ASN F 324 -43.23 33.86 12.40
C ASN F 324 -44.56 33.45 13.03
N VAL F 325 -45.19 32.43 12.48
CA VAL F 325 -46.47 31.92 12.97
C VAL F 325 -46.29 30.48 13.46
N ILE F 326 -46.78 30.18 14.66
CA ILE F 326 -46.71 28.84 15.23
C ILE F 326 -48.08 28.18 15.13
N ARG F 327 -48.09 26.88 14.85
CA ARG F 327 -49.32 26.13 14.67
C ARG F 327 -49.17 24.74 15.27
N ALA F 328 -50.23 24.29 15.95
CA ALA F 328 -50.28 22.98 16.59
C ALA F 328 -51.34 22.12 15.90
N PHE F 329 -50.96 20.88 15.62
CA PHE F 329 -51.80 19.90 14.96
C PHE F 329 -52.04 18.72 15.90
N ASP F 330 -53.24 18.16 15.83
CA ASP F 330 -53.51 16.84 16.40
C ASP F 330 -52.70 15.80 15.65
N ALA F 331 -51.89 15.02 16.37
CA ALA F 331 -50.97 14.12 15.69
C ALA F 331 -51.72 13.05 14.89
N LYS F 332 -52.85 12.59 15.40
CA LYS F 332 -53.56 11.52 14.73
C LYS F 332 -54.32 12.00 13.50
N THR F 333 -55.06 13.11 13.60
CA THR F 333 -55.91 13.56 12.48
C THR F 333 -55.37 14.73 11.68
N GLY F 334 -54.39 15.47 12.18
CA GLY F 334 -54.00 16.70 11.52
C GLY F 334 -54.89 17.91 11.80
N ALA F 335 -55.96 17.75 12.56
CA ALA F 335 -56.79 18.90 12.92
C ALA F 335 -55.95 19.93 13.69
N VAL F 336 -56.11 21.21 13.33
CA VAL F 336 -55.30 22.25 13.92
C VAL F 336 -55.91 22.69 15.25
N LEU F 337 -55.11 22.61 16.32
CA LEU F 337 -55.58 22.99 17.63
C LEU F 337 -55.51 24.49 17.87
N TRP F 338 -54.43 25.14 17.43
CA TRP F 338 -54.30 26.59 17.55
C TRP F 338 -53.23 27.10 16.58
N THR F 339 -53.28 28.39 16.32
CA THR F 339 -52.34 29.13 15.50
C THR F 339 -52.12 30.47 16.17
N ARG F 340 -50.87 30.87 16.34
CA ARG F 340 -50.54 32.14 16.97
C ARG F 340 -49.48 32.84 16.15
N ASN F 341 -49.60 34.17 16.05
CA ASN F 341 -48.53 34.98 15.48
C ASN F 341 -47.50 35.24 16.58
N MET F 342 -46.26 34.82 16.33
CA MET F 342 -45.23 34.95 17.35
C MET F 342 -44.58 36.33 17.37
N GLY F 343 -44.47 36.96 16.22
CA GLY F 343 -43.87 38.28 16.16
C GLY F 343 -43.31 38.58 14.80
N SER F 344 -42.96 39.85 14.62
CA SER F 344 -42.51 40.40 13.36
C SER F 344 -41.18 41.11 13.59
N GLY F 345 -40.54 41.45 12.48
CA GLY F 345 -39.30 42.18 12.52
C GLY F 345 -38.74 42.29 11.11
N GLY F 346 -37.56 42.91 11.03
CA GLY F 346 -36.92 43.11 9.75
C GLY F 346 -36.33 41.83 9.19
N LYS F 347 -35.87 41.94 7.95
CA LYS F 347 -35.32 40.79 7.22
C LYS F 347 -34.05 40.25 7.88
N ILE F 348 -33.92 38.92 7.89
CA ILE F 348 -32.69 38.23 8.25
C ILE F 348 -32.45 37.09 7.28
N PRO F 349 -31.19 36.74 7.06
CA PRO F 349 -30.87 35.71 6.05
C PRO F 349 -31.04 34.30 6.61
N ALA F 350 -30.85 33.32 5.73
CA ALA F 350 -30.84 31.90 6.05
C ALA F 350 -32.07 31.43 6.80
N PHE F 351 -31.86 30.92 8.01
CA PHE F 351 -32.88 30.18 8.76
C PHE F 351 -33.67 31.18 9.61
N LYS F 352 -34.91 31.42 9.21
CA LYS F 352 -35.72 32.49 9.78
C LYS F 352 -36.70 32.04 10.86
N GLY F 353 -36.94 30.73 11.01
CA GLY F 353 -37.85 30.23 12.03
C GLY F 353 -37.09 29.72 13.25
N GLY F 354 -37.80 29.54 14.36
CA GLY F 354 -37.25 28.88 15.52
C GLY F 354 -37.65 27.41 15.60
N VAL F 355 -36.74 26.58 16.10
CA VAL F 355 -37.02 25.16 16.29
C VAL F 355 -37.72 25.02 17.65
N PRO F 356 -38.92 24.46 17.70
CA PRO F 356 -39.61 24.32 18.98
C PRO F 356 -39.14 23.11 19.76
N MET F 357 -39.25 23.22 21.09
CA MET F 357 -39.01 22.10 22.00
C MET F 357 -40.23 21.98 22.91
N ILE F 358 -40.63 20.77 23.28
CA ILE F 358 -41.81 20.58 24.13
C ILE F 358 -41.40 19.93 25.44
N HIS F 359 -41.86 20.48 26.55
CA HIS F 359 -41.64 19.84 27.85
C HIS F 359 -42.83 20.10 28.76
N ASN F 360 -43.32 19.05 29.41
CA ASN F 360 -44.42 19.16 30.36
C ASN F 360 -45.54 20.01 29.79
N ASN F 361 -45.95 19.69 28.57
CA ASN F 361 -47.10 20.33 27.94
C ASN F 361 -46.90 21.83 27.78
N ILE F 362 -45.66 22.27 27.56
CA ILE F 362 -45.37 23.65 27.19
C ILE F 362 -44.41 23.63 26.01
N VAL F 363 -44.69 24.45 25.00
CA VAL F 363 -43.82 24.65 23.85
C VAL F 363 -42.92 25.84 24.14
N TYR F 364 -41.61 25.63 24.04
CA TYR F 364 -40.62 26.70 24.17
C TYR F 364 -39.98 26.91 22.81
N VAL F 365 -40.04 28.14 22.30
CA VAL F 365 -39.67 28.36 20.91
C VAL F 365 -39.18 29.79 20.70
N GLY F 366 -38.15 29.93 19.84
CA GLY F 366 -37.58 31.22 19.53
C GLY F 366 -38.14 31.81 18.24
N ASN F 367 -38.00 33.12 18.12
CA ASN F 367 -38.41 33.88 16.94
C ASN F 367 -37.24 34.75 16.54
N PRO F 368 -36.43 34.28 15.58
CA PRO F 368 -35.21 35.01 15.20
C PRO F 368 -35.47 36.32 14.51
N VAL F 369 -36.66 36.49 13.95
CA VAL F 369 -37.03 37.76 13.33
C VAL F 369 -37.23 38.83 14.39
N ALA F 370 -37.75 38.46 15.56
CA ALA F 370 -37.93 39.35 16.69
C ALA F 370 -36.87 39.20 17.78
N SER F 371 -35.94 38.25 17.64
CA SER F 371 -34.94 37.93 18.67
C SER F 371 -35.60 37.72 20.03
N THR F 372 -36.57 36.82 20.07
CA THR F 372 -37.26 36.52 21.32
C THR F 372 -37.38 35.02 21.48
N TYR F 373 -37.64 34.58 22.71
CA TYR F 373 -38.14 33.24 22.97
C TYR F 373 -39.48 33.37 23.67
N GLN F 374 -40.35 32.40 23.49
CA GLN F 374 -41.68 32.46 24.06
C GLN F 374 -42.07 31.07 24.53
N ALA F 375 -43.01 31.04 25.48
CA ALA F 375 -43.58 29.77 25.94
C ALA F 375 -45.08 29.77 25.73
N TYR F 376 -45.60 28.70 25.14
CA TYR F 376 -47.02 28.54 24.87
C TYR F 376 -47.52 27.25 25.50
N GLU F 377 -48.74 27.29 26.06
CA GLU F 377 -49.35 26.05 26.53
C GLU F 377 -49.62 25.13 25.35
N LEU F 378 -49.26 23.86 25.51
CA LEU F 378 -49.22 22.95 24.37
C LEU F 378 -50.60 22.69 23.77
N LYS F 379 -51.62 22.50 24.62
CA LYS F 379 -52.93 22.17 24.06
C LYS F 379 -53.70 23.40 23.61
N THR F 380 -53.56 24.53 24.32
CA THR F 380 -54.40 25.69 24.08
C THR F 380 -53.76 26.80 23.27
N GLY F 381 -52.44 26.83 23.14
CA GLY F 381 -51.83 28.00 22.54
C GLY F 381 -51.80 29.26 23.38
N LYS F 382 -52.16 29.21 24.65
CA LYS F 382 -52.02 30.37 25.52
C LYS F 382 -50.54 30.76 25.65
N LEU F 383 -50.24 32.02 25.40
CA LEU F 383 -48.88 32.52 25.53
C LEU F 383 -48.57 32.80 27.00
N LEU F 384 -47.57 32.09 27.55
CA LEU F 384 -47.20 32.23 28.95
C LEU F 384 -46.21 33.36 29.21
N TRP F 385 -45.19 33.50 28.38
CA TRP F 385 -44.23 34.59 28.54
C TRP F 385 -43.46 34.80 27.25
N THR F 386 -42.79 35.96 27.18
CA THR F 386 -41.88 36.35 26.11
C THR F 386 -40.60 36.90 26.73
N TRP F 387 -39.47 36.37 26.30
CA TRP F 387 -38.17 36.83 26.73
C TRP F 387 -37.45 37.48 25.56
N HIS F 388 -37.02 38.72 25.75
CA HIS F 388 -36.25 39.43 24.73
C HIS F 388 -34.77 39.20 24.97
N VAL F 389 -34.10 38.60 23.99
CA VAL F 389 -32.69 38.27 24.11
C VAL F 389 -31.91 39.57 24.30
N PRO F 390 -31.17 39.73 25.39
CA PRO F 390 -30.58 41.05 25.70
C PRO F 390 -29.44 41.47 24.78
N THR F 391 -28.85 40.56 24.01
CA THR F 391 -27.70 40.93 23.20
C THR F 391 -28.10 41.12 21.74
N LYS F 392 -27.38 41.99 21.06
CA LYS F 392 -27.61 42.18 19.62
C LYS F 392 -26.87 41.08 18.85
N VAL F 393 -27.63 40.28 18.11
CA VAL F 393 -27.10 39.18 17.31
C VAL F 393 -27.33 39.52 15.85
N ALA F 394 -26.24 39.66 15.09
CA ALA F 394 -26.31 40.27 13.76
C ALA F 394 -27.34 39.59 12.87
N ALA F 395 -27.34 38.25 12.84
CA ALA F 395 -28.28 37.48 12.03
C ALA F 395 -29.57 37.14 12.77
N GLY F 396 -29.73 37.63 14.00
CA GLY F 396 -30.91 37.40 14.80
C GLY F 396 -30.77 36.25 15.79
N ALA F 397 -31.36 36.42 16.96
CA ALA F 397 -31.29 35.44 18.04
C ALA F 397 -32.60 34.65 18.11
N GLY F 398 -32.50 33.39 18.53
CA GLY F 398 -33.67 32.54 18.68
C GLY F 398 -33.87 31.43 17.66
N ARG F 399 -32.87 31.08 16.84
CA ARG F 399 -33.03 29.96 15.92
C ARG F 399 -33.06 28.61 16.64
N SER F 400 -32.25 28.44 17.68
CA SER F 400 -32.05 27.13 18.27
C SER F 400 -33.16 26.82 19.28
N ALA F 401 -33.46 25.53 19.43
CA ALA F 401 -34.41 25.12 20.45
C ALA F 401 -33.76 25.21 21.83
N PRO F 402 -34.50 25.69 22.85
CA PRO F 402 -34.03 25.54 24.23
C PRO F 402 -33.95 24.07 24.63
N THR F 403 -33.15 23.80 25.65
CA THR F 403 -33.10 22.50 26.30
C THR F 403 -33.52 22.68 27.76
N TYR F 404 -34.50 21.87 28.19
CA TYR F 404 -35.05 21.95 29.54
C TYR F 404 -34.38 20.87 30.38
N TYR F 405 -33.61 21.28 31.40
CA TYR F 405 -32.93 20.31 32.24
C TYR F 405 -33.06 20.69 33.70
N LYS F 406 -33.53 19.74 34.51
CA LYS F 406 -33.65 19.90 35.96
C LYS F 406 -34.26 21.25 36.34
N GLY F 407 -35.34 21.60 35.66
CA GLY F 407 -36.07 22.77 36.04
C GLY F 407 -35.58 24.08 35.46
N LEU F 408 -34.57 24.06 34.56
CA LEU F 408 -34.06 25.30 33.97
C LEU F 408 -34.00 25.19 32.45
N LEU F 409 -34.15 26.33 31.78
CA LEU F 409 -34.01 26.44 30.33
C LEU F 409 -32.60 26.87 29.98
N TYR F 410 -32.01 26.20 28.99
CA TYR F 410 -30.69 26.51 28.48
C TYR F 410 -30.80 26.83 27.00
N ILE F 411 -30.25 27.97 26.61
CA ILE F 411 -30.42 28.47 25.25
C ILE F 411 -29.05 28.90 24.72
N THR F 412 -28.67 28.39 23.56
CA THR F 412 -27.45 28.84 22.91
C THR F 412 -27.83 29.66 21.69
N THR F 413 -27.48 30.94 21.73
CA THR F 413 -27.79 31.83 20.62
C THR F 413 -26.79 32.98 20.62
N GLY F 414 -26.55 33.52 19.43
CA GLY F 414 -25.45 34.45 19.29
C GLY F 414 -24.16 33.82 19.79
N GLN F 415 -23.41 34.56 20.59
CA GLN F 415 -22.16 34.08 21.16
C GLN F 415 -22.32 33.53 22.56
N TYR F 416 -23.56 33.43 23.07
CA TYR F 416 -23.78 33.13 24.48
C TYR F 416 -24.57 31.85 24.68
N ILE F 417 -24.36 31.22 25.83
CA ILE F 417 -25.35 30.30 26.40
C ILE F 417 -26.03 31.01 27.57
N PHE F 418 -27.34 31.06 27.54
CA PHE F 418 -28.18 31.70 28.55
C PHE F 418 -28.88 30.64 29.40
N VAL F 419 -29.10 30.97 30.66
CA VAL F 419 -29.95 30.19 31.56
C VAL F 419 -31.16 31.05 31.88
N VAL F 420 -32.36 30.51 31.59
CA VAL F 420 -33.64 31.20 31.75
C VAL F 420 -34.57 30.38 32.64
N ASN F 421 -35.41 31.08 33.41
CA ASN F 421 -36.42 30.46 34.27
C ASN F 421 -37.64 30.10 33.42
N PRO F 422 -37.96 28.82 33.26
CA PRO F 422 -39.06 28.45 32.36
C PRO F 422 -40.43 28.86 32.87
N ALA F 423 -40.60 29.03 34.19
CA ALA F 423 -41.90 29.46 34.69
C ALA F 423 -42.15 30.93 34.40
N THR F 424 -41.14 31.79 34.59
CA THR F 424 -41.32 33.22 34.38
C THR F 424 -40.77 33.75 33.07
N GLY F 425 -39.91 32.99 32.38
CA GLY F 425 -39.23 33.53 31.21
C GLY F 425 -38.18 34.58 31.50
N LYS F 426 -37.69 34.68 32.73
CA LYS F 426 -36.71 35.71 33.06
C LYS F 426 -35.30 35.13 32.96
N GLU F 427 -34.39 35.93 32.43
CA GLU F 427 -33.00 35.51 32.31
C GLU F 427 -32.38 35.39 33.69
N LEU F 428 -31.77 34.25 33.96
CA LEU F 428 -31.03 33.97 35.18
C LEU F 428 -29.53 34.25 35.00
N HIS F 429 -28.91 33.58 34.03
CA HIS F 429 -27.47 33.72 33.81
C HIS F 429 -27.17 33.83 32.31
N GLN F 430 -25.95 34.28 31.99
CA GLN F 430 -25.41 34.20 30.64
C GLN F 430 -23.90 33.97 30.71
N HIS F 431 -23.40 33.15 29.79
CA HIS F 431 -22.00 32.74 29.75
C HIS F 431 -21.49 32.93 28.34
N HIS F 432 -20.44 33.75 28.19
CA HIS F 432 -19.89 34.06 26.89
C HIS F 432 -19.02 32.90 26.41
N ILE F 433 -19.27 32.48 25.18
CA ILE F 433 -18.47 31.48 24.49
C ILE F 433 -17.69 32.12 23.35
N GLY F 434 -18.39 32.82 22.46
CA GLY F 434 -17.82 33.32 21.24
C GLY F 434 -18.30 32.51 20.05
N GLY F 435 -17.63 32.72 18.92
CA GLY F 435 -18.11 32.13 17.69
C GLY F 435 -19.55 32.54 17.44
N GLN F 436 -20.35 31.59 16.99
CA GLN F 436 -21.77 31.84 16.81
C GLN F 436 -22.52 30.52 16.99
N PHE F 437 -23.66 30.59 17.66
CA PHE F 437 -24.57 29.45 17.72
C PHE F 437 -25.69 29.71 16.72
N GLY F 438 -25.75 28.89 15.70
CA GLY F 438 -26.73 28.82 14.63
C GLY F 438 -27.93 28.10 15.20
N ILE F 439 -28.35 27.01 14.57
CA ILE F 439 -29.47 26.20 15.03
C ILE F 439 -29.04 25.15 16.06
N GLU F 440 -27.82 25.22 16.59
CA GLU F 440 -27.38 24.19 17.52
C GLU F 440 -27.84 24.47 18.95
N SER F 441 -28.55 23.46 19.58
CA SER F 441 -29.12 23.32 20.92
C SER F 441 -28.13 22.63 21.87
N PRO F 442 -28.08 23.06 23.12
CA PRO F 442 -27.19 22.41 24.09
C PRO F 442 -27.66 20.98 24.37
N VAL F 443 -26.72 20.05 24.34
CA VAL F 443 -26.99 18.68 24.78
C VAL F 443 -26.47 18.56 26.21
N ILE F 444 -27.33 18.22 27.17
CA ILE F 444 -26.89 18.17 28.56
C ILE F 444 -26.96 16.72 29.03
N VAL F 445 -25.84 16.21 29.54
CA VAL F 445 -25.75 14.84 30.03
C VAL F 445 -25.14 14.92 31.44
N GLY F 446 -25.94 14.55 32.45
CA GLY F 446 -25.43 14.59 33.82
C GLY F 446 -25.07 16.01 34.22
N GLY F 447 -23.80 16.22 34.56
CA GLY F 447 -23.30 17.55 34.85
C GLY F 447 -22.45 18.20 33.76
N THR F 448 -22.61 17.78 32.51
CA THR F 448 -21.79 18.27 31.40
C THR F 448 -22.68 18.75 30.25
N VAL F 449 -22.33 19.90 29.68
CA VAL F 449 -23.01 20.47 28.51
C VAL F 449 -22.10 20.26 27.29
N TYR F 450 -22.69 19.72 26.23
CA TYR F 450 -21.99 19.48 24.97
C TYR F 450 -22.58 20.37 23.89
N LEU F 451 -21.70 21.08 23.18
CA LEU F 451 -22.11 22.04 22.16
C LEU F 451 -21.29 21.86 20.89
N THR F 452 -21.86 22.29 19.77
CA THR F 452 -21.07 22.63 18.59
C THR F 452 -21.10 24.14 18.40
N ASN F 453 -20.38 24.63 17.40
CA ASN F 453 -20.35 26.05 17.15
C ASN F 453 -20.20 26.25 15.64
N SER F 454 -20.83 27.32 15.13
CA SER F 454 -20.75 27.60 13.70
C SER F 454 -19.34 27.95 13.24
N TRP F 455 -18.46 28.28 14.17
CA TRP F 455 -17.05 28.51 13.87
C TRP F 455 -16.29 27.20 13.74
N ASP F 456 -17.00 26.08 13.75
CA ASP F 456 -16.47 24.71 13.59
C ASP F 456 -15.66 24.26 14.80
N TRP F 457 -16.34 24.15 15.94
CA TRP F 457 -15.79 23.61 17.17
C TRP F 457 -16.81 22.68 17.78
N ILE F 458 -16.32 21.66 18.48
CA ILE F 458 -17.10 20.85 19.41
C ILE F 458 -16.55 21.12 20.80
N MET F 459 -17.42 21.18 21.81
CA MET F 459 -16.91 21.52 23.13
C MET F 459 -17.76 20.90 24.22
N ALA F 460 -17.13 20.79 25.39
CA ALA F 460 -17.76 20.38 26.64
C ALA F 460 -17.49 21.45 27.68
N ILE F 461 -18.54 21.80 28.44
CA ILE F 461 -18.44 22.78 29.52
C ILE F 461 -19.16 22.22 30.72
N PRO F 462 -18.60 22.33 31.92
CA PRO F 462 -19.31 21.87 33.11
C PRO F 462 -20.61 22.62 33.27
N LEU F 463 -21.66 21.88 33.57
CA LEU F 463 -22.94 22.53 33.87
C LEU F 463 -22.78 23.47 35.05
N LYS F 464 -21.94 23.05 36.03
CA LYS F 464 -21.55 23.87 37.17
C LYS F 464 -21.15 25.27 36.74
N THR F 465 -20.50 25.38 35.59
CA THR F 465 -19.89 26.64 35.19
C THR F 465 -20.93 27.64 34.71
N ILE F 466 -22.00 27.18 34.08
CA ILE F 466 -23.03 28.11 33.64
C ILE F 466 -24.26 28.15 34.53
N SER F 467 -24.41 27.19 35.45
CA SER F 467 -25.73 26.97 36.05
C SER F 467 -26.04 27.89 37.22
N HIS F 468 -25.11 28.05 38.16
CA HIS F 468 -25.28 29.00 39.25
C HIS F 468 -24.51 30.30 39.04
N GLY F 469 -23.87 30.48 37.87
CA GLY F 469 -23.21 31.78 37.53
C GLY F 469 -23.49 32.30 36.13
#